data_2QDE
#
_entry.id   2QDE
#
_cell.length_a   119.063
_cell.length_b   114.588
_cell.length_c   146.229
_cell.angle_alpha   90.00
_cell.angle_beta   101.45
_cell.angle_gamma   90.00
#
_symmetry.space_group_name_H-M   'P 1 21 1'
#
loop_
_entity.id
_entity.type
_entity.pdbx_description
1 polymer 'Mandelate racemase/muconate lactonizing enzyme family protein'
2 non-polymer 'BARIUM ION'
3 water water
#
_entity_poly.entity_id   1
_entity_poly.type   'polypeptide(L)'
_entity_poly.pdbx_seq_one_letter_code
;MSLKITKVEVIPISTPMKRAQLMRGATLARIDGVLLKLHSDEGLVGIADAGDTSSWYRGETQDSITSMICDFFAPKVLLG
EDPTKIEKIVGRMDILTRDNNQAKATVDFALHDLVGKRFGVPVYQLLGGKTIERIPLGLVLGAGEPEAVAEEALAVLREG
FHFVKLKAGGPLKADIAMVAEVRRAVGDDVDLFIDINGAWTYDQALTTIRALEKYNLSKIEQPLPAWDLDGMARLRGKVA
TPIYADESAQELHDLLAIINKGAADGLMIKTQKAGGLLKAQRWLTLARLANLPVICGCMVGSGLEASPAAHLLAANDWIA
QFPQENAGPLHIHDCLNSRDIDNDIALNVPRFEGGYLYPNDGPGLGIELNEDLVRRLVTPGKAARVVTAEGHHHHHH
;
_entity_poly.pdbx_strand_id   A,B,C,D,E,F,G,H
#
loop_
_chem_comp.id
_chem_comp.type
_chem_comp.name
_chem_comp.formula
BA non-polymer 'BARIUM ION' 'Ba 2'
#
# COMPACT_ATOMS: atom_id res chain seq x y z
N LEU A 3 0.85 28.79 45.32
CA LEU A 3 1.40 29.22 44.01
C LEU A 3 2.51 28.24 43.61
N LYS A 4 2.95 27.43 44.56
CA LYS A 4 3.97 26.43 44.29
C LYS A 4 3.83 25.18 45.17
N ILE A 5 4.06 24.02 44.56
CA ILE A 5 3.97 22.73 45.26
C ILE A 5 5.14 22.62 46.22
N THR A 6 4.84 22.36 47.49
CA THR A 6 5.87 22.27 48.51
C THR A 6 5.94 20.90 49.17
N LYS A 7 4.94 20.07 48.90
CA LYS A 7 4.91 18.75 49.52
C LYS A 7 4.11 17.77 48.67
N VAL A 8 4.69 16.58 48.45
CA VAL A 8 4.02 15.56 47.67
C VAL A 8 3.80 14.36 48.58
N GLU A 9 2.53 13.97 48.74
CA GLU A 9 2.16 12.86 49.59
C GLU A 9 1.36 11.76 48.90
N VAL A 10 1.85 10.52 49.01
CA VAL A 10 1.19 9.37 48.41
C VAL A 10 0.75 8.38 49.48
N ILE A 11 -0.55 8.13 49.56
CA ILE A 11 -1.14 7.24 50.55
C ILE A 11 -1.65 5.93 49.95
N PRO A 12 -1.09 4.79 50.39
CA PRO A 12 -1.54 3.49 49.86
C PRO A 12 -2.79 3.02 50.59
N ILE A 13 -3.88 2.80 49.85
CA ILE A 13 -5.11 2.33 50.49
C ILE A 13 -5.63 1.02 49.90
N SER A 14 -6.40 0.31 50.72
CA SER A 14 -7.00 -0.94 50.29
C SER A 14 -8.48 -0.84 50.66
N THR A 15 -9.34 -0.84 49.64
CA THR A 15 -10.78 -0.71 49.87
C THR A 15 -11.56 -2.02 49.68
N PRO A 16 -12.24 -2.47 50.73
CA PRO A 16 -13.03 -3.71 50.65
C PRO A 16 -14.26 -3.53 49.77
N MET A 17 -14.67 -4.59 49.09
CA MET A 17 -15.83 -4.57 48.22
C MET A 17 -17.11 -5.01 48.96
N LYS A 18 -18.25 -4.52 48.48
CA LYS A 18 -19.57 -4.84 49.02
C LYS A 18 -20.02 -3.95 50.16
N ARG A 30 -10.50 -7.03 47.78
CA ARG A 30 -10.21 -5.64 48.10
C ARG A 30 -9.51 -4.93 46.94
N ILE A 31 -9.75 -3.64 46.83
CA ILE A 31 -9.15 -2.81 45.79
C ILE A 31 -7.89 -2.11 46.33
N ASP A 32 -6.73 -2.46 45.77
CA ASP A 32 -5.49 -1.83 46.21
C ASP A 32 -5.13 -0.66 45.29
N GLY A 33 -5.07 0.53 45.86
CA GLY A 33 -4.77 1.70 45.06
C GLY A 33 -3.93 2.72 45.80
N VAL A 34 -3.93 3.95 45.29
CA VAL A 34 -3.15 4.99 45.91
C VAL A 34 -3.87 6.34 45.83
N LEU A 35 -3.67 7.16 46.86
CA LEU A 35 -4.24 8.51 46.89
C LEU A 35 -3.05 9.46 46.85
N LEU A 36 -3.23 10.58 46.16
CA LEU A 36 -2.17 11.57 46.03
C LEU A 36 -2.61 12.92 46.57
N LYS A 37 -1.69 13.59 47.24
CA LYS A 37 -1.95 14.93 47.76
C LYS A 37 -0.80 15.83 47.36
N LEU A 38 -1.11 16.89 46.64
CA LEU A 38 -0.11 17.87 46.23
C LEU A 38 -0.38 19.11 47.07
N HIS A 39 0.44 19.30 48.10
CA HIS A 39 0.30 20.45 48.99
C HIS A 39 0.93 21.71 48.44
N SER A 40 0.19 22.82 48.45
CA SER A 40 0.71 24.09 47.97
C SER A 40 1.17 24.94 49.15
N ASP A 41 1.88 26.02 48.87
CA ASP A 41 2.38 26.90 49.91
C ASP A 41 1.34 27.91 50.42
N GLU A 42 0.15 27.88 49.82
CA GLU A 42 -0.90 28.79 50.26
C GLU A 42 -2.11 28.03 50.80
N GLY A 43 -1.86 26.92 51.50
CA GLY A 43 -2.93 26.15 52.09
C GLY A 43 -3.74 25.18 51.23
N LEU A 44 -3.92 25.50 49.95
CA LEU A 44 -4.69 24.60 49.07
C LEU A 44 -3.97 23.30 48.79
N VAL A 45 -4.73 22.21 48.74
CA VAL A 45 -4.16 20.90 48.48
C VAL A 45 -4.92 20.22 47.34
N GLY A 46 -4.17 19.68 46.38
CA GLY A 46 -4.81 18.99 45.26
C GLY A 46 -4.83 17.50 45.57
N ILE A 47 -5.99 16.87 45.46
CA ILE A 47 -6.11 15.44 45.75
C ILE A 47 -6.50 14.60 44.54
N ALA A 48 -6.16 13.31 44.59
CA ALA A 48 -6.47 12.39 43.50
C ALA A 48 -6.45 10.94 43.98
N ASP A 49 -7.18 10.08 43.28
CA ASP A 49 -7.28 8.65 43.59
C ASP A 49 -6.93 7.90 42.31
N ALA A 50 -5.82 7.16 42.32
CA ALA A 50 -5.39 6.40 41.15
C ALA A 50 -6.41 5.32 40.80
N GLY A 51 -7.13 4.86 41.81
CA GLY A 51 -8.12 3.83 41.61
C GLY A 51 -7.43 2.47 41.72
N ASP A 52 -8.13 1.43 41.32
CA ASP A 52 -7.59 0.08 41.37
C ASP A 52 -6.34 -0.11 40.52
N THR A 53 -5.49 -1.03 40.93
CA THR A 53 -4.28 -1.35 40.18
C THR A 53 -4.45 -2.74 39.57
N SER A 54 -4.09 -2.89 38.31
CA SER A 54 -4.23 -4.16 37.60
C SER A 54 -2.94 -4.55 36.89
N SER A 55 -2.33 -5.66 37.32
CA SER A 55 -1.08 -6.10 36.74
C SER A 55 -1.15 -6.31 35.23
N TRP A 56 -2.24 -6.92 34.77
CA TRP A 56 -2.40 -7.19 33.34
C TRP A 56 -2.94 -6.04 32.51
N TYR A 57 -3.89 -5.26 33.05
CA TYR A 57 -4.45 -4.15 32.28
C TYR A 57 -3.52 -2.95 32.15
N ARG A 58 -2.91 -2.54 33.26
CA ARG A 58 -2.02 -1.38 33.27
C ARG A 58 -0.55 -1.75 33.57
N GLY A 59 -0.35 -2.73 34.44
CA GLY A 59 1.00 -3.13 34.79
C GLY A 59 1.62 -2.31 35.91
N GLU A 60 0.81 -1.45 36.54
CA GLU A 60 1.32 -0.63 37.63
C GLU A 60 0.80 -1.10 38.99
N THR A 61 1.57 -0.86 40.03
CA THR A 61 1.20 -1.28 41.38
C THR A 61 1.28 -0.10 42.34
N GLN A 62 0.82 -0.33 43.56
CA GLN A 62 0.86 0.72 44.57
C GLN A 62 2.28 1.23 44.68
N ASP A 63 3.23 0.30 44.80
CA ASP A 63 4.64 0.67 44.93
C ASP A 63 5.20 1.33 43.66
N SER A 64 4.76 0.89 42.48
CA SER A 64 5.20 1.48 41.21
C SER A 64 4.89 2.97 41.23
N ILE A 65 3.62 3.26 41.42
CA ILE A 65 3.13 4.62 41.44
C ILE A 65 3.79 5.46 42.54
N THR A 66 3.89 4.88 43.73
CA THR A 66 4.48 5.60 44.85
C THR A 66 5.93 5.98 44.57
N SER A 67 6.70 5.04 44.04
CA SER A 67 8.10 5.32 43.76
C SER A 67 8.28 6.32 42.62
N MET A 68 7.58 6.10 41.50
CA MET A 68 7.75 7.02 40.40
C MET A 68 7.36 8.45 40.79
N ILE A 69 6.27 8.59 41.52
CA ILE A 69 5.83 9.91 41.94
C ILE A 69 6.76 10.54 42.97
N CYS A 70 7.12 9.77 43.99
CA CYS A 70 7.99 10.28 45.05
C CYS A 70 9.48 10.37 44.75
N ASP A 71 10.03 9.34 44.11
CA ASP A 71 11.45 9.32 43.80
C ASP A 71 11.84 10.07 42.53
N PHE A 72 10.88 10.33 41.66
CA PHE A 72 11.15 11.01 40.41
C PHE A 72 10.32 12.26 40.12
N PHE A 73 9.02 12.09 39.92
CA PHE A 73 8.19 13.24 39.61
C PHE A 73 8.30 14.35 40.65
N ALA A 74 8.23 13.98 41.93
CA ALA A 74 8.30 14.95 43.03
C ALA A 74 9.55 15.85 43.02
N PRO A 75 10.75 15.26 43.09
CA PRO A 75 11.94 16.13 43.10
C PRO A 75 12.27 16.76 41.75
N LYS A 76 12.12 15.99 40.68
CA LYS A 76 12.47 16.51 39.37
C LYS A 76 11.46 17.41 38.66
N VAL A 77 10.17 17.27 38.96
CA VAL A 77 9.20 18.10 38.25
C VAL A 77 8.17 18.87 39.07
N LEU A 78 7.67 18.26 40.13
CA LEU A 78 6.62 18.86 40.94
C LEU A 78 7.00 19.87 42.05
N LEU A 79 7.93 19.49 42.91
CA LEU A 79 8.35 20.36 44.02
C LEU A 79 8.91 21.70 43.54
N GLY A 80 8.35 22.78 44.09
CA GLY A 80 8.80 24.11 43.71
C GLY A 80 8.17 24.63 42.43
N GLU A 81 7.32 23.82 41.81
CA GLU A 81 6.68 24.22 40.56
C GLU A 81 5.28 24.81 40.72
N ASP A 82 4.91 25.68 39.78
CA ASP A 82 3.61 26.33 39.73
C ASP A 82 2.64 25.26 39.19
N PRO A 83 1.64 24.88 40.00
CA PRO A 83 0.66 23.86 39.59
C PRO A 83 -0.20 24.19 38.38
N THR A 84 -0.29 25.47 38.03
CA THR A 84 -1.09 25.89 36.87
C THR A 84 -0.44 25.48 35.55
N LYS A 85 0.85 25.18 35.60
CA LYS A 85 1.60 24.80 34.39
C LYS A 85 1.44 23.31 34.08
N ILE A 86 0.20 22.92 33.78
CA ILE A 86 -0.12 21.53 33.48
C ILE A 86 0.51 21.03 32.18
N GLU A 87 0.45 21.81 31.10
CA GLU A 87 1.07 21.38 29.84
C GLU A 87 2.56 21.11 30.09
N LYS A 88 3.22 22.05 30.76
CA LYS A 88 4.64 21.92 31.05
C LYS A 88 4.97 20.66 31.86
N ILE A 89 4.27 20.47 32.97
CA ILE A 89 4.50 19.31 33.84
C ILE A 89 4.20 17.97 33.16
N VAL A 90 3.08 17.90 32.45
CA VAL A 90 2.73 16.67 31.74
C VAL A 90 3.83 16.34 30.74
N GLY A 91 4.37 17.38 30.10
CA GLY A 91 5.43 17.18 29.13
C GLY A 91 6.71 16.69 29.78
N ARG A 92 7.10 17.31 30.89
CA ARG A 92 8.31 16.89 31.57
C ARG A 92 8.18 15.46 32.10
N MET A 93 7.00 15.10 32.61
CA MET A 93 6.82 13.74 33.10
C MET A 93 7.01 12.72 31.98
N ASP A 94 6.53 13.04 30.77
CA ASP A 94 6.66 12.15 29.62
C ASP A 94 8.11 12.02 29.12
N ILE A 95 8.88 13.08 29.22
CA ILE A 95 10.28 13.01 28.79
C ILE A 95 11.07 12.25 29.84
N LEU A 96 10.73 12.46 31.10
CA LEU A 96 11.42 11.81 32.21
C LEU A 96 11.12 10.33 32.37
N THR A 97 9.88 9.93 32.13
CA THR A 97 9.48 8.55 32.31
C THR A 97 8.71 7.86 31.18
N ARG A 98 9.12 6.63 30.90
CA ARG A 98 8.50 5.79 29.88
C ARG A 98 7.32 5.11 30.57
N ASP A 99 6.20 4.96 29.87
CA ASP A 99 5.00 4.33 30.42
C ASP A 99 4.56 4.96 31.75
N ASN A 100 4.12 4.14 32.71
CA ASN A 100 3.67 4.65 34.02
C ASN A 100 2.49 5.60 33.87
N ASN A 101 1.63 5.31 32.89
CA ASN A 101 0.47 6.14 32.61
C ASN A 101 -0.44 6.40 33.82
N GLN A 102 -0.68 5.39 34.65
CA GLN A 102 -1.56 5.58 35.81
C GLN A 102 -0.95 6.52 36.85
N ALA A 103 0.36 6.43 37.03
CA ALA A 103 1.07 7.30 37.98
C ALA A 103 0.99 8.74 37.45
N LYS A 104 1.24 8.91 36.16
CA LYS A 104 1.19 10.22 35.53
C LYS A 104 -0.23 10.79 35.62
N ALA A 105 -1.21 9.94 35.37
CA ALA A 105 -2.61 10.34 35.43
C ALA A 105 -2.97 10.86 36.82
N THR A 106 -2.51 10.15 37.83
CA THR A 106 -2.77 10.54 39.21
C THR A 106 -2.27 11.94 39.51
N VAL A 107 -1.07 12.26 39.03
CA VAL A 107 -0.47 13.56 39.22
C VAL A 107 -1.34 14.61 38.51
N ASP A 108 -1.70 14.30 37.28
CA ASP A 108 -2.53 15.18 36.44
C ASP A 108 -3.86 15.50 37.13
N PHE A 109 -4.49 14.48 37.72
CA PHE A 109 -5.77 14.66 38.41
C PHE A 109 -5.65 15.66 39.55
N ALA A 110 -4.60 15.52 40.36
CA ALA A 110 -4.38 16.41 41.51
C ALA A 110 -4.01 17.82 41.06
N LEU A 111 -3.36 17.93 39.91
CA LEU A 111 -2.98 19.26 39.43
C LEU A 111 -4.24 20.02 39.04
N HIS A 112 -5.14 19.36 38.32
CA HIS A 112 -6.40 19.99 37.90
C HIS A 112 -7.24 20.36 39.11
N ASP A 113 -7.25 19.49 40.12
CA ASP A 113 -8.01 19.75 41.33
C ASP A 113 -7.46 21.01 42.01
N LEU A 114 -6.15 21.06 42.16
CA LEU A 114 -5.50 22.20 42.79
C LEU A 114 -5.68 23.50 42.01
N VAL A 115 -5.63 23.42 40.68
CA VAL A 115 -5.81 24.62 39.86
C VAL A 115 -7.26 25.10 39.99
N GLY A 116 -8.19 24.15 39.95
CA GLY A 116 -9.59 24.49 40.08
C GLY A 116 -9.87 25.15 41.41
N LYS A 117 -9.27 24.62 42.48
CA LYS A 117 -9.46 25.19 43.81
C LYS A 117 -8.87 26.59 43.83
N ARG A 118 -7.70 26.76 43.23
CA ARG A 118 -7.07 28.07 43.17
C ARG A 118 -7.90 29.10 42.42
N PHE A 119 -8.49 28.69 41.29
CA PHE A 119 -9.31 29.60 40.50
C PHE A 119 -10.75 29.68 40.99
N GLY A 120 -11.15 28.73 41.84
CA GLY A 120 -12.51 28.72 42.36
C GLY A 120 -13.53 28.18 41.38
N VAL A 121 -13.10 27.27 40.51
CA VAL A 121 -13.99 26.70 39.51
C VAL A 121 -13.87 25.18 39.44
N PRO A 122 -14.94 24.49 39.00
CA PRO A 122 -14.93 23.03 38.90
C PRO A 122 -13.99 22.65 37.75
N VAL A 123 -13.44 21.45 37.79
CA VAL A 123 -12.52 21.03 36.74
C VAL A 123 -13.12 21.09 35.33
N TYR A 124 -14.41 20.79 35.18
CA TYR A 124 -14.98 20.82 33.84
C TYR A 124 -14.86 22.19 33.18
N GLN A 125 -14.72 23.24 33.98
CA GLN A 125 -14.54 24.58 33.43
C GLN A 125 -13.15 24.68 32.81
N LEU A 126 -12.22 23.89 33.33
CA LEU A 126 -10.86 23.88 32.83
C LEU A 126 -10.75 23.00 31.59
N LEU A 127 -11.72 22.11 31.40
CA LEU A 127 -11.70 21.18 30.28
C LEU A 127 -12.62 21.58 29.13
N GLY A 128 -13.03 22.85 29.10
CA GLY A 128 -13.89 23.31 28.03
C GLY A 128 -15.32 23.69 28.40
N GLY A 129 -15.66 23.64 29.69
CA GLY A 129 -17.00 24.00 30.11
C GLY A 129 -17.95 22.81 30.15
N LYS A 130 -19.05 22.95 30.88
CA LYS A 130 -20.03 21.86 31.00
C LYS A 130 -20.86 21.73 29.71
N THR A 131 -20.44 20.84 28.82
CA THR A 131 -21.13 20.61 27.56
C THR A 131 -22.48 19.93 27.74
N ILE A 132 -22.56 18.96 28.64
CA ILE A 132 -23.82 18.29 28.93
C ILE A 132 -23.95 18.30 30.46
N GLU A 133 -25.18 18.37 30.96
CA GLU A 133 -25.39 18.44 32.41
C GLU A 133 -25.30 17.10 33.13
N ARG A 134 -25.64 16.02 32.43
CA ARG A 134 -25.57 14.70 33.03
C ARG A 134 -25.07 13.71 31.99
N ILE A 135 -24.48 12.63 32.46
CA ILE A 135 -23.88 11.63 31.61
C ILE A 135 -24.60 10.29 31.65
N PRO A 136 -25.17 9.86 30.52
CA PRO A 136 -25.88 8.57 30.50
C PRO A 136 -24.87 7.44 30.67
N LEU A 137 -25.20 6.47 31.52
CA LEU A 137 -24.31 5.36 31.80
C LEU A 137 -24.82 3.98 31.43
N GLY A 138 -23.87 3.07 31.27
CA GLY A 138 -24.13 1.67 30.99
C GLY A 138 -23.38 0.98 32.12
N LEU A 139 -23.56 -0.32 32.31
CA LEU A 139 -22.87 -0.99 33.41
C LEU A 139 -22.39 -2.40 33.13
N VAL A 140 -21.25 -2.77 33.70
CA VAL A 140 -20.68 -4.11 33.55
C VAL A 140 -21.27 -4.99 34.66
N LEU A 141 -21.66 -6.22 34.33
CA LEU A 141 -22.24 -7.10 35.35
C LEU A 141 -21.22 -8.02 36.01
N GLY A 142 -21.54 -8.49 37.21
CA GLY A 142 -20.64 -9.36 37.93
C GLY A 142 -20.79 -10.81 37.50
N ALA A 143 -19.74 -11.60 37.71
CA ALA A 143 -19.76 -13.01 37.34
C ALA A 143 -20.75 -13.79 38.19
N GLY A 144 -21.17 -14.94 37.67
CA GLY A 144 -22.12 -15.80 38.36
C GLY A 144 -22.79 -16.70 37.35
N GLU A 145 -23.63 -17.62 37.81
CA GLU A 145 -24.30 -18.51 36.88
C GLU A 145 -25.09 -17.67 35.89
N PRO A 146 -25.22 -18.13 34.64
CA PRO A 146 -25.96 -17.38 33.64
C PRO A 146 -27.31 -16.83 34.12
N GLU A 147 -28.03 -17.61 34.92
CA GLU A 147 -29.34 -17.16 35.41
C GLU A 147 -29.25 -15.97 36.36
N ALA A 148 -28.21 -15.95 37.19
CA ALA A 148 -28.02 -14.85 38.13
C ALA A 148 -27.60 -13.58 37.40
N VAL A 149 -26.68 -13.72 36.46
CA VAL A 149 -26.20 -12.58 35.69
C VAL A 149 -27.36 -11.90 34.96
N ALA A 150 -28.31 -12.71 34.49
CA ALA A 150 -29.46 -12.18 33.80
C ALA A 150 -30.39 -11.41 34.74
N GLU A 151 -30.45 -11.84 36.00
CA GLU A 151 -31.30 -11.14 36.97
C GLU A 151 -30.69 -9.77 37.30
N GLU A 152 -29.37 -9.70 37.36
CA GLU A 152 -28.73 -8.41 37.63
C GLU A 152 -28.90 -7.50 36.41
N ALA A 153 -28.96 -8.11 35.23
CA ALA A 153 -29.15 -7.36 34.00
C ALA A 153 -30.48 -6.63 34.03
N LEU A 154 -31.53 -7.35 34.40
CA LEU A 154 -32.87 -6.77 34.49
C LEU A 154 -32.92 -5.67 35.55
N ALA A 155 -32.26 -5.88 36.68
CA ALA A 155 -32.23 -4.89 37.76
C ALA A 155 -31.55 -3.62 37.27
N VAL A 156 -30.44 -3.79 36.56
CA VAL A 156 -29.68 -2.66 36.02
C VAL A 156 -30.52 -1.87 35.03
N LEU A 157 -31.22 -2.56 34.14
CA LEU A 157 -32.06 -1.91 33.16
C LEU A 157 -33.22 -1.18 33.85
N ARG A 158 -33.79 -1.79 34.88
CA ARG A 158 -34.89 -1.17 35.61
C ARG A 158 -34.47 0.15 36.26
N GLU A 159 -33.20 0.22 36.67
CA GLU A 159 -32.68 1.42 37.32
C GLU A 159 -32.52 2.58 36.32
N GLY A 160 -32.42 2.24 35.03
CA GLY A 160 -32.29 3.29 34.02
C GLY A 160 -31.04 3.26 33.15
N PHE A 161 -30.12 2.34 33.43
CA PHE A 161 -28.90 2.27 32.65
C PHE A 161 -29.15 2.00 31.17
N HIS A 162 -28.27 2.55 30.33
CA HIS A 162 -28.39 2.51 28.88
C HIS A 162 -27.81 1.33 28.11
N PHE A 163 -26.95 0.55 28.75
CA PHE A 163 -26.42 -0.64 28.09
C PHE A 163 -25.96 -1.62 29.14
N VAL A 164 -25.69 -2.85 28.71
CA VAL A 164 -25.25 -3.90 29.62
C VAL A 164 -24.02 -4.58 29.03
N LYS A 165 -22.93 -4.57 29.78
CA LYS A 165 -21.68 -5.19 29.34
C LYS A 165 -21.35 -6.42 30.18
N LEU A 166 -20.93 -7.50 29.51
CA LEU A 166 -20.57 -8.75 30.18
C LEU A 166 -19.10 -9.08 30.00
N LYS A 167 -18.50 -9.77 30.97
CA LYS A 167 -17.11 -10.17 30.85
C LYS A 167 -17.08 -11.62 30.41
N ALA A 168 -16.36 -11.92 29.34
CA ALA A 168 -16.33 -13.28 28.80
C ALA A 168 -15.04 -14.02 29.12
N GLY A 169 -15.04 -14.72 30.26
CA GLY A 169 -13.86 -15.47 30.67
C GLY A 169 -13.64 -16.78 29.94
N GLY A 170 -14.72 -17.50 29.64
CA GLY A 170 -14.59 -18.77 28.94
C GLY A 170 -14.79 -19.90 29.94
N PRO A 171 -14.83 -21.15 29.48
CA PRO A 171 -14.69 -21.64 28.09
C PRO A 171 -15.82 -21.25 27.13
N LEU A 172 -15.72 -21.70 25.89
CA LEU A 172 -16.71 -21.39 24.86
C LEU A 172 -18.16 -21.64 25.28
N LYS A 173 -18.41 -22.78 25.91
CA LYS A 173 -19.76 -23.13 26.35
C LYS A 173 -20.28 -22.15 27.38
N ALA A 174 -19.42 -21.74 28.30
CA ALA A 174 -19.78 -20.80 29.36
C ALA A 174 -20.12 -19.43 28.78
N ASP A 175 -19.32 -18.98 27.81
CA ASP A 175 -19.56 -17.69 27.16
C ASP A 175 -20.91 -17.73 26.44
N ILE A 176 -21.14 -18.80 25.67
CA ILE A 176 -22.42 -18.93 24.95
C ILE A 176 -23.59 -18.95 25.92
N ALA A 177 -23.48 -19.76 26.97
CA ALA A 177 -24.53 -19.88 27.97
C ALA A 177 -24.89 -18.55 28.63
N MET A 178 -23.86 -17.79 29.01
CA MET A 178 -24.06 -16.49 29.65
C MET A 178 -24.84 -15.54 28.75
N VAL A 179 -24.33 -15.36 27.53
CA VAL A 179 -24.96 -14.47 26.56
C VAL A 179 -26.34 -14.95 26.17
N ALA A 180 -26.47 -16.25 25.93
CA ALA A 180 -27.76 -16.82 25.54
C ALA A 180 -28.83 -16.43 26.56
N GLU A 181 -28.56 -16.71 27.83
CA GLU A 181 -29.49 -16.41 28.91
C GLU A 181 -29.78 -14.91 29.07
N VAL A 182 -28.73 -14.10 29.18
CA VAL A 182 -28.91 -12.67 29.35
C VAL A 182 -29.73 -12.07 28.19
N ARG A 183 -29.44 -12.46 26.96
CA ARG A 183 -30.16 -11.96 25.79
C ARG A 183 -31.66 -12.28 25.85
N ARG A 184 -31.98 -13.50 26.25
CA ARG A 184 -33.38 -13.94 26.34
C ARG A 184 -34.14 -13.08 27.35
N ALA A 185 -33.46 -12.74 28.43
CA ALA A 185 -34.06 -11.94 29.49
C ALA A 185 -34.29 -10.48 29.11
N VAL A 186 -33.26 -9.81 28.60
CA VAL A 186 -33.37 -8.40 28.25
C VAL A 186 -34.02 -8.10 26.91
N GLY A 187 -34.17 -9.12 26.06
CA GLY A 187 -34.80 -8.88 24.78
C GLY A 187 -33.83 -8.39 23.70
N ASP A 188 -34.31 -8.35 22.45
CA ASP A 188 -33.47 -7.94 21.33
C ASP A 188 -33.20 -6.45 21.20
N ASP A 189 -33.99 -5.62 21.88
CA ASP A 189 -33.81 -4.17 21.78
C ASP A 189 -32.79 -3.54 22.72
N VAL A 190 -32.29 -4.32 23.69
CA VAL A 190 -31.32 -3.81 24.64
C VAL A 190 -29.89 -3.87 24.08
N ASP A 191 -29.13 -2.80 24.32
CA ASP A 191 -27.73 -2.70 23.88
C ASP A 191 -26.91 -3.64 24.78
N LEU A 192 -26.50 -4.77 24.23
CA LEU A 192 -25.74 -5.77 24.99
C LEU A 192 -24.44 -6.12 24.27
N PHE A 193 -23.32 -6.13 25.00
CA PHE A 193 -22.05 -6.51 24.40
C PHE A 193 -21.13 -7.18 25.41
N ILE A 194 -20.01 -7.73 24.93
CA ILE A 194 -19.08 -8.42 25.80
C ILE A 194 -17.65 -7.90 25.71
N ASP A 195 -16.88 -8.11 26.78
CA ASP A 195 -15.49 -7.66 26.87
C ASP A 195 -14.60 -8.88 27.08
N ILE A 196 -13.61 -9.05 26.21
CA ILE A 196 -12.71 -10.19 26.26
C ILE A 196 -11.37 -9.87 26.92
N ASN A 197 -11.05 -8.59 27.04
CA ASN A 197 -9.79 -8.16 27.65
C ASN A 197 -8.57 -8.74 26.92
N GLY A 198 -8.71 -8.94 25.61
CA GLY A 198 -7.61 -9.43 24.79
C GLY A 198 -7.08 -10.83 25.06
N ALA A 199 -7.93 -11.69 25.62
CA ALA A 199 -7.52 -13.05 25.96
C ALA A 199 -7.55 -14.09 24.83
N TRP A 200 -8.01 -13.72 23.63
CA TRP A 200 -8.09 -14.69 22.55
C TRP A 200 -7.00 -14.74 21.49
N THR A 201 -6.73 -15.96 21.00
CA THR A 201 -5.78 -16.14 19.91
C THR A 201 -6.72 -15.89 18.72
N TYR A 202 -6.18 -15.64 17.54
CA TYR A 202 -7.04 -15.35 16.39
C TYR A 202 -8.15 -16.36 16.12
N ASP A 203 -7.81 -17.65 16.07
CA ASP A 203 -8.79 -18.71 15.81
C ASP A 203 -9.91 -18.74 16.84
N GLN A 204 -9.55 -18.57 18.11
CA GLN A 204 -10.54 -18.55 19.18
C GLN A 204 -11.56 -17.45 18.91
N ALA A 205 -11.06 -16.26 18.58
CA ALA A 205 -11.90 -15.11 18.31
C ALA A 205 -12.90 -15.37 17.18
N LEU A 206 -12.40 -15.87 16.06
CA LEU A 206 -13.24 -16.15 14.91
C LEU A 206 -14.38 -17.11 15.27
N THR A 207 -14.03 -18.25 15.88
CA THR A 207 -15.02 -19.25 16.25
C THR A 207 -16.08 -18.77 17.24
N THR A 208 -15.62 -18.14 18.32
CA THR A 208 -16.55 -17.68 19.34
C THR A 208 -17.45 -16.55 18.85
N ILE A 209 -16.86 -15.57 18.18
CA ILE A 209 -17.66 -14.46 17.68
C ILE A 209 -18.72 -14.97 16.73
N ARG A 210 -18.35 -15.89 15.84
CA ARG A 210 -19.32 -16.44 14.90
C ARG A 210 -20.39 -17.23 15.66
N ALA A 211 -19.98 -17.89 16.73
CA ALA A 211 -20.91 -18.66 17.54
C ALA A 211 -21.87 -17.74 18.28
N LEU A 212 -21.49 -16.48 18.43
CA LEU A 212 -22.33 -15.51 19.15
C LEU A 212 -23.14 -14.59 18.24
N GLU A 213 -22.91 -14.63 16.94
CA GLU A 213 -23.62 -13.75 16.02
C GLU A 213 -25.15 -13.84 16.11
N LYS A 214 -25.68 -15.00 16.44
CA LYS A 214 -27.14 -15.15 16.52
C LYS A 214 -27.74 -14.35 17.69
N TYR A 215 -26.88 -13.89 18.60
CA TYR A 215 -27.36 -13.12 19.76
C TYR A 215 -27.33 -11.61 19.53
N ASN A 216 -26.86 -11.21 18.35
CA ASN A 216 -26.79 -9.79 17.96
C ASN A 216 -26.16 -8.84 18.94
N LEU A 217 -24.96 -9.16 19.42
CA LEU A 217 -24.27 -8.28 20.35
C LEU A 217 -23.92 -6.98 19.61
N SER A 218 -24.03 -5.85 20.30
CA SER A 218 -23.72 -4.58 19.65
C SER A 218 -22.24 -4.49 19.28
N LYS A 219 -21.39 -5.24 19.98
CA LYS A 219 -19.96 -5.22 19.72
C LYS A 219 -19.18 -6.21 20.57
N ILE A 220 -17.93 -6.44 20.20
CA ILE A 220 -17.02 -7.32 20.93
C ILE A 220 -15.85 -6.44 21.36
N GLU A 221 -15.66 -6.26 22.66
CA GLU A 221 -14.57 -5.43 23.15
C GLU A 221 -13.24 -6.17 23.30
N GLN A 222 -12.23 -5.67 22.58
CA GLN A 222 -10.87 -6.21 22.59
C GLN A 222 -10.76 -7.73 22.63
N PRO A 223 -11.13 -8.41 21.54
CA PRO A 223 -11.04 -9.87 21.51
C PRO A 223 -9.60 -10.39 21.48
N LEU A 224 -8.72 -9.67 20.81
CA LEU A 224 -7.31 -10.07 20.67
C LEU A 224 -6.35 -9.21 21.50
N PRO A 225 -5.10 -9.68 21.66
CA PRO A 225 -4.10 -8.92 22.44
C PRO A 225 -3.98 -7.46 21.98
N ALA A 226 -3.58 -6.60 22.91
CA ALA A 226 -3.42 -5.17 22.64
C ALA A 226 -2.57 -4.86 21.41
N TRP A 227 -1.48 -5.62 21.23
CA TRP A 227 -0.57 -5.39 20.12
C TRP A 227 -1.00 -6.00 18.78
N ASP A 228 -1.96 -6.91 18.79
CA ASP A 228 -2.39 -7.58 17.57
C ASP A 228 -3.34 -6.77 16.69
N LEU A 229 -2.86 -5.63 16.17
CA LEU A 229 -3.69 -4.78 15.32
C LEU A 229 -3.99 -5.43 13.98
N ASP A 230 -3.02 -6.16 13.43
CA ASP A 230 -3.23 -6.83 12.15
C ASP A 230 -4.33 -7.88 12.36
N GLY A 231 -4.27 -8.58 13.49
CA GLY A 231 -5.27 -9.58 13.79
C GLY A 231 -6.64 -8.94 13.96
N MET A 232 -6.69 -7.81 14.66
CA MET A 232 -7.96 -7.13 14.87
C MET A 232 -8.55 -6.75 13.51
N ALA A 233 -7.70 -6.25 12.62
CA ALA A 233 -8.15 -5.87 11.29
C ALA A 233 -8.61 -7.15 10.57
N ARG A 234 -7.76 -8.19 10.62
CA ARG A 234 -8.09 -9.45 9.94
C ARG A 234 -9.40 -10.06 10.46
N LEU A 235 -9.71 -9.82 11.74
CA LEU A 235 -10.92 -10.33 12.36
C LEU A 235 -12.11 -9.58 11.81
N ARG A 236 -11.99 -8.26 11.71
CA ARG A 236 -13.06 -7.42 11.20
C ARG A 236 -13.42 -7.86 9.77
N GLY A 237 -12.50 -8.54 9.10
CA GLY A 237 -12.76 -8.99 7.74
C GLY A 237 -13.42 -10.35 7.68
N LYS A 238 -13.59 -11.00 8.83
CA LYS A 238 -14.21 -12.33 8.87
C LYS A 238 -15.49 -12.36 9.69
N VAL A 239 -15.78 -11.30 10.44
CA VAL A 239 -17.00 -11.27 11.26
C VAL A 239 -17.80 -10.00 11.04
N ALA A 240 -19.10 -10.09 11.28
CA ALA A 240 -19.99 -8.95 11.10
C ALA A 240 -20.03 -8.05 12.32
N THR A 241 -19.99 -8.67 13.50
CA THR A 241 -20.06 -7.94 14.76
C THR A 241 -18.97 -6.88 14.91
N PRO A 242 -19.37 -5.66 15.28
CA PRO A 242 -18.40 -4.57 15.44
C PRO A 242 -17.31 -4.96 16.44
N ILE A 243 -16.08 -4.56 16.16
CA ILE A 243 -14.95 -4.85 17.03
C ILE A 243 -14.41 -3.55 17.61
N TYR A 244 -14.47 -3.39 18.92
CA TYR A 244 -13.99 -2.19 19.60
C TYR A 244 -12.63 -2.43 20.25
N ALA A 245 -11.82 -1.38 20.34
CA ALA A 245 -10.49 -1.49 20.94
C ALA A 245 -10.38 -0.75 22.28
N ASP A 246 -9.82 -1.43 23.28
CA ASP A 246 -9.62 -0.81 24.58
C ASP A 246 -8.12 -0.84 24.83
N GLU A 247 -7.62 -2.00 25.26
CA GLU A 247 -6.20 -2.15 25.53
C GLU A 247 -5.34 -1.70 24.35
N SER A 248 -5.79 -1.95 23.13
CA SER A 248 -5.04 -1.56 21.94
C SER A 248 -4.95 -0.04 21.78
N ALA A 249 -5.96 0.67 22.28
CA ALA A 249 -6.02 2.13 22.18
C ALA A 249 -5.51 2.83 23.43
N GLN A 250 -4.19 2.91 23.57
CA GLN A 250 -3.60 3.55 24.73
C GLN A 250 -2.89 4.87 24.42
N GLU A 251 -1.93 4.82 23.49
CA GLU A 251 -1.16 6.00 23.13
C GLU A 251 -1.69 6.64 21.84
N LEU A 252 -1.34 7.90 21.64
CA LEU A 252 -1.76 8.61 20.44
C LEU A 252 -1.34 7.84 19.18
N HIS A 253 -0.10 7.35 19.16
CA HIS A 253 0.34 6.61 17.98
C HIS A 253 -0.40 5.27 17.83
N ASP A 254 -0.93 4.72 18.93
CA ASP A 254 -1.71 3.48 18.83
C ASP A 254 -2.98 3.82 18.06
N LEU A 255 -3.60 4.94 18.42
CA LEU A 255 -4.83 5.38 17.76
C LEU A 255 -4.58 5.61 16.27
N LEU A 256 -3.40 6.14 15.95
CA LEU A 256 -3.04 6.40 14.54
C LEU A 256 -2.95 5.05 13.81
N ALA A 257 -2.26 4.09 14.42
CA ALA A 257 -2.12 2.78 13.81
C ALA A 257 -3.49 2.12 13.67
N ILE A 258 -4.37 2.35 14.63
CA ILE A 258 -5.70 1.76 14.58
C ILE A 258 -6.50 2.28 13.39
N ILE A 259 -6.48 3.58 13.15
CA ILE A 259 -7.23 4.10 12.02
C ILE A 259 -6.55 3.72 10.71
N ASN A 260 -5.21 3.66 10.69
CA ASN A 260 -4.50 3.30 9.48
C ASN A 260 -4.72 1.84 9.08
N LYS A 261 -4.75 0.95 10.06
CA LYS A 261 -4.95 -0.47 9.79
C LYS A 261 -6.42 -0.86 9.76
N GLY A 262 -7.32 0.06 10.12
CA GLY A 262 -8.72 -0.27 10.15
C GLY A 262 -8.91 -1.43 11.11
N ALA A 263 -8.44 -1.25 12.34
CA ALA A 263 -8.50 -2.30 13.36
C ALA A 263 -9.67 -2.18 14.34
N ALA A 264 -10.50 -1.14 14.20
CA ALA A 264 -11.61 -1.00 15.14
C ALA A 264 -12.81 -0.25 14.61
N ASP A 265 -13.97 -0.57 15.18
CA ASP A 265 -15.24 0.05 14.83
C ASP A 265 -15.67 1.01 15.94
N GLY A 266 -14.90 1.02 17.02
CA GLY A 266 -15.21 1.88 18.16
C GLY A 266 -14.06 1.80 19.15
N LEU A 267 -14.07 2.67 20.16
CA LEU A 267 -12.97 2.71 21.13
C LEU A 267 -13.43 2.88 22.58
N MET A 268 -12.62 2.39 23.53
CA MET A 268 -12.92 2.55 24.95
C MET A 268 -11.73 3.32 25.51
N ILE A 269 -11.98 4.19 26.48
CA ILE A 269 -10.89 4.93 27.09
C ILE A 269 -11.00 4.88 28.62
N LYS A 270 -9.87 5.10 29.29
CA LYS A 270 -9.83 5.20 30.75
C LYS A 270 -8.83 6.31 30.97
N THR A 271 -9.18 7.26 31.84
CA THR A 271 -8.27 8.37 32.11
C THR A 271 -6.90 7.88 32.58
N GLN A 272 -6.86 6.77 33.30
CA GLN A 272 -5.59 6.24 33.78
C GLN A 272 -4.78 5.59 32.66
N LYS A 273 -5.46 5.08 31.65
CA LYS A 273 -4.76 4.45 30.52
C LYS A 273 -4.14 5.54 29.66
N ALA A 274 -4.94 6.58 29.40
CA ALA A 274 -4.51 7.71 28.59
C ALA A 274 -3.32 8.43 29.23
N GLY A 275 -3.33 8.49 30.56
CA GLY A 275 -2.24 9.15 31.27
C GLY A 275 -2.61 10.46 31.94
N GLY A 276 -3.90 10.75 32.06
CA GLY A 276 -4.31 12.00 32.69
C GLY A 276 -5.38 12.71 31.88
N LEU A 277 -5.98 13.74 32.44
CA LEU A 277 -7.02 14.50 31.75
C LEU A 277 -6.52 15.20 30.50
N LEU A 278 -5.35 15.83 30.57
CA LEU A 278 -4.80 16.52 29.41
C LEU A 278 -4.50 15.48 28.31
N LYS A 279 -3.81 14.40 28.67
CA LYS A 279 -3.50 13.35 27.72
C LYS A 279 -4.79 12.77 27.13
N ALA A 280 -5.84 12.70 27.96
CA ALA A 280 -7.12 12.20 27.51
C ALA A 280 -7.72 13.12 26.45
N GLN A 281 -7.57 14.44 26.63
CA GLN A 281 -8.12 15.38 25.65
C GLN A 281 -7.43 15.19 24.30
N ARG A 282 -6.13 14.94 24.32
CA ARG A 282 -5.38 14.71 23.08
C ARG A 282 -5.88 13.40 22.46
N TRP A 283 -6.04 12.39 23.30
CA TRP A 283 -6.53 11.07 22.89
C TRP A 283 -7.88 11.21 22.19
N LEU A 284 -8.75 12.03 22.78
CA LEU A 284 -10.08 12.27 22.24
C LEU A 284 -10.06 13.10 20.96
N THR A 285 -8.93 13.76 20.70
CA THR A 285 -8.79 14.54 19.48
C THR A 285 -8.62 13.54 18.34
N LEU A 286 -7.80 12.52 18.57
CA LEU A 286 -7.59 11.49 17.57
C LEU A 286 -8.88 10.71 17.35
N ALA A 287 -9.62 10.47 18.43
CA ALA A 287 -10.89 9.74 18.36
C ALA A 287 -11.87 10.51 17.48
N ARG A 288 -11.89 11.83 17.65
CA ARG A 288 -12.76 12.72 16.88
C ARG A 288 -12.40 12.65 15.40
N LEU A 289 -11.11 12.69 15.12
CA LEU A 289 -10.60 12.63 13.75
C LEU A 289 -11.01 11.31 13.09
N ALA A 290 -11.08 10.25 13.89
CA ALA A 290 -11.45 8.93 13.39
C ALA A 290 -12.96 8.77 13.25
N ASN A 291 -13.71 9.74 13.80
CA ASN A 291 -15.16 9.72 13.78
C ASN A 291 -15.67 8.43 14.41
N LEU A 292 -14.99 7.98 15.47
CA LEU A 292 -15.34 6.76 16.18
C LEU A 292 -15.94 7.05 17.56
N PRO A 293 -16.84 6.16 18.02
CA PRO A 293 -17.47 6.35 19.33
C PRO A 293 -16.46 6.01 20.44
N VAL A 294 -16.64 6.62 21.61
CA VAL A 294 -15.72 6.38 22.73
C VAL A 294 -16.51 6.18 24.03
N ILE A 295 -16.26 5.05 24.68
CA ILE A 295 -16.91 4.74 25.95
C ILE A 295 -15.84 4.73 27.05
N CYS A 296 -15.95 5.63 28.01
CA CYS A 296 -14.98 5.71 29.08
C CYS A 296 -15.29 4.79 30.25
N GLY A 297 -14.31 4.00 30.65
CA GLY A 297 -14.47 3.09 31.75
C GLY A 297 -13.84 3.70 33.00
N CYS A 298 -13.30 2.85 33.86
CA CYS A 298 -12.66 3.33 35.07
C CYS A 298 -11.81 2.22 35.66
N MET A 299 -10.98 2.60 36.62
CA MET A 299 -10.15 1.64 37.35
C MET A 299 -10.85 1.67 38.70
N VAL A 300 -11.94 0.90 38.80
CA VAL A 300 -12.77 0.82 40.00
C VAL A 300 -12.20 1.51 41.24
N GLY A 301 -12.83 2.63 41.60
CA GLY A 301 -12.37 3.38 42.75
C GLY A 301 -13.48 4.15 43.45
N SER A 302 -13.07 5.00 44.38
CA SER A 302 -13.99 5.82 45.17
C SER A 302 -14.64 6.91 44.34
N GLY A 303 -15.42 7.75 45.00
CA GLY A 303 -16.07 8.86 44.31
C GLY A 303 -15.01 9.81 43.81
N LEU A 304 -13.83 9.74 44.43
CA LEU A 304 -12.73 10.61 44.01
C LEU A 304 -12.14 10.06 42.71
N GLU A 305 -12.01 8.75 42.62
CA GLU A 305 -11.48 8.12 41.41
C GLU A 305 -12.39 8.43 40.23
N ALA A 306 -13.70 8.46 40.48
CA ALA A 306 -14.66 8.72 39.41
C ALA A 306 -14.72 10.17 38.95
N SER A 307 -14.30 11.10 39.81
CA SER A 307 -14.38 12.52 39.48
C SER A 307 -13.66 13.07 38.24
N PRO A 308 -12.36 12.78 38.06
CA PRO A 308 -11.71 13.32 36.86
C PRO A 308 -12.51 12.97 35.60
N ALA A 309 -12.87 11.70 35.47
CA ALA A 309 -13.64 11.24 34.33
C ALA A 309 -15.01 11.92 34.27
N ALA A 310 -15.65 12.12 35.41
CA ALA A 310 -16.96 12.77 35.44
C ALA A 310 -16.86 14.16 34.82
N HIS A 311 -15.83 14.90 35.20
CA HIS A 311 -15.62 16.26 34.67
C HIS A 311 -15.33 16.22 33.17
N LEU A 312 -14.47 15.30 32.76
CA LEU A 312 -14.09 15.15 31.36
C LEU A 312 -15.28 14.70 30.49
N LEU A 313 -16.07 13.74 30.97
CA LEU A 313 -17.20 13.24 30.20
C LEU A 313 -18.30 14.27 30.01
N ALA A 314 -18.37 15.25 30.91
CA ALA A 314 -19.39 16.28 30.80
C ALA A 314 -18.90 17.47 30.00
N ALA A 315 -17.59 17.64 29.91
CA ALA A 315 -17.01 18.78 29.20
C ALA A 315 -16.58 18.52 27.76
N ASN A 316 -15.88 17.41 27.53
CA ASN A 316 -15.38 17.09 26.18
C ASN A 316 -16.49 16.86 25.16
N ASP A 317 -16.56 17.77 24.20
CA ASP A 317 -17.58 17.73 23.16
C ASP A 317 -17.71 16.40 22.43
N TRP A 318 -16.57 15.80 22.09
CA TRP A 318 -16.61 14.54 21.39
C TRP A 318 -17.18 13.38 22.20
N ILE A 319 -16.69 13.21 23.42
CA ILE A 319 -17.16 12.10 24.21
C ILE A 319 -18.56 12.31 24.80
N ALA A 320 -19.00 13.57 24.83
CA ALA A 320 -20.33 13.89 25.36
C ALA A 320 -21.45 13.34 24.46
N GLN A 321 -21.07 12.67 23.37
CA GLN A 321 -22.05 12.10 22.44
C GLN A 321 -22.44 10.66 22.73
N PHE A 322 -21.66 9.97 23.55
CA PHE A 322 -21.91 8.55 23.81
C PHE A 322 -22.15 8.16 25.26
N PRO A 323 -22.88 7.04 25.48
CA PRO A 323 -23.13 6.60 26.85
C PRO A 323 -21.79 6.16 27.43
N GLN A 324 -21.61 6.35 28.73
CA GLN A 324 -20.35 6.04 29.36
C GLN A 324 -20.36 4.87 30.36
N GLU A 325 -19.23 4.62 30.98
CA GLU A 325 -19.10 3.50 31.90
C GLU A 325 -18.23 3.80 33.13
N ASN A 326 -18.23 5.06 33.56
CA ASN A 326 -17.43 5.47 34.70
C ASN A 326 -18.27 5.34 35.98
N ALA A 327 -18.31 4.13 36.55
CA ALA A 327 -19.13 3.89 37.75
C ALA A 327 -18.44 3.12 38.87
N GLY A 328 -17.17 3.42 39.11
CA GLY A 328 -16.42 2.74 40.15
C GLY A 328 -17.14 2.63 41.49
N PRO A 329 -17.70 3.74 42.01
CA PRO A 329 -18.40 3.74 43.30
C PRO A 329 -19.55 2.73 43.40
N LEU A 330 -20.28 2.51 42.29
CA LEU A 330 -21.39 1.56 42.32
C LEU A 330 -20.90 0.12 42.46
N HIS A 331 -19.71 -0.17 41.94
CA HIS A 331 -19.16 -1.52 42.03
C HIS A 331 -18.60 -1.73 43.44
N ILE A 332 -17.91 -0.73 43.96
CA ILE A 332 -17.33 -0.85 45.30
C ILE A 332 -18.42 -1.01 46.38
N HIS A 333 -19.48 -0.23 46.25
CA HIS A 333 -20.56 -0.25 47.23
C HIS A 333 -21.76 -1.13 46.86
N ASP A 334 -21.56 -1.99 45.87
CA ASP A 334 -22.60 -2.91 45.40
C ASP A 334 -24.02 -2.33 45.41
N CYS A 335 -24.24 -1.29 44.61
CA CYS A 335 -25.55 -0.66 44.50
C CYS A 335 -25.71 -0.09 43.08
N LEU A 336 -26.87 0.48 42.79
CA LEU A 336 -27.12 1.01 41.45
C LEU A 336 -27.24 2.52 41.37
N ASN A 337 -27.26 3.18 42.51
CA ASN A 337 -27.31 4.64 42.56
C ASN A 337 -26.50 5.07 43.78
N SER A 338 -26.11 6.33 43.82
CA SER A 338 -25.29 6.85 44.91
C SER A 338 -25.98 7.23 46.21
N ARG A 339 -27.30 7.28 46.23
CA ARG A 339 -27.98 7.63 47.48
C ARG A 339 -27.77 6.47 48.46
N ASP A 340 -27.47 5.29 47.91
CA ASP A 340 -27.24 4.13 48.75
C ASP A 340 -25.79 3.99 49.19
N ILE A 341 -25.02 5.08 49.12
CA ILE A 341 -23.62 5.06 49.52
C ILE A 341 -23.40 6.00 50.69
N ASP A 342 -22.79 5.49 51.77
CA ASP A 342 -22.57 6.32 52.95
C ASP A 342 -21.21 6.15 53.61
N ASN A 343 -20.36 5.31 53.06
CA ASN A 343 -19.05 5.08 53.66
C ASN A 343 -17.93 5.06 52.62
N ASP A 344 -17.89 6.08 51.76
CA ASP A 344 -16.86 6.20 50.73
C ASP A 344 -15.83 7.22 51.21
N ILE A 345 -14.59 7.13 50.73
CA ILE A 345 -13.59 8.10 51.18
C ILE A 345 -13.98 9.49 50.69
N ALA A 346 -14.95 9.53 49.78
CA ALA A 346 -15.47 10.81 49.29
C ALA A 346 -16.69 11.07 50.15
N LEU A 347 -16.69 12.16 50.90
CA LEU A 347 -17.84 12.48 51.74
C LEU A 347 -19.02 12.83 50.86
N ASN A 348 -18.73 13.33 49.67
CA ASN A 348 -19.77 13.73 48.73
C ASN A 348 -19.59 13.07 47.35
N VAL A 349 -19.89 11.78 47.29
CA VAL A 349 -19.77 11.00 46.06
C VAL A 349 -20.60 11.62 44.93
N PRO A 350 -20.03 11.70 43.71
CA PRO A 350 -20.81 12.28 42.60
C PRO A 350 -22.15 11.55 42.47
N ARG A 351 -23.18 12.30 42.09
CA ARG A 351 -24.52 11.74 41.98
C ARG A 351 -24.75 10.75 40.82
N PHE A 352 -25.11 9.53 41.20
CA PHE A 352 -25.43 8.46 40.25
C PHE A 352 -26.91 8.21 40.51
N GLU A 353 -27.75 8.57 39.56
CA GLU A 353 -29.19 8.39 39.73
C GLU A 353 -29.91 8.15 38.41
N GLY A 354 -30.84 7.18 38.41
CA GLY A 354 -31.59 6.85 37.22
C GLY A 354 -30.75 6.45 36.02
N GLY A 355 -29.57 5.89 36.29
CA GLY A 355 -28.69 5.48 35.20
C GLY A 355 -27.91 6.64 34.60
N TYR A 356 -27.77 7.71 35.36
CA TYR A 356 -27.03 8.90 34.92
C TYR A 356 -26.00 9.32 35.95
N LEU A 357 -24.93 9.95 35.48
CA LEU A 357 -23.87 10.47 36.36
C LEU A 357 -23.84 11.98 36.22
N TYR A 358 -23.86 12.68 37.36
CA TYR A 358 -23.83 14.14 37.37
C TYR A 358 -22.53 14.58 38.01
N PRO A 359 -21.80 15.49 37.35
CA PRO A 359 -20.53 15.94 37.93
C PRO A 359 -20.78 16.91 39.09
N ASN A 360 -19.97 16.81 40.15
CA ASN A 360 -20.14 17.71 41.28
C ASN A 360 -19.78 19.11 40.75
N ASP A 361 -20.30 20.15 41.40
CA ASP A 361 -20.02 21.49 40.92
C ASP A 361 -19.11 22.31 41.82
N GLY A 362 -18.52 21.67 42.81
CA GLY A 362 -17.61 22.37 43.69
C GLY A 362 -16.30 22.70 42.98
N PRO A 363 -15.44 23.50 43.60
CA PRO A 363 -14.15 23.87 43.00
C PRO A 363 -13.25 22.66 42.81
N GLY A 364 -12.43 22.68 41.76
CA GLY A 364 -11.54 21.55 41.50
C GLY A 364 -12.34 20.30 41.14
N LEU A 365 -11.93 19.14 41.65
CA LEU A 365 -12.66 17.91 41.36
C LEU A 365 -13.96 17.86 42.16
N GLY A 366 -14.14 18.83 43.06
CA GLY A 366 -15.34 18.90 43.86
C GLY A 366 -15.55 17.78 44.87
N ILE A 367 -14.46 17.26 45.43
CA ILE A 367 -14.53 16.18 46.39
C ILE A 367 -13.94 16.56 47.76
N GLU A 368 -14.63 16.11 48.82
CA GLU A 368 -14.21 16.34 50.20
C GLU A 368 -13.87 14.97 50.79
N LEU A 369 -12.63 14.77 51.17
CA LEU A 369 -12.20 13.48 51.71
C LEU A 369 -12.59 13.24 53.17
N ASN A 370 -12.99 12.01 53.46
CA ASN A 370 -13.32 11.62 54.81
C ASN A 370 -11.94 11.19 55.31
N GLU A 371 -11.21 12.14 55.92
CA GLU A 371 -9.86 11.87 56.40
C GLU A 371 -9.66 10.68 57.33
N ASP A 372 -10.53 10.52 58.33
CA ASP A 372 -10.36 9.40 59.23
C ASP A 372 -10.62 8.06 58.54
N LEU A 373 -11.54 8.02 57.58
CA LEU A 373 -11.82 6.78 56.85
C LEU A 373 -10.58 6.45 56.03
N VAL A 374 -9.94 7.47 55.48
CA VAL A 374 -8.74 7.27 54.68
C VAL A 374 -7.70 6.58 55.56
N ARG A 375 -7.50 7.09 56.77
CA ARG A 375 -6.53 6.47 57.68
C ARG A 375 -6.91 5.02 57.96
N ARG A 376 -8.20 4.74 58.11
CA ARG A 376 -8.64 3.37 58.38
C ARG A 376 -8.41 2.43 57.20
N LEU A 377 -8.35 2.97 55.98
CA LEU A 377 -8.15 2.12 54.80
C LEU A 377 -6.72 1.95 54.33
N VAL A 378 -5.76 2.57 55.01
CA VAL A 378 -4.36 2.43 54.61
C VAL A 378 -4.00 0.94 54.56
N THR A 379 -3.36 0.54 53.47
CA THR A 379 -2.97 -0.85 53.25
C THR A 379 -2.12 -1.40 54.40
N PRO A 380 -2.53 -2.55 54.97
CA PRO A 380 -1.78 -3.17 56.07
C PRO A 380 -0.32 -3.40 55.71
N GLY A 381 0.58 -3.05 56.62
CA GLY A 381 2.00 -3.23 56.38
C GLY A 381 2.63 -2.10 55.58
N LYS A 382 1.81 -1.16 55.16
CA LYS A 382 2.29 -0.02 54.38
C LYS A 382 2.00 1.31 55.05
N ALA A 383 2.74 2.34 54.64
CA ALA A 383 2.58 3.66 55.20
C ALA A 383 2.61 4.70 54.10
N ALA A 384 2.03 5.87 54.37
CA ALA A 384 2.02 6.95 53.40
C ALA A 384 3.44 7.45 53.25
N ARG A 385 3.76 7.96 52.07
CA ARG A 385 5.10 8.49 51.84
C ARG A 385 5.02 9.98 51.56
N VAL A 386 5.93 10.74 52.15
CA VAL A 386 5.94 12.19 51.98
C VAL A 386 7.31 12.71 51.53
N VAL A 387 7.27 13.65 50.57
CA VAL A 387 8.49 14.24 50.03
C VAL A 387 8.33 15.76 50.08
N THR A 388 9.33 16.44 50.62
CA THR A 388 9.32 17.89 50.70
C THR A 388 10.57 18.42 50.03
N LEU B 3 14.53 -28.11 41.95
CA LEU B 3 13.34 -28.93 41.59
C LEU B 3 12.03 -28.20 41.86
N LYS B 4 12.00 -27.44 42.94
CA LYS B 4 10.81 -26.67 43.29
C LYS B 4 11.26 -25.38 43.97
N ILE B 5 10.69 -24.25 43.55
CA ILE B 5 11.03 -22.96 44.12
C ILE B 5 10.25 -22.77 45.41
N THR B 6 10.95 -22.57 46.52
CA THR B 6 10.29 -22.42 47.80
C THR B 6 10.44 -21.04 48.45
N LYS B 7 11.30 -20.21 47.90
CA LYS B 7 11.49 -18.88 48.47
C LYS B 7 11.98 -17.89 47.43
N VAL B 8 11.34 -16.73 47.36
CA VAL B 8 11.70 -15.68 46.43
C VAL B 8 12.23 -14.50 47.24
N GLU B 9 13.47 -14.11 46.96
CA GLU B 9 14.10 -13.01 47.69
C GLU B 9 14.62 -11.90 46.77
N VAL B 10 14.18 -10.68 47.04
CA VAL B 10 14.61 -9.51 46.27
C VAL B 10 15.38 -8.55 47.17
N ILE B 11 16.61 -8.24 46.76
CA ILE B 11 17.48 -7.37 47.55
C ILE B 11 17.75 -6.06 46.82
N PRO B 12 17.30 -4.92 47.40
CA PRO B 12 17.54 -3.63 46.77
C PRO B 12 18.96 -3.14 47.09
N ILE B 13 19.74 -2.88 46.05
CA ILE B 13 21.12 -2.44 46.24
C ILE B 13 21.44 -1.14 45.49
N SER B 14 22.41 -0.40 46.03
CA SER B 14 22.87 0.85 45.46
C SER B 14 24.38 0.70 45.38
N THR B 15 24.91 0.72 44.16
CA THR B 15 26.34 0.54 43.94
C THR B 15 27.03 1.81 43.48
N PRO B 16 27.98 2.32 44.29
CA PRO B 16 28.71 3.56 43.95
C PRO B 16 29.55 3.39 42.69
N MET B 17 29.73 4.49 41.96
CA MET B 17 30.50 4.50 40.74
C MET B 17 31.96 4.84 41.05
N LYS B 18 32.87 4.23 40.31
CA LYS B 18 34.30 4.46 40.48
C LYS B 18 34.72 4.30 41.93
N ARG B 30 25.44 6.94 42.12
CA ARG B 30 25.23 5.55 42.50
C ARG B 30 24.20 4.88 41.60
N ILE B 31 24.29 3.55 41.49
CA ILE B 31 23.38 2.78 40.66
C ILE B 31 22.37 2.02 41.52
N ASP B 32 21.08 2.32 41.34
CA ASP B 32 20.05 1.63 42.11
C ASP B 32 19.50 0.45 41.33
N GLY B 33 19.77 -0.75 41.83
CA GLY B 33 19.30 -1.94 41.17
C GLY B 33 18.66 -2.89 42.16
N VAL B 34 18.50 -4.14 41.72
CA VAL B 34 17.88 -5.15 42.54
C VAL B 34 18.53 -6.50 42.26
N LEU B 35 18.68 -7.32 43.29
CA LEU B 35 19.23 -8.66 43.16
C LEU B 35 18.08 -9.62 43.42
N LEU B 36 18.08 -10.77 42.75
CA LEU B 36 17.03 -11.75 42.94
C LEU B 36 17.61 -13.11 43.33
N LYS B 37 16.98 -13.76 44.29
CA LYS B 37 17.42 -15.10 44.70
C LYS B 37 16.22 -16.02 44.67
N LEU B 38 16.29 -17.03 43.83
CA LEU B 38 15.23 -18.01 43.74
C LEU B 38 15.73 -19.26 44.44
N HIS B 39 15.30 -19.49 45.67
CA HIS B 39 15.75 -20.67 46.43
C HIS B 39 14.92 -21.91 46.11
N SER B 40 15.58 -23.04 45.89
CA SER B 40 14.87 -24.28 45.61
C SER B 40 14.86 -25.16 46.88
N ASP B 41 14.00 -26.16 46.91
CA ASP B 41 13.92 -27.05 48.06
C ASP B 41 15.09 -28.03 48.17
N GLU B 42 15.98 -28.04 47.19
CA GLU B 42 17.12 -28.95 47.23
C GLU B 42 18.46 -28.21 47.23
N GLY B 43 18.55 -27.20 48.09
CA GLY B 43 19.77 -26.42 48.24
C GLY B 43 20.14 -25.36 47.23
N LEU B 44 20.05 -25.69 45.94
CA LEU B 44 20.41 -24.76 44.89
C LEU B 44 19.61 -23.46 44.89
N VAL B 45 20.31 -22.35 44.63
CA VAL B 45 19.71 -21.03 44.58
C VAL B 45 20.05 -20.35 43.25
N GLY B 46 19.02 -19.82 42.59
CA GLY B 46 19.24 -19.14 41.33
C GLY B 46 19.37 -17.65 41.61
N ILE B 47 20.40 -17.02 41.06
CA ILE B 47 20.60 -15.60 41.32
C ILE B 47 20.64 -14.75 40.06
N ALA B 48 20.34 -13.47 40.23
CA ALA B 48 20.33 -12.53 39.10
C ALA B 48 20.44 -11.09 39.60
N ASP B 49 20.90 -10.22 38.72
CA ASP B 49 21.06 -8.79 39.01
C ASP B 49 20.34 -8.03 37.90
N ALA B 50 19.24 -7.37 38.25
CA ALA B 50 18.44 -6.62 37.26
C ALA B 50 19.27 -5.53 36.58
N GLY B 51 20.27 -5.02 37.29
CA GLY B 51 21.10 -3.97 36.73
C GLY B 51 20.50 -2.62 37.08
N ASP B 52 21.08 -1.56 36.54
CA ASP B 52 20.62 -0.21 36.82
C ASP B 52 19.14 -0.03 36.47
N THR B 53 18.51 0.98 37.06
CA THR B 53 17.11 1.28 36.75
C THR B 53 17.11 2.64 36.06
N SER B 54 16.31 2.79 35.02
CA SER B 54 16.24 4.03 34.26
C SER B 54 14.78 4.41 34.02
N SER B 55 14.37 5.55 34.57
CA SER B 55 12.99 5.99 34.40
C SER B 55 12.62 6.21 32.94
N TRP B 56 13.50 6.86 32.19
CA TRP B 56 13.23 7.15 30.78
C TRP B 56 13.43 6.00 29.79
N TYR B 57 14.43 5.16 30.03
CA TYR B 57 14.69 4.05 29.10
C TYR B 57 13.78 2.84 29.32
N ARG B 58 13.59 2.43 30.57
CA ARG B 58 12.76 1.27 30.86
C ARG B 58 11.46 1.61 31.59
N GLY B 59 11.53 2.59 32.48
CA GLY B 59 10.36 3.00 33.23
C GLY B 59 10.13 2.19 34.50
N GLU B 60 11.10 1.34 34.85
CA GLU B 60 10.97 0.52 36.05
C GLU B 60 11.93 0.99 37.16
N THR B 61 11.55 0.71 38.40
CA THR B 61 12.35 1.12 39.56
C THR B 61 12.57 -0.03 40.52
N GLN B 62 13.43 0.17 41.52
CA GLN B 62 13.69 -0.87 42.51
C GLN B 62 12.35 -1.31 43.08
N ASP B 63 11.51 -0.35 43.46
CA ASP B 63 10.20 -0.68 44.03
C ASP B 63 9.25 -1.38 43.05
N SER B 64 9.26 -0.96 41.79
CA SER B 64 8.40 -1.60 40.78
C SER B 64 8.75 -3.07 40.68
N ILE B 65 10.02 -3.33 40.42
CA ILE B 65 10.52 -4.67 40.26
C ILE B 65 10.28 -5.55 41.49
N THR B 66 10.56 -5.02 42.67
CA THR B 66 10.35 -5.77 43.90
C THR B 66 8.90 -6.15 44.11
N SER B 67 7.99 -5.20 43.89
CA SER B 67 6.57 -5.47 44.06
C SER B 67 6.02 -6.44 43.03
N MET B 68 6.36 -6.25 41.75
CA MET B 68 5.85 -7.16 40.74
C MET B 68 6.31 -8.59 41.03
N ILE B 69 7.60 -8.74 41.32
CA ILE B 69 8.16 -10.06 41.62
C ILE B 69 7.57 -10.68 42.90
N CYS B 70 7.60 -9.93 44.00
CA CYS B 70 7.10 -10.43 45.28
C CYS B 70 5.58 -10.53 45.47
N ASP B 71 4.83 -9.55 44.98
CA ASP B 71 3.39 -9.56 45.14
C ASP B 71 2.61 -10.28 44.05
N PHE B 72 3.24 -10.49 42.90
CA PHE B 72 2.56 -11.15 41.78
C PHE B 72 3.24 -12.40 41.24
N PHE B 73 4.45 -12.25 40.70
CA PHE B 73 5.13 -13.42 40.14
C PHE B 73 5.34 -14.55 41.15
N ALA B 74 5.83 -14.20 42.33
CA ALA B 74 6.11 -15.20 43.36
C ALA B 74 4.92 -16.07 43.76
N PRO B 75 3.87 -15.46 44.31
CA PRO B 75 2.72 -16.28 44.71
C PRO B 75 1.95 -16.91 43.55
N LYS B 76 1.80 -16.17 42.46
CA LYS B 76 1.03 -16.67 41.31
C LYS B 76 1.74 -17.55 40.31
N VAL B 77 3.06 -17.41 40.17
CA VAL B 77 3.76 -18.19 39.16
C VAL B 77 4.99 -18.98 39.60
N LEU B 78 5.83 -18.36 40.42
CA LEU B 78 7.08 -18.97 40.87
C LEU B 78 7.02 -19.98 42.00
N LEU B 79 6.40 -19.61 43.12
CA LEU B 79 6.32 -20.49 44.27
C LEU B 79 5.67 -21.84 44.02
N GLY B 80 6.43 -22.90 44.33
CA GLY B 80 5.94 -24.26 44.14
C GLY B 80 6.16 -24.81 42.74
N GLU B 81 6.72 -23.99 41.86
CA GLU B 81 6.95 -24.41 40.48
C GLU B 81 8.33 -25.01 40.23
N ASP B 82 8.42 -25.81 39.17
CA ASP B 82 9.66 -26.44 38.74
C ASP B 82 10.41 -25.38 37.92
N PRO B 83 11.59 -24.95 38.38
CA PRO B 83 12.39 -23.94 37.68
C PRO B 83 12.82 -24.27 36.26
N THR B 84 12.75 -25.54 35.88
CA THR B 84 13.15 -25.93 34.53
C THR B 84 12.08 -25.56 33.51
N LYS B 85 10.86 -25.31 33.97
CA LYS B 85 9.76 -24.96 33.08
C LYS B 85 9.80 -23.48 32.73
N ILE B 86 10.88 -23.09 32.05
CA ILE B 86 11.10 -21.71 31.66
C ILE B 86 10.10 -21.17 30.62
N GLU B 87 9.82 -21.95 29.57
CA GLU B 87 8.85 -21.49 28.56
C GLU B 87 7.51 -21.23 29.24
N LYS B 88 7.14 -22.10 30.18
CA LYS B 88 5.87 -21.97 30.89
C LYS B 88 5.82 -20.74 31.78
N ILE B 89 6.82 -20.60 32.64
CA ILE B 89 6.89 -19.46 33.56
C ILE B 89 6.90 -18.13 32.80
N VAL B 90 7.77 -18.04 31.79
CA VAL B 90 7.86 -16.83 30.99
C VAL B 90 6.50 -16.50 30.40
N GLY B 91 5.80 -17.54 29.92
CA GLY B 91 4.48 -17.34 29.34
C GLY B 91 3.48 -16.84 30.36
N ARG B 92 3.48 -17.45 31.54
CA ARG B 92 2.56 -17.03 32.58
C ARG B 92 2.83 -15.59 33.04
N MET B 93 4.10 -15.21 33.14
CA MET B 93 4.42 -13.84 33.55
C MET B 93 3.87 -12.83 32.54
N ASP B 94 3.96 -13.17 31.25
CA ASP B 94 3.46 -12.29 30.20
C ASP B 94 1.94 -12.16 30.19
N ILE B 95 1.24 -13.24 30.54
CA ILE B 95 -0.22 -13.18 30.59
C ILE B 95 -0.62 -12.38 31.82
N LEU B 96 0.10 -12.59 32.91
CA LEU B 96 -0.20 -11.94 34.17
C LEU B 96 0.06 -10.44 34.18
N THR B 97 1.17 -10.03 33.58
CA THR B 97 1.59 -8.63 33.60
C THR B 97 1.98 -7.98 32.29
N ARG B 98 1.54 -6.74 32.11
CA ARG B 98 1.85 -5.93 30.94
C ARG B 98 3.17 -5.22 31.24
N ASP B 99 4.03 -5.09 30.23
CA ASP B 99 5.31 -4.42 30.39
C ASP B 99 6.12 -5.07 31.53
N ASN B 100 6.84 -4.25 32.30
CA ASN B 100 7.66 -4.78 33.41
C ASN B 100 8.71 -5.75 32.87
N ASN B 101 9.22 -5.47 31.68
CA ASN B 101 10.22 -6.30 31.02
C ASN B 101 11.45 -6.57 31.87
N GLN B 102 11.97 -5.55 32.54
CA GLN B 102 13.15 -5.74 33.36
C GLN B 102 12.88 -6.69 34.54
N ALA B 103 11.70 -6.58 35.15
CA ALA B 103 11.34 -7.45 36.27
C ALA B 103 11.28 -8.88 35.76
N LYS B 104 10.57 -9.07 34.65
CA LYS B 104 10.45 -10.38 34.04
C LYS B 104 11.83 -10.94 33.67
N ALA B 105 12.68 -10.08 33.12
CA ALA B 105 14.01 -10.49 32.71
C ALA B 105 14.83 -11.02 33.89
N THR B 106 14.73 -10.32 35.02
CA THR B 106 15.46 -10.70 36.22
C THR B 106 15.08 -12.11 36.66
N VAL B 107 13.77 -12.38 36.66
CA VAL B 107 13.27 -13.70 37.01
C VAL B 107 13.86 -14.71 36.05
N ASP B 108 13.74 -14.42 34.76
CA ASP B 108 14.28 -15.27 33.71
C ASP B 108 15.77 -15.59 33.93
N PHE B 109 16.58 -14.57 34.24
CA PHE B 109 18.01 -14.78 34.46
C PHE B 109 18.23 -15.78 35.60
N ALA B 110 17.55 -15.55 36.71
CA ALA B 110 17.67 -16.40 37.88
C ALA B 110 17.23 -17.84 37.58
N LEU B 111 16.20 -17.99 36.78
CA LEU B 111 15.72 -19.32 36.41
C LEU B 111 16.79 -20.05 35.59
N HIS B 112 17.41 -19.33 34.66
CA HIS B 112 18.44 -19.95 33.84
C HIS B 112 19.62 -20.36 34.72
N ASP B 113 20.00 -19.48 35.65
CA ASP B 113 21.11 -19.77 36.57
C ASP B 113 20.80 -21.03 37.37
N LEU B 114 19.58 -21.13 37.90
CA LEU B 114 19.18 -22.28 38.71
C LEU B 114 19.16 -23.56 37.88
N VAL B 115 18.61 -23.50 36.66
CA VAL B 115 18.56 -24.67 35.79
C VAL B 115 19.96 -25.14 35.42
N GLY B 116 20.85 -24.18 35.14
CA GLY B 116 22.21 -24.53 34.78
C GLY B 116 22.92 -25.21 35.95
N LYS B 117 22.66 -24.72 37.16
CA LYS B 117 23.27 -25.30 38.35
C LYS B 117 22.72 -26.70 38.59
N ARG B 118 21.42 -26.88 38.36
CA ARG B 118 20.77 -28.18 38.53
C ARG B 118 21.35 -29.21 37.57
N PHE B 119 21.49 -28.83 36.30
CA PHE B 119 22.03 -29.75 35.30
C PHE B 119 23.57 -29.74 35.31
N GLY B 120 24.16 -28.82 36.07
CA GLY B 120 25.60 -28.74 36.15
C GLY B 120 26.25 -28.21 34.87
N VAL B 121 25.58 -27.28 34.19
CA VAL B 121 26.12 -26.72 32.96
C VAL B 121 26.01 -25.21 32.90
N PRO B 122 26.89 -24.57 32.13
CA PRO B 122 26.87 -23.11 31.99
C PRO B 122 25.62 -22.76 31.17
N VAL B 123 25.06 -21.58 31.43
CA VAL B 123 23.87 -21.14 30.72
C VAL B 123 23.99 -21.16 29.20
N TYR B 124 25.17 -20.84 28.67
CA TYR B 124 25.31 -20.86 27.23
C TYR B 124 24.98 -22.23 26.64
N GLN B 125 25.09 -23.29 27.44
CA GLN B 125 24.77 -24.64 26.96
C GLN B 125 23.26 -24.76 26.77
N LEU B 126 22.53 -24.02 27.60
CA LEU B 126 21.07 -24.02 27.56
C LEU B 126 20.57 -23.13 26.44
N LEU B 127 21.45 -22.25 25.94
CA LEU B 127 21.07 -21.33 24.89
C LEU B 127 21.59 -21.71 23.51
N GLY B 128 21.97 -22.98 23.33
CA GLY B 128 22.43 -23.40 22.03
C GLY B 128 23.90 -23.77 21.89
N GLY B 129 24.66 -23.73 22.98
CA GLY B 129 26.06 -24.08 22.91
C GLY B 129 26.97 -22.88 22.69
N LYS B 130 28.27 -23.06 22.91
CA LYS B 130 29.23 -21.98 22.75
C LYS B 130 29.64 -21.77 21.30
N THR B 131 28.88 -20.93 20.60
CA THR B 131 29.15 -20.64 19.19
C THR B 131 30.49 -19.94 18.97
N ILE B 132 30.80 -18.93 19.79
CA ILE B 132 32.09 -18.25 19.69
C ILE B 132 32.74 -18.29 21.07
N GLU B 133 34.07 -18.41 21.12
CA GLU B 133 34.78 -18.48 22.40
C GLU B 133 34.92 -17.15 23.15
N ARG B 134 34.94 -16.05 22.40
CA ARG B 134 35.06 -14.73 23.01
C ARG B 134 34.25 -13.73 22.19
N ILE B 135 33.87 -12.63 22.84
CA ILE B 135 33.03 -11.61 22.23
C ILE B 135 33.68 -10.25 22.06
N PRO B 136 33.89 -9.81 20.81
CA PRO B 136 34.51 -8.50 20.55
C PRO B 136 33.59 -7.39 21.05
N LEU B 137 34.17 -6.43 21.79
CA LEU B 137 33.39 -5.35 22.35
C LEU B 137 33.77 -3.96 21.86
N GLY B 138 32.84 -3.04 22.02
CA GLY B 138 33.02 -1.64 21.67
C GLY B 138 32.66 -0.95 22.97
N LEU B 139 32.93 0.35 23.11
CA LEU B 139 32.60 1.02 24.37
C LEU B 139 31.99 2.40 24.20
N VAL B 140 31.12 2.76 25.14
CA VAL B 140 30.49 4.08 25.13
C VAL B 140 31.46 4.95 25.93
N LEU B 141 31.66 6.20 25.52
CA LEU B 141 32.58 7.08 26.23
C LEU B 141 31.85 7.94 27.25
N GLY B 142 32.58 8.40 28.26
CA GLY B 142 31.98 9.24 29.26
C GLY B 142 31.89 10.66 28.77
N ALA B 143 30.95 11.43 29.33
CA ALA B 143 30.77 12.82 28.94
C ALA B 143 32.00 13.66 29.27
N GLY B 144 32.00 14.91 28.81
CA GLY B 144 33.11 15.79 29.10
C GLY B 144 33.47 16.72 27.95
N GLU B 145 34.58 17.44 28.11
CA GLU B 145 35.03 18.36 27.09
C GLU B 145 35.49 17.52 25.91
N PRO B 146 35.34 18.04 24.69
CA PRO B 146 35.75 17.31 23.48
C PRO B 146 37.15 16.72 23.57
N GLU B 147 38.15 17.55 23.84
CA GLU B 147 39.53 17.04 23.91
C GLU B 147 39.68 15.89 24.90
N ALA B 148 38.91 15.94 25.98
CA ALA B 148 38.96 14.91 27.00
C ALA B 148 38.27 13.63 26.50
N VAL B 149 37.13 13.80 25.85
CA VAL B 149 36.40 12.65 25.33
C VAL B 149 37.22 11.98 24.24
N ALA B 150 38.04 12.79 23.55
CA ALA B 150 38.89 12.27 22.49
C ALA B 150 40.05 11.48 23.08
N GLU B 151 40.53 11.93 24.24
CA GLU B 151 41.65 11.25 24.92
C GLU B 151 41.19 9.85 25.31
N GLU B 152 40.03 9.76 25.96
CA GLU B 152 39.49 8.49 26.39
C GLU B 152 39.33 7.55 25.19
N ALA B 153 38.88 8.10 24.06
CA ALA B 153 38.67 7.32 22.85
C ALA B 153 39.94 6.56 22.42
N LEU B 154 41.06 7.27 22.39
CA LEU B 154 42.34 6.66 22.01
C LEU B 154 42.72 5.56 22.99
N ALA B 155 42.48 5.82 24.27
CA ALA B 155 42.80 4.85 25.32
C ALA B 155 41.98 3.59 25.09
N VAL B 156 40.69 3.78 24.79
CA VAL B 156 39.79 2.66 24.54
C VAL B 156 40.28 1.83 23.35
N LEU B 157 40.71 2.52 22.29
CA LEU B 157 41.20 1.83 21.09
C LEU B 157 42.52 1.10 21.35
N ARG B 158 43.40 1.68 22.17
CA ARG B 158 44.67 1.03 22.46
C ARG B 158 44.48 -0.28 23.22
N GLU B 159 43.51 -0.33 24.12
CA GLU B 159 43.23 -1.55 24.89
C GLU B 159 42.70 -2.65 23.97
N GLY B 160 42.23 -2.28 22.77
CA GLY B 160 41.74 -3.29 21.85
C GLY B 160 40.25 -3.27 21.51
N PHE B 161 39.53 -2.26 21.97
CA PHE B 161 38.10 -2.21 21.67
C PHE B 161 37.82 -1.95 20.19
N HIS B 162 36.71 -2.50 19.73
CA HIS B 162 36.34 -2.45 18.31
C HIS B 162 35.56 -1.27 17.76
N PHE B 163 34.98 -0.46 18.62
CA PHE B 163 34.28 0.73 18.17
C PHE B 163 34.10 1.71 19.31
N VAL B 164 33.85 2.95 18.96
CA VAL B 164 33.68 4.03 19.92
C VAL B 164 32.29 4.64 19.76
N LYS B 165 31.54 4.66 20.86
CA LYS B 165 30.20 5.20 20.84
C LYS B 165 30.09 6.47 21.69
N LEU B 166 29.55 7.53 21.11
CA LEU B 166 29.40 8.81 21.83
C LEU B 166 27.94 9.09 22.17
N LYS B 167 27.72 9.72 23.31
CA LYS B 167 26.36 10.07 23.72
C LYS B 167 26.09 11.52 23.32
N ALA B 168 25.06 11.75 22.52
CA ALA B 168 24.74 13.11 22.11
C ALA B 168 23.60 13.69 22.93
N GLY B 169 23.83 14.88 23.49
CA GLY B 169 22.81 15.56 24.26
C GLY B 169 22.40 16.84 23.58
N GLY B 170 23.40 17.68 23.32
CA GLY B 170 23.15 18.95 22.66
C GLY B 170 23.75 20.10 23.45
N PRO B 171 23.62 21.34 22.94
CA PRO B 171 22.94 21.69 21.69
C PRO B 171 23.74 21.27 20.46
N LEU B 172 23.32 21.72 19.29
CA LEU B 172 23.97 21.39 18.02
C LEU B 172 25.47 21.71 18.03
N LYS B 173 25.81 22.91 18.49
CA LYS B 173 27.22 23.32 18.55
C LYS B 173 28.07 22.29 19.27
N ALA B 174 27.59 21.87 20.44
CA ALA B 174 28.30 20.89 21.27
C ALA B 174 28.44 19.52 20.64
N ASP B 175 27.36 19.02 20.04
CA ASP B 175 27.44 17.69 19.42
C ASP B 175 28.47 17.67 18.30
N ILE B 176 28.48 18.72 17.47
CA ILE B 176 29.43 18.81 16.36
C ILE B 176 30.86 18.89 16.89
N ALA B 177 31.07 19.73 17.90
CA ALA B 177 32.40 19.90 18.49
C ALA B 177 32.94 18.57 18.98
N MET B 178 32.13 17.82 19.73
CA MET B 178 32.54 16.52 20.26
C MET B 178 32.91 15.54 19.15
N VAL B 179 31.98 15.32 18.22
CA VAL B 179 32.20 14.40 17.11
C VAL B 179 33.41 14.80 16.28
N ALA B 180 33.55 16.09 16.02
CA ALA B 180 34.67 16.57 15.22
C ALA B 180 36.00 16.30 15.94
N GLU B 181 36.08 16.65 17.22
CA GLU B 181 37.31 16.45 17.98
C GLU B 181 37.66 14.97 18.10
N VAL B 182 36.67 14.12 18.34
CA VAL B 182 36.93 12.70 18.46
C VAL B 182 37.32 12.09 17.11
N ARG B 183 36.64 12.50 16.04
CA ARG B 183 36.95 11.99 14.71
C ARG B 183 38.39 12.35 14.36
N ARG B 184 38.74 13.62 14.61
CA ARG B 184 40.09 14.12 14.32
C ARG B 184 41.12 13.23 14.99
N ALA B 185 40.91 13.01 16.29
CA ALA B 185 41.79 12.22 17.13
C ALA B 185 41.92 10.73 16.81
N VAL B 186 40.83 10.09 16.39
CA VAL B 186 40.90 8.66 16.11
C VAL B 186 41.20 8.27 14.66
N GLY B 187 40.86 9.15 13.71
CA GLY B 187 41.11 8.85 12.32
C GLY B 187 39.87 8.38 11.59
N ASP B 188 39.97 8.18 10.28
CA ASP B 188 38.82 7.76 9.47
C ASP B 188 38.56 6.26 9.47
N ASP B 189 39.53 5.45 9.91
CA ASP B 189 39.36 4.00 9.93
C ASP B 189 38.41 3.50 11.03
N VAL B 190 38.54 4.07 12.22
CA VAL B 190 37.74 3.68 13.39
C VAL B 190 36.21 3.79 13.24
N ASP B 191 35.53 2.73 13.67
CA ASP B 191 34.07 2.70 13.65
C ASP B 191 33.58 3.63 14.75
N LEU B 192 33.12 4.81 14.35
CA LEU B 192 32.63 5.81 15.31
C LEU B 192 31.16 6.16 15.09
N PHE B 193 30.36 6.16 16.15
CA PHE B 193 28.96 6.55 16.01
C PHE B 193 28.39 7.18 17.27
N ILE B 194 27.21 7.79 17.15
CA ILE B 194 26.57 8.46 18.28
C ILE B 194 25.20 7.90 18.64
N ASP B 195 24.82 8.13 19.90
CA ASP B 195 23.54 7.69 20.45
C ASP B 195 22.74 8.93 20.88
N ILE B 196 21.50 9.05 20.39
CA ILE B 196 20.66 10.19 20.72
C ILE B 196 19.61 9.85 21.78
N ASN B 197 19.39 8.56 22.01
CA ASN B 197 18.40 8.14 23.00
C ASN B 197 17.00 8.68 22.69
N GLY B 198 16.71 8.88 21.41
CA GLY B 198 15.40 9.34 20.97
C GLY B 198 14.98 10.75 21.34
N ALA B 199 15.96 11.61 21.61
CA ALA B 199 15.68 12.98 22.02
C ALA B 199 15.29 14.00 20.95
N TRP B 200 15.38 13.66 19.66
CA TRP B 200 15.06 14.67 18.64
C TRP B 200 13.68 14.70 17.99
N THR B 201 13.29 15.90 17.54
CA THR B 201 12.04 16.08 16.81
C THR B 201 12.55 15.83 15.39
N TYR B 202 11.66 15.55 14.44
CA TYR B 202 12.10 15.27 13.08
C TYR B 202 13.08 16.26 12.45
N ASP B 203 12.77 17.56 12.54
CA ASP B 203 13.63 18.57 11.94
C ASP B 203 15.02 18.63 12.58
N GLN B 204 15.10 18.54 13.90
CA GLN B 204 16.39 18.56 14.61
C GLN B 204 17.25 17.44 14.05
N ALA B 205 16.66 16.26 13.96
CA ALA B 205 17.36 15.08 13.46
C ALA B 205 17.93 15.34 12.06
N LEU B 206 17.07 15.72 11.13
CA LEU B 206 17.52 16.00 9.76
C LEU B 206 18.66 17.03 9.78
N THR B 207 18.45 18.14 10.48
CA THR B 207 19.44 19.21 10.58
C THR B 207 20.78 18.74 11.13
N THR B 208 20.74 18.09 12.30
CA THR B 208 21.95 17.63 12.95
C THR B 208 22.68 16.52 12.19
N ILE B 209 21.94 15.53 11.71
CA ILE B 209 22.56 14.44 10.97
C ILE B 209 23.28 14.95 9.73
N ARG B 210 22.68 15.92 9.06
CA ARG B 210 23.30 16.48 7.86
C ARG B 210 24.57 17.24 8.24
N ALA B 211 24.52 17.95 9.38
CA ALA B 211 25.68 18.72 9.82
C ALA B 211 26.84 17.80 10.16
N LEU B 212 26.53 16.57 10.57
CA LEU B 212 27.57 15.62 10.94
C LEU B 212 28.09 14.70 9.85
N GLU B 213 27.41 14.64 8.71
CA GLU B 213 27.81 13.74 7.62
C GLU B 213 29.28 13.83 7.21
N LYS B 214 29.87 15.01 7.35
CA LYS B 214 31.26 15.18 6.97
C LYS B 214 32.20 14.38 7.86
N TYR B 215 31.69 13.87 8.97
CA TYR B 215 32.52 13.08 9.89
C TYR B 215 32.34 11.58 9.70
N ASN B 216 31.64 11.21 8.64
CA ASN B 216 31.39 9.82 8.27
C ASN B 216 31.13 8.81 9.40
N LEU B 217 30.24 9.15 10.32
CA LEU B 217 29.89 8.25 11.42
C LEU B 217 29.30 6.97 10.82
N SER B 218 29.49 5.83 11.49
CA SER B 218 28.97 4.55 10.98
C SER B 218 27.46 4.43 11.12
N LYS B 219 26.86 5.23 12.00
CA LYS B 219 25.42 5.19 12.18
C LYS B 219 24.98 6.19 13.24
N ILE B 220 23.66 6.33 13.38
CA ILE B 220 23.05 7.21 14.35
C ILE B 220 22.06 6.32 15.11
N GLU B 221 22.29 6.13 16.40
CA GLU B 221 21.42 5.29 17.22
C GLU B 221 20.19 6.04 17.74
N GLN B 222 19.01 5.55 17.37
CA GLN B 222 17.73 6.12 17.79
C GLN B 222 17.65 7.65 17.86
N PRO B 223 17.64 8.34 16.71
CA PRO B 223 17.57 9.80 16.71
C PRO B 223 16.20 10.36 17.10
N LEU B 224 15.15 9.63 16.75
CA LEU B 224 13.78 10.06 17.04
C LEU B 224 13.14 9.19 18.13
N PRO B 225 12.02 9.63 18.71
CA PRO B 225 11.34 8.86 19.76
C PRO B 225 11.04 7.43 19.35
N ALA B 226 11.05 6.53 20.33
CA ALA B 226 10.79 5.12 20.11
C ALA B 226 9.54 4.83 19.29
N TRP B 227 8.47 5.57 19.55
CA TRP B 227 7.21 5.36 18.85
C TRP B 227 7.15 5.95 17.44
N ASP B 228 8.03 6.89 17.14
CA ASP B 228 8.03 7.54 15.82
C ASP B 228 8.69 6.74 14.71
N LEU B 229 8.10 5.58 14.38
CA LEU B 229 8.64 4.72 13.34
C LEU B 229 8.52 5.31 11.94
N ASP B 230 7.44 6.02 11.67
CA ASP B 230 7.27 6.64 10.34
C ASP B 230 8.35 7.70 10.22
N GLY B 231 8.62 8.41 11.32
CA GLY B 231 9.65 9.43 11.29
C GLY B 231 11.00 8.80 10.97
N MET B 232 11.32 7.71 11.68
CA MET B 232 12.57 7.00 11.47
C MET B 232 12.71 6.55 10.02
N ALA B 233 11.61 6.11 9.43
CA ALA B 233 11.63 5.68 8.03
C ALA B 233 11.69 6.89 7.10
N ARG B 234 11.15 8.02 7.56
CA ARG B 234 11.16 9.25 6.74
C ARG B 234 12.56 9.85 6.75
N LEU B 235 13.20 9.80 7.92
CA LEU B 235 14.53 10.33 8.09
C LEU B 235 15.51 9.58 7.19
N ARG B 236 15.37 8.25 7.14
CA ARG B 236 16.25 7.45 6.29
C ARG B 236 16.11 7.86 4.81
N GLY B 237 14.96 8.42 4.47
CA GLY B 237 14.74 8.84 3.09
C GLY B 237 15.31 10.23 2.83
N LYS B 238 15.90 10.85 3.85
CA LYS B 238 16.47 12.19 3.70
C LYS B 238 17.93 12.32 4.12
N VAL B 239 18.52 11.26 4.68
CA VAL B 239 19.93 11.30 5.10
C VAL B 239 20.65 10.02 4.70
N ALA B 240 21.96 10.12 4.53
CA ALA B 240 22.78 8.98 4.11
C ALA B 240 23.22 8.06 5.25
N THR B 241 23.49 8.64 6.41
CA THR B 241 23.96 7.89 7.57
C THR B 241 22.97 6.81 8.00
N PRO B 242 23.48 5.59 8.28
CA PRO B 242 22.59 4.50 8.71
C PRO B 242 21.90 4.88 10.02
N ILE B 243 20.63 4.53 10.14
CA ILE B 243 19.85 4.83 11.33
C ILE B 243 19.54 3.51 12.04
N TYR B 244 20.01 3.35 13.27
CA TYR B 244 19.78 2.14 14.05
C TYR B 244 18.72 2.38 15.10
N ALA B 245 17.95 1.34 15.42
CA ALA B 245 16.90 1.46 16.44
C ALA B 245 17.24 0.72 17.73
N ASP B 246 16.97 1.38 18.86
CA ASP B 246 17.19 0.77 20.17
C ASP B 246 15.83 0.80 20.86
N GLU B 247 15.48 1.95 21.42
CA GLU B 247 14.22 2.14 22.11
C GLU B 247 13.01 1.71 21.29
N SER B 248 13.06 1.92 19.98
CA SER B 248 11.95 1.52 19.12
C SER B 248 11.80 0.02 19.02
N ALA B 249 12.92 -0.71 19.17
CA ALA B 249 12.94 -2.16 19.08
C ALA B 249 12.92 -2.87 20.43
N GLN B 250 11.72 -2.96 21.00
CA GLN B 250 11.56 -3.61 22.30
C GLN B 250 10.80 -4.93 22.20
N GLU B 251 9.57 -4.86 21.69
CA GLU B 251 8.74 -6.05 21.56
C GLU B 251 8.85 -6.67 20.19
N LEU B 252 8.36 -7.91 20.05
CA LEU B 252 8.40 -8.60 18.78
C LEU B 252 7.59 -7.83 17.72
N HIS B 253 6.41 -7.34 18.08
CA HIS B 253 5.63 -6.62 17.10
C HIS B 253 6.28 -5.29 16.72
N ASP B 254 7.21 -4.82 17.56
CA ASP B 254 7.91 -3.57 17.26
C ASP B 254 8.87 -3.88 16.12
N LEU B 255 9.56 -5.02 16.22
CA LEU B 255 10.50 -5.45 15.20
C LEU B 255 9.78 -5.65 13.87
N LEU B 256 8.57 -6.21 13.93
CA LEU B 256 7.77 -6.45 12.74
C LEU B 256 7.46 -5.11 12.08
N ALA B 257 7.00 -4.16 12.90
CA ALA B 257 6.66 -2.84 12.41
C ALA B 257 7.90 -2.18 11.80
N ILE B 258 9.05 -2.41 12.41
CA ILE B 258 10.30 -1.84 11.93
C ILE B 258 10.64 -2.42 10.56
N ILE B 259 10.55 -3.74 10.39
CA ILE B 259 10.88 -4.30 9.09
C ILE B 259 9.84 -3.85 8.06
N ASN B 260 8.56 -3.86 8.44
CA ASN B 260 7.49 -3.46 7.51
C ASN B 260 7.59 -2.02 7.04
N LYS B 261 7.98 -1.14 7.94
CA LYS B 261 8.08 0.28 7.61
C LYS B 261 9.46 0.69 7.09
N GLY B 262 10.44 -0.21 7.15
CA GLY B 262 11.78 0.13 6.71
C GLY B 262 12.28 1.29 7.56
N ALA B 263 12.15 1.14 8.88
CA ALA B 263 12.54 2.18 9.81
C ALA B 263 13.96 2.07 10.37
N ALA B 264 14.73 1.08 9.95
CA ALA B 264 16.08 0.93 10.50
C ALA B 264 17.05 0.11 9.67
N ASP B 265 18.33 0.47 9.77
CA ASP B 265 19.42 -0.20 9.07
C ASP B 265 20.14 -1.16 10.02
N GLY B 266 19.76 -1.13 11.30
CA GLY B 266 20.40 -1.99 12.30
C GLY B 266 19.70 -1.89 13.64
N LEU B 267 19.98 -2.83 14.54
CA LEU B 267 19.30 -2.84 15.84
C LEU B 267 20.19 -2.94 17.08
N MET B 268 19.65 -2.47 18.20
CA MET B 268 20.34 -2.52 19.50
C MET B 268 19.43 -3.33 20.42
N ILE B 269 20.02 -4.17 21.26
CA ILE B 269 19.22 -4.97 22.19
C ILE B 269 19.82 -4.92 23.58
N LYS B 270 18.97 -5.18 24.57
CA LYS B 270 19.37 -5.26 25.97
C LYS B 270 18.53 -6.41 26.50
N THR B 271 19.14 -7.32 27.24
CA THR B 271 18.41 -8.44 27.78
C THR B 271 17.24 -7.93 28.63
N GLN B 272 17.46 -6.83 29.34
CA GLN B 272 16.41 -6.27 30.20
C GLN B 272 15.26 -5.65 29.40
N LYS B 273 15.56 -5.13 28.21
CA LYS B 273 14.53 -4.52 27.36
C LYS B 273 13.71 -5.62 26.71
N ALA B 274 14.39 -6.68 26.29
CA ALA B 274 13.72 -7.82 25.65
C ALA B 274 12.79 -8.52 26.64
N GLY B 275 13.21 -8.58 27.89
CA GLY B 275 12.41 -9.21 28.92
C GLY B 275 12.95 -10.55 29.41
N GLY B 276 14.19 -10.87 29.07
CA GLY B 276 14.78 -12.13 29.48
C GLY B 276 15.58 -12.80 28.37
N LEU B 277 16.26 -13.89 28.71
CA LEU B 277 17.06 -14.62 27.73
C LEU B 277 16.17 -15.31 26.70
N LEU B 278 15.09 -15.94 27.17
CA LEU B 278 14.19 -16.61 26.24
C LEU B 278 13.55 -15.55 25.33
N LYS B 279 13.06 -14.47 25.92
CA LYS B 279 12.44 -13.38 25.15
C LYS B 279 13.47 -12.80 24.17
N ALA B 280 14.72 -12.71 24.62
CA ALA B 280 15.81 -12.19 23.79
C ALA B 280 16.05 -13.11 22.59
N GLN B 281 15.95 -14.42 22.80
CA GLN B 281 16.16 -15.36 21.69
C GLN B 281 15.05 -15.15 20.66
N ARG B 282 13.83 -14.91 21.13
CA ARG B 282 12.71 -14.68 20.23
C ARG B 282 12.99 -13.40 19.45
N TRP B 283 13.43 -12.38 20.17
CA TRP B 283 13.77 -11.07 19.60
C TRP B 283 14.81 -11.27 18.49
N LEU B 284 15.81 -12.09 18.77
CA LEU B 284 16.89 -12.35 17.82
C LEU B 284 16.43 -13.18 16.61
N THR B 285 15.29 -13.86 16.74
CA THR B 285 14.77 -14.62 15.63
C THR B 285 14.26 -13.62 14.61
N LEU B 286 13.57 -12.59 15.09
CA LEU B 286 13.06 -11.56 14.20
C LEU B 286 14.18 -10.72 13.62
N ALA B 287 15.24 -10.47 14.39
CA ALA B 287 16.38 -9.71 13.89
C ALA B 287 17.02 -10.46 12.73
N ARG B 288 17.09 -11.79 12.88
CA ARG B 288 17.64 -12.68 11.87
C ARG B 288 16.79 -12.58 10.59
N LEU B 289 15.48 -12.59 10.76
CA LEU B 289 14.55 -12.49 9.64
C LEU B 289 14.72 -11.16 8.90
N ALA B 290 15.03 -10.11 9.66
CA ALA B 290 15.24 -8.79 9.07
C ALA B 290 16.64 -8.67 8.47
N ASN B 291 17.48 -9.68 8.73
CA ASN B 291 18.85 -9.69 8.24
C ASN B 291 19.57 -8.40 8.63
N LEU B 292 19.34 -7.96 9.87
CA LEU B 292 19.93 -6.74 10.41
C LEU B 292 20.93 -7.03 11.52
N PRO B 293 21.96 -6.18 11.64
CA PRO B 293 22.97 -6.37 12.68
C PRO B 293 22.37 -6.06 14.06
N VAL B 294 22.93 -6.67 15.09
CA VAL B 294 22.44 -6.46 16.44
C VAL B 294 23.57 -6.23 17.45
N ILE B 295 23.51 -5.11 18.16
CA ILE B 295 24.52 -4.77 19.15
C ILE B 295 23.84 -4.77 20.51
N CYS B 296 24.31 -5.61 21.41
CA CYS B 296 23.73 -5.72 22.74
C CYS B 296 24.41 -4.80 23.75
N GLY B 297 23.61 -4.03 24.47
CA GLY B 297 24.14 -3.13 25.48
C GLY B 297 23.87 -3.73 26.85
N CYS B 298 23.65 -2.87 27.84
CA CYS B 298 23.38 -3.36 29.18
C CYS B 298 22.77 -2.29 30.05
N MET B 299 22.36 -2.69 31.25
CA MET B 299 21.82 -1.75 32.22
C MET B 299 22.90 -1.75 33.30
N VAL B 300 23.89 -0.87 33.11
CA VAL B 300 25.04 -0.72 34.00
C VAL B 300 24.93 -1.52 35.30
N GLY B 301 25.65 -2.64 35.34
CA GLY B 301 25.60 -3.48 36.51
C GLY B 301 26.88 -4.26 36.77
N SER B 302 26.83 -5.06 37.84
CA SER B 302 27.95 -5.90 38.29
C SER B 302 28.27 -7.01 37.30
N GLY B 303 29.21 -7.87 37.69
CA GLY B 303 29.59 -8.98 36.85
C GLY B 303 28.42 -9.94 36.74
N LEU B 304 27.47 -9.84 37.67
CA LEU B 304 26.31 -10.72 37.63
C LEU B 304 25.33 -10.20 36.58
N GLU B 305 25.26 -8.88 36.45
CA GLU B 305 24.37 -8.26 35.47
C GLU B 305 24.86 -8.52 34.05
N ALA B 306 26.17 -8.59 33.89
CA ALA B 306 26.77 -8.80 32.58
C ALA B 306 26.74 -10.27 32.15
N SER B 307 26.51 -11.17 33.09
CA SER B 307 26.50 -12.60 32.81
C SER B 307 25.44 -13.14 31.86
N PRO B 308 24.15 -12.83 32.10
CA PRO B 308 23.15 -13.36 31.17
C PRO B 308 23.48 -12.99 29.73
N ALA B 309 23.82 -11.73 29.51
CA ALA B 309 24.15 -11.25 28.18
C ALA B 309 25.42 -11.93 27.66
N ALA B 310 26.39 -12.15 28.54
CA ALA B 310 27.63 -12.78 28.15
C ALA B 310 27.34 -14.15 27.53
N HIS B 311 26.51 -14.93 28.22
CA HIS B 311 26.14 -16.26 27.74
C HIS B 311 25.38 -16.21 26.42
N LEU B 312 24.41 -15.29 26.33
CA LEU B 312 23.60 -15.13 25.13
C LEU B 312 24.43 -14.75 23.89
N LEU B 313 25.34 -13.80 24.05
CA LEU B 313 26.16 -13.34 22.93
C LEU B 313 27.20 -14.33 22.45
N ALA B 314 27.53 -15.30 23.29
CA ALA B 314 28.51 -16.32 22.91
C ALA B 314 27.78 -17.53 22.33
N ALA B 315 26.49 -17.65 22.63
CA ALA B 315 25.69 -18.79 22.16
C ALA B 315 24.84 -18.52 20.92
N ASN B 316 24.10 -17.42 20.91
CA ASN B 316 23.21 -17.10 19.80
C ASN B 316 23.94 -16.87 18.48
N ASP B 317 23.68 -17.76 17.51
CA ASP B 317 24.31 -17.70 16.21
C ASP B 317 24.14 -16.36 15.49
N TRP B 318 22.97 -15.75 15.58
CA TRP B 318 22.79 -14.49 14.89
C TRP B 318 23.62 -13.36 15.49
N ILE B 319 23.49 -13.14 16.79
CA ILE B 319 24.21 -12.06 17.44
C ILE B 319 25.72 -12.31 17.53
N ALA B 320 26.14 -13.55 17.34
CA ALA B 320 27.56 -13.91 17.40
C ALA B 320 28.33 -13.40 16.18
N GLN B 321 27.65 -12.63 15.33
CA GLN B 321 28.25 -12.09 14.12
C GLN B 321 28.76 -10.66 14.28
N PHE B 322 28.31 -9.99 15.34
CA PHE B 322 28.66 -8.59 15.50
C PHE B 322 29.33 -8.19 16.80
N PRO B 323 30.12 -7.10 16.76
CA PRO B 323 30.80 -6.62 17.97
C PRO B 323 29.70 -6.19 18.94
N GLN B 324 29.94 -6.37 20.23
CA GLN B 324 28.95 -6.05 21.25
C GLN B 324 29.30 -4.87 22.15
N GLU B 325 28.41 -4.58 23.10
CA GLU B 325 28.62 -3.46 24.00
C GLU B 325 28.13 -3.77 25.41
N ASN B 326 28.33 -5.00 25.86
CA ASN B 326 27.91 -5.46 27.18
C ASN B 326 29.10 -5.32 28.16
N ALA B 327 29.30 -4.12 28.70
CA ALA B 327 30.43 -3.87 29.60
C ALA B 327 30.12 -3.12 30.91
N GLY B 328 29.01 -3.45 31.56
CA GLY B 328 28.65 -2.77 32.80
C GLY B 328 29.74 -2.70 33.86
N PRO B 329 30.44 -3.80 34.15
CA PRO B 329 31.50 -3.78 35.16
C PRO B 329 32.62 -2.76 34.88
N LEU B 330 32.95 -2.56 33.61
CA LEU B 330 34.01 -1.60 33.27
C LEU B 330 33.56 -0.17 33.54
N HIS B 331 32.25 0.06 33.56
CA HIS B 331 31.72 1.40 33.82
C HIS B 331 31.64 1.67 35.31
N ILE B 332 31.22 0.67 36.06
CA ILE B 332 31.11 0.79 37.50
C ILE B 332 32.50 0.99 38.11
N HIS B 333 33.43 0.12 37.73
CA HIS B 333 34.79 0.17 38.26
C HIS B 333 35.76 1.10 37.54
N ASP B 334 35.27 1.84 36.56
CA ASP B 334 36.08 2.80 35.82
C ASP B 334 37.43 2.25 35.33
N CYS B 335 37.37 1.16 34.57
CA CYS B 335 38.56 0.52 34.02
C CYS B 335 38.26 -0.03 32.62
N LEU B 336 39.29 -0.54 31.94
CA LEU B 336 39.10 -1.08 30.59
C LEU B 336 39.26 -2.59 30.51
N ASN B 337 39.53 -3.24 31.65
CA ASN B 337 39.68 -4.69 31.69
C ASN B 337 39.31 -5.18 33.07
N SER B 338 38.91 -6.45 33.19
CA SER B 338 38.49 -6.97 34.47
C SER B 338 39.60 -7.29 35.47
N ARG B 339 40.85 -7.33 35.02
CA ARG B 339 41.92 -7.62 35.97
C ARG B 339 41.98 -6.46 36.98
N ASP B 340 41.56 -5.28 36.56
CA ASP B 340 41.56 -4.09 37.42
C ASP B 340 40.36 -3.99 38.36
N ILE B 341 39.61 -5.09 38.48
CA ILE B 341 38.43 -5.11 39.35
C ILE B 341 38.63 -6.08 40.51
N ASP B 342 38.29 -5.65 41.72
CA ASP B 342 38.45 -6.54 42.87
C ASP B 342 37.35 -6.44 43.92
N ASN B 343 36.46 -5.44 43.80
CA ASN B 343 35.38 -5.27 44.76
C ASN B 343 33.98 -5.24 44.14
N ASP B 344 33.69 -6.17 43.24
CA ASP B 344 32.38 -6.25 42.59
C ASP B 344 31.57 -7.27 43.41
N ILE B 345 30.25 -7.20 43.35
CA ILE B 345 29.47 -8.17 44.11
C ILE B 345 29.69 -9.57 43.56
N ALA B 346 30.28 -9.64 42.37
CA ALA B 346 30.60 -10.92 41.78
C ALA B 346 32.05 -11.16 42.19
N LEU B 347 32.29 -12.22 42.96
CA LEU B 347 33.63 -12.55 43.40
C LEU B 347 34.47 -12.88 42.17
N ASN B 348 33.81 -13.41 41.14
CA ASN B 348 34.51 -13.77 39.91
C ASN B 348 33.88 -13.10 38.68
N VAL B 349 34.23 -11.85 38.46
CA VAL B 349 33.73 -11.07 37.34
C VAL B 349 34.16 -11.69 36.01
N PRO B 350 33.22 -11.84 35.06
CA PRO B 350 33.58 -12.43 33.76
C PRO B 350 34.80 -11.71 33.20
N ARG B 351 35.63 -12.42 32.45
CA ARG B 351 36.84 -11.83 31.90
C ARG B 351 36.69 -10.82 30.76
N PHE B 352 37.15 -9.61 31.00
CA PHE B 352 37.16 -8.53 30.01
C PHE B 352 38.66 -8.29 29.74
N GLU B 353 39.13 -8.72 28.58
CA GLU B 353 40.53 -8.59 28.19
C GLU B 353 40.74 -8.15 26.75
N GLY B 354 41.67 -7.21 26.56
CA GLY B 354 42.01 -6.73 25.23
C GLY B 354 40.84 -6.42 24.30
N GLY B 355 39.72 -5.94 24.85
CA GLY B 355 38.57 -5.62 24.03
C GLY B 355 37.67 -6.81 23.72
N TYR B 356 37.77 -7.86 24.53
CA TYR B 356 36.95 -9.06 24.35
C TYR B 356 36.36 -9.51 25.67
N LEU B 357 35.13 -10.03 25.61
CA LEU B 357 34.45 -10.53 26.79
C LEU B 357 34.42 -12.05 26.68
N TYR B 358 34.75 -12.71 27.78
CA TYR B 358 34.75 -14.17 27.82
C TYR B 358 33.69 -14.60 28.82
N PRO B 359 32.79 -15.52 28.42
CA PRO B 359 31.77 -15.94 29.37
C PRO B 359 32.40 -16.89 30.40
N ASN B 360 31.85 -16.93 31.60
CA ASN B 360 32.40 -17.85 32.60
C ASN B 360 32.01 -19.26 32.18
N ASP B 361 32.69 -20.26 32.73
CA ASP B 361 32.42 -21.65 32.36
C ASP B 361 31.84 -22.53 33.45
N GLY B 362 31.49 -21.93 34.59
CA GLY B 362 30.92 -22.70 35.68
C GLY B 362 29.42 -22.90 35.49
N PRO B 363 28.79 -23.74 36.33
CA PRO B 363 27.34 -23.98 36.20
C PRO B 363 26.51 -22.70 36.26
N GLY B 364 25.37 -22.73 35.58
CA GLY B 364 24.49 -21.56 35.56
C GLY B 364 25.16 -20.35 34.96
N LEU B 365 24.91 -19.18 35.55
CA LEU B 365 25.49 -17.94 35.06
C LEU B 365 27.00 -17.89 35.36
N GLY B 366 27.46 -18.79 36.22
CA GLY B 366 28.87 -18.86 36.57
C GLY B 366 29.37 -17.78 37.52
N ILE B 367 28.45 -17.23 38.32
CA ILE B 367 28.82 -16.18 39.27
C ILE B 367 28.63 -16.58 40.73
N GLU B 368 29.60 -16.19 41.56
CA GLU B 368 29.52 -16.44 42.99
C GLU B 368 29.54 -15.08 43.67
N LEU B 369 28.53 -14.84 44.49
CA LEU B 369 28.38 -13.56 45.16
C LEU B 369 29.15 -13.34 46.45
N ASN B 370 29.63 -12.12 46.62
CA ASN B 370 30.32 -11.71 47.82
C ASN B 370 29.16 -11.33 48.73
N GLU B 371 28.68 -12.28 49.51
CA GLU B 371 27.53 -12.05 50.37
C GLU B 371 27.64 -10.83 51.29
N ASP B 372 28.75 -10.67 52.01
CA ASP B 372 28.84 -9.51 52.89
C ASP B 372 28.93 -8.18 52.15
N LEU B 373 29.46 -8.18 50.92
CA LEU B 373 29.53 -6.93 50.16
C LEU B 373 28.12 -6.54 49.71
N VAL B 374 27.28 -7.55 49.44
CA VAL B 374 25.91 -7.29 49.03
C VAL B 374 25.19 -6.67 50.21
N ARG B 375 25.40 -7.23 51.40
CA ARG B 375 24.78 -6.72 52.62
C ARG B 375 25.15 -5.26 52.85
N ARG B 376 26.41 -4.92 52.63
CA ARG B 376 26.87 -3.55 52.83
C ARG B 376 26.23 -2.59 51.82
N LEU B 377 25.92 -3.11 50.63
CA LEU B 377 25.33 -2.28 49.58
C LEU B 377 23.81 -2.16 49.59
N VAL B 378 23.13 -2.83 50.52
CA VAL B 378 21.68 -2.72 50.56
C VAL B 378 21.29 -1.24 50.63
N THR B 379 20.38 -0.84 49.75
CA THR B 379 19.93 0.56 49.69
C THR B 379 19.48 1.12 51.05
N PRO B 380 20.16 2.18 51.52
CA PRO B 380 19.84 2.82 52.81
C PRO B 380 18.35 3.12 52.92
N GLY B 381 17.76 2.71 54.04
CA GLY B 381 16.34 2.94 54.25
C GLY B 381 15.50 1.81 53.69
N LYS B 382 16.17 0.83 53.07
CA LYS B 382 15.45 -0.31 52.49
C LYS B 382 16.03 -1.62 53.00
N ALA B 383 15.24 -2.68 52.87
CA ALA B 383 15.66 -4.00 53.32
C ALA B 383 15.24 -5.05 52.31
N ALA B 384 15.88 -6.21 52.35
CA ALA B 384 15.56 -7.28 51.43
C ALA B 384 14.16 -7.79 51.74
N ARG B 385 13.45 -8.26 50.71
CA ARG B 385 12.13 -8.78 50.93
C ARG B 385 12.13 -10.25 50.53
N VAL B 386 11.50 -11.07 51.37
CA VAL B 386 11.43 -12.51 51.17
C VAL B 386 9.99 -12.98 51.11
N VAL B 387 9.70 -13.88 50.18
CA VAL B 387 8.36 -14.41 50.03
C VAL B 387 8.40 -15.92 49.95
N THR B 388 7.60 -16.56 50.79
CA THR B 388 7.54 -18.02 50.83
C THR B 388 6.07 -18.43 50.81
N LEU C 3 9.65 -42.54 -30.64
CA LEU C 3 8.19 -42.33 -30.39
C LEU C 3 7.85 -42.51 -28.92
N LYS C 4 8.56 -43.40 -28.23
CA LYS C 4 8.34 -43.62 -26.81
C LYS C 4 9.64 -43.89 -26.07
N ILE C 5 9.75 -43.34 -24.87
CA ILE C 5 10.93 -43.51 -24.04
C ILE C 5 10.85 -44.90 -23.42
N THR C 6 11.86 -45.72 -23.65
CA THR C 6 11.87 -47.08 -23.11
C THR C 6 12.96 -47.35 -22.07
N LYS C 7 13.91 -46.44 -21.94
CA LYS C 7 14.97 -46.61 -20.96
C LYS C 7 15.53 -45.28 -20.48
N VAL C 8 15.70 -45.16 -19.17
CA VAL C 8 16.26 -43.95 -18.58
C VAL C 8 17.60 -44.31 -17.96
N GLU C 9 18.64 -43.61 -18.37
CA GLU C 9 19.99 -43.85 -17.88
C GLU C 9 20.64 -42.61 -17.30
N VAL C 10 21.15 -42.72 -16.08
CA VAL C 10 21.81 -41.60 -15.41
C VAL C 10 23.25 -42.00 -15.08
N ILE C 11 24.20 -41.20 -15.56
CA ILE C 11 25.61 -41.48 -15.36
C ILE C 11 26.29 -40.46 -14.46
N PRO C 12 26.83 -40.90 -13.31
CA PRO C 12 27.49 -39.94 -12.42
C PRO C 12 28.91 -39.71 -12.91
N ILE C 13 29.28 -38.47 -13.16
CA ILE C 13 30.62 -38.20 -13.64
C ILE C 13 31.33 -37.15 -12.82
N SER C 14 32.65 -37.30 -12.75
CA SER C 14 33.51 -36.36 -12.02
C SER C 14 34.57 -35.88 -12.98
N THR C 15 34.50 -34.60 -13.35
CA THR C 15 35.44 -34.00 -14.29
C THR C 15 36.50 -33.15 -13.61
N PRO C 16 37.77 -33.54 -13.73
CA PRO C 16 38.77 -32.69 -13.07
C PRO C 16 38.92 -31.40 -13.87
N MET C 17 39.37 -30.34 -13.22
CA MET C 17 39.50 -29.07 -13.95
C MET C 17 40.91 -28.63 -14.26
N LYS C 18 40.99 -27.78 -15.28
CA LYS C 18 42.24 -27.19 -15.76
C LYS C 18 43.05 -28.11 -16.65
N ARG C 30 37.70 -31.03 -8.71
CA ARG C 30 36.94 -31.76 -9.71
C ARG C 30 35.46 -31.36 -9.65
N ILE C 31 34.78 -31.40 -10.79
CA ILE C 31 33.37 -31.04 -10.86
C ILE C 31 32.52 -32.32 -10.85
N ASP C 32 31.58 -32.41 -9.91
CA ASP C 32 30.72 -33.58 -9.82
C ASP C 32 29.35 -33.31 -10.43
N GLY C 33 29.06 -34.00 -11.54
CA GLY C 33 27.79 -33.81 -12.20
C GLY C 33 27.12 -35.11 -12.57
N VAL C 34 26.17 -35.01 -13.50
CA VAL C 34 25.44 -36.16 -13.96
C VAL C 34 25.06 -36.00 -15.43
N LEU C 35 25.07 -37.12 -16.16
CA LEU C 35 24.66 -37.11 -17.55
C LEU C 35 23.38 -37.93 -17.62
N LEU C 36 22.47 -37.55 -18.51
CA LEU C 36 21.22 -38.27 -18.65
C LEU C 36 21.03 -38.75 -20.09
N LYS C 37 20.54 -39.97 -20.23
CA LYS C 37 20.25 -40.52 -21.54
C LYS C 37 18.83 -41.07 -21.54
N LEU C 38 18.00 -40.52 -22.42
CA LEU C 38 16.62 -40.97 -22.57
C LEU C 38 16.56 -41.77 -23.87
N HIS C 39 16.50 -43.10 -23.75
CA HIS C 39 16.43 -43.96 -24.92
C HIS C 39 15.00 -44.13 -25.44
N SER C 40 14.83 -44.06 -26.76
CA SER C 40 13.51 -44.22 -27.37
C SER C 40 13.40 -45.59 -28.02
N ASP C 41 12.20 -45.98 -28.41
CA ASP C 41 12.01 -47.29 -29.03
C ASP C 41 12.34 -47.29 -30.51
N GLU C 42 12.89 -46.19 -31.01
CA GLU C 42 13.27 -46.12 -32.41
C GLU C 42 14.73 -45.73 -32.59
N GLY C 43 15.56 -46.13 -31.63
CA GLY C 43 16.99 -45.86 -31.72
C GLY C 43 17.51 -44.53 -31.21
N LEU C 44 16.81 -43.44 -31.48
CA LEU C 44 17.25 -42.13 -31.03
C LEU C 44 17.39 -42.04 -29.52
N VAL C 45 18.38 -41.28 -29.06
CA VAL C 45 18.62 -41.10 -27.64
C VAL C 45 18.81 -39.64 -27.26
N GLY C 46 18.00 -39.14 -26.33
CA GLY C 46 18.14 -37.77 -25.91
C GLY C 46 19.19 -37.69 -24.82
N ILE C 47 20.14 -36.77 -24.94
CA ILE C 47 21.20 -36.65 -23.94
C ILE C 47 21.25 -35.28 -23.28
N ALA C 48 21.84 -35.21 -22.09
CA ALA C 48 21.95 -33.97 -21.37
C ALA C 48 22.97 -34.06 -20.25
N ASP C 49 23.51 -32.90 -19.87
CA ASP C 49 24.50 -32.79 -18.81
C ASP C 49 23.94 -31.81 -17.78
N ALA C 50 23.72 -32.28 -16.55
CA ALA C 50 23.18 -31.43 -15.50
C ALA C 50 24.14 -30.31 -15.14
N GLY C 51 25.43 -30.57 -15.36
CA GLY C 51 26.44 -29.58 -15.03
C GLY C 51 26.86 -29.81 -13.59
N ASP C 52 27.71 -28.91 -13.10
CA ASP C 52 28.22 -28.99 -11.73
C ASP C 52 27.08 -28.97 -10.70
N THR C 53 27.31 -29.55 -9.53
CA THR C 53 26.31 -29.54 -8.46
C THR C 53 26.83 -28.61 -7.37
N SER C 54 25.94 -27.84 -6.77
CA SER C 54 26.33 -26.90 -5.73
C SER C 54 25.37 -26.95 -4.55
N SER C 55 25.88 -27.37 -3.40
CA SER C 55 25.05 -27.47 -2.21
C SER C 55 24.41 -26.14 -1.82
N TRP C 56 25.18 -25.06 -1.87
CA TRP C 56 24.64 -23.75 -1.48
C TRP C 56 23.82 -23.01 -2.53
N TYR C 57 24.23 -23.09 -3.80
CA TYR C 57 23.49 -22.39 -4.84
C TYR C 57 22.21 -23.08 -5.28
N ARG C 58 22.25 -24.40 -5.45
CA ARG C 58 21.08 -25.15 -5.89
C ARG C 58 20.56 -26.11 -4.83
N GLY C 59 21.48 -26.79 -4.15
CA GLY C 59 21.09 -27.72 -3.10
C GLY C 59 20.85 -29.14 -3.57
N GLU C 60 21.24 -29.43 -4.81
CA GLU C 60 21.08 -30.77 -5.36
C GLU C 60 22.45 -31.42 -5.55
N THR C 61 22.48 -32.75 -5.54
CA THR C 61 23.72 -33.51 -5.67
C THR C 61 23.58 -34.60 -6.71
N GLN C 62 24.69 -35.28 -7.00
CA GLN C 62 24.65 -36.37 -7.97
C GLN C 62 23.59 -37.37 -7.51
N ASP C 63 23.62 -37.71 -6.23
CA ASP C 63 22.69 -38.68 -5.70
C ASP C 63 21.22 -38.22 -5.67
N SER C 64 20.98 -36.96 -5.31
CA SER C 64 19.59 -36.49 -5.27
C SER C 64 19.03 -36.50 -6.69
N ILE C 65 19.79 -35.98 -7.64
CA ILE C 65 19.35 -35.95 -9.03
C ILE C 65 19.11 -37.37 -9.57
N THR C 66 20.06 -38.26 -9.36
CA THR C 66 19.92 -39.63 -9.86
C THR C 66 18.68 -40.31 -9.29
N SER C 67 18.48 -40.17 -7.99
CA SER C 67 17.34 -40.79 -7.35
C SER C 67 16.02 -40.18 -7.81
N MET C 68 15.93 -38.86 -7.87
CA MET C 68 14.67 -38.25 -8.29
C MET C 68 14.33 -38.66 -9.73
N ILE C 69 15.33 -38.72 -10.59
CA ILE C 69 15.08 -39.11 -11.99
C ILE C 69 14.74 -40.59 -12.14
N CYS C 70 15.54 -41.47 -11.53
CA CYS C 70 15.31 -42.91 -11.64
C CYS C 70 14.21 -43.50 -10.77
N ASP C 71 14.09 -43.02 -9.53
CA ASP C 71 13.08 -43.53 -8.60
C ASP C 71 11.71 -42.87 -8.73
N PHE C 72 11.67 -41.69 -9.34
CA PHE C 72 10.40 -40.98 -9.48
C PHE C 72 10.03 -40.59 -10.90
N PHE C 73 10.76 -39.67 -11.50
CA PHE C 73 10.41 -39.24 -12.85
C PHE C 73 10.30 -40.40 -13.85
N ALA C 74 11.31 -41.27 -13.87
CA ALA C 74 11.32 -42.40 -14.81
C ALA C 74 10.06 -43.28 -14.77
N PRO C 75 9.78 -43.94 -13.64
CA PRO C 75 8.59 -44.77 -13.64
C PRO C 75 7.25 -44.02 -13.72
N LYS C 76 7.17 -42.87 -13.04
CA LYS C 76 5.90 -42.12 -13.01
C LYS C 76 5.57 -41.18 -14.16
N VAL C 77 6.58 -40.69 -14.88
CA VAL C 77 6.31 -39.73 -15.96
C VAL C 77 6.96 -40.00 -17.31
N LEU C 78 8.20 -40.47 -17.31
CA LEU C 78 8.93 -40.69 -18.55
C LEU C 78 8.75 -42.02 -19.30
N LEU C 79 8.99 -43.14 -18.61
CA LEU C 79 8.87 -44.43 -19.26
C LEU C 79 7.51 -44.66 -19.91
N GLY C 80 7.54 -44.97 -21.20
CA GLY C 80 6.32 -45.21 -21.95
C GLY C 80 5.67 -43.96 -22.51
N GLU C 81 6.27 -42.80 -22.23
CA GLU C 81 5.70 -41.55 -22.71
C GLU C 81 6.34 -41.06 -24.02
N ASP C 82 5.58 -40.26 -24.74
CA ASP C 82 6.00 -39.65 -26.01
C ASP C 82 6.81 -38.41 -25.64
N PRO C 83 8.13 -38.41 -25.94
CA PRO C 83 9.01 -37.28 -25.63
C PRO C 83 8.62 -35.91 -26.20
N THR C 84 7.79 -35.89 -27.24
CA THR C 84 7.37 -34.62 -27.83
C THR C 84 6.41 -33.84 -26.90
N LYS C 85 5.81 -34.53 -25.94
CA LYS C 85 4.86 -33.89 -25.02
C LYS C 85 5.58 -33.23 -23.87
N ILE C 86 6.40 -32.24 -24.22
CA ILE C 86 7.19 -31.50 -23.26
C ILE C 86 6.38 -30.70 -22.24
N GLU C 87 5.35 -29.98 -22.69
CA GLU C 87 4.52 -29.20 -21.77
C GLU C 87 3.92 -30.14 -20.70
N LYS C 88 3.44 -31.29 -21.17
CA LYS C 88 2.84 -32.27 -20.27
C LYS C 88 3.84 -32.82 -19.27
N ILE C 89 4.97 -33.32 -19.76
CA ILE C 89 6.00 -33.89 -18.90
C ILE C 89 6.49 -32.88 -17.86
N VAL C 90 6.79 -31.66 -18.32
CA VAL C 90 7.25 -30.62 -17.42
C VAL C 90 6.20 -30.36 -16.34
N GLY C 91 4.93 -30.34 -16.73
CA GLY C 91 3.87 -30.11 -15.78
C GLY C 91 3.78 -31.22 -14.74
N ARG C 92 3.83 -32.46 -15.20
CA ARG C 92 3.76 -33.60 -14.31
C ARG C 92 4.92 -33.67 -13.33
N MET C 93 6.13 -33.33 -13.77
CA MET C 93 7.27 -33.35 -12.86
C MET C 93 7.06 -32.32 -11.77
N ASP C 94 6.51 -31.16 -12.13
CA ASP C 94 6.27 -30.11 -11.15
C ASP C 94 5.21 -30.50 -10.13
N ILE C 95 4.21 -31.27 -10.56
CA ILE C 95 3.15 -31.71 -9.65
C ILE C 95 3.69 -32.79 -8.72
N LEU C 96 4.50 -33.69 -9.28
CA LEU C 96 5.07 -34.80 -8.53
C LEU C 96 6.18 -34.41 -7.56
N THR C 97 6.97 -33.40 -7.93
CA THR C 97 8.12 -33.02 -7.11
C THR C 97 8.32 -31.54 -6.79
N ARG C 98 8.54 -31.24 -5.50
CA ARG C 98 8.81 -29.89 -5.07
C ARG C 98 10.31 -29.66 -5.31
N ASP C 99 10.70 -28.45 -5.69
CA ASP C 99 12.11 -28.14 -5.93
C ASP C 99 12.79 -29.11 -6.92
N ASN C 100 14.04 -29.47 -6.68
CA ASN C 100 14.77 -30.38 -7.58
C ASN C 100 14.86 -29.78 -9.00
N ASN C 101 14.99 -28.47 -9.08
CA ASN C 101 15.05 -27.76 -10.35
C ASN C 101 16.12 -28.26 -11.30
N GLN C 102 17.29 -28.60 -10.78
CA GLN C 102 18.38 -29.07 -11.64
C GLN C 102 18.05 -30.44 -12.24
N ALA C 103 17.42 -31.31 -11.46
CA ALA C 103 17.05 -32.64 -11.95
C ALA C 103 15.98 -32.49 -13.05
N LYS C 104 15.00 -31.64 -12.79
CA LYS C 104 13.93 -31.42 -13.76
C LYS C 104 14.54 -30.83 -15.03
N ALA C 105 15.48 -29.89 -14.86
CA ALA C 105 16.13 -29.25 -16.00
C ALA C 105 16.85 -30.26 -16.87
N THR C 106 17.58 -31.17 -16.24
CA THR C 106 18.31 -32.20 -16.96
C THR C 106 17.36 -33.01 -17.85
N VAL C 107 16.24 -33.45 -17.27
CA VAL C 107 15.26 -34.20 -18.06
C VAL C 107 14.75 -33.35 -19.22
N ASP C 108 14.42 -32.10 -18.94
CA ASP C 108 13.93 -31.16 -19.97
C ASP C 108 14.93 -31.05 -21.11
N PHE C 109 16.21 -30.92 -20.78
CA PHE C 109 17.25 -30.78 -21.79
C PHE C 109 17.28 -31.98 -22.72
N ALA C 110 17.25 -33.18 -22.15
CA ALA C 110 17.29 -34.42 -22.92
C ALA C 110 16.04 -34.56 -23.80
N LEU C 111 14.91 -34.08 -23.31
CA LEU C 111 13.67 -34.16 -24.07
C LEU C 111 13.79 -33.31 -25.34
N HIS C 112 14.25 -32.08 -25.20
CA HIS C 112 14.41 -31.21 -26.35
C HIS C 112 15.42 -31.81 -27.32
N ASP C 113 16.45 -32.45 -26.76
CA ASP C 113 17.45 -33.07 -27.62
C ASP C 113 16.82 -34.19 -28.45
N LEU C 114 16.01 -35.02 -27.79
CA LEU C 114 15.35 -36.13 -28.48
C LEU C 114 14.32 -35.64 -29.50
N VAL C 115 13.55 -34.63 -29.13
CA VAL C 115 12.54 -34.08 -30.04
C VAL C 115 13.24 -33.50 -31.26
N GLY C 116 14.29 -32.71 -31.02
CA GLY C 116 15.04 -32.13 -32.11
C GLY C 116 15.57 -33.22 -33.05
N LYS C 117 16.12 -34.28 -32.46
CA LYS C 117 16.64 -35.39 -33.25
C LYS C 117 15.54 -36.06 -34.05
N ARG C 118 14.38 -36.25 -33.44
CA ARG C 118 13.25 -36.89 -34.12
C ARG C 118 12.71 -36.05 -35.28
N PHE C 119 12.69 -34.73 -35.11
CA PHE C 119 12.19 -33.84 -36.18
C PHE C 119 13.31 -33.40 -37.12
N GLY C 120 14.55 -33.70 -36.75
CA GLY C 120 15.68 -33.32 -37.57
C GLY C 120 16.00 -31.84 -37.53
N VAL C 121 15.81 -31.21 -36.37
CA VAL C 121 16.10 -29.78 -36.27
C VAL C 121 16.85 -29.43 -34.99
N PRO C 122 17.66 -28.37 -35.04
CA PRO C 122 18.42 -27.93 -33.87
C PRO C 122 17.38 -27.47 -32.84
N VAL C 123 17.73 -27.55 -31.56
CA VAL C 123 16.81 -27.15 -30.50
C VAL C 123 16.35 -25.69 -30.61
N TYR C 124 17.20 -24.80 -31.11
CA TYR C 124 16.78 -23.41 -31.22
C TYR C 124 15.54 -23.26 -32.11
N GLN C 125 15.31 -24.23 -32.99
CA GLN C 125 14.13 -24.20 -33.86
C GLN C 125 12.86 -24.46 -33.06
N LEU C 126 12.98 -25.21 -31.97
CA LEU C 126 11.86 -25.54 -31.11
C LEU C 126 11.61 -24.42 -30.11
N LEU C 127 12.60 -23.56 -29.95
CA LEU C 127 12.51 -22.45 -29.00
C LEU C 127 12.15 -21.12 -29.65
N GLY C 128 11.69 -21.16 -30.90
CA GLY C 128 11.30 -19.93 -31.58
C GLY C 128 12.18 -19.49 -32.73
N GLY C 129 13.17 -20.31 -33.10
CA GLY C 129 14.05 -19.95 -34.20
C GLY C 129 15.30 -19.19 -33.79
N LYS C 130 16.27 -19.10 -34.71
CA LYS C 130 17.52 -18.42 -34.41
C LYS C 130 17.43 -16.91 -34.59
N THR C 131 17.11 -16.22 -33.50
CA THR C 131 16.97 -14.78 -33.50
C THR C 131 18.30 -14.05 -33.75
N ILE C 132 19.38 -14.52 -33.12
CA ILE C 132 20.69 -13.92 -33.37
C ILE C 132 21.68 -15.00 -33.80
N GLU C 133 22.60 -14.63 -34.68
CA GLU C 133 23.61 -15.55 -35.22
C GLU C 133 24.61 -16.02 -34.17
N ARG C 134 25.04 -15.10 -33.31
CA ARG C 134 26.00 -15.40 -32.27
C ARG C 134 25.65 -14.66 -31.01
N ILE C 135 26.19 -15.14 -29.90
CA ILE C 135 25.91 -14.58 -28.58
C ILE C 135 27.11 -13.87 -27.98
N PRO C 136 27.01 -12.54 -27.75
CA PRO C 136 28.16 -11.86 -27.17
C PRO C 136 28.34 -12.31 -25.72
N LEU C 137 29.58 -12.60 -25.34
CA LEU C 137 29.84 -13.08 -23.99
C LEU C 137 30.68 -12.20 -23.09
N GLY C 138 30.51 -12.41 -21.79
CA GLY C 138 31.25 -11.73 -20.75
C GLY C 138 31.82 -12.89 -19.95
N LEU C 139 32.80 -12.65 -19.07
CA LEU C 139 33.38 -13.77 -18.33
C LEU C 139 33.70 -13.46 -16.87
N VAL C 140 33.58 -14.47 -16.00
CA VAL C 140 33.88 -14.29 -14.58
C VAL C 140 35.35 -14.71 -14.41
N LEU C 141 36.10 -14.00 -13.59
CA LEU C 141 37.51 -14.33 -13.39
C LEU C 141 37.70 -15.20 -12.15
N GLY C 142 38.83 -15.91 -12.11
CA GLY C 142 39.12 -16.77 -10.97
C GLY C 142 39.81 -16.00 -9.86
N ALA C 143 39.72 -16.52 -8.64
CA ALA C 143 40.35 -15.88 -7.50
C ALA C 143 41.86 -15.85 -7.66
N GLY C 144 42.52 -15.08 -6.78
CA GLY C 144 43.96 -14.95 -6.83
C GLY C 144 44.34 -13.58 -6.34
N GLU C 145 45.62 -13.22 -6.47
CA GLU C 145 46.08 -11.90 -6.04
C GLU C 145 45.50 -10.87 -7.00
N PRO C 146 45.13 -9.68 -6.49
CA PRO C 146 44.58 -8.64 -7.37
C PRO C 146 45.40 -8.37 -8.61
N GLU C 147 46.72 -8.53 -8.49
CA GLU C 147 47.57 -8.31 -9.65
C GLU C 147 47.28 -9.43 -10.64
N ALA C 148 47.14 -10.65 -10.11
CA ALA C 148 46.86 -11.79 -10.95
C ALA C 148 45.49 -11.62 -11.60
N VAL C 149 44.51 -11.22 -10.80
CA VAL C 149 43.14 -11.03 -11.30
C VAL C 149 43.10 -9.98 -12.40
N ALA C 150 43.93 -8.95 -12.26
CA ALA C 150 43.97 -7.88 -13.26
C ALA C 150 44.55 -8.36 -14.59
N GLU C 151 45.57 -9.22 -14.55
CA GLU C 151 46.18 -9.75 -15.77
C GLU C 151 45.16 -10.60 -16.52
N GLU C 152 44.50 -11.49 -15.77
CA GLU C 152 43.48 -12.37 -16.35
C GLU C 152 42.41 -11.51 -17.02
N ALA C 153 42.06 -10.39 -16.39
CA ALA C 153 41.06 -9.47 -16.94
C ALA C 153 41.49 -8.89 -18.28
N LEU C 154 42.75 -8.46 -18.39
CA LEU C 154 43.24 -7.89 -19.65
C LEU C 154 43.24 -8.93 -20.76
N ALA C 155 43.57 -10.16 -20.44
CA ALA C 155 43.59 -11.24 -21.43
C ALA C 155 42.17 -11.50 -21.91
N VAL C 156 41.22 -11.45 -20.98
CA VAL C 156 39.81 -11.67 -21.31
C VAL C 156 39.35 -10.62 -22.31
N LEU C 157 39.61 -9.35 -22.00
CA LEU C 157 39.21 -8.27 -22.89
C LEU C 157 39.92 -8.35 -24.22
N ARG C 158 41.20 -8.75 -24.21
CA ARG C 158 41.96 -8.87 -25.45
C ARG C 158 41.31 -9.89 -26.39
N GLU C 159 40.74 -10.95 -25.82
CA GLU C 159 40.08 -12.00 -26.60
C GLU C 159 38.82 -11.47 -27.28
N GLY C 160 38.20 -10.45 -26.70
CA GLY C 160 36.99 -9.90 -27.31
C GLY C 160 35.75 -9.97 -26.43
N PHE C 161 35.90 -10.47 -25.21
CA PHE C 161 34.76 -10.58 -24.31
C PHE C 161 34.21 -9.20 -23.96
N HIS C 162 32.91 -9.16 -23.72
CA HIS C 162 32.19 -7.91 -23.49
C HIS C 162 32.08 -7.34 -22.08
N PHE C 163 32.43 -8.14 -21.08
CA PHE C 163 32.41 -7.64 -19.71
C PHE C 163 33.23 -8.53 -18.80
N VAL C 164 33.59 -8.00 -17.63
CA VAL C 164 34.40 -8.72 -16.66
C VAL C 164 33.66 -8.75 -15.32
N LYS C 165 33.49 -9.95 -14.79
CA LYS C 165 32.79 -10.13 -13.53
C LYS C 165 33.75 -10.69 -12.49
N LEU C 166 33.64 -10.21 -11.25
CA LEU C 166 34.52 -10.67 -10.18
C LEU C 166 33.73 -11.28 -9.04
N LYS C 167 34.33 -12.24 -8.34
CA LYS C 167 33.66 -12.84 -7.19
C LYS C 167 34.12 -12.12 -5.93
N ALA C 168 33.18 -11.74 -5.07
CA ALA C 168 33.51 -10.99 -3.86
C ALA C 168 33.78 -11.93 -2.71
N GLY C 169 35.03 -12.30 -2.50
CA GLY C 169 35.36 -13.19 -1.40
C GLY C 169 35.26 -12.61 0.03
N GLY C 170 35.92 -11.47 0.25
CA GLY C 170 35.94 -10.85 1.56
C GLY C 170 37.28 -11.05 2.24
N PRO C 171 37.60 -10.25 3.28
CA PRO C 171 36.83 -9.16 3.85
C PRO C 171 36.83 -7.91 2.98
N LEU C 172 36.24 -6.84 3.50
CA LEU C 172 36.17 -5.57 2.78
C LEU C 172 37.51 -5.09 2.22
N LYS C 173 38.56 -5.15 3.02
CA LYS C 173 39.89 -4.71 2.55
C LYS C 173 40.30 -5.45 1.30
N ALA C 174 40.04 -6.75 1.27
CA ALA C 174 40.40 -7.58 0.14
C ALA C 174 39.58 -7.26 -1.11
N ASP C 175 38.27 -7.09 -0.93
CA ASP C 175 37.42 -6.77 -2.08
C ASP C 175 37.80 -5.44 -2.70
N ILE C 176 38.05 -4.44 -1.87
CA ILE C 176 38.45 -3.12 -2.36
C ILE C 176 39.71 -3.20 -3.23
N ALA C 177 40.74 -3.87 -2.72
CA ALA C 177 41.99 -4.01 -3.45
C ALA C 177 41.79 -4.70 -4.80
N MET C 178 41.01 -5.79 -4.81
CA MET C 178 40.75 -6.51 -6.04
C MET C 178 40.11 -5.58 -7.07
N VAL C 179 39.01 -4.96 -6.68
CA VAL C 179 38.28 -4.04 -7.54
C VAL C 179 39.13 -2.87 -8.01
N ALA C 180 39.85 -2.24 -7.08
CA ALA C 180 40.69 -1.10 -7.43
C ALA C 180 41.77 -1.49 -8.45
N GLU C 181 42.48 -2.58 -8.18
CA GLU C 181 43.54 -3.03 -9.08
C GLU C 181 42.98 -3.36 -10.47
N VAL C 182 41.92 -4.16 -10.53
CA VAL C 182 41.33 -4.53 -11.83
C VAL C 182 40.84 -3.31 -12.61
N ARG C 183 40.10 -2.43 -11.93
CA ARG C 183 39.57 -1.21 -12.54
C ARG C 183 40.71 -0.35 -13.08
N ARG C 184 41.83 -0.35 -12.38
CA ARG C 184 42.98 0.45 -12.79
C ARG C 184 43.52 -0.13 -14.10
N ALA C 185 43.69 -1.45 -14.13
CA ALA C 185 44.21 -2.12 -15.31
C ALA C 185 43.29 -2.08 -16.53
N VAL C 186 41.98 -2.23 -16.34
CA VAL C 186 41.07 -2.24 -17.49
C VAL C 186 40.55 -0.92 -18.05
N GLY C 187 40.57 0.15 -17.26
CA GLY C 187 40.08 1.41 -17.79
C GLY C 187 38.68 1.72 -17.32
N ASP C 188 38.24 2.96 -17.50
CA ASP C 188 36.91 3.37 -17.06
C ASP C 188 35.75 2.92 -17.97
N ASP C 189 36.01 2.72 -19.25
CA ASP C 189 34.93 2.33 -20.16
C ASP C 189 34.65 0.83 -20.23
N VAL C 190 35.22 0.07 -19.30
CA VAL C 190 34.98 -1.37 -19.30
C VAL C 190 33.86 -1.76 -18.36
N ASP C 191 32.94 -2.59 -18.85
CA ASP C 191 31.83 -3.08 -18.05
C ASP C 191 32.43 -4.02 -16.99
N LEU C 192 32.53 -3.55 -15.75
CA LEU C 192 33.08 -4.34 -14.66
C LEU C 192 32.10 -4.39 -13.50
N PHE C 193 31.86 -5.59 -12.96
CA PHE C 193 30.95 -5.72 -11.83
C PHE C 193 31.31 -6.91 -10.93
N ILE C 194 30.68 -6.99 -9.77
CA ILE C 194 30.98 -8.07 -8.82
C ILE C 194 29.78 -8.91 -8.39
N ASP C 195 30.06 -10.16 -8.01
CA ASP C 195 29.04 -11.11 -7.57
C ASP C 195 29.29 -11.48 -6.11
N ILE C 196 28.29 -11.24 -5.25
CA ILE C 196 28.44 -11.53 -3.82
C ILE C 196 27.84 -12.89 -3.43
N ASN C 197 26.99 -13.43 -4.28
CA ASN C 197 26.37 -14.72 -4.00
C ASN C 197 25.51 -14.71 -2.74
N GLY C 198 24.91 -13.56 -2.45
CA GLY C 198 24.05 -13.42 -1.30
C GLY C 198 24.71 -13.67 0.04
N ALA C 199 25.99 -13.32 0.14
CA ALA C 199 26.76 -13.55 1.36
C ALA C 199 26.74 -12.48 2.46
N TRP C 200 26.15 -11.32 2.19
CA TRP C 200 26.15 -10.24 3.17
C TRP C 200 24.90 -9.98 4.01
N THR C 201 25.11 -9.44 5.21
CA THR C 201 24.01 -9.04 6.06
C THR C 201 23.77 -7.62 5.54
N TYR C 202 22.63 -7.03 5.85
CA TYR C 202 22.33 -5.70 5.33
C TYR C 202 23.39 -4.61 5.55
N ASP C 203 23.94 -4.54 6.76
CA ASP C 203 24.95 -3.52 7.06
C ASP C 203 26.21 -3.71 6.23
N GLN C 204 26.63 -4.96 6.04
CA GLN C 204 27.81 -5.27 5.25
C GLN C 204 27.67 -4.72 3.85
N ALA C 205 26.51 -4.97 3.24
CA ALA C 205 26.21 -4.52 1.89
C ALA C 205 26.32 -3.01 1.77
N LEU C 206 25.56 -2.31 2.60
CA LEU C 206 25.57 -0.85 2.58
C LEU C 206 27.00 -0.31 2.66
N THR C 207 27.78 -0.84 3.61
CA THR C 207 29.15 -0.39 3.79
C THR C 207 30.09 -0.68 2.62
N THR C 208 30.12 -1.93 2.18
CA THR C 208 31.01 -2.30 1.09
C THR C 208 30.65 -1.65 -0.23
N ILE C 209 29.36 -1.65 -0.56
CA ILE C 209 28.94 -1.03 -1.80
C ILE C 209 29.28 0.45 -1.84
N ARG C 210 29.14 1.13 -0.71
CA ARG C 210 29.46 2.56 -0.66
C ARG C 210 30.97 2.75 -0.76
N ALA C 211 31.73 1.83 -0.17
CA ALA C 211 33.18 1.91 -0.22
C ALA C 211 33.66 1.66 -1.66
N LEU C 212 32.87 0.92 -2.43
CA LEU C 212 33.24 0.61 -3.81
C LEU C 212 32.72 1.59 -4.87
N GLU C 213 31.81 2.46 -4.47
CA GLU C 213 31.23 3.44 -5.39
C GLU C 213 32.22 4.20 -6.24
N LYS C 214 33.40 4.49 -5.68
CA LYS C 214 34.41 5.24 -6.42
C LYS C 214 34.94 4.50 -7.65
N TYR C 215 34.68 3.20 -7.72
CA TYR C 215 35.17 2.40 -8.84
C TYR C 215 34.18 2.21 -9.99
N ASN C 216 32.99 2.79 -9.84
CA ASN C 216 31.95 2.74 -10.87
C ASN C 216 31.64 1.35 -11.44
N LEU C 217 31.30 0.41 -10.58
CA LEU C 217 30.94 -0.93 -11.02
C LEU C 217 29.57 -0.79 -11.68
N SER C 218 29.36 -1.51 -12.79
CA SER C 218 28.09 -1.43 -13.50
C SER C 218 26.93 -2.00 -12.68
N LYS C 219 27.25 -2.77 -11.65
CA LYS C 219 26.22 -3.35 -10.81
C LYS C 219 26.82 -4.26 -9.75
N ILE C 220 25.98 -4.65 -8.78
CA ILE C 220 26.37 -5.57 -7.72
C ILE C 220 25.40 -6.75 -7.84
N GLU C 221 25.93 -7.95 -8.04
CA GLU C 221 25.07 -9.12 -8.18
C GLU C 221 24.74 -9.80 -6.84
N GLN C 222 23.44 -9.91 -6.57
CA GLN C 222 22.92 -10.54 -5.36
C GLN C 222 23.78 -10.32 -4.10
N PRO C 223 23.78 -9.11 -3.55
CA PRO C 223 24.58 -8.84 -2.35
C PRO C 223 23.99 -9.45 -1.08
N LEU C 224 22.67 -9.60 -1.04
CA LEU C 224 21.99 -10.14 0.14
C LEU C 224 21.40 -11.53 -0.11
N PRO C 225 20.95 -12.22 0.94
CA PRO C 225 20.38 -13.56 0.77
C PRO C 225 19.20 -13.57 -0.20
N ALA C 226 19.00 -14.72 -0.85
CA ALA C 226 17.93 -14.88 -1.83
C ALA C 226 16.55 -14.48 -1.33
N TRP C 227 16.24 -14.84 -0.09
CA TRP C 227 14.93 -14.53 0.49
C TRP C 227 14.75 -13.09 0.98
N ASP C 228 15.85 -12.38 1.19
CA ASP C 228 15.79 -11.01 1.69
C ASP C 228 15.40 -9.98 0.62
N LEU C 229 14.18 -10.09 0.10
CA LEU C 229 13.72 -9.17 -0.92
C LEU C 229 13.50 -7.79 -0.34
N ASP C 230 13.03 -7.73 0.90
CA ASP C 230 12.80 -6.43 1.55
C ASP C 230 14.14 -5.71 1.61
N GLY C 231 15.18 -6.46 1.97
CA GLY C 231 16.52 -5.90 2.07
C GLY C 231 17.09 -5.44 0.74
N MET C 232 16.85 -6.20 -0.32
CA MET C 232 17.33 -5.81 -1.64
C MET C 232 16.68 -4.51 -2.07
N ALA C 233 15.41 -4.35 -1.70
CA ALA C 233 14.69 -3.14 -2.06
C ALA C 233 15.21 -1.99 -1.20
N ARG C 234 15.39 -2.26 0.10
CA ARG C 234 15.90 -1.26 1.04
C ARG C 234 17.30 -0.78 0.59
N LEU C 235 18.12 -1.74 0.17
CA LEU C 235 19.47 -1.46 -0.29
C LEU C 235 19.48 -0.53 -1.49
N ARG C 236 18.54 -0.73 -2.41
CA ARG C 236 18.48 0.14 -3.58
C ARG C 236 18.03 1.53 -3.14
N GLY C 237 17.47 1.63 -1.94
CA GLY C 237 17.04 2.91 -1.43
C GLY C 237 18.19 3.64 -0.75
N LYS C 238 19.35 2.99 -0.68
CA LYS C 238 20.52 3.59 -0.03
C LYS C 238 21.80 3.63 -0.87
N VAL C 239 21.80 3.06 -2.08
CA VAL C 239 23.02 3.12 -2.89
C VAL C 239 22.74 3.45 -4.35
N ALA C 240 23.74 4.00 -5.04
CA ALA C 240 23.57 4.38 -6.43
C ALA C 240 23.78 3.23 -7.41
N THR C 241 24.68 2.31 -7.06
CA THR C 241 25.00 1.18 -7.92
C THR C 241 23.82 0.25 -8.17
N PRO C 242 23.57 -0.11 -9.44
CA PRO C 242 22.44 -1.01 -9.74
C PRO C 242 22.62 -2.34 -9.01
N ILE C 243 21.51 -2.88 -8.49
CA ILE C 243 21.53 -4.16 -7.80
C ILE C 243 20.80 -5.20 -8.64
N TYR C 244 21.48 -6.29 -8.97
CA TYR C 244 20.88 -7.36 -9.79
C TYR C 244 20.59 -8.56 -8.92
N ALA C 245 19.56 -9.32 -9.29
CA ALA C 245 19.20 -10.52 -8.53
C ALA C 245 19.54 -11.80 -9.28
N ASP C 246 20.10 -12.77 -8.57
CA ASP C 246 20.41 -14.08 -9.17
C ASP C 246 19.66 -15.12 -8.37
N GLU C 247 20.23 -15.49 -7.22
CA GLU C 247 19.65 -16.49 -6.34
C GLU C 247 18.22 -16.14 -5.95
N SER C 248 17.91 -14.85 -5.88
CA SER C 248 16.57 -14.41 -5.51
C SER C 248 15.56 -14.65 -6.63
N ALA C 249 16.05 -14.70 -7.86
CA ALA C 249 15.20 -14.89 -9.04
C ALA C 249 15.22 -16.32 -9.56
N GLN C 250 14.50 -17.18 -8.86
CA GLN C 250 14.44 -18.60 -9.23
C GLN C 250 13.10 -19.01 -9.87
N GLU C 251 12.02 -18.85 -9.12
CA GLU C 251 10.69 -19.23 -9.58
C GLU C 251 9.89 -18.05 -10.12
N LEU C 252 8.81 -18.34 -10.86
CA LEU C 252 7.97 -17.30 -11.40
C LEU C 252 7.47 -16.37 -10.30
N HIS C 253 7.02 -16.94 -9.19
CA HIS C 253 6.52 -16.10 -8.10
C HIS C 253 7.61 -15.26 -7.45
N ASP C 254 8.87 -15.67 -7.60
CA ASP C 254 9.97 -14.87 -7.06
C ASP C 254 10.09 -13.63 -7.92
N LEU C 255 10.05 -13.83 -9.24
CA LEU C 255 10.14 -12.74 -10.19
C LEU C 255 9.03 -11.72 -9.95
N LEU C 256 7.83 -12.22 -9.66
CA LEU C 256 6.70 -11.33 -9.39
C LEU C 256 6.96 -10.51 -8.12
N ALA C 257 7.45 -11.17 -7.08
CA ALA C 257 7.74 -10.49 -5.82
C ALA C 257 8.85 -9.46 -6.02
N ILE C 258 9.80 -9.77 -6.88
CA ILE C 258 10.90 -8.86 -7.15
C ILE C 258 10.39 -7.58 -7.82
N ILE C 259 9.57 -7.72 -8.85
CA ILE C 259 9.07 -6.53 -9.52
C ILE C 259 8.10 -5.73 -8.63
N ASN C 260 7.31 -6.42 -7.81
CA ASN C 260 6.34 -5.74 -6.94
C ASN C 260 7.06 -4.98 -5.84
N LYS C 261 8.13 -5.56 -5.31
CA LYS C 261 8.88 -4.90 -4.25
C LYS C 261 9.97 -3.96 -4.77
N GLY C 262 10.21 -3.99 -6.08
CA GLY C 262 11.25 -3.16 -6.65
C GLY C 262 12.58 -3.57 -6.06
N ALA C 263 12.85 -4.88 -6.09
CA ALA C 263 14.07 -5.42 -5.50
C ALA C 263 15.26 -5.61 -6.43
N ALA C 264 15.10 -5.30 -7.71
CA ALA C 264 16.21 -5.48 -8.65
C ALA C 264 16.23 -4.52 -9.83
N ASP C 265 17.44 -4.23 -10.31
CA ASP C 265 17.66 -3.36 -11.46
C ASP C 265 17.97 -4.25 -12.67
N GLY C 266 18.19 -5.53 -12.42
CA GLY C 266 18.51 -6.47 -13.48
C GLY C 266 18.46 -7.88 -12.93
N LEU C 267 18.48 -8.87 -13.82
CA LEU C 267 18.39 -10.27 -13.41
C LEU C 267 19.42 -11.21 -14.03
N MET C 268 19.72 -12.30 -13.33
CA MET C 268 20.63 -13.34 -13.82
C MET C 268 19.81 -14.64 -13.85
N ILE C 269 20.04 -15.47 -14.84
CA ILE C 269 19.31 -16.73 -14.92
C ILE C 269 20.28 -17.86 -15.21
N LYS C 270 19.86 -19.08 -14.87
CA LYS C 270 20.61 -20.30 -15.14
C LYS C 270 19.53 -21.28 -15.54
N THR C 271 19.72 -22.00 -16.64
CA THR C 271 18.72 -22.95 -17.07
C THR C 271 18.43 -23.98 -15.98
N GLN C 272 19.45 -24.35 -15.23
CA GLN C 272 19.27 -25.33 -14.15
C GLN C 272 18.48 -24.74 -12.99
N LYS C 273 18.67 -23.43 -12.74
CA LYS C 273 17.96 -22.76 -11.67
C LYS C 273 16.49 -22.65 -12.07
N ALA C 274 16.25 -22.27 -13.32
CA ALA C 274 14.91 -22.11 -13.84
C ALA C 274 14.12 -23.41 -13.86
N GLY C 275 14.82 -24.53 -14.09
CA GLY C 275 14.16 -25.82 -14.12
C GLY C 275 14.04 -26.43 -15.51
N GLY C 276 14.74 -25.87 -16.48
CA GLY C 276 14.68 -26.40 -17.84
C GLY C 276 14.47 -25.30 -18.88
N LEU C 277 14.46 -25.68 -20.16
CA LEU C 277 14.28 -24.72 -21.24
C LEU C 277 12.86 -24.16 -21.29
N LEU C 278 11.86 -25.00 -21.08
CA LEU C 278 10.47 -24.56 -21.10
C LEU C 278 10.25 -23.60 -19.93
N LYS C 279 10.69 -24.01 -18.74
CA LYS C 279 10.55 -23.15 -17.56
C LYS C 279 11.38 -21.87 -17.72
N ALA C 280 12.46 -21.93 -18.49
CA ALA C 280 13.30 -20.76 -18.72
C ALA C 280 12.55 -19.76 -19.61
N GLN C 281 11.83 -20.29 -20.59
CA GLN C 281 11.04 -19.45 -21.50
C GLN C 281 9.97 -18.73 -20.69
N ARG C 282 9.35 -19.43 -19.75
CA ARG C 282 8.33 -18.81 -18.92
C ARG C 282 9.00 -17.75 -18.04
N TRP C 283 10.17 -18.11 -17.51
CA TRP C 283 10.97 -17.22 -16.66
C TRP C 283 11.24 -15.91 -17.42
N LEU C 284 11.68 -16.05 -18.67
CA LEU C 284 12.01 -14.90 -19.52
C LEU C 284 10.78 -14.06 -19.91
N THR C 285 9.59 -14.64 -19.80
CA THR C 285 8.38 -13.89 -20.12
C THR C 285 8.18 -12.87 -18.98
N LEU C 286 8.45 -13.29 -17.76
CA LEU C 286 8.33 -12.38 -16.62
C LEU C 286 9.42 -11.30 -16.71
N ALA C 287 10.61 -11.69 -17.15
CA ALA C 287 11.73 -10.76 -17.27
C ALA C 287 11.35 -9.67 -18.27
N ARG C 288 10.71 -10.10 -19.35
CA ARG C 288 10.25 -9.20 -20.41
C ARG C 288 9.22 -8.22 -19.86
N LEU C 289 8.24 -8.75 -19.12
CA LEU C 289 7.19 -7.93 -18.53
C LEU C 289 7.79 -6.89 -17.59
N ALA C 290 8.89 -7.25 -16.93
CA ALA C 290 9.56 -6.35 -16.00
C ALA C 290 10.48 -5.36 -16.72
N ASN C 291 10.70 -5.60 -18.02
CA ASN C 291 11.57 -4.77 -18.84
C ASN C 291 12.96 -4.67 -18.22
N LEU C 292 13.45 -5.80 -17.71
CA LEU C 292 14.76 -5.87 -17.08
C LEU C 292 15.74 -6.73 -17.88
N PRO C 293 17.02 -6.36 -17.89
CA PRO C 293 18.03 -7.14 -18.62
C PRO C 293 18.21 -8.50 -17.94
N VAL C 294 18.72 -9.47 -18.70
CA VAL C 294 18.94 -10.80 -18.16
C VAL C 294 20.24 -11.38 -18.69
N ILE C 295 21.08 -11.84 -17.79
CA ILE C 295 22.37 -12.43 -18.16
C ILE C 295 22.35 -13.88 -17.70
N CYS C 296 22.49 -14.81 -18.64
CA CYS C 296 22.48 -16.22 -18.31
C CYS C 296 23.87 -16.74 -17.95
N GLY C 297 23.95 -17.42 -16.81
CA GLY C 297 25.20 -17.98 -16.35
C GLY C 297 25.22 -19.45 -16.70
N CYS C 298 25.81 -20.25 -15.83
CA CYS C 298 25.89 -21.69 -16.07
C CYS C 298 26.32 -22.43 -14.82
N MET C 299 26.13 -23.74 -14.86
CA MET C 299 26.53 -24.62 -13.76
C MET C 299 27.74 -25.34 -14.40
N VAL C 300 28.91 -24.73 -14.25
CA VAL C 300 30.16 -25.24 -14.79
C VAL C 300 30.10 -26.68 -15.33
N GLY C 301 30.14 -26.81 -16.65
CA GLY C 301 30.06 -28.13 -17.24
C GLY C 301 30.67 -28.20 -18.63
N SER C 302 30.47 -29.36 -19.26
CA SER C 302 30.96 -29.66 -20.60
C SER C 302 30.26 -28.86 -21.68
N GLY C 303 30.59 -29.16 -22.93
CA GLY C 303 29.96 -28.50 -24.05
C GLY C 303 28.49 -28.88 -24.10
N LEU C 304 28.16 -30.05 -23.55
CA LEU C 304 26.79 -30.53 -23.52
C LEU C 304 25.97 -29.72 -22.50
N GLU C 305 26.61 -29.32 -21.40
CA GLU C 305 25.93 -28.52 -20.38
C GLU C 305 25.67 -27.13 -20.96
N ALA C 306 26.58 -26.66 -21.81
CA ALA C 306 26.45 -25.35 -22.43
C ALA C 306 25.44 -25.27 -23.56
N SER C 307 25.15 -26.40 -24.19
CA SER C 307 24.23 -26.45 -25.33
C SER C 307 22.79 -25.98 -25.14
N PRO C 308 22.11 -26.43 -24.08
CA PRO C 308 20.71 -25.97 -23.90
C PRO C 308 20.65 -24.45 -23.89
N ALA C 309 21.50 -23.84 -23.06
CA ALA C 309 21.58 -22.39 -22.94
C ALA C 309 21.97 -21.74 -24.27
N ALA C 310 22.91 -22.34 -24.99
CA ALA C 310 23.33 -21.77 -26.26
C ALA C 310 22.12 -21.65 -27.18
N HIS C 311 21.31 -22.70 -27.25
CA HIS C 311 20.13 -22.67 -28.10
C HIS C 311 19.13 -21.63 -27.62
N LEU C 312 18.95 -21.55 -26.30
CA LEU C 312 18.01 -20.61 -25.71
C LEU C 312 18.44 -19.16 -25.90
N LEU C 313 19.71 -18.86 -25.68
CA LEU C 313 20.20 -17.50 -25.80
C LEU C 313 20.17 -16.98 -27.24
N ALA C 314 20.19 -17.90 -28.19
CA ALA C 314 20.14 -17.52 -29.61
C ALA C 314 18.71 -17.39 -30.10
N ALA C 315 17.79 -18.12 -29.46
CA ALA C 315 16.39 -18.13 -29.87
C ALA C 315 15.47 -17.11 -29.18
N ASN C 316 15.53 -17.06 -27.85
CA ASN C 316 14.66 -16.16 -27.09
C ASN C 316 14.88 -14.68 -27.41
N ASP C 317 13.83 -14.05 -27.91
CA ASP C 317 13.89 -12.65 -28.31
C ASP C 317 14.28 -11.69 -27.19
N TRP C 318 13.80 -11.94 -25.98
CA TRP C 318 14.13 -11.06 -24.88
C TRP C 318 15.59 -11.13 -24.46
N ILE C 319 16.07 -12.33 -24.19
CA ILE C 319 17.44 -12.50 -23.74
C ILE C 319 18.49 -12.25 -24.84
N ALA C 320 18.06 -12.27 -26.10
CA ALA C 320 18.97 -12.03 -27.23
C ALA C 320 19.42 -10.57 -27.29
N GLN C 321 18.94 -9.77 -26.33
CA GLN C 321 19.28 -8.36 -26.29
C GLN C 321 20.50 -8.04 -25.43
N PHE C 322 20.94 -9.00 -24.63
CA PHE C 322 22.03 -8.74 -23.70
C PHE C 322 23.21 -9.69 -23.77
N PRO C 323 24.41 -9.22 -23.36
CA PRO C 323 25.59 -10.09 -23.39
C PRO C 323 25.38 -11.18 -22.35
N GLN C 324 25.91 -12.36 -22.61
CA GLN C 324 25.72 -13.50 -21.70
C GLN C 324 26.98 -14.03 -21.01
N GLU C 325 26.78 -14.98 -20.11
CA GLU C 325 27.88 -15.57 -19.34
C GLU C 325 27.81 -17.10 -19.31
N ASN C 326 27.37 -17.69 -20.42
CA ASN C 326 27.25 -19.15 -20.55
C ASN C 326 28.56 -19.68 -21.16
N ALA C 327 29.58 -19.89 -20.32
CA ALA C 327 30.88 -20.36 -20.79
C ALA C 327 31.49 -21.48 -19.95
N GLY C 328 30.68 -22.48 -19.61
CA GLY C 328 31.16 -23.59 -18.81
C GLY C 328 32.46 -24.21 -19.31
N PRO C 329 32.50 -24.65 -20.58
CA PRO C 329 33.70 -25.27 -21.16
C PRO C 329 34.97 -24.44 -21.02
N LEU C 330 34.84 -23.11 -21.10
CA LEU C 330 36.00 -22.25 -20.97
C LEU C 330 36.54 -22.31 -19.54
N HIS C 331 35.66 -22.56 -18.59
CA HIS C 331 36.04 -22.66 -17.19
C HIS C 331 36.66 -24.03 -16.89
N ILE C 332 36.03 -25.09 -17.37
CA ILE C 332 36.54 -26.43 -17.15
C ILE C 332 37.90 -26.62 -17.82
N HIS C 333 38.03 -26.15 -19.04
CA HIS C 333 39.27 -26.27 -19.81
C HIS C 333 40.22 -25.09 -19.60
N ASP C 334 39.81 -24.16 -18.75
CA ASP C 334 40.59 -22.97 -18.40
C ASP C 334 41.24 -22.31 -19.62
N CYS C 335 40.40 -21.79 -20.51
CA CYS C 335 40.86 -21.11 -21.73
C CYS C 335 39.87 -20.03 -22.13
N LEU C 336 40.19 -19.26 -23.18
CA LEU C 336 39.33 -18.17 -23.62
C LEU C 336 38.56 -18.40 -24.92
N ASN C 337 38.85 -19.49 -25.60
CA ASN C 337 38.15 -19.83 -26.84
C ASN C 337 38.06 -21.35 -26.92
N SER C 338 37.22 -21.87 -27.81
CA SER C 338 37.05 -23.31 -27.90
C SER C 338 37.94 -24.05 -28.90
N ARG C 339 38.74 -23.33 -29.69
CA ARG C 339 39.58 -24.05 -30.62
C ARG C 339 40.56 -24.92 -29.84
N ASP C 340 40.98 -24.43 -28.67
CA ASP C 340 41.91 -25.17 -27.81
C ASP C 340 41.20 -26.17 -26.87
N ILE C 341 40.27 -26.97 -27.42
CA ILE C 341 39.55 -27.97 -26.62
C ILE C 341 39.38 -29.27 -27.39
N ASP C 342 39.97 -30.34 -26.86
CA ASP C 342 39.97 -31.64 -27.51
C ASP C 342 39.52 -32.79 -26.61
N ASN C 343 39.53 -32.56 -25.29
CA ASN C 343 39.16 -33.63 -24.37
C ASN C 343 37.94 -33.33 -23.51
N ASP C 344 36.85 -32.90 -24.14
CA ASP C 344 35.60 -32.60 -23.44
C ASP C 344 34.66 -33.77 -23.73
N ILE C 345 33.70 -34.04 -22.85
CA ILE C 345 32.81 -35.17 -23.14
C ILE C 345 32.01 -34.92 -24.41
N ALA C 346 32.06 -33.69 -24.91
CA ALA C 346 31.41 -33.35 -26.16
C ALA C 346 32.54 -33.34 -27.18
N LEU C 347 32.41 -34.14 -28.23
CA LEU C 347 33.43 -34.20 -29.28
C LEU C 347 33.46 -32.88 -30.05
N ASN C 348 32.29 -32.25 -30.14
CA ASN C 348 32.14 -31.01 -30.88
C ASN C 348 31.58 -29.87 -30.02
N VAL C 349 32.39 -29.42 -29.08
CA VAL C 349 32.02 -28.33 -28.19
C VAL C 349 31.51 -27.12 -28.98
N PRO C 350 30.48 -26.42 -28.48
CA PRO C 350 29.99 -25.26 -29.23
C PRO C 350 31.12 -24.27 -29.43
N ARG C 351 31.11 -23.61 -30.57
CA ARG C 351 32.14 -22.65 -30.92
C ARG C 351 32.17 -21.40 -30.03
N PHE C 352 33.26 -21.27 -29.28
CA PHE C 352 33.49 -20.11 -28.42
C PHE C 352 34.63 -19.41 -29.14
N GLU C 353 34.35 -18.26 -29.75
CA GLU C 353 35.40 -17.57 -30.49
C GLU C 353 35.24 -16.05 -30.46
N GLY C 354 36.37 -15.36 -30.30
CA GLY C 354 36.37 -13.91 -30.27
C GLY C 354 35.39 -13.28 -29.29
N GLY C 355 35.14 -13.97 -28.17
CA GLY C 355 34.21 -13.46 -27.18
C GLY C 355 32.74 -13.69 -27.53
N TYR C 356 32.49 -14.55 -28.51
CA TYR C 356 31.14 -14.88 -28.95
C TYR C 356 30.89 -16.38 -28.86
N LEU C 357 29.64 -16.76 -28.60
CA LEU C 357 29.24 -18.16 -28.53
C LEU C 357 28.31 -18.43 -29.71
N TYR C 358 28.56 -19.49 -30.45
CA TYR C 358 27.73 -19.86 -31.59
C TYR C 358 27.08 -21.18 -31.26
N PRO C 359 25.75 -21.26 -31.40
CA PRO C 359 25.10 -22.54 -31.08
C PRO C 359 25.41 -23.54 -32.19
N ASN C 360 25.40 -24.83 -31.86
CA ASN C 360 25.64 -25.84 -32.89
C ASN C 360 24.39 -25.88 -33.75
N ASP C 361 24.55 -26.28 -35.00
CA ASP C 361 23.42 -26.34 -35.92
C ASP C 361 22.94 -27.76 -36.21
N GLY C 362 23.47 -28.74 -35.48
CA GLY C 362 23.04 -30.12 -35.69
C GLY C 362 21.68 -30.42 -35.07
N PRO C 363 21.10 -31.60 -35.36
CA PRO C 363 19.80 -31.95 -34.80
C PRO C 363 19.84 -31.97 -33.28
N GLY C 364 18.72 -31.65 -32.65
CA GLY C 364 18.66 -31.64 -31.19
C GLY C 364 19.61 -30.61 -30.62
N LEU C 365 20.31 -30.99 -29.56
CA LEU C 365 21.28 -30.11 -28.92
C LEU C 365 22.55 -30.03 -29.78
N GLY C 366 22.64 -30.93 -30.76
CA GLY C 366 23.77 -30.95 -31.67
C GLY C 366 25.10 -31.37 -31.07
N ILE C 367 25.04 -32.24 -30.06
CA ILE C 367 26.25 -32.71 -29.41
C ILE C 367 26.44 -34.21 -29.59
N GLU C 368 27.69 -34.63 -29.78
CA GLU C 368 28.05 -36.04 -29.93
C GLU C 368 28.95 -36.35 -28.73
N LEU C 369 28.57 -37.32 -27.93
CA LEU C 369 29.36 -37.67 -26.76
C LEU C 369 30.61 -38.45 -27.10
N ASN C 370 31.67 -38.21 -26.34
CA ASN C 370 32.92 -38.94 -26.48
C ASN C 370 32.70 -40.08 -25.49
N GLU C 371 32.13 -41.20 -25.95
CA GLU C 371 31.83 -42.33 -25.06
C GLU C 371 33.03 -42.85 -24.25
N ASP C 372 34.21 -42.89 -24.86
CA ASP C 372 35.37 -43.38 -24.13
C ASP C 372 35.69 -42.49 -22.94
N LEU C 373 35.67 -41.18 -23.14
CA LEU C 373 35.95 -40.24 -22.06
C LEU C 373 34.88 -40.33 -20.98
N VAL C 374 33.63 -40.45 -21.40
CA VAL C 374 32.52 -40.55 -20.46
C VAL C 374 32.77 -41.73 -19.51
N ARG C 375 33.13 -42.89 -20.06
CA ARG C 375 33.41 -44.04 -19.21
C ARG C 375 34.58 -43.75 -18.27
N ARG C 376 35.60 -43.06 -18.78
CA ARG C 376 36.77 -42.72 -17.95
C ARG C 376 36.40 -41.80 -16.79
N LEU C 377 35.39 -40.95 -17.00
CA LEU C 377 35.01 -39.99 -15.96
C LEU C 377 33.92 -40.40 -14.97
N VAL C 378 33.40 -41.63 -15.08
CA VAL C 378 32.39 -42.10 -14.13
C VAL C 378 32.98 -41.91 -12.73
N THR C 379 32.23 -41.26 -11.84
CA THR C 379 32.68 -41.01 -10.47
C THR C 379 33.19 -42.26 -9.74
N PRO C 380 34.43 -42.20 -9.23
CA PRO C 380 34.99 -43.36 -8.51
C PRO C 380 34.08 -43.87 -7.41
N GLY C 381 33.85 -45.18 -7.39
CA GLY C 381 32.98 -45.76 -6.38
C GLY C 381 31.51 -45.75 -6.75
N LYS C 382 31.18 -45.11 -7.87
CA LYS C 382 29.80 -45.06 -8.32
C LYS C 382 29.65 -45.72 -9.68
N ALA C 383 28.40 -45.90 -10.11
CA ALA C 383 28.13 -46.51 -11.40
C ALA C 383 26.89 -45.90 -12.04
N ALA C 384 26.76 -46.08 -13.34
CA ALA C 384 25.61 -45.57 -14.07
C ALA C 384 24.38 -46.36 -13.58
N ARG C 385 23.21 -45.73 -13.64
CA ARG C 385 21.99 -46.43 -13.23
C ARG C 385 21.02 -46.43 -14.40
N VAL C 386 20.37 -47.58 -14.60
CA VAL C 386 19.43 -47.75 -15.70
C VAL C 386 18.06 -48.23 -15.24
N VAL C 387 17.01 -47.63 -15.79
CA VAL C 387 15.65 -48.01 -15.41
C VAL C 387 14.79 -48.23 -16.64
N THR C 388 14.08 -49.36 -16.66
CA THR C 388 13.17 -49.70 -17.75
C THR C 388 11.80 -49.98 -17.14
N LEU D 3 31.21 -35.40 23.56
CA LEU D 3 32.06 -34.18 23.47
C LEU D 3 32.55 -33.92 22.05
N LYS D 4 32.83 -34.98 21.30
CA LYS D 4 33.29 -34.80 19.93
C LYS D 4 32.67 -35.85 19.00
N ILE D 5 32.09 -35.39 17.89
CA ILE D 5 31.48 -36.31 16.93
C ILE D 5 32.58 -36.94 16.09
N THR D 6 32.68 -38.26 16.17
CA THR D 6 33.73 -38.97 15.44
C THR D 6 33.23 -39.83 14.28
N LYS D 7 31.94 -40.17 14.29
CA LYS D 7 31.40 -40.99 13.21
C LYS D 7 29.96 -40.63 12.89
N VAL D 8 29.66 -40.54 11.59
CA VAL D 8 28.32 -40.22 11.13
C VAL D 8 27.83 -41.43 10.34
N GLU D 9 26.71 -42.00 10.79
CA GLU D 9 26.14 -43.17 10.15
C GLU D 9 24.70 -42.91 9.70
N VAL D 10 24.40 -43.23 8.46
CA VAL D 10 23.06 -43.06 7.90
C VAL D 10 22.58 -44.41 7.40
N ILE D 11 21.43 -44.85 7.89
CA ILE D 11 20.89 -46.14 7.50
C ILE D 11 19.58 -46.01 6.74
N PRO D 12 19.52 -46.55 5.52
CA PRO D 12 18.29 -46.48 4.72
C PRO D 12 17.31 -47.60 5.12
N ILE D 13 16.14 -47.22 5.62
CA ILE D 13 15.15 -48.21 6.04
C ILE D 13 13.83 -48.08 5.32
N SER D 14 13.17 -49.21 5.15
CA SER D 14 11.88 -49.28 4.51
C SER D 14 10.98 -50.02 5.49
N THR D 15 9.92 -49.35 5.94
CA THR D 15 9.01 -49.90 6.91
C THR D 15 7.65 -50.19 6.29
N PRO D 16 7.17 -51.45 6.37
CA PRO D 16 5.87 -51.75 5.79
C PRO D 16 4.74 -51.23 6.65
N MET D 17 3.62 -50.88 6.03
CA MET D 17 2.44 -50.40 6.74
C MET D 17 1.69 -51.65 7.22
N LYS D 18 0.65 -51.46 8.05
CA LYS D 18 -0.13 -52.57 8.57
C LYS D 18 0.65 -53.38 9.60
N ARG D 30 4.81 -49.00 1.61
CA ARG D 30 5.84 -49.02 2.65
C ARG D 30 6.49 -47.63 2.75
N ILE D 31 6.99 -47.32 3.93
CA ILE D 31 7.63 -46.03 4.19
C ILE D 31 9.14 -46.07 3.99
N ASP D 32 9.63 -45.29 3.04
CA ASP D 32 11.07 -45.24 2.81
C ASP D 32 11.65 -44.05 3.55
N GLY D 33 12.49 -44.33 4.53
CA GLY D 33 13.11 -43.28 5.31
C GLY D 33 14.58 -43.50 5.55
N VAL D 34 15.10 -42.79 6.54
CA VAL D 34 16.50 -42.87 6.89
C VAL D 34 16.67 -42.70 8.41
N LEU D 35 17.67 -43.36 8.96
CA LEU D 35 17.99 -43.25 10.38
C LEU D 35 19.40 -42.68 10.47
N LEU D 36 19.63 -41.80 11.43
CA LEU D 36 20.94 -41.19 11.60
C LEU D 36 21.54 -41.52 12.96
N LYS D 37 22.86 -41.69 12.98
CA LYS D 37 23.56 -41.96 14.21
C LYS D 37 24.81 -41.09 14.26
N LEU D 38 24.87 -40.25 15.29
CA LEU D 38 26.02 -39.39 15.47
C LEU D 38 26.80 -39.97 16.64
N HIS D 39 27.92 -40.61 16.34
CA HIS D 39 28.75 -41.22 17.37
C HIS D 39 29.74 -40.24 17.99
N SER D 40 29.81 -40.20 19.31
CA SER D 40 30.75 -39.31 19.99
C SER D 40 31.94 -40.15 20.46
N ASP D 41 33.02 -39.49 20.82
CA ASP D 41 34.22 -40.16 21.27
C ASP D 41 34.13 -40.59 22.73
N GLU D 42 32.92 -40.56 23.28
CA GLU D 42 32.75 -40.94 24.68
C GLU D 42 31.65 -41.98 24.84
N GLY D 43 31.49 -42.81 23.81
CA GLY D 43 30.49 -43.86 23.85
C GLY D 43 29.09 -43.46 23.45
N LEU D 44 28.62 -42.31 23.90
CA LEU D 44 27.26 -41.87 23.57
C LEU D 44 27.04 -41.68 22.07
N VAL D 45 25.81 -41.97 21.63
CA VAL D 45 25.46 -41.84 20.22
C VAL D 45 24.07 -41.20 20.07
N GLY D 46 24.00 -40.09 19.34
CA GLY D 46 22.72 -39.43 19.12
C GLY D 46 22.02 -40.15 17.96
N ILE D 47 20.72 -40.40 18.10
CA ILE D 47 19.97 -41.07 17.04
C ILE D 47 18.76 -40.24 16.58
N ALA D 48 18.29 -40.50 15.37
CA ALA D 48 17.15 -39.78 14.82
C ALA D 48 16.55 -40.55 13.64
N ASP D 49 15.26 -40.31 13.38
CA ASP D 49 14.55 -40.95 12.27
C ASP D 49 13.99 -39.79 11.43
N ALA D 50 14.44 -39.70 10.18
CA ALA D 50 13.98 -38.64 9.29
C ALA D 50 12.50 -38.78 8.99
N GLY D 51 12.01 -40.02 9.06
CA GLY D 51 10.62 -40.26 8.79
C GLY D 51 10.41 -40.58 7.31
N ASP D 52 9.15 -40.55 6.88
CA ASP D 52 8.80 -40.84 5.50
C ASP D 52 9.38 -39.78 4.56
N THR D 53 9.57 -40.14 3.29
CA THR D 53 10.07 -39.18 2.30
C THR D 53 8.95 -38.93 1.31
N SER D 54 8.72 -37.67 0.96
CA SER D 54 7.66 -37.30 0.03
C SER D 54 8.19 -36.37 -1.04
N SER D 55 8.13 -36.83 -2.29
CA SER D 55 8.63 -36.04 -3.41
C SER D 55 7.91 -34.71 -3.55
N TRP D 56 6.59 -34.72 -3.39
CA TRP D 56 5.79 -33.50 -3.55
C TRP D 56 5.71 -32.59 -2.33
N TYR D 57 5.68 -33.16 -1.13
CA TYR D 57 5.58 -32.32 0.07
C TYR D 57 6.92 -31.71 0.49
N ARG D 58 7.99 -32.48 0.39
CA ARG D 58 9.32 -32.02 0.81
C ARG D 58 10.37 -32.02 -0.32
N GLY D 59 10.29 -33.00 -1.22
CA GLY D 59 11.24 -33.06 -2.32
C GLY D 59 12.52 -33.80 -2.02
N GLU D 60 12.62 -34.38 -0.83
CA GLU D 60 13.82 -35.11 -0.45
C GLU D 60 13.60 -36.62 -0.47
N THR D 61 14.69 -37.36 -0.72
CA THR D 61 14.63 -38.81 -0.79
C THR D 61 15.71 -39.44 0.10
N GLN D 62 15.70 -40.76 0.21
CA GLN D 62 16.70 -41.43 1.03
C GLN D 62 18.09 -41.02 0.55
N ASP D 63 18.28 -41.08 -0.77
CA ASP D 63 19.56 -40.74 -1.35
C ASP D 63 19.98 -39.27 -1.23
N SER D 64 19.03 -38.34 -1.33
CA SER D 64 19.40 -36.94 -1.22
C SER D 64 19.83 -36.65 0.23
N ILE D 65 19.08 -37.20 1.18
CA ILE D 65 19.37 -37.01 2.60
C ILE D 65 20.71 -37.67 2.97
N THR D 66 20.89 -38.90 2.49
CA THR D 66 22.12 -39.63 2.77
C THR D 66 23.33 -38.87 2.24
N SER D 67 23.27 -38.44 0.98
CA SER D 67 24.38 -37.73 0.39
C SER D 67 24.67 -36.38 1.04
N MET D 68 23.64 -35.56 1.25
CA MET D 68 23.87 -34.26 1.86
C MET D 68 24.48 -34.39 3.24
N ILE D 69 24.07 -35.41 3.99
CA ILE D 69 24.60 -35.61 5.33
C ILE D 69 26.03 -36.19 5.32
N CYS D 70 26.23 -37.28 4.59
CA CYS D 70 27.53 -37.93 4.53
C CYS D 70 28.59 -37.24 3.67
N ASP D 71 28.18 -36.66 2.54
CA ASP D 71 29.14 -35.99 1.65
C ASP D 71 29.39 -34.52 1.98
N PHE D 72 28.48 -33.91 2.73
CA PHE D 72 28.62 -32.49 3.04
C PHE D 72 28.63 -32.11 4.51
N PHE D 73 27.54 -32.40 5.22
CA PHE D 73 27.46 -32.02 6.61
C PHE D 73 28.53 -32.70 7.47
N ALA D 74 28.78 -33.97 7.21
CA ALA D 74 29.76 -34.72 8.00
C ALA D 74 31.18 -34.15 7.92
N PRO D 75 31.79 -34.13 6.72
CA PRO D 75 33.15 -33.59 6.68
C PRO D 75 33.25 -32.08 6.91
N LYS D 76 32.27 -31.33 6.43
CA LYS D 76 32.30 -29.88 6.57
C LYS D 76 31.82 -29.30 7.89
N VAL D 77 30.90 -29.98 8.57
CA VAL D 77 30.36 -29.40 9.79
C VAL D 77 30.33 -30.22 11.08
N LEU D 78 29.98 -31.49 10.98
CA LEU D 78 29.82 -32.36 12.14
C LEU D 78 31.02 -33.09 12.74
N LEU D 79 31.83 -33.71 11.89
CA LEU D 79 32.99 -34.46 12.37
C LEU D 79 34.01 -33.57 13.07
N GLY D 80 34.38 -33.96 14.29
CA GLY D 80 35.36 -33.20 15.05
C GLY D 80 34.70 -32.10 15.85
N GLU D 81 33.40 -31.88 15.63
CA GLU D 81 32.66 -30.84 16.32
C GLU D 81 31.98 -31.28 17.62
N ASP D 82 31.82 -30.32 18.53
CA ASP D 82 31.17 -30.53 19.81
C ASP D 82 29.66 -30.53 19.56
N PRO D 83 28.97 -31.64 19.84
CA PRO D 83 27.52 -31.74 19.60
C PRO D 83 26.64 -30.76 20.39
N THR D 84 27.19 -30.15 21.43
CA THR D 84 26.41 -29.19 22.22
C THR D 84 26.27 -27.84 21.51
N LYS D 85 27.07 -27.63 20.46
CA LYS D 85 27.04 -26.38 19.73
C LYS D 85 25.96 -26.40 18.64
N ILE D 86 24.72 -26.55 19.08
CA ILE D 86 23.58 -26.62 18.19
C ILE D 86 23.34 -25.34 17.37
N GLU D 87 23.36 -24.18 18.01
CA GLU D 87 23.16 -22.92 17.29
C GLU D 87 24.18 -22.83 16.15
N LYS D 88 25.43 -23.10 16.46
CA LYS D 88 26.52 -23.04 15.49
C LYS D 88 26.33 -24.02 14.34
N ILE D 89 26.07 -25.28 14.67
CA ILE D 89 25.89 -26.31 13.65
C ILE D 89 24.71 -26.03 12.73
N VAL D 90 23.55 -25.69 13.30
CA VAL D 90 22.40 -25.39 12.48
C VAL D 90 22.74 -24.24 11.53
N GLY D 91 23.39 -23.20 12.07
CA GLY D 91 23.78 -22.07 11.26
C GLY D 91 24.69 -22.45 10.09
N ARG D 92 25.71 -23.24 10.38
CA ARG D 92 26.63 -23.68 9.34
C ARG D 92 25.95 -24.53 8.27
N MET D 93 25.00 -25.38 8.67
CA MET D 93 24.29 -26.21 7.70
C MET D 93 23.47 -25.32 6.75
N ASP D 94 22.89 -24.26 7.29
CA ASP D 94 22.09 -23.35 6.47
C ASP D 94 22.93 -22.56 5.48
N ILE D 95 24.15 -22.20 5.88
CA ILE D 95 25.04 -21.45 5.00
C ILE D 95 25.56 -22.34 3.89
N LEU D 96 25.87 -23.59 4.26
CA LEU D 96 26.42 -24.55 3.31
C LEU D 96 25.42 -25.13 2.33
N THR D 97 24.16 -25.25 2.74
CA THR D 97 23.17 -25.87 1.89
C THR D 97 21.80 -25.19 1.79
N ARG D 98 21.30 -25.07 0.56
CA ARG D 98 19.99 -24.48 0.32
C ARG D 98 18.99 -25.62 0.46
N ASP D 99 17.80 -25.33 0.96
CA ASP D 99 16.75 -26.32 1.13
C ASP D 99 17.25 -27.53 1.94
N ASN D 100 16.84 -28.74 1.56
CA ASN D 100 17.26 -29.96 2.27
C ASN D 100 16.85 -29.88 3.74
N ASN D 101 15.68 -29.29 3.99
CA ASN D 101 15.16 -29.12 5.35
C ASN D 101 15.05 -30.43 6.13
N GLN D 102 14.65 -31.50 5.47
CA GLN D 102 14.49 -32.77 6.17
C GLN D 102 15.82 -33.38 6.59
N ALA D 103 16.84 -33.25 5.75
CA ALA D 103 18.17 -33.77 6.08
C ALA D 103 18.71 -32.97 7.27
N LYS D 104 18.55 -31.65 7.20
CA LYS D 104 19.00 -30.76 8.27
C LYS D 104 18.29 -31.08 9.57
N ALA D 105 16.98 -31.33 9.49
CA ALA D 105 16.17 -31.65 10.66
C ALA D 105 16.67 -32.92 11.33
N THR D 106 16.99 -33.92 10.50
CA THR D 106 17.47 -35.21 10.98
C THR D 106 18.72 -35.02 11.83
N VAL D 107 19.68 -34.24 11.34
CA VAL D 107 20.91 -33.97 12.07
C VAL D 107 20.56 -33.22 13.37
N ASP D 108 19.66 -32.25 13.27
CA ASP D 108 19.22 -31.49 14.44
C ASP D 108 18.64 -32.41 15.50
N PHE D 109 17.83 -33.38 15.08
CA PHE D 109 17.21 -34.31 16.02
C PHE D 109 18.25 -35.12 16.77
N ALA D 110 19.24 -35.64 16.03
CA ALA D 110 20.30 -36.46 16.62
C ALA D 110 21.19 -35.66 17.57
N LEU D 111 21.39 -34.38 17.25
CA LEU D 111 22.19 -33.52 18.10
C LEU D 111 21.50 -33.33 19.46
N HIS D 112 20.19 -33.10 19.42
CA HIS D 112 19.45 -32.91 20.67
C HIS D 112 19.44 -34.18 21.49
N ASP D 113 19.36 -35.32 20.80
CA ASP D 113 19.36 -36.60 21.49
C ASP D 113 20.71 -36.78 22.18
N LEU D 114 21.79 -36.52 21.46
CA LEU D 114 23.14 -36.66 22.00
C LEU D 114 23.38 -35.71 23.17
N VAL D 115 22.98 -34.45 23.02
CA VAL D 115 23.15 -33.45 24.06
C VAL D 115 22.32 -33.81 25.31
N GLY D 116 21.13 -34.34 25.08
CA GLY D 116 20.28 -34.73 26.19
C GLY D 116 20.89 -35.90 26.95
N LYS D 117 21.48 -36.83 26.22
CA LYS D 117 22.12 -37.99 26.83
C LYS D 117 23.35 -37.52 27.61
N ARG D 118 24.10 -36.61 27.00
CA ARG D 118 25.29 -36.06 27.64
C ARG D 118 24.96 -35.36 28.96
N PHE D 119 23.87 -34.59 28.97
CA PHE D 119 23.47 -33.88 30.19
C PHE D 119 22.55 -34.71 31.09
N GLY D 120 22.13 -35.86 30.58
CA GLY D 120 21.25 -36.73 31.36
C GLY D 120 19.83 -36.20 31.50
N VAL D 121 19.36 -35.45 30.51
CA VAL D 121 18.01 -34.89 30.56
C VAL D 121 17.21 -35.15 29.29
N PRO D 122 15.87 -35.16 29.39
CA PRO D 122 14.98 -35.38 28.24
C PRO D 122 15.10 -34.13 27.37
N VAL D 123 14.92 -34.27 26.06
CA VAL D 123 15.03 -33.13 25.16
C VAL D 123 14.10 -31.97 25.50
N TYR D 124 12.92 -32.25 26.06
CA TYR D 124 12.02 -31.15 26.38
C TYR D 124 12.63 -30.17 27.38
N GLN D 125 13.59 -30.64 28.16
CA GLN D 125 14.28 -29.81 29.13
C GLN D 125 15.20 -28.82 28.39
N LEU D 126 15.65 -29.24 27.20
CA LEU D 126 16.52 -28.41 26.38
C LEU D 126 15.69 -27.40 25.58
N LEU D 127 14.42 -27.71 25.41
CA LEU D 127 13.52 -26.85 24.65
C LEU D 127 12.63 -25.96 25.51
N GLY D 128 13.02 -25.74 26.77
CA GLY D 128 12.23 -24.88 27.63
C GLY D 128 11.44 -25.51 28.77
N GLY D 129 11.64 -26.80 29.00
CA GLY D 129 10.93 -27.47 30.08
C GLY D 129 9.60 -28.06 29.65
N LYS D 130 9.03 -28.89 30.51
CA LYS D 130 7.76 -29.55 30.21
C LYS D 130 6.57 -28.65 30.56
N THR D 131 6.12 -27.86 29.59
CA THR D 131 5.01 -26.94 29.81
C THR D 131 3.68 -27.68 30.02
N ILE D 132 3.47 -28.76 29.28
CA ILE D 132 2.27 -29.57 29.46
C ILE D 132 2.71 -31.02 29.65
N GLU D 133 1.93 -31.79 30.41
CA GLU D 133 2.28 -33.17 30.69
C GLU D 133 1.91 -34.13 29.58
N ARG D 134 0.82 -33.85 28.89
CA ARG D 134 0.38 -34.68 27.78
C ARG D 134 -0.19 -33.81 26.68
N ILE D 135 -0.10 -34.30 25.44
CA ILE D 135 -0.53 -33.55 24.26
C ILE D 135 -1.83 -34.06 23.65
N PRO D 136 -2.88 -33.23 23.65
CA PRO D 136 -4.14 -33.69 23.05
C PRO D 136 -3.93 -33.88 21.54
N LEU D 137 -4.41 -35.00 21.01
CA LEU D 137 -4.23 -35.29 19.59
C LEU D 137 -5.51 -35.35 18.77
N GLY D 138 -5.33 -35.12 17.48
CA GLY D 138 -6.40 -35.18 16.49
C GLY D 138 -5.86 -36.23 15.53
N LEU D 139 -6.67 -36.70 14.57
CA LEU D 139 -6.15 -37.73 13.67
C LEU D 139 -6.68 -37.64 12.23
N VAL D 140 -5.81 -37.90 11.26
CA VAL D 140 -6.18 -37.90 9.85
C VAL D 140 -6.66 -39.30 9.47
N LEU D 141 -7.80 -39.38 8.79
CA LEU D 141 -8.37 -40.66 8.39
C LEU D 141 -7.77 -41.20 7.10
N GLY D 142 -7.80 -42.53 6.95
CA GLY D 142 -7.26 -43.14 5.76
C GLY D 142 -8.25 -43.05 4.62
N ALA D 143 -7.74 -43.14 3.40
CA ALA D 143 -8.58 -43.08 2.21
C ALA D 143 -9.49 -44.30 2.22
N GLY D 144 -10.66 -44.17 1.61
CA GLY D 144 -11.61 -45.26 1.56
C GLY D 144 -12.95 -44.73 1.09
N GLU D 145 -13.97 -45.60 1.04
CA GLU D 145 -15.28 -45.15 0.62
C GLU D 145 -15.86 -44.34 1.78
N PRO D 146 -16.66 -43.30 1.46
CA PRO D 146 -17.27 -42.47 2.51
C PRO D 146 -17.83 -43.21 3.72
N GLU D 147 -18.53 -44.31 3.48
CA GLU D 147 -19.10 -45.06 4.61
C GLU D 147 -17.97 -45.65 5.46
N ALA D 148 -16.88 -46.04 4.82
CA ALA D 148 -15.75 -46.62 5.55
C ALA D 148 -15.01 -45.53 6.32
N VAL D 149 -14.85 -44.38 5.68
CA VAL D 149 -14.16 -43.27 6.32
C VAL D 149 -15.00 -42.82 7.53
N ALA D 150 -16.31 -42.78 7.35
CA ALA D 150 -17.22 -42.38 8.43
C ALA D 150 -17.11 -43.31 9.64
N GLU D 151 -16.97 -44.61 9.38
CA GLU D 151 -16.85 -45.60 10.46
C GLU D 151 -15.54 -45.41 11.21
N GLU D 152 -14.45 -45.15 10.47
CA GLU D 152 -13.16 -44.93 11.13
C GLU D 152 -13.24 -43.70 12.02
N ALA D 153 -13.92 -42.66 11.54
CA ALA D 153 -14.07 -41.43 12.31
C ALA D 153 -14.69 -41.69 13.69
N LEU D 154 -15.77 -42.47 13.72
CA LEU D 154 -16.41 -42.80 14.99
C LEU D 154 -15.45 -43.56 15.89
N ALA D 155 -14.63 -44.44 15.30
CA ALA D 155 -13.66 -45.22 16.07
C ALA D 155 -12.60 -44.28 16.64
N VAL D 156 -12.13 -43.34 15.83
CA VAL D 156 -11.12 -42.39 16.28
C VAL D 156 -11.69 -41.57 17.44
N LEU D 157 -12.91 -41.08 17.30
CA LEU D 157 -13.53 -40.28 18.35
C LEU D 157 -13.78 -41.05 19.65
N ARG D 158 -14.10 -42.34 19.54
CA ARG D 158 -14.35 -43.15 20.75
C ARG D 158 -13.07 -43.29 21.55
N GLU D 159 -11.95 -43.44 20.86
CA GLU D 159 -10.66 -43.59 21.52
C GLU D 159 -10.30 -42.31 22.28
N GLY D 160 -10.93 -41.20 21.89
CA GLY D 160 -10.66 -39.96 22.59
C GLY D 160 -9.99 -38.85 21.80
N PHE D 161 -9.78 -39.06 20.51
CA PHE D 161 -9.12 -38.03 19.73
C PHE D 161 -9.96 -36.77 19.62
N HIS D 162 -9.28 -35.64 19.58
CA HIS D 162 -9.91 -34.32 19.58
C HIS D 162 -10.41 -33.70 18.28
N PHE D 163 -10.00 -34.26 17.15
CA PHE D 163 -10.49 -33.77 15.87
C PHE D 163 -10.28 -34.82 14.80
N VAL D 164 -11.01 -34.66 13.70
CA VAL D 164 -10.91 -35.58 12.58
C VAL D 164 -10.56 -34.78 11.34
N LYS D 165 -9.47 -35.20 10.70
CA LYS D 165 -9.01 -34.54 9.49
C LYS D 165 -9.13 -35.47 8.30
N LEU D 166 -9.70 -34.98 7.20
CA LEU D 166 -9.88 -35.76 5.99
C LEU D 166 -8.96 -35.27 4.87
N LYS D 167 -8.43 -36.19 4.08
CA LYS D 167 -7.59 -35.80 2.97
C LYS D 167 -8.51 -35.74 1.75
N ALA D 168 -8.57 -34.59 1.10
CA ALA D 168 -9.43 -34.44 -0.09
C ALA D 168 -8.65 -34.84 -1.34
N GLY D 169 -9.18 -35.80 -2.10
CA GLY D 169 -8.46 -36.25 -3.29
C GLY D 169 -9.13 -36.00 -4.63
N GLY D 170 -10.36 -35.50 -4.60
CA GLY D 170 -11.06 -35.23 -5.85
C GLY D 170 -11.60 -36.51 -6.47
N PRO D 171 -12.55 -36.40 -7.41
CA PRO D 171 -13.10 -35.15 -7.94
C PRO D 171 -14.07 -34.47 -6.97
N LEU D 172 -14.58 -33.32 -7.38
CA LEU D 172 -15.53 -32.54 -6.59
C LEU D 172 -16.62 -33.38 -5.93
N LYS D 173 -17.34 -34.16 -6.74
CA LYS D 173 -18.41 -34.99 -6.20
C LYS D 173 -17.90 -35.94 -5.12
N ALA D 174 -16.66 -36.40 -5.28
CA ALA D 174 -16.05 -37.33 -4.32
C ALA D 174 -15.74 -36.67 -2.98
N ASP D 175 -15.14 -35.49 -3.01
CA ASP D 175 -14.81 -34.78 -1.77
C ASP D 175 -16.08 -34.41 -1.00
N ILE D 176 -17.09 -33.96 -1.73
CA ILE D 176 -18.35 -33.57 -1.10
C ILE D 176 -19.02 -34.77 -0.45
N ALA D 177 -19.07 -35.87 -1.19
CA ALA D 177 -19.69 -37.10 -0.70
C ALA D 177 -18.97 -37.60 0.55
N MET D 178 -17.63 -37.49 0.54
CA MET D 178 -16.82 -37.93 1.69
C MET D 178 -17.16 -37.11 2.92
N VAL D 179 -17.02 -35.79 2.79
CA VAL D 179 -17.32 -34.88 3.90
C VAL D 179 -18.75 -35.02 4.41
N ALA D 180 -19.70 -35.09 3.48
CA ALA D 180 -21.11 -35.22 3.84
C ALA D 180 -21.39 -36.45 4.70
N GLU D 181 -20.88 -37.61 4.29
CA GLU D 181 -21.10 -38.84 5.05
C GLU D 181 -20.46 -38.79 6.44
N VAL D 182 -19.22 -38.31 6.52
CA VAL D 182 -18.54 -38.24 7.81
C VAL D 182 -19.24 -37.27 8.74
N ARG D 183 -19.59 -36.10 8.23
CA ARG D 183 -20.28 -35.08 9.03
C ARG D 183 -21.57 -35.65 9.63
N ARG D 184 -22.35 -36.34 8.79
CA ARG D 184 -23.61 -36.94 9.24
C ARG D 184 -23.40 -37.80 10.47
N ALA D 185 -22.38 -38.67 10.39
CA ALA D 185 -22.06 -39.60 11.46
C ALA D 185 -21.39 -39.05 12.71
N VAL D 186 -20.56 -38.02 12.58
CA VAL D 186 -19.88 -37.47 13.75
C VAL D 186 -20.68 -36.34 14.41
N GLY D 187 -21.68 -35.83 13.69
CA GLY D 187 -22.48 -34.75 14.24
C GLY D 187 -21.85 -33.38 14.05
N ASP D 188 -22.60 -32.32 14.35
CA ASP D 188 -22.10 -30.96 14.17
C ASP D 188 -21.18 -30.43 15.26
N ASP D 189 -21.09 -31.14 16.39
CA ASP D 189 -20.26 -30.67 17.48
C ASP D 189 -18.82 -31.17 17.49
N VAL D 190 -18.44 -31.93 16.47
CA VAL D 190 -17.07 -32.44 16.40
C VAL D 190 -16.23 -31.61 15.42
N ASP D 191 -14.96 -31.41 15.77
CA ASP D 191 -14.01 -30.64 14.95
C ASP D 191 -13.62 -31.47 13.73
N LEU D 192 -14.18 -31.11 12.57
CA LEU D 192 -13.91 -31.81 11.33
C LEU D 192 -13.38 -30.85 10.26
N PHE D 193 -12.25 -31.20 9.63
CA PHE D 193 -11.71 -30.35 8.58
C PHE D 193 -11.01 -31.16 7.49
N ILE D 194 -10.70 -30.50 6.37
CA ILE D 194 -10.07 -31.20 5.26
C ILE D 194 -8.73 -30.62 4.85
N ASP D 195 -7.89 -31.48 4.25
CA ASP D 195 -6.57 -31.11 3.78
C ASP D 195 -6.53 -31.32 2.27
N ILE D 196 -6.15 -30.27 1.52
CA ILE D 196 -6.10 -30.32 0.06
C ILE D 196 -4.69 -30.50 -0.48
N ASN D 197 -3.71 -30.27 0.38
CA ASN D 197 -2.32 -30.42 -0.03
C ASN D 197 -1.96 -29.55 -1.24
N GLY D 198 -2.51 -28.35 -1.29
CA GLY D 198 -2.23 -27.39 -2.36
C GLY D 198 -2.58 -27.78 -3.79
N ALA D 199 -3.49 -28.74 -3.93
CA ALA D 199 -3.89 -29.26 -5.24
C ALA D 199 -4.89 -28.47 -6.09
N TRP D 200 -5.44 -27.38 -5.58
CA TRP D 200 -6.44 -26.64 -6.38
C TRP D 200 -6.04 -25.33 -7.05
N THR D 201 -6.68 -25.06 -8.18
CA THR D 201 -6.49 -23.80 -8.88
C THR D 201 -7.48 -22.89 -8.12
N TYR D 202 -7.35 -21.58 -8.25
CA TYR D 202 -8.24 -20.68 -7.53
C TYR D 202 -9.75 -20.93 -7.67
N ASP D 203 -10.22 -21.10 -8.91
CA ASP D 203 -11.65 -21.33 -9.16
C ASP D 203 -12.13 -22.64 -8.53
N GLN D 204 -11.32 -23.68 -8.62
CA GLN D 204 -11.65 -24.98 -8.02
C GLN D 204 -11.90 -24.78 -6.53
N ALA D 205 -11.01 -24.04 -5.91
CA ALA D 205 -11.09 -23.75 -4.48
C ALA D 205 -12.35 -22.98 -4.12
N LEU D 206 -12.60 -21.88 -4.83
CA LEU D 206 -13.78 -21.09 -4.57
C LEU D 206 -15.07 -21.91 -4.68
N THR D 207 -15.16 -22.71 -5.74
CA THR D 207 -16.33 -23.55 -5.98
C THR D 207 -16.52 -24.66 -4.95
N THR D 208 -15.46 -25.42 -4.70
CA THR D 208 -15.55 -26.52 -3.76
C THR D 208 -15.77 -26.05 -2.32
N ILE D 209 -15.01 -25.04 -1.91
CA ILE D 209 -15.15 -24.53 -0.56
C ILE D 209 -16.59 -24.05 -0.31
N ARG D 210 -17.15 -23.35 -1.28
CA ARG D 210 -18.52 -22.86 -1.13
C ARG D 210 -19.54 -23.99 -1.09
N ALA D 211 -19.26 -25.07 -1.81
CA ALA D 211 -20.16 -26.22 -1.86
C ALA D 211 -20.12 -27.03 -0.57
N LEU D 212 -19.03 -26.89 0.18
CA LEU D 212 -18.86 -27.61 1.43
C LEU D 212 -19.27 -26.77 2.64
N GLU D 213 -19.54 -25.48 2.42
CA GLU D 213 -19.91 -24.62 3.53
C GLU D 213 -21.07 -25.16 4.36
N LYS D 214 -21.99 -25.88 3.73
CA LYS D 214 -23.14 -26.41 4.46
C LYS D 214 -22.74 -27.45 5.51
N TYR D 215 -21.55 -28.05 5.35
CA TYR D 215 -21.08 -29.05 6.30
C TYR D 215 -20.24 -28.45 7.43
N ASN D 216 -20.16 -27.12 7.47
CA ASN D 216 -19.44 -26.37 8.49
C ASN D 216 -18.08 -26.89 8.97
N LEU D 217 -17.16 -27.12 8.03
CA LEU D 217 -15.82 -27.59 8.39
C LEU D 217 -15.12 -26.49 9.19
N SER D 218 -14.26 -26.87 10.14
CA SER D 218 -13.56 -25.88 10.95
C SER D 218 -12.52 -25.09 10.15
N LYS D 219 -12.00 -25.69 9.09
CA LYS D 219 -11.00 -25.02 8.27
C LYS D 219 -10.68 -25.84 7.03
N ILE D 220 -10.03 -25.21 6.06
CA ILE D 220 -9.61 -25.87 4.84
C ILE D 220 -8.09 -25.77 4.88
N GLU D 221 -7.41 -26.90 4.87
CA GLU D 221 -5.96 -26.87 4.91
C GLU D 221 -5.32 -26.77 3.52
N GLN D 222 -4.52 -25.73 3.33
CA GLN D 222 -3.80 -25.47 2.08
C GLN D 222 -4.54 -25.81 0.78
N PRO D 223 -5.61 -25.07 0.45
CA PRO D 223 -6.34 -25.37 -0.79
C PRO D 223 -5.53 -25.09 -2.07
N LEU D 224 -4.78 -23.99 -2.05
CA LEU D 224 -3.98 -23.57 -3.20
C LEU D 224 -2.51 -23.94 -3.10
N PRO D 225 -1.75 -23.81 -4.20
CA PRO D 225 -0.32 -24.15 -4.17
C PRO D 225 0.44 -23.39 -3.09
N ALA D 226 1.53 -23.98 -2.62
CA ALA D 226 2.37 -23.39 -1.58
C ALA D 226 2.76 -21.94 -1.86
N TRP D 227 3.12 -21.66 -3.11
CA TRP D 227 3.56 -20.32 -3.52
C TRP D 227 2.46 -19.29 -3.79
N ASP D 228 1.23 -19.74 -3.96
CA ASP D 228 0.13 -18.83 -4.27
C ASP D 228 -0.45 -18.07 -3.07
N LEU D 229 0.38 -17.27 -2.43
CA LEU D 229 -0.03 -16.50 -1.26
C LEU D 229 -1.09 -15.46 -1.58
N ASP D 230 -1.00 -14.80 -2.73
CA ASP D 230 -2.00 -13.80 -3.08
C ASP D 230 -3.34 -14.52 -3.29
N GLY D 231 -3.28 -15.71 -3.88
CA GLY D 231 -4.50 -16.48 -4.10
C GLY D 231 -5.14 -16.86 -2.79
N MET D 232 -4.32 -17.28 -1.83
CA MET D 232 -4.83 -17.66 -0.52
C MET D 232 -5.52 -16.47 0.13
N ALA D 233 -4.95 -15.28 -0.07
CA ALA D 233 -5.53 -14.07 0.51
C ALA D 233 -6.82 -13.71 -0.23
N ARG D 234 -6.81 -13.88 -1.55
CA ARG D 234 -7.97 -13.57 -2.38
C ARG D 234 -9.10 -14.54 -2.05
N LEU D 235 -8.74 -15.78 -1.77
CA LEU D 235 -9.71 -16.81 -1.44
C LEU D 235 -10.42 -16.44 -0.15
N ARG D 236 -9.64 -16.12 0.88
CA ARG D 236 -10.21 -15.73 2.17
C ARG D 236 -11.17 -14.56 2.00
N GLY D 237 -11.03 -13.81 0.91
CA GLY D 237 -11.91 -12.68 0.68
C GLY D 237 -13.21 -13.11 0.02
N LYS D 238 -13.27 -14.36 -0.41
CA LYS D 238 -14.44 -14.89 -1.10
C LYS D 238 -15.18 -16.05 -0.40
N VAL D 239 -14.59 -16.61 0.67
CA VAL D 239 -15.24 -17.70 1.38
C VAL D 239 -15.23 -17.45 2.88
N ALA D 240 -16.15 -18.09 3.59
CA ALA D 240 -16.27 -17.91 5.02
C ALA D 240 -15.37 -18.83 5.84
N THR D 241 -15.23 -20.07 5.37
CA THR D 241 -14.42 -21.07 6.06
C THR D 241 -12.96 -20.65 6.25
N PRO D 242 -12.43 -20.81 7.47
CA PRO D 242 -11.03 -20.45 7.75
C PRO D 242 -10.10 -21.20 6.81
N ILE D 243 -9.03 -20.52 6.38
CA ILE D 243 -8.05 -21.11 5.49
C ILE D 243 -6.72 -21.23 6.24
N TYR D 244 -6.21 -22.44 6.37
CA TYR D 244 -4.94 -22.66 7.07
C TYR D 244 -3.82 -22.96 6.08
N ALA D 245 -2.60 -22.59 6.45
CA ALA D 245 -1.45 -22.82 5.59
C ALA D 245 -0.51 -23.87 6.15
N ASP D 246 -0.08 -24.79 5.29
CA ASP D 246 0.88 -25.82 5.67
C ASP D 246 2.07 -25.65 4.74
N GLU D 247 1.96 -26.19 3.53
CA GLU D 247 3.03 -26.11 2.57
C GLU D 247 3.54 -24.68 2.34
N SER D 248 2.63 -23.70 2.44
CA SER D 248 2.98 -22.30 2.28
C SER D 248 3.85 -21.76 3.42
N ALA D 249 3.69 -22.33 4.61
CA ALA D 249 4.43 -21.88 5.79
C ALA D 249 5.64 -22.76 6.09
N GLN D 250 6.69 -22.62 5.28
CA GLN D 250 7.90 -23.42 5.46
C GLN D 250 9.05 -22.65 6.11
N GLU D 251 9.43 -21.52 5.52
CA GLU D 251 10.54 -20.74 6.06
C GLU D 251 10.06 -19.52 6.85
N LEU D 252 10.97 -18.93 7.63
CA LEU D 252 10.63 -17.76 8.41
C LEU D 252 10.09 -16.64 7.55
N HIS D 253 10.70 -16.44 6.37
CA HIS D 253 10.23 -15.38 5.50
C HIS D 253 8.87 -15.72 4.87
N ASP D 254 8.50 -17.00 4.86
CA ASP D 254 7.20 -17.41 4.33
C ASP D 254 6.16 -16.96 5.34
N LEU D 255 6.46 -17.14 6.62
CA LEU D 255 5.54 -16.73 7.67
C LEU D 255 5.33 -15.22 7.63
N LEU D 256 6.41 -14.47 7.39
CA LEU D 256 6.31 -13.02 7.33
C LEU D 256 5.38 -12.60 6.20
N ALA D 257 5.56 -13.22 5.03
CA ALA D 257 4.74 -12.93 3.87
C ALA D 257 3.28 -13.30 4.14
N ILE D 258 3.07 -14.40 4.85
CA ILE D 258 1.71 -14.83 5.18
C ILE D 258 1.01 -13.81 6.05
N ILE D 259 1.70 -13.31 7.08
CA ILE D 259 1.05 -12.33 7.93
C ILE D 259 0.84 -11.02 7.17
N ASN D 260 1.82 -10.63 6.36
CA ASN D 260 1.72 -9.37 5.61
C ASN D 260 0.64 -9.39 4.55
N LYS D 261 0.42 -10.55 3.94
CA LYS D 261 -0.60 -10.68 2.90
C LYS D 261 -1.96 -11.12 3.43
N GLY D 262 -2.02 -11.50 4.71
CA GLY D 262 -3.28 -11.97 5.26
C GLY D 262 -3.69 -13.23 4.51
N ALA D 263 -2.73 -14.14 4.34
CA ALA D 263 -2.96 -15.37 3.62
C ALA D 263 -3.47 -16.56 4.44
N ALA D 264 -3.62 -16.40 5.76
CA ALA D 264 -4.08 -17.52 6.57
C ALA D 264 -4.73 -17.20 7.91
N ASP D 265 -5.62 -18.09 8.32
CA ASP D 265 -6.36 -17.99 9.58
C ASP D 265 -5.73 -18.96 10.60
N GLY D 266 -4.73 -19.72 10.17
CA GLY D 266 -4.08 -20.69 11.03
C GLY D 266 -2.90 -21.33 10.32
N LEU D 267 -2.07 -22.07 11.06
CA LEU D 267 -0.89 -22.68 10.45
C LEU D 267 -0.66 -24.15 10.84
N MET D 268 0.08 -24.87 10.00
CA MET D 268 0.44 -26.26 10.28
C MET D 268 1.96 -26.28 10.19
N ILE D 269 2.59 -27.11 11.03
CA ILE D 269 4.04 -27.22 11.03
C ILE D 269 4.42 -28.71 11.05
N LYS D 270 5.66 -28.99 10.69
CA LYS D 270 6.23 -30.33 10.74
C LYS D 270 7.69 -30.05 11.04
N THR D 271 8.25 -30.76 12.01
CA THR D 271 9.65 -30.53 12.36
C THR D 271 10.55 -30.66 11.13
N GLN D 272 10.26 -31.65 10.29
CA GLN D 272 11.06 -31.86 9.09
C GLN D 272 10.93 -30.72 8.08
N LYS D 273 9.75 -30.11 8.03
CA LYS D 273 9.51 -29.00 7.12
C LYS D 273 10.27 -27.76 7.62
N ALA D 274 10.16 -27.50 8.92
CA ALA D 274 10.83 -26.36 9.54
C ALA D 274 12.34 -26.47 9.41
N GLY D 275 12.86 -27.70 9.54
CA GLY D 275 14.29 -27.91 9.43
C GLY D 275 14.98 -28.37 10.72
N GLY D 276 14.20 -28.79 11.71
CA GLY D 276 14.77 -29.23 12.97
C GLY D 276 14.07 -28.59 14.16
N LEU D 277 14.45 -28.98 15.38
CA LEU D 277 13.83 -28.42 16.59
C LEU D 277 14.18 -26.95 16.81
N LEU D 278 15.45 -26.60 16.59
CA LEU D 278 15.85 -25.21 16.77
C LEU D 278 15.12 -24.34 15.75
N LYS D 279 15.18 -24.71 14.47
CA LYS D 279 14.49 -23.96 13.42
C LYS D 279 12.98 -23.91 13.70
N ALA D 280 12.43 -24.99 14.26
CA ALA D 280 11.01 -25.02 14.60
C ALA D 280 10.69 -24.01 15.71
N GLN D 281 11.59 -23.87 16.68
CA GLN D 281 11.39 -22.91 17.76
C GLN D 281 11.30 -21.52 17.16
N ARG D 282 12.20 -21.22 16.21
CA ARG D 282 12.18 -19.94 15.54
C ARG D 282 10.86 -19.79 14.78
N TRP D 283 10.46 -20.87 14.10
CA TRP D 283 9.22 -20.91 13.31
C TRP D 283 8.05 -20.51 14.22
N LEU D 284 7.99 -21.16 15.39
CA LEU D 284 6.94 -20.89 16.37
C LEU D 284 6.97 -19.49 16.97
N THR D 285 8.12 -18.81 16.88
CA THR D 285 8.24 -17.46 17.39
C THR D 285 7.42 -16.57 16.47
N LEU D 286 7.54 -16.80 15.17
CA LEU D 286 6.78 -16.02 14.21
C LEU D 286 5.29 -16.32 14.33
N ALA D 287 4.95 -17.59 14.55
CA ALA D 287 3.55 -17.98 14.71
C ALA D 287 2.96 -17.24 15.92
N ARG D 288 3.78 -17.09 16.96
CA ARG D 288 3.37 -16.39 18.18
C ARG D 288 3.08 -14.93 17.84
N LEU D 289 4.00 -14.31 17.12
CA LEU D 289 3.83 -12.91 16.72
C LEU D 289 2.55 -12.76 15.90
N ALA D 290 2.23 -13.79 15.12
CA ALA D 290 1.04 -13.79 14.27
C ALA D 290 -0.24 -14.08 15.06
N ASN D 291 -0.06 -14.58 16.29
CA ASN D 291 -1.19 -14.90 17.14
C ASN D 291 -2.12 -15.90 16.43
N LEU D 292 -1.50 -16.84 15.71
CA LEU D 292 -2.22 -17.86 14.96
C LEU D 292 -2.03 -19.25 15.57
N PRO D 293 -3.06 -20.10 15.48
CA PRO D 293 -2.92 -21.45 16.04
C PRO D 293 -1.95 -22.27 15.19
N VAL D 294 -1.36 -23.29 15.80
CA VAL D 294 -0.41 -24.14 15.09
C VAL D 294 -0.64 -25.61 15.41
N ILE D 295 -0.81 -26.42 14.37
CA ILE D 295 -1.01 -27.84 14.52
C ILE D 295 0.17 -28.54 13.88
N CYS D 296 0.88 -29.35 14.66
CA CYS D 296 2.04 -30.05 14.15
C CYS D 296 1.72 -31.45 13.66
N GLY D 297 2.07 -31.73 12.41
CA GLY D 297 1.83 -33.05 11.84
C GLY D 297 3.11 -33.87 11.90
N CYS D 298 3.26 -34.83 11.00
CA CYS D 298 4.45 -35.66 11.00
C CYS D 298 4.75 -36.20 9.62
N MET D 299 5.93 -36.77 9.47
CA MET D 299 6.33 -37.40 8.22
C MET D 299 6.27 -38.86 8.61
N VAL D 300 5.05 -39.38 8.68
CA VAL D 300 4.77 -40.76 9.05
C VAL D 300 6.00 -41.61 9.34
N GLY D 301 6.25 -41.87 10.62
CA GLY D 301 7.41 -42.66 11.00
C GLY D 301 7.24 -43.43 12.29
N SER D 302 8.33 -44.03 12.75
CA SER D 302 8.36 -44.82 13.97
C SER D 302 8.25 -43.99 15.24
N GLY D 303 8.46 -44.64 16.38
CA GLY D 303 8.42 -43.97 17.65
C GLY D 303 9.58 -43.00 17.75
N LEU D 304 10.62 -43.23 16.97
CA LEU D 304 11.77 -42.33 16.97
C LEU D 304 11.41 -41.07 16.20
N GLU D 305 10.76 -41.23 15.06
CA GLU D 305 10.36 -40.08 14.25
C GLU D 305 9.42 -39.18 15.04
N ALA D 306 8.55 -39.78 15.86
CA ALA D 306 7.60 -39.01 16.64
C ALA D 306 8.17 -38.32 17.88
N SER D 307 9.35 -38.75 18.33
CA SER D 307 9.93 -38.18 19.54
C SER D 307 10.37 -36.72 19.52
N PRO D 308 11.08 -36.29 18.47
CA PRO D 308 11.48 -34.88 18.48
C PRO D 308 10.26 -33.98 18.66
N ALA D 309 9.22 -34.21 17.86
CA ALA D 309 8.01 -33.42 17.94
C ALA D 309 7.31 -33.57 19.30
N ALA D 310 7.30 -34.79 19.83
CA ALA D 310 6.65 -35.02 21.13
C ALA D 310 7.27 -34.09 22.17
N HIS D 311 8.60 -33.98 22.17
CA HIS D 311 9.29 -33.11 23.11
C HIS D 311 8.97 -31.63 22.86
N LEU D 312 8.99 -31.23 21.60
CA LEU D 312 8.70 -29.85 21.23
C LEU D 312 7.29 -29.47 21.62
N LEU D 313 6.32 -30.33 21.29
CA LEU D 313 4.91 -30.07 21.59
C LEU D 313 4.59 -29.97 23.08
N ALA D 314 5.40 -30.62 23.91
CA ALA D 314 5.20 -30.57 25.35
C ALA D 314 5.91 -29.37 25.97
N ALA D 315 6.97 -28.90 25.29
CA ALA D 315 7.76 -27.78 25.80
C ALA D 315 7.41 -26.38 25.30
N ASN D 316 7.26 -26.23 23.99
CA ASN D 316 6.97 -24.91 23.42
C ASN D 316 5.66 -24.31 23.92
N ASP D 317 5.78 -23.19 24.63
CA ASP D 317 4.61 -22.53 25.21
C ASP D 317 3.55 -22.16 24.19
N TRP D 318 3.97 -21.68 23.02
CA TRP D 318 2.98 -21.30 22.02
C TRP D 318 2.19 -22.50 21.51
N ILE D 319 2.90 -23.52 21.03
CA ILE D 319 2.22 -24.68 20.47
C ILE D 319 1.48 -25.56 21.47
N ALA D 320 1.82 -25.42 22.76
CA ALA D 320 1.17 -26.18 23.82
C ALA D 320 -0.27 -25.73 24.05
N GLN D 321 -0.75 -24.75 23.27
CA GLN D 321 -2.12 -24.26 23.41
C GLN D 321 -3.10 -24.98 22.48
N PHE D 322 -2.58 -25.76 21.53
CA PHE D 322 -3.45 -26.39 20.55
C PHE D 322 -3.32 -27.91 20.38
N PRO D 323 -4.42 -28.57 19.98
CA PRO D 323 -4.39 -30.02 19.77
C PRO D 323 -3.41 -30.29 18.63
N GLN D 324 -2.77 -31.45 18.65
CA GLN D 324 -1.77 -31.78 17.65
C GLN D 324 -2.13 -32.98 16.75
N GLU D 325 -1.25 -33.29 15.81
CA GLU D 325 -1.48 -34.39 14.86
C GLU D 325 -0.19 -35.18 14.62
N ASN D 326 0.61 -35.33 15.67
CA ASN D 326 1.89 -36.03 15.58
C ASN D 326 1.66 -37.49 15.99
N ALA D 327 1.25 -38.32 15.03
CA ALA D 327 0.97 -39.72 15.36
C ALA D 327 1.39 -40.75 14.31
N GLY D 328 2.63 -40.64 13.84
CA GLY D 328 3.11 -41.59 12.84
C GLY D 328 3.02 -43.04 13.24
N PRO D 329 3.46 -43.40 14.46
CA PRO D 329 3.41 -44.80 14.90
C PRO D 329 2.00 -45.41 14.80
N LEU D 330 0.98 -44.59 14.99
CA LEU D 330 -0.39 -45.08 14.92
C LEU D 330 -0.78 -45.41 13.47
N HIS D 331 -0.18 -44.71 12.51
CA HIS D 331 -0.48 -44.97 11.09
C HIS D 331 0.26 -46.21 10.59
N ILE D 332 1.54 -46.34 10.97
CA ILE D 332 2.34 -47.48 10.55
C ILE D 332 1.79 -48.78 11.12
N HIS D 333 1.46 -48.76 12.41
CA HIS D 333 0.96 -49.95 13.09
C HIS D 333 -0.55 -50.06 13.09
N ASP D 334 -1.17 -49.23 12.25
CA ASP D 334 -2.63 -49.21 12.10
C ASP D 334 -3.42 -49.47 13.38
N CYS D 335 -3.23 -48.61 14.38
CA CYS D 335 -3.93 -48.73 15.66
C CYS D 335 -4.21 -47.32 16.20
N LEU D 336 -5.03 -47.24 17.24
CA LEU D 336 -5.38 -45.95 17.83
C LEU D 336 -4.70 -45.62 19.17
N ASN D 337 -3.85 -46.52 19.64
CA ASN D 337 -3.10 -46.30 20.89
C ASN D 337 -1.83 -47.13 20.81
N SER D 338 -0.81 -46.78 21.59
CA SER D 338 0.47 -47.49 21.53
C SER D 338 0.61 -48.85 22.20
N ARG D 339 -0.31 -49.22 23.10
CA ARG D 339 -0.20 -50.53 23.73
C ARG D 339 -0.40 -51.60 22.64
N ASP D 340 -1.01 -51.20 21.52
CA ASP D 340 -1.25 -52.13 20.41
C ASP D 340 -0.04 -52.20 19.47
N ILE D 341 1.15 -51.85 19.97
CA ILE D 341 2.35 -51.89 19.16
C ILE D 341 3.46 -52.69 19.84
N ASP D 342 4.10 -53.60 19.11
CA ASP D 342 5.17 -54.42 19.67
C ASP D 342 6.33 -54.63 18.70
N ASN D 343 6.16 -54.17 17.47
CA ASN D 343 7.19 -54.36 16.46
C ASN D 343 7.64 -53.07 15.78
N ASP D 344 8.05 -52.08 16.57
CA ASP D 344 8.53 -50.79 16.05
C ASP D 344 10.03 -50.71 16.27
N ILE D 345 10.75 -49.93 15.45
CA ILE D 345 12.19 -49.84 15.64
C ILE D 345 12.50 -49.23 17.00
N ALA D 346 11.51 -48.56 17.58
CA ALA D 346 11.68 -47.98 18.91
C ALA D 346 11.15 -49.06 19.85
N LEU D 347 11.98 -49.52 20.78
CA LEU D 347 11.54 -50.54 21.73
C LEU D 347 10.50 -49.95 22.66
N ASN D 348 10.64 -48.66 22.94
CA ASN D 348 9.70 -47.97 23.83
C ASN D 348 8.99 -46.82 23.13
N VAL D 349 8.01 -47.16 22.32
CA VAL D 349 7.23 -46.14 21.60
C VAL D 349 6.58 -45.20 22.60
N PRO D 350 6.63 -43.88 22.33
CA PRO D 350 6.01 -42.93 23.25
C PRO D 350 4.54 -43.31 23.48
N ARG D 351 4.04 -43.08 24.69
CA ARG D 351 2.67 -43.43 25.00
C ARG D 351 1.62 -42.63 24.26
N PHE D 352 0.82 -43.33 23.47
CA PHE D 352 -0.30 -42.76 22.73
C PHE D 352 -1.47 -43.44 23.40
N GLU D 353 -2.29 -42.67 24.11
CA GLU D 353 -3.42 -43.28 24.81
C GLU D 353 -4.54 -42.30 25.12
N GLY D 354 -5.76 -42.74 24.90
CA GLY D 354 -6.92 -41.89 25.17
C GLY D 354 -6.91 -40.62 24.36
N GLY D 355 -6.27 -40.67 23.20
CA GLY D 355 -6.20 -39.49 22.35
C GLY D 355 -5.17 -38.47 22.82
N TYR D 356 -4.23 -38.90 23.66
CA TYR D 356 -3.19 -38.02 24.15
C TYR D 356 -1.82 -38.62 23.85
N LEU D 357 -0.82 -37.76 23.68
CA LEU D 357 0.55 -38.20 23.44
C LEU D 357 1.39 -37.77 24.63
N TYR D 358 2.17 -38.70 25.20
CA TYR D 358 3.02 -38.40 26.34
C TYR D 358 4.48 -38.53 25.93
N PRO D 359 5.28 -37.47 26.15
CA PRO D 359 6.68 -37.56 25.76
C PRO D 359 7.44 -38.51 26.71
N ASN D 360 8.42 -39.23 26.19
CA ASN D 360 9.21 -40.14 27.03
C ASN D 360 10.03 -39.26 27.98
N ASP D 361 10.40 -39.80 29.13
CA ASP D 361 11.14 -39.03 30.12
C ASP D 361 12.62 -39.40 30.28
N GLY D 362 13.13 -40.27 29.42
CA GLY D 362 14.53 -40.66 29.51
C GLY D 362 15.44 -39.61 28.89
N PRO D 363 16.77 -39.73 29.06
CA PRO D 363 17.70 -38.75 28.48
C PRO D 363 17.58 -38.67 26.96
N GLY D 364 17.90 -37.50 26.40
CA GLY D 364 17.81 -37.33 24.96
C GLY D 364 16.38 -37.50 24.48
N LEU D 365 16.21 -38.07 23.30
CA LEU D 365 14.87 -38.28 22.76
C LEU D 365 14.15 -39.34 23.58
N GLY D 366 14.92 -40.11 24.36
CA GLY D 366 14.33 -41.13 25.20
C GLY D 366 13.90 -42.38 24.45
N ILE D 367 14.56 -42.67 23.34
CA ILE D 367 14.21 -43.85 22.56
C ILE D 367 15.33 -44.88 22.51
N GLU D 368 14.98 -46.14 22.74
CA GLU D 368 15.93 -47.24 22.68
C GLU D 368 15.60 -47.99 21.39
N LEU D 369 16.56 -48.13 20.49
CA LEU D 369 16.32 -48.82 19.24
C LEU D 369 16.42 -50.33 19.29
N ASN D 370 15.61 -51.00 18.48
CA ASN D 370 15.65 -52.46 18.37
C ASN D 370 16.64 -52.65 17.23
N GLU D 371 17.91 -52.81 17.58
CA GLU D 371 18.96 -52.95 16.57
C GLU D 371 18.78 -54.07 15.55
N ASP D 372 18.30 -55.23 15.98
CA ASP D 372 18.12 -56.31 15.04
C ASP D 372 17.01 -56.00 14.04
N LEU D 373 15.96 -55.32 14.49
CA LEU D 373 14.87 -54.96 13.59
C LEU D 373 15.34 -53.93 12.57
N VAL D 374 16.14 -52.97 13.01
CA VAL D 374 16.66 -51.96 12.10
C VAL D 374 17.40 -52.66 10.97
N ARG D 375 18.23 -53.63 11.34
CA ARG D 375 19.00 -54.38 10.34
C ARG D 375 18.06 -55.10 9.36
N ARG D 376 16.98 -55.68 9.86
CA ARG D 376 16.03 -56.39 9.01
C ARG D 376 15.25 -55.46 8.06
N LEU D 377 15.09 -54.20 8.45
CA LEU D 377 14.35 -53.24 7.62
C LEU D 377 15.20 -52.45 6.64
N VAL D 378 16.51 -52.70 6.63
CA VAL D 378 17.39 -52.00 5.70
C VAL D 378 16.82 -52.14 4.29
N THR D 379 16.63 -51.01 3.62
CA THR D 379 16.07 -50.99 2.28
C THR D 379 16.81 -51.94 1.34
N PRO D 380 16.08 -52.85 0.67
CA PRO D 380 16.66 -53.81 -0.27
C PRO D 380 17.51 -53.14 -1.34
N GLY D 381 18.71 -53.65 -1.53
CA GLY D 381 19.60 -53.10 -2.55
C GLY D 381 20.45 -51.97 -2.00
N LYS D 382 20.16 -51.54 -0.77
CA LYS D 382 20.91 -50.47 -0.17
C LYS D 382 21.64 -50.94 1.07
N ALA D 383 22.45 -50.06 1.64
CA ALA D 383 23.22 -50.39 2.82
C ALA D 383 23.50 -49.11 3.59
N ALA D 384 23.84 -49.27 4.87
CA ALA D 384 24.15 -48.13 5.71
C ALA D 384 25.42 -47.47 5.18
N ARG D 385 25.53 -46.18 5.41
CA ARG D 385 26.68 -45.41 4.97
C ARG D 385 27.36 -44.84 6.20
N VAL D 386 28.69 -45.00 6.26
CA VAL D 386 29.46 -44.51 7.40
C VAL D 386 30.58 -43.58 6.95
N VAL D 387 30.76 -42.49 7.69
CA VAL D 387 31.79 -41.51 7.39
C VAL D 387 32.54 -41.13 8.66
N THR D 388 33.86 -41.11 8.58
CA THR D 388 34.70 -40.78 9.72
C THR D 388 35.77 -39.77 9.32
N LEU E 3 -28.22 21.52 -40.55
CA LEU E 3 -28.39 21.06 -39.14
C LEU E 3 -28.15 19.55 -39.11
N LYS E 4 -27.77 18.98 -40.26
CA LYS E 4 -27.49 17.54 -40.37
C LYS E 4 -26.35 17.18 -41.33
N ILE E 5 -25.55 16.19 -40.95
CA ILE E 5 -24.45 15.73 -41.79
C ILE E 5 -25.05 14.77 -42.82
N THR E 6 -24.87 15.08 -44.09
CA THR E 6 -25.42 14.25 -45.17
C THR E 6 -24.39 13.49 -46.01
N LYS E 7 -23.13 13.78 -45.80
CA LYS E 7 -22.09 13.11 -46.57
C LYS E 7 -20.75 13.14 -45.85
N VAL E 8 -20.09 11.98 -45.80
CA VAL E 8 -18.78 11.86 -45.17
C VAL E 8 -17.78 11.53 -46.27
N GLU E 9 -16.77 12.38 -46.40
CA GLU E 9 -15.74 12.18 -47.41
C GLU E 9 -14.34 12.11 -46.79
N VAL E 10 -13.61 11.08 -47.18
CA VAL E 10 -12.27 10.87 -46.68
C VAL E 10 -11.30 10.84 -47.86
N ILE E 11 -10.32 11.75 -47.85
CA ILE E 11 -9.34 11.84 -48.93
C ILE E 11 -7.93 11.46 -48.49
N PRO E 12 -7.38 10.39 -49.06
CA PRO E 12 -6.02 9.96 -48.70
C PRO E 12 -5.00 10.82 -49.45
N ILE E 13 -4.11 11.48 -48.71
CA ILE E 13 -3.10 12.33 -49.34
C ILE E 13 -1.68 11.99 -48.92
N SER E 14 -0.74 12.28 -49.80
CA SER E 14 0.68 12.05 -49.55
C SER E 14 1.40 13.38 -49.81
N THR E 15 1.98 13.96 -48.77
CA THR E 15 2.67 15.23 -48.89
C THR E 15 4.19 15.08 -48.79
N PRO E 16 4.91 15.46 -49.86
CA PRO E 16 6.37 15.35 -49.86
C PRO E 16 7.02 16.34 -48.90
N MET E 17 8.17 15.96 -48.34
CA MET E 17 8.90 16.81 -47.42
C MET E 17 9.87 17.74 -48.17
N LYS E 18 10.09 18.92 -47.60
CA LYS E 18 11.01 19.94 -48.12
C LYS E 18 10.51 20.73 -49.32
N ARG E 30 7.86 11.23 -47.55
CA ARG E 30 6.57 11.89 -47.70
C ARG E 30 5.64 11.53 -46.55
N ILE E 31 4.70 12.42 -46.26
CA ILE E 31 3.74 12.22 -45.19
C ILE E 31 2.45 11.60 -45.72
N ASP E 32 2.10 10.41 -45.24
CA ASP E 32 0.87 9.78 -45.69
C ASP E 32 -0.20 10.04 -44.65
N GLY E 33 -1.23 10.78 -45.04
CA GLY E 33 -2.30 11.10 -44.12
C GLY E 33 -3.66 11.06 -44.77
N VAL E 34 -4.64 11.63 -44.09
CA VAL E 34 -6.01 11.65 -44.58
C VAL E 34 -6.71 12.96 -44.22
N LEU E 35 -7.58 13.41 -45.12
CA LEU E 35 -8.37 14.61 -44.89
C LEU E 35 -9.81 14.17 -44.76
N LEU E 36 -10.58 14.85 -43.91
CA LEU E 36 -11.98 14.52 -43.71
C LEU E 36 -12.87 15.70 -44.04
N LYS E 37 -13.98 15.44 -44.72
CA LYS E 37 -14.94 16.47 -45.06
C LYS E 37 -16.31 15.98 -44.63
N LEU E 38 -16.94 16.74 -43.74
CA LEU E 38 -18.28 16.40 -43.26
C LEU E 38 -19.23 17.44 -43.85
N HIS E 39 -19.96 17.02 -44.88
CA HIS E 39 -20.90 17.91 -45.56
C HIS E 39 -22.25 17.96 -44.87
N SER E 40 -22.76 19.17 -44.62
CA SER E 40 -24.06 19.34 -43.99
C SER E 40 -25.12 19.59 -45.06
N ASP E 41 -26.38 19.54 -44.67
CA ASP E 41 -27.47 19.76 -45.62
C ASP E 41 -27.72 21.23 -45.89
N GLU E 42 -26.84 22.10 -45.39
CA GLU E 42 -26.99 23.52 -45.62
C GLU E 42 -25.71 24.19 -46.09
N GLY E 43 -25.02 23.54 -47.03
CA GLY E 43 -23.81 24.09 -47.60
C GLY E 43 -22.52 24.05 -46.81
N LEU E 44 -22.59 24.25 -45.50
CA LEU E 44 -21.38 24.25 -44.69
C LEU E 44 -20.71 22.87 -44.67
N VAL E 45 -19.38 22.89 -44.70
CA VAL E 45 -18.62 21.65 -44.68
C VAL E 45 -17.56 21.74 -43.59
N GLY E 46 -17.46 20.69 -42.79
CA GLY E 46 -16.45 20.69 -41.74
C GLY E 46 -15.25 19.94 -42.30
N ILE E 47 -14.05 20.49 -42.12
CA ILE E 47 -12.86 19.83 -42.64
C ILE E 47 -11.84 19.51 -41.56
N ALA E 48 -10.98 18.54 -41.84
CA ALA E 48 -9.94 18.14 -40.90
C ALA E 48 -8.81 17.39 -41.59
N ASP E 49 -7.64 17.44 -40.99
CA ASP E 49 -6.44 16.76 -41.50
C ASP E 49 -5.95 15.86 -40.35
N ALA E 50 -5.93 14.55 -40.59
CA ALA E 50 -5.49 13.62 -39.56
C ALA E 50 -4.02 13.80 -39.24
N GLY E 51 -3.27 14.26 -40.23
CA GLY E 51 -1.84 14.45 -40.06
C GLY E 51 -1.10 13.21 -40.49
N ASP E 52 0.16 13.10 -40.10
CA ASP E 52 1.00 11.97 -40.47
C ASP E 52 0.53 10.70 -39.75
N THR E 53 0.82 9.55 -40.33
CA THR E 53 0.46 8.27 -39.70
C THR E 53 1.74 7.57 -39.26
N SER E 54 1.76 7.06 -38.03
CA SER E 54 2.93 6.37 -37.49
C SER E 54 2.52 4.99 -36.97
N SER E 55 3.12 3.94 -37.53
CA SER E 55 2.78 2.58 -37.13
C SER E 55 3.12 2.32 -35.66
N TRP E 56 4.27 2.82 -35.22
CA TRP E 56 4.67 2.58 -33.85
C TRP E 56 4.10 3.55 -32.81
N TYR E 57 3.99 4.84 -33.14
CA TYR E 57 3.47 5.79 -32.18
C TYR E 57 1.95 5.72 -31.96
N ARG E 58 1.20 5.48 -33.04
CA ARG E 58 -0.26 5.43 -32.95
C ARG E 58 -0.86 4.10 -33.41
N GLY E 59 -0.23 3.47 -34.41
CA GLY E 59 -0.73 2.21 -34.91
C GLY E 59 -1.84 2.31 -35.94
N GLU E 60 -2.12 3.52 -36.43
CA GLU E 60 -3.17 3.72 -37.42
C GLU E 60 -2.58 4.11 -38.78
N THR E 61 -3.30 3.77 -39.84
CA THR E 61 -2.86 4.07 -41.22
C THR E 61 -3.96 4.76 -42.02
N GLN E 62 -3.62 5.20 -43.23
CA GLN E 62 -4.58 5.83 -44.11
C GLN E 62 -5.78 4.90 -44.22
N ASP E 63 -5.50 3.64 -44.49
CA ASP E 63 -6.56 2.65 -44.66
C ASP E 63 -7.41 2.35 -43.41
N SER E 64 -6.79 2.26 -42.24
CA SER E 64 -7.56 1.98 -41.04
C SER E 64 -8.48 3.15 -40.72
N ILE E 65 -7.96 4.37 -40.85
CA ILE E 65 -8.76 5.56 -40.57
C ILE E 65 -9.91 5.69 -41.56
N THR E 66 -9.61 5.49 -42.83
CA THR E 66 -10.63 5.58 -43.87
C THR E 66 -11.77 4.59 -43.62
N SER E 67 -11.41 3.33 -43.36
CA SER E 67 -12.44 2.32 -43.11
C SER E 67 -13.23 2.57 -41.83
N MET E 68 -12.55 2.90 -40.73
CA MET E 68 -13.29 3.12 -39.49
C MET E 68 -14.25 4.30 -39.63
N ILE E 69 -13.84 5.33 -40.38
CA ILE E 69 -14.69 6.48 -40.57
C ILE E 69 -15.85 6.20 -41.54
N CYS E 70 -15.54 5.62 -42.70
CA CYS E 70 -16.55 5.35 -43.71
C CYS E 70 -17.42 4.09 -43.50
N ASP E 71 -16.81 3.00 -43.03
CA ASP E 71 -17.56 1.78 -42.82
C ASP E 71 -18.29 1.71 -41.48
N PHE E 72 -17.87 2.52 -40.51
CA PHE E 72 -18.48 2.50 -39.20
C PHE E 72 -19.07 3.80 -38.66
N PHE E 73 -18.23 4.79 -38.42
CA PHE E 73 -18.72 6.05 -37.88
C PHE E 73 -19.77 6.72 -38.76
N ALA E 74 -19.52 6.75 -40.07
CA ALA E 74 -20.45 7.40 -41.00
C ALA E 74 -21.90 6.88 -40.92
N PRO E 75 -22.11 5.58 -41.19
CA PRO E 75 -23.48 5.07 -41.13
C PRO E 75 -24.06 4.90 -39.73
N LYS E 76 -23.21 4.60 -38.76
CA LYS E 76 -23.71 4.36 -37.41
C LYS E 76 -23.81 5.56 -36.48
N VAL E 77 -23.01 6.59 -36.72
CA VAL E 77 -23.04 7.74 -35.82
C VAL E 77 -23.20 9.12 -36.46
N LEU E 78 -22.54 9.33 -37.59
CA LEU E 78 -22.53 10.62 -38.27
C LEU E 78 -23.67 11.02 -39.20
N LEU E 79 -23.91 10.20 -40.22
CA LEU E 79 -24.95 10.51 -41.20
C LEU E 79 -26.31 10.73 -40.58
N GLY E 80 -26.89 11.90 -40.87
CA GLY E 80 -28.20 12.24 -40.34
C GLY E 80 -28.17 12.87 -38.96
N GLU E 81 -26.98 12.97 -38.36
CA GLU E 81 -26.85 13.55 -37.03
C GLU E 81 -26.57 15.06 -37.07
N ASP E 82 -26.95 15.74 -35.99
CA ASP E 82 -26.72 17.17 -35.83
C ASP E 82 -25.27 17.29 -35.39
N PRO E 83 -24.43 17.98 -36.18
CA PRO E 83 -23.01 18.13 -35.83
C PRO E 83 -22.69 18.89 -34.54
N THR E 84 -23.67 19.61 -34.00
CA THR E 84 -23.45 20.35 -32.76
C THR E 84 -23.41 19.41 -31.55
N LYS E 85 -23.90 18.18 -31.72
CA LYS E 85 -23.91 17.21 -30.63
C LYS E 85 -22.60 16.45 -30.49
N ILE E 86 -21.55 17.23 -30.21
CA ILE E 86 -20.20 16.70 -30.06
C ILE E 86 -20.04 15.72 -28.90
N GLU E 87 -20.53 16.09 -27.71
CA GLU E 87 -20.44 15.19 -26.56
C GLU E 87 -21.06 13.84 -26.94
N LYS E 88 -22.25 13.89 -27.53
CA LYS E 88 -22.96 12.69 -27.94
C LYS E 88 -22.18 11.84 -28.95
N ILE E 89 -21.72 12.48 -30.02
CA ILE E 89 -20.98 11.78 -31.06
C ILE E 89 -19.69 11.15 -30.55
N VAL E 90 -18.92 11.91 -29.77
CA VAL E 90 -17.68 11.42 -29.22
C VAL E 90 -17.96 10.18 -28.35
N GLY E 91 -19.04 10.24 -27.58
CA GLY E 91 -19.40 9.11 -26.73
C GLY E 91 -19.76 7.88 -27.55
N ARG E 92 -20.57 8.08 -28.60
CA ARG E 92 -20.97 6.96 -29.44
C ARG E 92 -19.80 6.32 -30.17
N MET E 93 -18.85 7.12 -30.63
CA MET E 93 -17.68 6.57 -31.33
C MET E 93 -16.89 5.71 -30.35
N ASP E 94 -16.77 6.17 -29.11
CA ASP E 94 -16.04 5.44 -28.08
C ASP E 94 -16.70 4.12 -27.70
N ILE E 95 -18.03 4.07 -27.71
CA ILE E 95 -18.76 2.85 -27.37
C ILE E 95 -18.65 1.88 -28.53
N LEU E 96 -18.72 2.43 -29.74
CA LEU E 96 -18.66 1.64 -30.95
C LEU E 96 -17.30 1.07 -31.30
N THR E 97 -16.24 1.83 -31.02
CA THR E 97 -14.89 1.43 -31.39
C THR E 97 -13.79 1.53 -30.33
N ARG E 98 -12.96 0.49 -30.26
CA ARG E 98 -11.84 0.47 -29.32
C ARG E 98 -10.66 1.12 -30.05
N ASP E 99 -9.83 1.87 -29.31
CA ASP E 99 -8.66 2.52 -29.89
C ASP E 99 -9.05 3.43 -31.08
N ASN E 100 -8.27 3.42 -32.16
CA ASN E 100 -8.57 4.26 -33.32
C ASN E 100 -8.67 5.73 -32.93
N ASN E 101 -7.85 6.14 -31.98
CA ASN E 101 -7.84 7.50 -31.47
C ASN E 101 -7.60 8.56 -32.54
N GLN E 102 -6.78 8.27 -33.54
CA GLN E 102 -6.52 9.25 -34.59
C GLN E 102 -7.73 9.43 -35.51
N ALA E 103 -8.40 8.32 -35.85
CA ALA E 103 -9.58 8.39 -36.70
C ALA E 103 -10.66 9.20 -35.96
N LYS E 104 -10.83 8.89 -34.68
CA LYS E 104 -11.80 9.59 -33.85
C LYS E 104 -11.46 11.07 -33.75
N ALA E 105 -10.17 11.37 -33.55
CA ALA E 105 -9.74 12.77 -33.44
C ALA E 105 -10.13 13.53 -34.70
N THR E 106 -9.84 12.93 -35.85
CA THR E 106 -10.15 13.55 -37.13
C THR E 106 -11.62 13.97 -37.22
N VAL E 107 -12.51 13.05 -36.85
CA VAL E 107 -13.93 13.34 -36.86
C VAL E 107 -14.20 14.51 -35.91
N ASP E 108 -13.64 14.45 -34.71
CA ASP E 108 -13.82 15.50 -33.71
C ASP E 108 -13.40 16.87 -34.27
N PHE E 109 -12.25 16.90 -34.95
CA PHE E 109 -11.76 18.14 -35.54
C PHE E 109 -12.75 18.71 -36.54
N ALA E 110 -13.24 17.87 -37.45
CA ALA E 110 -14.18 18.30 -38.47
C ALA E 110 -15.47 18.83 -37.84
N LEU E 111 -15.92 18.17 -36.78
CA LEU E 111 -17.13 18.58 -36.08
C LEU E 111 -16.99 19.98 -35.51
N HIS E 112 -15.87 20.23 -34.83
CA HIS E 112 -15.64 21.54 -34.25
C HIS E 112 -15.56 22.60 -35.36
N ASP E 113 -14.93 22.24 -36.47
CA ASP E 113 -14.82 23.17 -37.58
C ASP E 113 -16.22 23.52 -38.10
N LEU E 114 -17.05 22.51 -38.29
CA LEU E 114 -18.41 22.70 -38.79
C LEU E 114 -19.29 23.50 -37.82
N VAL E 115 -19.18 23.22 -36.53
CA VAL E 115 -19.95 23.92 -35.51
C VAL E 115 -19.53 25.39 -35.46
N GLY E 116 -18.21 25.63 -35.55
CA GLY E 116 -17.71 26.98 -35.52
C GLY E 116 -18.23 27.78 -36.70
N LYS E 117 -18.24 27.17 -37.89
CA LYS E 117 -18.72 27.84 -39.09
C LYS E 117 -20.22 28.12 -38.96
N ARG E 118 -20.94 27.15 -38.41
CA ARG E 118 -22.39 27.29 -38.21
C ARG E 118 -22.70 28.42 -37.23
N PHE E 119 -21.88 28.55 -36.20
CA PHE E 119 -22.08 29.61 -35.20
C PHE E 119 -21.32 30.90 -35.53
N GLY E 120 -20.50 30.84 -36.56
CA GLY E 120 -19.71 32.01 -36.96
C GLY E 120 -18.62 32.40 -35.98
N VAL E 121 -18.04 31.40 -35.31
CA VAL E 121 -16.98 31.68 -34.34
C VAL E 121 -15.80 30.74 -34.48
N PRO E 122 -14.61 31.21 -34.08
CA PRO E 122 -13.39 30.39 -34.15
C PRO E 122 -13.54 29.27 -33.13
N VAL E 123 -12.93 28.12 -33.42
CA VAL E 123 -13.02 26.98 -32.51
C VAL E 123 -12.59 27.30 -31.08
N TYR E 124 -11.62 28.19 -30.90
CA TYR E 124 -11.18 28.50 -29.55
C TYR E 124 -12.33 29.06 -28.70
N GLN E 125 -13.33 29.63 -29.35
CA GLN E 125 -14.49 30.18 -28.62
C GLN E 125 -15.33 29.02 -28.07
N LEU E 126 -15.29 27.89 -28.76
CA LEU E 126 -16.02 26.70 -28.33
C LEU E 126 -15.24 25.93 -27.27
N LEU E 127 -13.94 26.22 -27.16
CA LEU E 127 -13.07 25.54 -26.20
C LEU E 127 -12.82 26.36 -24.93
N GLY E 128 -13.63 27.38 -24.70
CA GLY E 128 -13.47 28.19 -23.50
C GLY E 128 -12.92 29.60 -23.68
N GLY E 129 -12.77 30.05 -24.92
CA GLY E 129 -12.27 31.39 -25.17
C GLY E 129 -10.76 31.48 -25.37
N LYS E 130 -10.33 32.60 -25.95
CA LYS E 130 -8.90 32.81 -26.19
C LYS E 130 -8.20 33.25 -24.93
N THR E 131 -7.70 32.28 -24.17
CA THR E 131 -7.00 32.57 -22.92
C THR E 131 -5.70 33.32 -23.16
N ILE E 132 -4.95 32.92 -24.19
CA ILE E 132 -3.72 33.61 -24.54
C ILE E 132 -3.77 33.93 -26.04
N GLU E 133 -3.16 35.05 -26.41
CA GLU E 133 -3.16 35.51 -27.80
C GLU E 133 -2.17 34.77 -28.69
N ARG E 134 -1.11 34.23 -28.11
CA ARG E 134 -0.12 33.50 -28.88
C ARG E 134 0.49 32.40 -28.02
N ILE E 135 1.13 31.45 -28.70
CA ILE E 135 1.71 30.29 -28.06
C ILE E 135 3.22 30.17 -28.28
N PRO E 136 4.01 30.24 -27.19
CA PRO E 136 5.47 30.12 -27.34
C PRO E 136 5.78 28.68 -27.76
N LEU E 137 6.65 28.52 -28.75
CA LEU E 137 7.00 27.20 -29.24
C LEU E 137 8.46 26.83 -29.08
N GLY E 138 8.69 25.52 -29.08
CA GLY E 138 10.01 24.92 -29.02
C GLY E 138 10.02 24.02 -30.24
N LEU E 139 11.17 23.48 -30.64
CA LEU E 139 11.21 22.64 -31.83
C LEU E 139 12.07 21.39 -31.69
N VAL E 140 11.71 20.36 -32.44
CA VAL E 140 12.47 19.11 -32.44
C VAL E 140 13.39 19.18 -33.67
N LEU E 141 14.66 18.84 -33.51
CA LEU E 141 15.60 18.91 -34.63
C LEU E 141 15.62 17.60 -35.40
N GLY E 142 16.06 17.66 -36.67
CA GLY E 142 16.14 16.46 -37.47
C GLY E 142 17.43 15.70 -37.27
N ALA E 143 17.46 14.44 -37.68
CA ALA E 143 18.65 13.61 -37.53
C ALA E 143 19.77 14.17 -38.39
N GLY E 144 21.00 13.82 -38.03
CA GLY E 144 22.15 14.30 -38.78
C GLY E 144 23.40 14.16 -37.94
N GLU E 145 24.52 14.58 -38.49
CA GLU E 145 25.77 14.51 -37.76
C GLU E 145 25.70 15.53 -36.63
N PRO E 146 26.28 15.21 -35.46
CA PRO E 146 26.25 16.12 -34.32
C PRO E 146 26.50 17.58 -34.67
N GLU E 147 27.49 17.85 -35.52
CA GLU E 147 27.80 19.22 -35.91
C GLU E 147 26.62 19.87 -36.63
N ALA E 148 25.99 19.12 -37.52
CA ALA E 148 24.84 19.62 -38.27
C ALA E 148 23.65 19.88 -37.36
N VAL E 149 23.45 18.99 -36.40
CA VAL E 149 22.33 19.14 -35.47
C VAL E 149 22.53 20.39 -34.62
N ALA E 150 23.77 20.63 -34.21
CA ALA E 150 24.10 21.80 -33.40
C ALA E 150 23.84 23.08 -34.18
N GLU E 151 24.10 23.06 -35.48
CA GLU E 151 23.87 24.23 -36.33
C GLU E 151 22.38 24.51 -36.48
N GLU E 152 21.57 23.48 -36.63
CA GLU E 152 20.13 23.68 -36.77
C GLU E 152 19.61 24.25 -35.44
N ALA E 153 20.19 23.79 -34.34
CA ALA E 153 19.77 24.24 -33.02
C ALA E 153 19.96 25.76 -32.91
N LEU E 154 21.14 26.24 -33.32
CA LEU E 154 21.40 27.68 -33.25
C LEU E 154 20.45 28.45 -34.16
N ALA E 155 20.13 27.88 -35.32
CA ALA E 155 19.23 28.55 -36.25
C ALA E 155 17.85 28.65 -35.62
N VAL E 156 17.45 27.59 -34.92
CA VAL E 156 16.16 27.56 -34.25
C VAL E 156 16.07 28.60 -33.12
N LEU E 157 17.12 28.67 -32.29
CA LEU E 157 17.13 29.62 -31.19
C LEU E 157 17.18 31.05 -31.73
N ARG E 158 17.96 31.24 -32.79
CA ARG E 158 18.09 32.54 -33.45
C ARG E 158 16.73 33.07 -33.87
N GLU E 159 15.84 32.16 -34.25
CA GLU E 159 14.50 32.52 -34.70
C GLU E 159 13.57 32.91 -33.55
N GLY E 160 13.96 32.56 -32.33
CA GLY E 160 13.13 32.91 -31.18
C GLY E 160 12.49 31.75 -30.46
N PHE E 161 12.65 30.52 -30.99
CA PHE E 161 12.03 29.38 -30.33
C PHE E 161 12.54 29.20 -28.92
N HIS E 162 11.67 28.67 -28.05
CA HIS E 162 11.96 28.54 -26.62
C HIS E 162 12.67 27.31 -26.09
N PHE E 163 12.80 26.27 -26.90
CA PHE E 163 13.54 25.09 -26.46
C PHE E 163 13.92 24.23 -27.65
N VAL E 164 14.91 23.37 -27.42
CA VAL E 164 15.42 22.47 -28.45
C VAL E 164 15.26 21.05 -27.95
N LYS E 165 14.65 20.21 -28.78
CA LYS E 165 14.43 18.82 -28.42
C LYS E 165 15.17 17.94 -29.41
N LEU E 166 15.92 16.98 -28.90
CA LEU E 166 16.65 16.07 -29.76
C LEU E 166 16.02 14.68 -29.69
N LYS E 167 16.03 13.97 -30.81
CA LYS E 167 15.50 12.61 -30.83
C LYS E 167 16.69 11.70 -30.64
N ALA E 168 16.68 10.89 -29.59
CA ALA E 168 17.79 9.99 -29.35
C ALA E 168 17.52 8.68 -30.09
N GLY E 169 18.39 8.34 -31.03
CA GLY E 169 18.23 7.09 -31.79
C GLY E 169 19.13 5.98 -31.30
N GLY E 170 20.31 6.36 -30.80
CA GLY E 170 21.25 5.35 -30.32
C GLY E 170 22.34 5.07 -31.35
N PRO E 171 23.40 4.34 -30.98
CA PRO E 171 23.69 3.78 -29.64
C PRO E 171 24.15 4.84 -28.65
N LEU E 172 24.60 4.38 -27.48
CA LEU E 172 25.06 5.26 -26.41
C LEU E 172 26.07 6.32 -26.88
N LYS E 173 27.19 5.87 -27.43
CA LYS E 173 28.23 6.78 -27.90
C LYS E 173 27.65 7.87 -28.82
N ALA E 174 26.71 7.48 -29.69
CA ALA E 174 26.10 8.44 -30.61
C ALA E 174 25.20 9.44 -29.88
N ASP E 175 24.44 8.96 -28.90
CA ASP E 175 23.56 9.83 -28.14
C ASP E 175 24.38 10.86 -27.36
N ILE E 176 25.49 10.41 -26.75
CA ILE E 176 26.33 11.32 -26.00
C ILE E 176 26.98 12.38 -26.90
N ALA E 177 27.46 11.94 -28.07
CA ALA E 177 28.10 12.85 -29.04
C ALA E 177 27.16 13.97 -29.48
N MET E 178 25.91 13.61 -29.78
CA MET E 178 24.90 14.57 -30.22
C MET E 178 24.61 15.60 -29.12
N VAL E 179 24.21 15.11 -27.95
CA VAL E 179 23.92 15.99 -26.81
C VAL E 179 25.12 16.88 -26.46
N ALA E 180 26.31 16.28 -26.41
CA ALA E 180 27.52 17.04 -26.08
C ALA E 180 27.76 18.19 -27.05
N GLU E 181 27.71 17.89 -28.35
CA GLU E 181 27.93 18.90 -29.37
C GLU E 181 26.87 20.00 -29.33
N VAL E 182 25.61 19.62 -29.18
CA VAL E 182 24.53 20.59 -29.12
C VAL E 182 24.64 21.51 -27.90
N ARG E 183 24.89 20.92 -26.73
CA ARG E 183 25.04 21.70 -25.50
C ARG E 183 26.20 22.69 -25.64
N ARG E 184 27.30 22.24 -26.26
CA ARG E 184 28.47 23.09 -26.46
C ARG E 184 28.10 24.27 -27.35
N ALA E 185 27.50 23.97 -28.49
CA ALA E 185 27.11 25.00 -29.43
C ALA E 185 26.14 26.03 -28.87
N VAL E 186 25.04 25.56 -28.27
CA VAL E 186 24.03 26.48 -27.76
C VAL E 186 24.29 27.19 -26.43
N GLY E 187 24.97 26.54 -25.50
CA GLY E 187 25.24 27.18 -24.23
C GLY E 187 24.50 26.51 -23.09
N ASP E 188 24.86 26.86 -21.86
CA ASP E 188 24.25 26.24 -20.68
C ASP E 188 22.90 26.82 -20.23
N ASP E 189 22.48 27.95 -20.78
CA ASP E 189 21.22 28.55 -20.39
C ASP E 189 20.06 28.24 -21.33
N VAL E 190 20.29 27.30 -22.25
CA VAL E 190 19.24 26.91 -23.21
C VAL E 190 18.49 25.68 -22.72
N ASP E 191 17.16 25.70 -22.89
CA ASP E 191 16.33 24.56 -22.49
C ASP E 191 16.51 23.48 -23.54
N LEU E 192 17.26 22.44 -23.19
CA LEU E 192 17.53 21.34 -24.10
C LEU E 192 17.12 20.00 -23.48
N PHE E 193 16.45 19.15 -24.26
CA PHE E 193 16.07 17.84 -23.75
C PHE E 193 15.98 16.81 -24.87
N ILE E 194 15.87 15.54 -24.49
CA ILE E 194 15.81 14.48 -25.48
C ILE E 194 14.57 13.60 -25.39
N ASP E 195 14.22 13.00 -26.52
CA ASP E 195 13.06 12.12 -26.65
C ASP E 195 13.54 10.74 -27.03
N ILE E 196 13.11 9.73 -26.28
CA ILE E 196 13.54 8.35 -26.53
C ILE E 196 12.46 7.51 -27.23
N ASN E 197 11.22 8.01 -27.22
CA ASN E 197 10.11 7.29 -27.83
C ASN E 197 9.94 5.87 -27.29
N GLY E 198 10.19 5.72 -25.99
CA GLY E 198 10.05 4.44 -25.30
C GLY E 198 10.90 3.28 -25.78
N ALA E 199 12.05 3.58 -26.37
CA ALA E 199 12.94 2.55 -26.90
C ALA E 199 13.89 1.85 -25.94
N TRP E 200 14.01 2.30 -24.70
CA TRP E 200 14.97 1.65 -23.79
C TRP E 200 14.47 0.60 -22.82
N THR E 201 15.38 -0.31 -22.47
CA THR E 201 15.06 -1.32 -21.47
C THR E 201 15.46 -0.55 -20.21
N TYR E 202 15.03 -1.01 -19.04
CA TYR E 202 15.33 -0.32 -17.80
C TYR E 202 16.81 0.01 -17.56
N ASP E 203 17.69 -0.98 -17.75
CA ASP E 203 19.12 -0.80 -17.54
C ASP E 203 19.69 0.23 -18.51
N GLN E 204 19.35 0.13 -19.79
CA GLN E 204 19.84 1.10 -20.76
C GLN E 204 19.53 2.51 -20.29
N ALA E 205 18.29 2.72 -19.87
CA ALA E 205 17.84 4.04 -19.40
C ALA E 205 18.71 4.59 -18.28
N LEU E 206 18.84 3.82 -17.21
CA LEU E 206 19.63 4.21 -16.05
C LEU E 206 21.05 4.59 -16.46
N THR E 207 21.65 3.76 -17.30
CA THR E 207 23.02 3.99 -17.76
C THR E 207 23.17 5.26 -18.60
N THR E 208 22.33 5.40 -19.62
CA THR E 208 22.41 6.58 -20.49
C THR E 208 22.07 7.88 -19.78
N ILE E 209 20.95 7.91 -19.06
CA ILE E 209 20.55 9.11 -18.36
C ILE E 209 21.66 9.59 -17.43
N ARG E 210 22.28 8.67 -16.70
CA ARG E 210 23.35 9.04 -15.81
C ARG E 210 24.56 9.52 -16.60
N ALA E 211 24.79 8.89 -17.76
CA ALA E 211 25.92 9.28 -18.61
C ALA E 211 25.71 10.68 -19.18
N LEU E 212 24.46 11.09 -19.33
CA LEU E 212 24.14 12.40 -19.89
C LEU E 212 24.01 13.52 -18.85
N GLU E 213 23.93 13.13 -17.58
CA GLU E 213 23.78 14.10 -16.50
C GLU E 213 24.66 15.36 -16.58
N LYS E 214 25.91 15.19 -16.98
CA LYS E 214 26.82 16.34 -17.06
C LYS E 214 26.35 17.41 -18.04
N TYR E 215 25.45 17.04 -18.94
CA TYR E 215 24.97 18.00 -19.92
C TYR E 215 23.71 18.73 -19.45
N ASN E 216 23.26 18.38 -18.24
CA ASN E 216 22.11 19.01 -17.60
C ASN E 216 20.86 19.17 -18.46
N LEU E 217 20.41 18.11 -19.10
CA LEU E 217 19.21 18.16 -19.92
C LEU E 217 18.04 18.53 -19.00
N SER E 218 17.06 19.27 -19.51
CA SER E 218 15.93 19.65 -18.68
C SER E 218 15.01 18.48 -18.33
N LYS E 219 15.06 17.44 -19.16
CA LYS E 219 14.22 16.27 -18.96
C LYS E 219 14.50 15.18 -19.98
N ILE E 220 13.95 13.99 -19.73
CA ILE E 220 14.07 12.88 -20.65
C ILE E 220 12.64 12.48 -21.00
N GLU E 221 12.29 12.58 -22.27
CA GLU E 221 10.94 12.23 -22.70
C GLU E 221 10.77 10.73 -22.98
N GLN E 222 9.85 10.11 -22.27
CA GLN E 222 9.52 8.69 -22.42
C GLN E 222 10.72 7.77 -22.70
N PRO E 223 11.57 7.53 -21.69
CA PRO E 223 12.74 6.65 -21.85
C PRO E 223 12.36 5.17 -21.95
N LEU E 224 11.28 4.77 -21.30
CA LEU E 224 10.85 3.38 -21.29
C LEU E 224 9.56 3.15 -22.07
N PRO E 225 9.23 1.88 -22.38
CA PRO E 225 8.00 1.58 -23.11
C PRO E 225 6.77 2.22 -22.45
N ALA E 226 5.76 2.51 -23.26
CA ALA E 226 4.53 3.13 -22.79
C ALA E 226 3.88 2.43 -21.62
N TRP E 227 3.87 1.10 -21.65
CA TRP E 227 3.24 0.31 -20.61
C TRP E 227 4.05 0.12 -19.31
N ASP E 228 5.34 0.41 -19.36
CA ASP E 228 6.20 0.23 -18.19
C ASP E 228 6.16 1.36 -17.17
N LEU E 229 4.98 1.60 -16.60
CA LEU E 229 4.84 2.68 -15.62
C LEU E 229 5.64 2.41 -14.34
N ASP E 230 5.68 1.17 -13.91
CA ASP E 230 6.44 0.83 -12.70
C ASP E 230 7.92 1.09 -12.95
N GLY E 231 8.35 0.84 -14.17
CA GLY E 231 9.74 1.07 -14.53
C GLY E 231 10.02 2.57 -14.56
N MET E 232 9.04 3.34 -15.05
CA MET E 232 9.21 4.79 -15.11
C MET E 232 9.31 5.32 -13.69
N ALA E 233 8.56 4.73 -12.77
CA ALA E 233 8.61 5.18 -11.37
C ALA E 233 9.94 4.75 -10.74
N ARG E 234 10.40 3.54 -11.07
CA ARG E 234 11.67 3.04 -10.53
C ARG E 234 12.79 3.96 -11.02
N LEU E 235 12.75 4.29 -12.31
CA LEU E 235 13.75 5.14 -12.93
C LEU E 235 13.86 6.47 -12.20
N ARG E 236 12.73 7.13 -11.96
CA ARG E 236 12.75 8.40 -11.25
C ARG E 236 13.41 8.23 -9.88
N GLY E 237 13.52 6.99 -9.43
CA GLY E 237 14.14 6.73 -8.14
C GLY E 237 15.63 6.52 -8.20
N LYS E 238 16.17 6.37 -9.40
CA LYS E 238 17.61 6.15 -9.54
C LYS E 238 18.31 7.23 -10.37
N VAL E 239 17.56 8.22 -10.84
CA VAL E 239 18.16 9.33 -11.61
C VAL E 239 17.67 10.68 -11.13
N ALA E 240 18.42 11.73 -11.43
CA ALA E 240 18.06 13.08 -11.02
C ALA E 240 17.22 13.82 -12.05
N THR E 241 17.55 13.59 -13.32
CA THR E 241 16.87 14.24 -14.45
C THR E 241 15.37 13.97 -14.49
N PRO E 242 14.55 15.02 -14.67
CA PRO E 242 13.10 14.87 -14.73
C PRO E 242 12.67 13.90 -15.84
N ILE E 243 11.67 13.08 -15.56
CA ILE E 243 11.19 12.12 -16.54
C ILE E 243 9.77 12.46 -16.98
N TYR E 244 9.59 12.70 -18.28
CA TYR E 244 8.27 13.03 -18.82
C TYR E 244 7.68 11.86 -19.59
N ALA E 245 6.35 11.76 -19.56
CA ALA E 245 5.65 10.70 -20.24
C ALA E 245 4.89 11.20 -21.46
N ASP E 246 5.01 10.48 -22.57
CA ASP E 246 4.28 10.82 -23.79
C ASP E 246 3.43 9.62 -24.13
N GLU E 247 4.04 8.60 -24.72
CA GLU E 247 3.33 7.39 -25.10
C GLU E 247 2.60 6.74 -23.92
N SER E 248 3.12 6.92 -22.71
CA SER E 248 2.47 6.34 -21.53
C SER E 248 1.19 7.08 -21.17
N ALA E 249 1.11 8.36 -21.55
CA ALA E 249 -0.06 9.18 -21.24
C ALA E 249 -1.02 9.34 -22.42
N GLN E 250 -1.77 8.28 -22.71
CA GLN E 250 -2.71 8.31 -23.81
C GLN E 250 -4.14 8.48 -23.34
N GLU E 251 -4.63 7.53 -22.55
CA GLU E 251 -6.01 7.55 -22.07
C GLU E 251 -6.14 8.14 -20.67
N LEU E 252 -7.38 8.42 -20.28
CA LEU E 252 -7.65 8.98 -18.96
C LEU E 252 -7.13 8.05 -17.86
N HIS E 253 -7.41 6.76 -17.96
CA HIS E 253 -6.94 5.83 -16.94
C HIS E 253 -5.42 5.74 -16.90
N ASP E 254 -4.75 6.04 -18.03
CA ASP E 254 -3.29 6.03 -18.05
C ASP E 254 -2.80 7.17 -17.14
N LEU E 255 -3.38 8.35 -17.30
CA LEU E 255 -2.95 9.48 -16.47
C LEU E 255 -3.18 9.19 -14.99
N LEU E 256 -4.29 8.54 -14.67
CA LEU E 256 -4.58 8.19 -13.28
C LEU E 256 -3.47 7.31 -12.75
N ALA E 257 -3.12 6.28 -13.53
CA ALA E 257 -2.08 5.35 -13.15
C ALA E 257 -0.76 6.09 -12.97
N ILE E 258 -0.46 7.01 -13.89
CA ILE E 258 0.77 7.79 -13.79
C ILE E 258 0.85 8.60 -12.50
N ILE E 259 -0.23 9.28 -12.11
CA ILE E 259 -0.17 10.04 -10.88
C ILE E 259 -0.16 9.13 -9.65
N ASN E 260 -0.84 7.99 -9.74
CA ASN E 260 -0.87 7.08 -8.59
C ASN E 260 0.48 6.41 -8.34
N LYS E 261 1.18 6.08 -9.42
CA LYS E 261 2.49 5.42 -9.31
C LYS E 261 3.66 6.40 -9.29
N GLY E 262 3.40 7.69 -9.53
CA GLY E 262 4.48 8.65 -9.55
C GLY E 262 5.43 8.27 -10.68
N ALA E 263 4.86 8.07 -11.88
CA ALA E 263 5.67 7.66 -13.02
C ALA E 263 6.17 8.80 -13.90
N ALA E 264 5.90 10.05 -13.52
CA ALA E 264 6.33 11.17 -14.36
C ALA E 264 6.38 12.53 -13.68
N ASP E 265 7.29 13.37 -14.16
CA ASP E 265 7.49 14.73 -13.66
C ASP E 265 6.84 15.73 -14.64
N GLY E 266 6.37 15.22 -15.78
CA GLY E 266 5.76 16.09 -16.79
C GLY E 266 5.04 15.27 -17.84
N LEU E 267 4.23 15.91 -18.67
CA LEU E 267 3.47 15.18 -19.69
C LEU E 267 3.54 15.78 -21.09
N MET E 268 3.36 14.92 -22.08
CA MET E 268 3.33 15.27 -23.50
C MET E 268 1.95 14.87 -24.03
N ILE E 269 1.31 15.74 -24.80
CA ILE E 269 0.01 15.41 -25.37
C ILE E 269 0.02 15.64 -26.88
N LYS E 270 -0.92 15.00 -27.56
CA LYS E 270 -1.12 15.14 -28.99
C LYS E 270 -2.63 14.99 -29.16
N THR E 271 -3.24 15.92 -29.87
CA THR E 271 -4.68 15.85 -30.06
C THR E 271 -5.09 14.51 -30.68
N GLN E 272 -4.27 13.98 -31.59
CA GLN E 272 -4.58 12.70 -32.24
C GLN E 272 -4.44 11.52 -31.28
N LYS E 273 -3.52 11.65 -30.32
CA LYS E 273 -3.31 10.61 -29.33
C LYS E 273 -4.47 10.62 -28.34
N ALA E 274 -4.84 11.82 -27.89
CA ALA E 274 -5.92 11.97 -26.93
C ALA E 274 -7.26 11.50 -27.51
N GLY E 275 -7.41 11.65 -28.83
CA GLY E 275 -8.64 11.21 -29.48
C GLY E 275 -9.54 12.32 -29.99
N GLY E 276 -9.09 13.56 -29.90
CA GLY E 276 -9.89 14.69 -30.34
C GLY E 276 -9.80 15.87 -29.37
N LEU E 277 -10.36 17.01 -29.75
CA LEU E 277 -10.33 18.18 -28.89
C LEU E 277 -11.07 17.97 -27.57
N LEU E 278 -12.28 17.42 -27.64
CA LEU E 278 -13.07 17.17 -26.44
C LEU E 278 -12.34 16.19 -25.52
N LYS E 279 -11.82 15.11 -26.10
CA LYS E 279 -11.08 14.12 -25.31
C LYS E 279 -9.80 14.74 -24.75
N ALA E 280 -9.21 15.66 -25.50
CA ALA E 280 -7.99 16.34 -25.03
C ALA E 280 -8.31 17.25 -23.84
N GLN E 281 -9.51 17.84 -23.83
CA GLN E 281 -9.91 18.72 -22.72
C GLN E 281 -10.03 17.90 -21.45
N ARG E 282 -10.59 16.70 -21.57
CA ARG E 282 -10.75 15.81 -20.44
C ARG E 282 -9.34 15.38 -20.00
N TRP E 283 -8.50 15.10 -20.98
CA TRP E 283 -7.11 14.70 -20.74
C TRP E 283 -6.41 15.79 -19.92
N LEU E 284 -6.61 17.04 -20.32
CA LEU E 284 -5.99 18.17 -19.64
C LEU E 284 -6.59 18.43 -18.24
N THR E 285 -7.78 17.88 -17.99
CA THR E 285 -8.40 18.02 -16.68
C THR E 285 -7.60 17.17 -15.70
N LEU E 286 -7.15 16.01 -16.19
CA LEU E 286 -6.33 15.12 -15.37
C LEU E 286 -4.93 15.70 -15.18
N ALA E 287 -4.40 16.34 -16.22
CA ALA E 287 -3.07 16.94 -16.13
C ALA E 287 -3.10 18.02 -15.05
N ARG E 288 -4.20 18.78 -15.02
CA ARG E 288 -4.39 19.84 -14.04
C ARG E 288 -4.42 19.25 -12.63
N LEU E 289 -5.19 18.18 -12.45
CA LEU E 289 -5.30 17.50 -11.17
C LEU E 289 -3.93 17.02 -10.71
N ALA E 290 -3.10 16.58 -11.65
CA ALA E 290 -1.77 16.10 -11.31
C ALA E 290 -0.80 17.25 -11.08
N ASN E 291 -1.21 18.46 -11.47
CA ASN E 291 -0.39 19.66 -11.34
C ASN E 291 0.94 19.46 -12.07
N LEU E 292 0.85 18.89 -13.27
CA LEU E 292 2.02 18.63 -14.11
C LEU E 292 2.02 19.43 -15.40
N PRO E 293 3.20 19.83 -15.88
CA PRO E 293 3.28 20.61 -17.13
C PRO E 293 2.91 19.73 -18.32
N VAL E 294 2.38 20.35 -19.37
CA VAL E 294 1.98 19.61 -20.57
C VAL E 294 2.51 20.28 -21.84
N ILE E 295 3.20 19.51 -22.67
CA ILE E 295 3.72 20.03 -23.93
C ILE E 295 3.05 19.27 -25.07
N CYS E 296 2.33 20.00 -25.91
CA CYS E 296 1.62 19.40 -27.04
C CYS E 296 2.46 19.29 -28.31
N GLY E 297 2.47 18.10 -28.90
CA GLY E 297 3.22 17.90 -30.13
C GLY E 297 2.28 17.90 -31.32
N CYS E 298 2.62 17.11 -32.34
CA CYS E 298 1.79 17.05 -33.53
C CYS E 298 2.11 15.79 -34.31
N MET E 299 1.26 15.47 -35.27
CA MET E 299 1.47 14.33 -36.14
C MET E 299 1.78 15.08 -37.44
N VAL E 300 3.03 15.52 -37.56
CA VAL E 300 3.54 16.28 -38.72
C VAL E 300 2.55 16.43 -39.87
N GLY E 301 1.94 17.61 -39.97
CA GLY E 301 0.98 17.86 -41.03
C GLY E 301 0.87 19.32 -41.49
N SER E 302 -0.10 19.54 -42.36
CA SER E 302 -0.36 20.86 -42.95
C SER E 302 -0.86 21.88 -41.93
N GLY E 303 -1.19 23.08 -42.44
CA GLY E 303 -1.71 24.12 -41.58
C GLY E 303 -3.04 23.70 -40.99
N LEU E 304 -3.74 22.80 -41.69
CA LEU E 304 -5.02 22.32 -41.21
C LEU E 304 -4.80 21.35 -40.04
N GLU E 305 -3.72 20.57 -40.12
CA GLU E 305 -3.40 19.61 -39.07
C GLU E 305 -3.05 20.38 -37.78
N ALA E 306 -2.32 21.47 -37.94
CA ALA E 306 -1.91 22.28 -36.79
C ALA E 306 -3.04 23.11 -36.15
N SER E 307 -4.10 23.39 -36.89
CA SER E 307 -5.19 24.23 -36.38
C SER E 307 -5.94 23.78 -35.13
N PRO E 308 -6.38 22.51 -35.09
CA PRO E 308 -7.12 22.08 -33.89
C PRO E 308 -6.28 22.34 -32.63
N ALA E 309 -5.01 21.95 -32.67
CA ALA E 309 -4.10 22.14 -31.54
C ALA E 309 -3.88 23.64 -31.26
N ALA E 310 -3.74 24.43 -32.31
CA ALA E 310 -3.54 25.87 -32.13
C ALA E 310 -4.70 26.42 -31.32
N HIS E 311 -5.92 26.05 -31.69
CA HIS E 311 -7.11 26.52 -30.99
C HIS E 311 -7.14 26.05 -29.54
N LEU E 312 -6.78 24.78 -29.31
CA LEU E 312 -6.77 24.22 -27.97
C LEU E 312 -5.68 24.85 -27.11
N LEU E 313 -4.48 25.00 -27.67
CA LEU E 313 -3.37 25.58 -26.92
C LEU E 313 -3.61 27.04 -26.52
N ALA E 314 -4.46 27.73 -27.29
CA ALA E 314 -4.76 29.13 -26.98
C ALA E 314 -5.92 29.27 -26.01
N ALA E 315 -6.81 28.27 -26.00
CA ALA E 315 -7.99 28.32 -25.15
C ALA E 315 -7.87 27.66 -23.77
N ASN E 316 -7.39 26.42 -23.73
CA ASN E 316 -7.28 25.69 -22.47
C ASN E 316 -6.39 26.37 -21.44
N ASP E 317 -6.99 26.74 -20.32
CA ASP E 317 -6.31 27.43 -19.24
C ASP E 317 -5.08 26.70 -18.68
N TRP E 318 -5.17 25.39 -18.56
CA TRP E 318 -4.05 24.64 -18.03
C TRP E 318 -2.85 24.59 -18.96
N ILE E 319 -3.07 24.21 -20.22
CA ILE E 319 -1.97 24.11 -21.16
C ILE E 319 -1.41 25.46 -21.62
N ALA E 320 -2.18 26.52 -21.40
CA ALA E 320 -1.75 27.87 -21.77
C ALA E 320 -0.57 28.35 -20.92
N GLN E 321 -0.19 27.54 -19.94
CA GLN E 321 0.91 27.89 -19.04
C GLN E 321 2.29 27.47 -19.52
N PHE E 322 2.34 26.55 -20.48
CA PHE E 322 3.62 26.01 -20.93
C PHE E 322 3.96 26.17 -22.41
N PRO E 323 5.26 26.20 -22.74
CA PRO E 323 5.65 26.35 -24.15
C PRO E 323 5.24 25.05 -24.83
N GLN E 324 4.94 25.14 -26.13
CA GLN E 324 4.46 24.00 -26.89
C GLN E 324 5.35 23.52 -28.03
N GLU E 325 4.85 22.53 -28.76
CA GLU E 325 5.60 21.93 -29.85
C GLU E 325 4.71 21.55 -31.03
N ASN E 326 3.68 22.35 -31.29
CA ASN E 326 2.75 22.10 -32.39
C ASN E 326 3.23 22.90 -33.61
N ALA E 327 4.09 22.30 -34.43
CA ALA E 327 4.65 23.00 -35.59
C ALA E 327 4.86 22.14 -36.83
N GLY E 328 3.91 21.27 -37.12
CA GLY E 328 4.03 20.42 -38.28
C GLY E 328 4.31 21.11 -39.61
N PRO E 329 3.66 22.25 -39.92
CA PRO E 329 3.93 22.93 -41.19
C PRO E 329 5.38 23.36 -41.35
N LEU E 330 6.03 23.71 -40.24
CA LEU E 330 7.42 24.14 -40.33
C LEU E 330 8.30 22.98 -40.75
N HIS E 331 7.94 21.77 -40.28
CA HIS E 331 8.71 20.59 -40.61
C HIS E 331 8.49 20.17 -42.06
N ILE E 332 7.26 20.24 -42.53
CA ILE E 332 6.97 19.87 -43.92
C ILE E 332 7.65 20.79 -44.91
N HIS E 333 7.51 22.10 -44.67
CA HIS E 333 8.07 23.12 -45.56
C HIS E 333 9.50 23.53 -45.25
N ASP E 334 10.12 22.79 -44.34
CA ASP E 334 11.50 23.02 -43.94
C ASP E 334 11.84 24.50 -43.73
N CYS E 335 11.07 25.17 -42.87
CA CYS E 335 11.34 26.58 -42.58
C CYS E 335 11.12 26.84 -41.10
N LEU E 336 11.44 28.04 -40.64
CA LEU E 336 11.29 28.35 -39.22
C LEU E 336 10.17 29.35 -38.91
N ASN E 337 9.51 29.84 -39.95
CA ASN E 337 8.39 30.75 -39.80
C ASN E 337 7.49 30.57 -41.01
N SER E 338 6.19 30.84 -40.85
CA SER E 338 5.23 30.63 -41.91
C SER E 338 5.23 31.58 -43.10
N ARG E 339 5.89 32.73 -42.99
CA ARG E 339 5.88 33.64 -44.14
C ARG E 339 6.58 32.93 -45.31
N ASP E 340 7.44 31.98 -44.98
CA ASP E 340 8.16 31.24 -46.01
C ASP E 340 7.44 29.98 -46.53
N ILE E 341 6.13 29.93 -46.32
CA ILE E 341 5.33 28.79 -46.80
C ILE E 341 4.33 29.28 -47.83
N ASP E 342 4.39 28.76 -49.05
CA ASP E 342 3.45 29.19 -50.08
C ASP E 342 2.71 28.06 -50.79
N ASN E 343 3.08 26.82 -50.48
CA ASN E 343 2.47 25.67 -51.13
C ASN E 343 1.86 24.63 -50.18
N ASP E 344 1.08 25.09 -49.19
CA ASP E 344 0.45 24.17 -48.23
C ASP E 344 -1.01 23.95 -48.64
N ILE E 345 -1.61 22.84 -48.23
CA ILE E 345 -3.02 22.63 -48.60
C ILE E 345 -3.88 23.70 -47.96
N ALA E 346 -3.34 24.34 -46.93
CA ALA E 346 -4.05 25.44 -46.28
C ALA E 346 -3.58 26.70 -47.00
N LEU E 347 -4.52 27.44 -47.58
CA LEU E 347 -4.17 28.67 -48.26
C LEU E 347 -3.67 29.67 -47.22
N ASN E 348 -4.25 29.61 -46.03
CA ASN E 348 -3.87 30.50 -44.94
C ASN E 348 -3.34 29.73 -43.75
N VAL E 349 -2.07 29.35 -43.83
CA VAL E 349 -1.40 28.62 -42.76
C VAL E 349 -1.34 29.50 -41.52
N PRO E 350 -1.64 28.92 -40.35
CA PRO E 350 -1.59 29.72 -39.12
C PRO E 350 -0.22 30.40 -39.03
N ARG E 351 -0.16 31.57 -38.42
CA ARG E 351 1.10 32.30 -38.32
C ARG E 351 2.09 31.75 -37.29
N PHE E 352 3.25 31.37 -37.79
CA PHE E 352 4.37 30.88 -36.97
C PHE E 352 5.42 31.97 -37.10
N GLU E 353 5.62 32.75 -36.05
CA GLU E 353 6.57 33.85 -36.13
C GLU E 353 7.28 34.15 -34.80
N GLY E 354 8.58 34.42 -34.88
CA GLY E 354 9.34 34.74 -33.69
C GLY E 354 9.30 33.66 -32.62
N GLY E 355 9.09 32.42 -33.03
CA GLY E 355 9.03 31.33 -32.07
C GLY E 355 7.67 31.18 -31.42
N TYR E 356 6.66 31.84 -32.01
CA TYR E 356 5.30 31.79 -31.50
C TYR E 356 4.30 31.32 -32.54
N LEU E 357 3.21 30.73 -32.07
CA LEU E 357 2.15 30.26 -32.94
C LEU E 357 0.90 31.07 -32.60
N TYR E 358 0.27 31.59 -33.64
CA TYR E 358 -0.94 32.40 -33.48
C TYR E 358 -2.10 31.67 -34.14
N PRO E 359 -3.18 31.40 -33.37
CA PRO E 359 -4.29 30.70 -34.02
C PRO E 359 -5.04 31.63 -34.97
N ASN E 360 -5.58 31.08 -36.07
CA ASN E 360 -6.34 31.89 -37.01
C ASN E 360 -7.60 32.35 -36.29
N ASP E 361 -8.20 33.44 -36.76
CA ASP E 361 -9.40 33.96 -36.11
C ASP E 361 -10.67 33.83 -36.95
N GLY E 362 -10.60 33.09 -38.05
CA GLY E 362 -11.77 32.90 -38.90
C GLY E 362 -12.72 31.88 -38.28
N PRO E 363 -13.93 31.71 -38.82
CA PRO E 363 -14.88 30.73 -38.26
C PRO E 363 -14.36 29.30 -38.32
N GLY E 364 -14.83 28.46 -37.41
CA GLY E 364 -14.37 27.08 -37.36
C GLY E 364 -12.87 27.04 -37.10
N LEU E 365 -12.16 26.14 -37.78
CA LEU E 365 -10.71 26.03 -37.61
C LEU E 365 -10.00 27.20 -38.28
N GLY E 366 -10.74 27.96 -39.08
CA GLY E 366 -10.17 29.12 -39.76
C GLY E 366 -9.23 28.78 -40.90
N ILE E 367 -9.50 27.68 -41.59
CA ILE E 367 -8.66 27.23 -42.69
C ILE E 367 -9.41 27.11 -44.02
N GLU E 368 -8.79 27.62 -45.08
CA GLU E 368 -9.33 27.56 -46.44
C GLU E 368 -8.43 26.61 -47.21
N LEU E 369 -9.01 25.53 -47.73
CA LEU E 369 -8.22 24.53 -48.46
C LEU E 369 -7.91 24.87 -49.92
N ASN E 370 -6.71 24.49 -50.36
CA ASN E 370 -6.31 24.69 -51.74
C ASN E 370 -6.79 23.39 -52.40
N GLU E 371 -8.06 23.41 -52.82
CA GLU E 371 -8.70 22.26 -53.44
C GLU E 371 -7.93 21.70 -54.62
N ASP E 372 -7.26 22.59 -55.35
CA ASP E 372 -6.48 22.16 -56.51
C ASP E 372 -5.27 21.34 -56.05
N LEU E 373 -4.57 21.82 -55.02
CA LEU E 373 -3.40 21.12 -54.51
C LEU E 373 -3.80 19.81 -53.83
N VAL E 374 -4.93 19.82 -53.14
CA VAL E 374 -5.41 18.61 -52.48
C VAL E 374 -5.58 17.50 -53.52
N ARG E 375 -6.22 17.84 -54.63
CA ARG E 375 -6.43 16.85 -55.69
C ARG E 375 -5.12 16.30 -56.23
N ARG E 376 -4.10 17.17 -56.34
CA ARG E 376 -2.79 16.75 -56.83
C ARG E 376 -2.03 15.88 -55.83
N LEU E 377 -2.36 16.04 -54.55
CA LEU E 377 -1.68 15.27 -53.51
C LEU E 377 -2.32 13.94 -53.14
N VAL E 378 -3.44 13.60 -53.77
CA VAL E 378 -4.12 12.33 -53.49
C VAL E 378 -3.10 11.20 -53.70
N THR E 379 -2.97 10.33 -52.69
CA THR E 379 -2.01 9.23 -52.75
C THR E 379 -2.12 8.38 -54.01
N PRO E 380 -1.00 8.20 -54.72
CA PRO E 380 -0.99 7.41 -55.96
C PRO E 380 -1.60 6.03 -55.76
N GLY E 381 -2.54 5.67 -56.63
CA GLY E 381 -3.18 4.37 -56.55
C GLY E 381 -4.39 4.34 -55.65
N LYS E 382 -4.65 5.45 -54.97
CA LYS E 382 -5.78 5.55 -54.07
C LYS E 382 -6.75 6.62 -54.55
N ALA E 383 -7.91 6.69 -53.93
CA ALA E 383 -8.90 7.67 -54.32
C ALA E 383 -9.74 8.08 -53.13
N ALA E 384 -10.37 9.24 -53.24
CA ALA E 384 -11.22 9.72 -52.17
C ALA E 384 -12.41 8.78 -52.05
N ARG E 385 -12.97 8.68 -50.85
CA ARG E 385 -14.13 7.83 -50.63
C ARG E 385 -15.26 8.70 -50.06
N VAL E 386 -16.47 8.45 -50.54
CA VAL E 386 -17.64 9.20 -50.12
C VAL E 386 -18.74 8.25 -49.67
N VAL E 387 -19.44 8.63 -48.61
CA VAL E 387 -20.52 7.83 -48.07
C VAL E 387 -21.72 8.72 -47.78
N THR E 388 -22.90 8.30 -48.23
CA THR E 388 -24.12 9.05 -48.01
C THR E 388 -25.15 8.12 -47.37
N LEU F 3 12.09 -21.94 -46.89
CA LEU F 3 13.23 -21.35 -46.12
C LEU F 3 13.28 -19.82 -46.25
N LYS F 4 12.44 -19.26 -47.12
CA LYS F 4 12.40 -17.81 -47.26
C LYS F 4 11.05 -17.31 -47.77
N ILE F 5 10.46 -16.33 -47.07
CA ILE F 5 9.18 -15.78 -47.48
C ILE F 5 9.39 -14.90 -48.71
N THR F 6 8.70 -15.22 -49.80
CA THR F 6 8.83 -14.47 -51.06
C THR F 6 7.62 -13.64 -51.47
N LYS F 7 6.47 -13.85 -50.83
CA LYS F 7 5.30 -13.05 -51.16
C LYS F 7 4.24 -13.16 -50.08
N VAL F 8 3.63 -12.02 -49.79
CA VAL F 8 2.60 -11.92 -48.76
C VAL F 8 1.29 -11.57 -49.46
N GLU F 9 0.28 -12.43 -49.27
CA GLU F 9 -1.02 -12.25 -49.90
C GLU F 9 -2.13 -12.15 -48.84
N VAL F 10 -2.95 -11.11 -48.93
CA VAL F 10 -4.05 -10.92 -47.99
C VAL F 10 -5.36 -10.92 -48.76
N ILE F 11 -6.28 -11.80 -48.36
CA ILE F 11 -7.55 -11.92 -49.05
C ILE F 11 -8.73 -11.50 -48.18
N PRO F 12 -9.48 -10.47 -48.59
CA PRO F 12 -10.63 -10.03 -47.80
C PRO F 12 -11.83 -10.91 -48.14
N ILE F 13 -12.39 -11.59 -47.14
CA ILE F 13 -13.54 -12.44 -47.37
C ILE F 13 -14.73 -12.09 -46.49
N SER F 14 -15.93 -12.41 -46.97
CA SER F 14 -17.16 -12.17 -46.25
C SER F 14 -17.92 -13.49 -46.28
N THR F 15 -18.11 -14.09 -45.11
CA THR F 15 -18.80 -15.37 -45.01
C THR F 15 -20.19 -15.22 -44.42
N PRO F 16 -21.22 -15.62 -45.19
CA PRO F 16 -22.57 -15.48 -44.64
C PRO F 16 -22.88 -16.47 -43.51
N MET F 17 -23.75 -16.04 -42.59
CA MET F 17 -24.16 -16.85 -41.46
C MET F 17 -25.30 -17.76 -41.88
N LYS F 18 -25.27 -19.01 -41.40
CA LYS F 18 -26.30 -20.01 -41.70
C LYS F 18 -26.24 -20.39 -43.17
N ARG F 30 -23.34 -11.17 -42.10
CA ARG F 30 -22.16 -11.90 -42.56
C ARG F 30 -20.94 -11.55 -41.72
N ILE F 31 -19.91 -12.38 -41.81
CA ILE F 31 -18.67 -12.19 -41.08
C ILE F 31 -17.61 -11.63 -42.03
N ASP F 32 -17.09 -10.44 -41.73
CA ASP F 32 -16.05 -9.86 -42.57
C ASP F 32 -14.68 -10.10 -41.97
N GLY F 33 -13.87 -10.86 -42.68
CA GLY F 33 -12.54 -11.15 -42.18
C GLY F 33 -11.49 -11.09 -43.26
N VAL F 34 -10.34 -11.67 -42.97
CA VAL F 34 -9.23 -11.69 -43.89
C VAL F 34 -8.46 -13.01 -43.80
N LEU F 35 -7.98 -13.48 -44.95
CA LEU F 35 -7.16 -14.69 -45.00
C LEU F 35 -5.74 -14.26 -45.34
N LEU F 36 -4.75 -14.98 -44.83
CA LEU F 36 -3.37 -14.64 -45.11
C LEU F 36 -2.59 -15.82 -45.66
N LYS F 37 -1.79 -15.54 -46.69
CA LYS F 37 -0.93 -16.55 -47.29
C LYS F 37 0.49 -16.01 -47.34
N LEU F 38 1.40 -16.76 -46.74
CA LEU F 38 2.81 -16.40 -46.75
C LEU F 38 3.48 -17.46 -47.62
N HIS F 39 3.83 -17.11 -48.85
CA HIS F 39 4.47 -18.06 -49.75
C HIS F 39 5.97 -18.11 -49.52
N SER F 40 6.56 -19.30 -49.62
CA SER F 40 8.00 -19.44 -49.44
C SER F 40 8.65 -19.72 -50.80
N ASP F 41 9.97 -19.64 -50.87
CA ASP F 41 10.66 -19.88 -52.12
C ASP F 41 10.84 -21.37 -52.43
N GLU F 42 10.31 -22.24 -51.58
CA GLU F 42 10.44 -23.67 -51.81
C GLU F 42 9.09 -24.36 -51.99
N GLY F 43 8.08 -23.61 -52.41
CA GLY F 43 6.76 -24.19 -52.64
C GLY F 43 5.74 -24.11 -51.51
N LEU F 44 6.20 -24.21 -50.27
CA LEU F 44 5.29 -24.18 -49.12
C LEU F 44 4.61 -22.82 -48.94
N VAL F 45 3.38 -22.87 -48.44
CA VAL F 45 2.61 -21.65 -48.19
C VAL F 45 1.96 -21.74 -46.82
N GLY F 46 2.21 -20.74 -45.97
CA GLY F 46 1.59 -20.73 -44.66
C GLY F 46 0.26 -19.98 -44.76
N ILE F 47 -0.82 -20.58 -44.27
CA ILE F 47 -2.12 -19.93 -44.34
C ILE F 47 -2.73 -19.62 -42.98
N ALA F 48 -3.62 -18.64 -42.95
CA ALA F 48 -4.26 -18.25 -41.70
C ALA F 48 -5.55 -17.49 -41.96
N ASP F 49 -6.43 -17.51 -40.96
CA ASP F 49 -7.71 -16.83 -41.03
C ASP F 49 -7.81 -15.92 -39.81
N ALA F 50 -7.86 -14.61 -40.05
CA ALA F 50 -7.96 -13.66 -38.95
C ALA F 50 -9.26 -13.84 -38.18
N GLY F 51 -10.28 -14.36 -38.85
CA GLY F 51 -11.56 -14.53 -38.20
C GLY F 51 -12.37 -13.25 -38.35
N ASP F 52 -13.49 -13.17 -37.64
CA ASP F 52 -14.37 -12.01 -37.68
C ASP F 52 -13.65 -10.73 -37.19
N THR F 53 -14.17 -9.58 -37.61
CA THR F 53 -13.60 -8.30 -37.19
C THR F 53 -14.65 -7.58 -36.36
N SER F 54 -14.25 -7.09 -35.18
CA SER F 54 -15.17 -6.39 -34.29
C SER F 54 -14.65 -4.99 -33.96
N SER F 55 -15.44 -3.98 -34.32
CA SER F 55 -15.01 -2.61 -34.06
C SER F 55 -14.84 -2.35 -32.57
N TRP F 56 -15.77 -2.85 -31.75
CA TRP F 56 -15.70 -2.60 -30.31
C TRP F 56 -14.80 -3.55 -29.53
N TYR F 57 -14.81 -4.83 -29.90
CA TYR F 57 -13.97 -5.78 -29.18
C TYR F 57 -12.48 -5.66 -29.46
N ARG F 58 -12.12 -5.54 -30.74
CA ARG F 58 -10.70 -5.46 -31.11
C ARG F 58 -10.29 -4.12 -31.73
N GLY F 59 -11.16 -3.53 -32.54
CA GLY F 59 -10.85 -2.27 -33.17
C GLY F 59 -10.16 -2.36 -34.52
N GLU F 60 -10.07 -3.58 -35.06
CA GLU F 60 -9.43 -3.80 -36.35
C GLU F 60 -10.46 -4.19 -37.43
N THR F 61 -10.16 -3.84 -38.67
CA THR F 61 -11.04 -4.10 -39.79
C THR F 61 -10.28 -4.82 -40.89
N GLN F 62 -10.99 -5.20 -41.95
CA GLN F 62 -10.35 -5.88 -43.07
C GLN F 62 -9.25 -4.96 -43.60
N ASP F 63 -9.61 -3.70 -43.82
CA ASP F 63 -8.65 -2.73 -44.35
C ASP F 63 -7.48 -2.43 -43.43
N SER F 64 -7.71 -2.32 -42.12
CA SER F 64 -6.61 -2.03 -41.20
C SER F 64 -5.62 -3.20 -41.17
N ILE F 65 -6.15 -4.41 -41.10
CA ILE F 65 -5.31 -5.60 -41.09
C ILE F 65 -4.56 -5.72 -42.41
N THR F 66 -5.27 -5.56 -43.52
CA THR F 66 -4.67 -5.67 -44.84
C THR F 66 -3.53 -4.68 -45.03
N SER F 67 -3.72 -3.46 -44.56
CA SER F 67 -2.69 -2.44 -44.72
C SER F 67 -1.48 -2.64 -43.79
N MET F 68 -1.72 -2.98 -42.53
CA MET F 68 -0.58 -3.17 -41.63
C MET F 68 0.29 -4.34 -42.08
N ILE F 69 -0.34 -5.38 -42.61
CA ILE F 69 0.42 -6.54 -43.09
C ILE F 69 1.15 -6.22 -44.40
N CYS F 70 0.42 -5.71 -45.39
CA CYS F 70 0.97 -5.39 -46.70
C CYS F 70 1.88 -4.17 -46.83
N ASP F 71 1.52 -3.08 -46.14
CA ASP F 71 2.30 -1.86 -46.21
C ASP F 71 3.43 -1.76 -45.19
N PHE F 72 3.37 -2.57 -44.13
CA PHE F 72 4.38 -2.52 -43.08
C PHE F 72 5.10 -3.83 -42.77
N PHE F 73 4.37 -4.81 -42.26
CA PHE F 73 5.01 -6.07 -41.92
C PHE F 73 5.68 -6.77 -43.09
N ALA F 74 5.03 -6.76 -44.25
CA ALA F 74 5.58 -7.45 -45.42
C ALA F 74 6.94 -6.90 -45.85
N PRO F 75 7.01 -5.61 -46.22
CA PRO F 75 8.32 -5.11 -46.64
C PRO F 75 9.35 -4.96 -45.53
N LYS F 76 8.89 -4.65 -44.32
CA LYS F 76 9.80 -4.43 -43.22
C LYS F 76 10.23 -5.61 -42.36
N VAL F 77 9.40 -6.63 -42.28
CA VAL F 77 9.75 -7.76 -41.43
C VAL F 77 9.68 -9.14 -42.07
N LEU F 78 8.67 -9.38 -42.89
CA LEU F 78 8.46 -10.68 -43.51
C LEU F 78 9.21 -11.04 -44.79
N LEU F 79 9.07 -10.24 -45.85
CA LEU F 79 9.73 -10.54 -47.12
C LEU F 79 11.24 -10.75 -47.00
N GLY F 80 11.69 -11.90 -47.48
CA GLY F 80 13.11 -12.23 -47.43
C GLY F 80 13.56 -12.85 -46.12
N GLU F 81 12.62 -13.01 -45.17
CA GLU F 81 12.95 -13.58 -43.88
C GLU F 81 12.67 -15.09 -43.76
N ASP F 82 13.40 -15.77 -42.87
CA ASP F 82 13.23 -17.20 -42.62
C ASP F 82 11.99 -17.32 -41.72
N PRO F 83 10.93 -17.97 -42.20
CA PRO F 83 9.70 -18.13 -41.41
C PRO F 83 9.84 -18.86 -40.08
N THR F 84 10.94 -19.58 -39.87
CA THR F 84 11.14 -20.32 -38.62
C THR F 84 11.54 -19.40 -37.47
N LYS F 85 11.97 -18.18 -37.80
CA LYS F 85 12.38 -17.22 -36.80
C LYS F 85 11.18 -16.49 -36.23
N ILE F 86 10.32 -17.25 -35.56
CA ILE F 86 9.10 -16.72 -34.98
C ILE F 86 9.33 -15.73 -33.84
N GLU F 87 10.22 -16.06 -32.90
CA GLU F 87 10.51 -15.13 -31.80
C GLU F 87 10.95 -13.78 -32.37
N LYS F 88 11.84 -13.84 -33.35
CA LYS F 88 12.37 -12.64 -33.99
C LYS F 88 11.28 -11.81 -34.66
N ILE F 89 10.52 -12.43 -35.55
CA ILE F 89 9.46 -11.73 -36.27
C ILE F 89 8.41 -11.13 -35.34
N VAL F 90 7.94 -11.92 -34.38
CA VAL F 90 6.95 -11.42 -33.44
C VAL F 90 7.53 -10.19 -32.74
N GLY F 91 8.80 -10.26 -32.36
CA GLY F 91 9.45 -9.14 -31.71
C GLY F 91 9.51 -7.89 -32.57
N ARG F 92 9.94 -8.03 -33.81
CA ARG F 92 10.03 -6.89 -34.72
C ARG F 92 8.65 -6.30 -35.01
N MET F 93 7.62 -7.14 -35.13
CA MET F 93 6.28 -6.64 -35.37
C MET F 93 5.84 -5.77 -34.19
N ASP F 94 6.20 -6.16 -32.96
CA ASP F 94 5.82 -5.40 -31.79
C ASP F 94 6.57 -4.07 -31.68
N ILE F 95 7.82 -4.04 -32.12
CA ILE F 95 8.59 -2.81 -32.08
C ILE F 95 8.03 -1.84 -33.12
N LEU F 96 7.76 -2.38 -34.30
CA LEU F 96 7.27 -1.59 -35.43
C LEU F 96 5.84 -1.06 -35.31
N THR F 97 4.98 -1.79 -34.60
CA THR F 97 3.58 -1.40 -34.53
C THR F 97 2.87 -1.51 -33.18
N ARG F 98 2.19 -0.42 -32.81
CA ARG F 98 1.41 -0.38 -31.58
C ARG F 98 0.08 -1.06 -31.87
N ASP F 99 -0.45 -1.78 -30.88
CA ASP F 99 -1.72 -2.48 -31.03
C ASP F 99 -1.73 -3.38 -32.28
N ASN F 100 -2.86 -3.40 -33.00
CA ASN F 100 -2.99 -4.24 -34.20
C ASN F 100 -2.78 -5.73 -33.87
N ASN F 101 -3.21 -6.11 -32.67
CA ASN F 101 -3.07 -7.48 -32.18
C ASN F 101 -3.60 -8.55 -33.13
N GLN F 102 -4.76 -8.30 -33.73
CA GLN F 102 -5.34 -9.26 -34.65
C GLN F 102 -4.50 -9.46 -35.91
N ALA F 103 -4.00 -8.36 -36.48
CA ALA F 103 -3.17 -8.42 -37.67
C ALA F 103 -1.89 -9.19 -37.34
N LYS F 104 -1.30 -8.89 -36.18
CA LYS F 104 -0.09 -9.57 -35.75
C LYS F 104 -0.38 -11.07 -35.57
N ALA F 105 -1.51 -11.38 -34.93
CA ALA F 105 -1.89 -12.76 -34.69
C ALA F 105 -2.00 -13.55 -35.98
N THR F 106 -2.63 -12.96 -36.99
CA THR F 106 -2.80 -13.61 -38.27
C THR F 106 -1.44 -14.03 -38.85
N VAL F 107 -0.47 -13.10 -38.85
CA VAL F 107 0.86 -13.39 -39.34
C VAL F 107 1.47 -14.55 -38.52
N ASP F 108 1.35 -14.48 -37.20
CA ASP F 108 1.86 -15.53 -36.32
C ASP F 108 1.24 -16.90 -36.68
N PHE F 109 -0.06 -16.91 -36.94
CA PHE F 109 -0.73 -18.16 -37.30
C PHE F 109 -0.14 -18.77 -38.58
N ALA F 110 -0.01 -17.94 -39.61
CA ALA F 110 0.53 -18.41 -40.89
C ALA F 110 1.98 -18.86 -40.75
N LEU F 111 2.75 -18.17 -39.90
CA LEU F 111 4.14 -18.57 -39.70
C LEU F 111 4.19 -19.95 -39.06
N HIS F 112 3.36 -20.18 -38.05
CA HIS F 112 3.34 -21.48 -37.40
C HIS F 112 2.92 -22.56 -38.38
N ASP F 113 1.99 -22.23 -39.28
CA ASP F 113 1.53 -23.18 -40.28
C ASP F 113 2.66 -23.55 -41.24
N LEU F 114 3.39 -22.52 -41.69
CA LEU F 114 4.50 -22.70 -42.61
C LEU F 114 5.64 -23.50 -41.97
N VAL F 115 5.97 -23.15 -40.74
CA VAL F 115 7.05 -23.85 -40.04
C VAL F 115 6.66 -25.31 -39.82
N GLY F 116 5.39 -25.54 -39.50
CA GLY F 116 4.92 -26.89 -39.28
C GLY F 116 5.02 -27.72 -40.56
N LYS F 117 4.55 -27.15 -41.67
CA LYS F 117 4.60 -27.83 -42.95
C LYS F 117 6.04 -28.11 -43.32
N ARG F 118 6.92 -27.18 -42.99
CA ARG F 118 8.34 -27.34 -43.29
C ARG F 118 8.96 -28.50 -42.53
N PHE F 119 8.68 -28.59 -41.23
CA PHE F 119 9.22 -29.67 -40.40
C PHE F 119 8.40 -30.95 -40.53
N GLY F 120 7.24 -30.85 -41.16
CA GLY F 120 6.37 -31.99 -41.32
C GLY F 120 5.67 -32.39 -40.03
N VAL F 121 5.29 -31.40 -39.22
CA VAL F 121 4.61 -31.66 -37.94
C VAL F 121 3.45 -30.72 -37.66
N PRO F 122 2.46 -31.17 -36.88
CA PRO F 122 1.31 -30.34 -36.53
C PRO F 122 1.81 -29.24 -35.61
N VAL F 123 1.12 -28.10 -35.64
CA VAL F 123 1.51 -26.97 -34.81
C VAL F 123 1.57 -27.27 -33.32
N TYR F 124 0.72 -28.17 -32.83
CA TYR F 124 0.78 -28.47 -31.40
C TYR F 124 2.15 -29.02 -31.00
N GLN F 125 2.87 -29.65 -31.94
CA GLN F 125 4.20 -30.17 -31.64
C GLN F 125 5.13 -28.99 -31.40
N LEU F 126 4.89 -27.88 -32.09
CA LEU F 126 5.72 -26.69 -31.93
C LEU F 126 5.34 -25.93 -30.66
N LEU F 127 4.14 -26.21 -30.14
CA LEU F 127 3.66 -25.54 -28.95
C LEU F 127 3.83 -26.35 -27.66
N GLY F 128 4.68 -27.36 -27.69
CA GLY F 128 4.91 -28.16 -26.51
C GLY F 128 4.37 -29.58 -26.48
N GLY F 129 3.85 -30.04 -27.61
CA GLY F 129 3.32 -31.40 -27.67
C GLY F 129 1.84 -31.48 -27.35
N LYS F 130 1.25 -32.62 -27.71
CA LYS F 130 -0.18 -32.87 -27.53
C LYS F 130 -0.51 -33.32 -26.10
N THR F 131 -0.65 -32.34 -25.21
CA THR F 131 -0.94 -32.60 -23.81
C THR F 131 -2.26 -33.35 -23.58
N ILE F 132 -3.32 -32.94 -24.28
CA ILE F 132 -4.61 -33.64 -24.17
C ILE F 132 -5.06 -33.99 -25.59
N GLU F 133 -5.87 -35.03 -25.70
CA GLU F 133 -6.35 -35.53 -26.99
C GLU F 133 -7.48 -34.73 -27.59
N ARG F 134 -8.34 -34.21 -26.72
CA ARG F 134 -9.49 -33.45 -27.16
C ARG F 134 -9.77 -32.37 -26.13
N ILE F 135 -10.51 -31.36 -26.56
CA ILE F 135 -10.81 -30.21 -25.72
C ILE F 135 -12.29 -30.09 -25.39
N PRO F 136 -12.65 -30.18 -24.10
CA PRO F 136 -14.08 -30.05 -23.75
C PRO F 136 -14.52 -28.61 -24.02
N LEU F 137 -15.71 -28.46 -24.59
CA LEU F 137 -16.26 -27.15 -24.93
C LEU F 137 -17.59 -26.77 -24.30
N GLY F 138 -17.80 -25.45 -24.24
CA GLY F 138 -19.04 -24.86 -23.74
C GLY F 138 -19.47 -24.00 -24.91
N LEU F 139 -20.67 -23.41 -24.89
CA LEU F 139 -21.10 -22.60 -26.03
C LEU F 139 -21.94 -21.38 -25.66
N VAL F 140 -21.75 -20.26 -26.35
CA VAL F 140 -22.53 -19.05 -26.10
C VAL F 140 -23.81 -19.20 -26.93
N LEU F 141 -24.95 -18.77 -26.40
CA LEU F 141 -26.20 -18.90 -27.12
C LEU F 141 -26.52 -17.67 -27.95
N GLY F 142 -27.30 -17.87 -29.01
CA GLY F 142 -27.68 -16.76 -29.87
C GLY F 142 -28.81 -15.95 -29.26
N ALA F 143 -28.87 -14.66 -29.62
CA ALA F 143 -29.91 -13.77 -29.14
C ALA F 143 -31.31 -14.28 -29.49
N GLY F 144 -32.30 -13.91 -28.69
CA GLY F 144 -33.65 -14.35 -28.95
C GLY F 144 -34.55 -14.16 -27.74
N GLU F 145 -35.82 -14.54 -27.88
CA GLU F 145 -36.76 -14.43 -26.78
C GLU F 145 -36.31 -15.45 -25.73
N PRO F 146 -36.56 -15.17 -24.44
CA PRO F 146 -36.17 -16.10 -23.38
C PRO F 146 -36.49 -17.56 -23.65
N GLU F 147 -37.71 -17.83 -24.13
CA GLU F 147 -38.13 -19.20 -24.43
C GLU F 147 -37.24 -19.85 -25.47
N ALA F 148 -36.97 -19.11 -26.54
CA ALA F 148 -36.14 -19.61 -27.65
C ALA F 148 -34.71 -19.88 -27.18
N VAL F 149 -34.18 -19.00 -26.35
CA VAL F 149 -32.83 -19.17 -25.86
C VAL F 149 -32.74 -20.42 -24.96
N ALA F 150 -33.76 -20.63 -24.13
CA ALA F 150 -33.81 -21.79 -23.25
C ALA F 150 -33.84 -23.08 -24.07
N GLU F 151 -34.57 -23.06 -25.18
CA GLU F 151 -34.65 -24.24 -26.05
C GLU F 151 -33.29 -24.54 -26.67
N GLU F 152 -32.57 -23.50 -27.09
CA GLU F 152 -31.25 -23.71 -27.67
C GLU F 152 -30.30 -24.24 -26.60
N ALA F 153 -30.44 -23.72 -25.37
CA ALA F 153 -29.60 -24.16 -24.26
C ALA F 153 -29.75 -25.66 -24.05
N LEU F 154 -30.98 -26.16 -24.11
CA LEU F 154 -31.22 -27.59 -23.91
C LEU F 154 -30.61 -28.40 -25.06
N ALA F 155 -30.68 -27.86 -26.28
CA ALA F 155 -30.12 -28.54 -27.44
C ALA F 155 -28.60 -28.65 -27.28
N VAL F 156 -28.00 -27.56 -26.80
CA VAL F 156 -26.56 -27.48 -26.57
C VAL F 156 -26.09 -28.55 -25.57
N LEU F 157 -26.80 -28.64 -24.45
CA LEU F 157 -26.45 -29.60 -23.41
C LEU F 157 -26.63 -31.05 -23.88
N ARG F 158 -27.65 -31.29 -24.70
CA ARG F 158 -27.91 -32.64 -25.20
C ARG F 158 -26.76 -33.16 -26.04
N GLU F 159 -26.09 -32.27 -26.75
CA GLU F 159 -24.98 -32.65 -27.61
C GLU F 159 -23.73 -32.96 -26.80
N GLY F 160 -23.71 -32.53 -25.56
CA GLY F 160 -22.56 -32.80 -24.71
C GLY F 160 -21.73 -31.61 -24.30
N PHE F 161 -22.15 -30.40 -24.69
CA PHE F 161 -21.37 -29.24 -24.30
C PHE F 161 -21.36 -29.08 -22.79
N HIS F 162 -20.24 -28.54 -22.28
CA HIS F 162 -20.00 -28.42 -20.85
C HIS F 162 -20.51 -27.22 -20.07
N PHE F 163 -20.90 -26.16 -20.77
CA PHE F 163 -21.46 -25.01 -20.11
C PHE F 163 -22.21 -24.18 -21.10
N VAL F 164 -23.09 -23.32 -20.59
CA VAL F 164 -23.89 -22.45 -21.43
C VAL F 164 -23.62 -21.01 -21.05
N LYS F 165 -23.21 -20.24 -22.03
CA LYS F 165 -22.90 -18.83 -21.81
C LYS F 165 -23.96 -17.99 -22.50
N LEU F 166 -24.43 -16.96 -21.81
CA LEU F 166 -25.45 -16.06 -22.33
C LEU F 166 -24.89 -14.65 -22.52
N LYS F 167 -25.27 -13.99 -23.60
CA LYS F 167 -24.84 -12.62 -23.85
C LYS F 167 -25.90 -11.73 -23.23
N ALA F 168 -25.51 -10.93 -22.24
CA ALA F 168 -26.45 -10.05 -21.58
C ALA F 168 -26.44 -8.68 -22.26
N GLY F 169 -27.55 -8.36 -22.94
CA GLY F 169 -27.63 -7.08 -23.63
C GLY F 169 -28.32 -5.97 -22.86
N GLY F 170 -29.31 -6.33 -22.03
CA GLY F 170 -30.03 -5.32 -21.27
C GLY F 170 -31.34 -5.00 -21.98
N PRO F 171 -32.26 -4.25 -21.35
CA PRO F 171 -32.17 -3.63 -20.03
C PRO F 171 -32.26 -4.69 -18.93
N LEU F 172 -32.28 -4.23 -17.69
CA LEU F 172 -32.34 -5.12 -16.52
C LEU F 172 -33.41 -6.21 -16.61
N LYS F 173 -34.66 -5.81 -16.84
CA LYS F 173 -35.76 -6.76 -16.92
C LYS F 173 -35.54 -7.86 -17.96
N ALA F 174 -34.95 -7.50 -19.09
CA ALA F 174 -34.69 -8.46 -20.15
C ALA F 174 -33.60 -9.46 -19.75
N ASP F 175 -32.53 -8.96 -19.12
CA ASP F 175 -31.45 -9.84 -18.69
C ASP F 175 -31.99 -10.83 -17.67
N ILE F 176 -32.77 -10.33 -16.72
CA ILE F 176 -33.36 -11.17 -15.68
C ILE F 176 -34.30 -12.21 -16.29
N ALA F 177 -35.11 -11.79 -17.26
CA ALA F 177 -36.05 -12.68 -17.92
C ALA F 177 -35.30 -13.82 -18.61
N MET F 178 -34.28 -13.47 -19.38
CA MET F 178 -33.47 -14.44 -20.10
C MET F 178 -32.85 -15.44 -19.12
N VAL F 179 -32.09 -14.93 -18.15
CA VAL F 179 -31.46 -15.81 -17.18
C VAL F 179 -32.46 -16.69 -16.44
N ALA F 180 -33.54 -16.10 -15.94
CA ALA F 180 -34.56 -16.85 -15.21
C ALA F 180 -35.12 -18.02 -16.02
N GLU F 181 -35.48 -17.76 -17.26
CA GLU F 181 -36.04 -18.78 -18.14
C GLU F 181 -35.05 -19.90 -18.48
N VAL F 182 -33.81 -19.53 -18.78
CA VAL F 182 -32.78 -20.51 -19.11
C VAL F 182 -32.50 -21.42 -17.91
N ARG F 183 -32.32 -20.82 -16.73
CA ARG F 183 -32.06 -21.58 -15.51
C ARG F 183 -33.20 -22.55 -15.23
N ARG F 184 -34.44 -22.08 -15.38
CA ARG F 184 -35.61 -22.93 -15.14
C ARG F 184 -35.57 -24.16 -16.03
N ALA F 185 -35.30 -23.95 -17.31
CA ALA F 185 -35.24 -25.06 -18.26
C ALA F 185 -34.06 -26.01 -18.07
N VAL F 186 -32.87 -25.48 -17.79
CA VAL F 186 -31.71 -26.36 -17.65
C VAL F 186 -31.51 -27.00 -16.29
N GLY F 187 -32.05 -26.39 -15.24
CA GLY F 187 -31.87 -26.98 -13.92
C GLY F 187 -30.70 -26.37 -13.19
N ASP F 188 -30.63 -26.61 -11.89
CA ASP F 188 -29.59 -26.05 -11.04
C ASP F 188 -28.21 -26.68 -11.14
N ASP F 189 -28.08 -27.81 -11.83
CA ASP F 189 -26.79 -28.45 -11.91
C ASP F 189 -25.95 -28.02 -13.11
N VAL F 190 -26.56 -27.27 -14.03
CA VAL F 190 -25.87 -26.81 -15.23
C VAL F 190 -25.00 -25.57 -14.99
N ASP F 191 -23.81 -25.57 -15.57
CA ASP F 191 -22.88 -24.45 -15.47
C ASP F 191 -23.40 -23.38 -16.43
N LEU F 192 -23.95 -22.31 -15.88
CA LEU F 192 -24.53 -21.23 -16.67
C LEU F 192 -23.96 -19.89 -16.23
N PHE F 193 -23.49 -19.09 -17.18
CA PHE F 193 -22.96 -17.77 -16.84
C PHE F 193 -23.25 -16.75 -17.94
N ILE F 194 -23.03 -15.48 -17.65
CA ILE F 194 -23.32 -14.43 -18.61
C ILE F 194 -22.10 -13.56 -18.95
N ASP F 195 -22.18 -12.92 -20.12
CA ASP F 195 -21.11 -12.05 -20.61
C ASP F 195 -21.67 -10.66 -20.93
N ILE F 196 -21.11 -9.63 -20.29
CA ILE F 196 -21.59 -8.26 -20.47
C ILE F 196 -20.79 -7.44 -21.47
N ASN F 197 -19.65 -7.98 -21.88
CA ASN F 197 -18.79 -7.30 -22.83
C ASN F 197 -18.42 -5.88 -22.36
N GLY F 198 -18.29 -5.73 -21.04
CA GLY F 198 -17.91 -4.45 -20.45
C GLY F 198 -18.86 -3.28 -20.62
N ALA F 199 -20.15 -3.58 -20.78
CA ALA F 199 -21.16 -2.55 -21.00
C ALA F 199 -21.75 -1.84 -19.78
N TRP F 200 -21.39 -2.26 -18.57
CA TRP F 200 -21.98 -1.61 -17.40
C TRP F 200 -21.18 -0.55 -16.67
N THR F 201 -21.90 0.37 -16.05
CA THR F 201 -21.27 1.39 -15.23
C THR F 201 -21.25 0.65 -13.89
N TYR F 202 -20.47 1.12 -12.93
CA TYR F 202 -20.38 0.45 -11.64
C TYR F 202 -21.71 0.10 -10.96
N ASP F 203 -22.62 1.08 -10.88
CA ASP F 203 -23.91 0.85 -10.25
C ASP F 203 -24.76 -0.19 -11.00
N GLN F 204 -24.79 -0.11 -12.32
CA GLN F 204 -25.55 -1.09 -13.12
C GLN F 204 -25.09 -2.49 -12.73
N ALA F 205 -23.77 -2.69 -12.71
CA ALA F 205 -23.18 -3.99 -12.38
C ALA F 205 -23.61 -4.48 -11.00
N LEU F 206 -23.41 -3.65 -9.99
CA LEU F 206 -23.76 -4.02 -8.63
C LEU F 206 -25.25 -4.40 -8.56
N THR F 207 -26.10 -3.57 -9.15
CA THR F 207 -27.55 -3.80 -9.14
C THR F 207 -27.97 -5.08 -9.85
N THR F 208 -27.56 -5.22 -11.10
CA THR F 208 -27.91 -6.38 -11.89
C THR F 208 -27.31 -7.66 -11.34
N ILE F 209 -26.06 -7.60 -10.89
CA ILE F 209 -25.43 -8.79 -10.37
C ILE F 209 -26.14 -9.29 -9.12
N ARG F 210 -26.53 -8.38 -8.24
CA ARG F 210 -27.23 -8.81 -7.05
C ARG F 210 -28.61 -9.33 -7.39
N ALA F 211 -29.23 -8.74 -8.40
CA ALA F 211 -30.56 -9.17 -8.82
C ALA F 211 -30.56 -10.55 -9.44
N LEU F 212 -29.40 -11.00 -9.91
CA LEU F 212 -29.28 -12.29 -10.55
C LEU F 212 -28.77 -13.40 -9.62
N GLU F 213 -28.33 -13.04 -8.42
CA GLU F 213 -27.80 -14.03 -7.48
C GLU F 213 -28.67 -15.26 -7.26
N LYS F 214 -29.98 -15.09 -7.24
CA LYS F 214 -30.89 -16.21 -7.01
C LYS F 214 -30.82 -17.28 -8.10
N TYR F 215 -30.21 -16.97 -9.23
CA TYR F 215 -30.10 -17.93 -10.33
C TYR F 215 -28.75 -18.65 -10.31
N ASN F 216 -27.93 -18.31 -9.32
CA ASN F 216 -26.62 -18.92 -9.13
C ASN F 216 -25.77 -19.11 -10.38
N LEU F 217 -25.42 -18.01 -11.05
CA LEU F 217 -24.59 -18.09 -12.24
C LEU F 217 -23.19 -18.47 -11.76
N SER F 218 -22.43 -19.21 -12.56
CA SER F 218 -21.09 -19.60 -12.14
C SER F 218 -20.13 -18.41 -12.17
N LYS F 219 -20.47 -17.37 -12.94
CA LYS F 219 -19.63 -16.18 -13.03
C LYS F 219 -20.22 -15.09 -13.91
N ILE F 220 -19.60 -13.92 -13.86
CA ILE F 220 -19.99 -12.78 -14.67
C ILE F 220 -18.76 -12.38 -15.47
N GLU F 221 -18.84 -12.50 -16.78
CA GLU F 221 -17.72 -12.16 -17.64
C GLU F 221 -17.70 -10.66 -18.00
N GLN F 222 -16.59 -10.01 -17.65
CA GLN F 222 -16.35 -8.59 -17.91
C GLN F 222 -17.58 -7.67 -17.80
N PRO F 223 -18.07 -7.45 -16.56
CA PRO F 223 -19.23 -6.58 -16.37
C PRO F 223 -18.92 -5.09 -16.61
N LEU F 224 -17.69 -4.69 -16.33
CA LEU F 224 -17.27 -3.30 -16.48
C LEU F 224 -16.28 -3.10 -17.64
N PRO F 225 -16.06 -1.84 -18.05
CA PRO F 225 -15.12 -1.55 -19.15
C PRO F 225 -13.76 -2.20 -18.96
N ALA F 226 -13.11 -2.52 -20.07
CA ALA F 226 -11.79 -3.16 -20.04
C ALA F 226 -10.78 -2.43 -19.15
N TRP F 227 -10.82 -1.10 -19.18
CA TRP F 227 -9.88 -0.28 -18.42
C TRP F 227 -10.20 -0.08 -16.93
N ASP F 228 -11.44 -0.30 -16.54
CA ASP F 228 -11.84 -0.09 -15.15
C ASP F 228 -11.44 -1.20 -14.17
N LEU F 229 -10.15 -1.45 -14.02
CA LEU F 229 -9.70 -2.49 -13.11
C LEU F 229 -10.06 -2.16 -11.66
N ASP F 230 -9.95 -0.89 -11.28
CA ASP F 230 -10.30 -0.52 -9.92
C ASP F 230 -11.78 -0.84 -9.67
N GLY F 231 -12.60 -0.66 -10.70
CA GLY F 231 -14.02 -0.95 -10.58
C GLY F 231 -14.26 -2.45 -10.44
N MET F 232 -13.55 -3.25 -11.25
CA MET F 232 -13.68 -4.69 -11.20
C MET F 232 -13.34 -5.19 -9.81
N ALA F 233 -12.28 -4.64 -9.23
CA ALA F 233 -11.85 -5.04 -7.88
C ALA F 233 -12.91 -4.59 -6.85
N ARG F 234 -13.38 -3.35 -6.99
CA ARG F 234 -14.38 -2.81 -6.08
C ARG F 234 -15.66 -3.65 -6.15
N LEU F 235 -16.02 -4.08 -7.36
CA LEU F 235 -17.20 -4.89 -7.57
C LEU F 235 -17.04 -6.21 -6.81
N ARG F 236 -15.87 -6.83 -6.96
CA ARG F 236 -15.60 -8.09 -6.28
C ARG F 236 -15.73 -7.95 -4.76
N GLY F 237 -15.79 -6.70 -4.29
CA GLY F 237 -15.93 -6.48 -2.86
C GLY F 237 -17.38 -6.30 -2.44
N LYS F 238 -18.28 -6.25 -3.41
CA LYS F 238 -19.71 -6.05 -3.12
C LYS F 238 -20.62 -7.21 -3.54
N VAL F 239 -20.09 -8.17 -4.28
CA VAL F 239 -20.90 -9.31 -4.74
C VAL F 239 -20.18 -10.64 -4.53
N ALA F 240 -20.94 -11.73 -4.47
CA ALA F 240 -20.39 -13.06 -4.27
C ALA F 240 -20.01 -13.77 -5.56
N THR F 241 -20.78 -13.51 -6.62
CA THR F 241 -20.53 -14.16 -7.91
C THR F 241 -19.13 -13.88 -8.44
N PRO F 242 -18.42 -14.92 -8.89
CA PRO F 242 -17.07 -14.75 -9.42
C PRO F 242 -17.09 -13.79 -10.62
N ILE F 243 -16.06 -12.96 -10.73
CA ILE F 243 -15.95 -12.00 -11.81
C ILE F 243 -14.75 -12.35 -12.69
N TYR F 244 -15.00 -12.61 -13.96
CA TYR F 244 -13.93 -12.96 -14.89
C TYR F 244 -13.61 -11.79 -15.80
N ALA F 245 -12.38 -11.76 -16.28
CA ALA F 245 -11.94 -10.70 -17.18
C ALA F 245 -11.65 -11.21 -18.57
N ASP F 246 -12.14 -10.48 -19.57
CA ASP F 246 -11.86 -10.84 -20.95
C ASP F 246 -11.18 -9.61 -21.55
N GLU F 247 -11.98 -8.62 -21.93
CA GLU F 247 -11.44 -7.40 -22.53
C GLU F 247 -10.35 -6.74 -21.67
N SER F 248 -10.46 -6.83 -20.35
CA SER F 248 -9.45 -6.24 -19.47
C SER F 248 -8.10 -6.98 -19.54
N ALA F 249 -8.13 -8.27 -19.88
CA ALA F 249 -6.91 -9.09 -19.97
C ALA F 249 -6.41 -9.25 -21.40
N GLN F 250 -5.77 -8.21 -21.90
CA GLN F 250 -5.26 -8.23 -23.27
C GLN F 250 -3.74 -8.41 -23.34
N GLU F 251 -3.01 -7.49 -22.70
CA GLU F 251 -1.55 -7.52 -22.72
C GLU F 251 -0.98 -8.11 -21.43
N LEU F 252 0.31 -8.44 -21.45
CA LEU F 252 0.96 -9.00 -20.27
C LEU F 252 0.84 -8.04 -19.09
N HIS F 253 1.10 -6.76 -19.32
CA HIS F 253 1.01 -5.81 -18.23
C HIS F 253 -0.42 -5.70 -17.70
N ASP F 254 -1.41 -5.96 -18.54
CA ASP F 254 -2.80 -5.93 -18.07
C ASP F 254 -2.97 -7.05 -17.05
N LEU F 255 -2.48 -8.24 -17.39
CA LEU F 255 -2.59 -9.39 -16.49
C LEU F 255 -1.91 -9.09 -15.15
N LEU F 256 -0.75 -8.43 -15.20
CA LEU F 256 -0.03 -8.09 -13.98
C LEU F 256 -0.90 -7.16 -13.13
N ALA F 257 -1.50 -6.16 -13.77
CA ALA F 257 -2.37 -5.21 -13.09
C ALA F 257 -3.56 -5.92 -12.47
N ILE F 258 -4.09 -6.92 -13.18
CA ILE F 258 -5.23 -7.68 -12.68
C ILE F 258 -4.83 -8.48 -11.43
N ILE F 259 -3.68 -9.14 -11.45
CA ILE F 259 -3.30 -9.88 -10.24
C ILE F 259 -2.98 -8.92 -9.09
N ASN F 260 -2.33 -7.80 -9.39
CA ASN F 260 -1.98 -6.84 -8.32
C ASN F 260 -3.21 -6.18 -7.73
N LYS F 261 -4.22 -5.94 -8.55
CA LYS F 261 -5.44 -5.29 -8.07
C LYS F 261 -6.51 -6.26 -7.58
N GLY F 262 -6.32 -7.55 -7.85
CA GLY F 262 -7.32 -8.52 -7.46
C GLY F 262 -8.61 -8.13 -8.19
N ALA F 263 -8.50 -7.95 -9.50
CA ALA F 263 -9.64 -7.57 -10.29
C ALA F 263 -10.39 -8.73 -10.93
N ALA F 264 -9.93 -9.96 -10.71
CA ALA F 264 -10.60 -11.12 -11.32
C ALA F 264 -10.46 -12.46 -10.61
N ASP F 265 -11.46 -13.31 -10.82
CA ASP F 265 -11.51 -14.65 -10.26
C ASP F 265 -11.21 -15.65 -11.37
N GLY F 266 -11.11 -15.15 -12.59
CA GLY F 266 -10.84 -16.00 -13.74
C GLY F 266 -10.57 -15.16 -14.97
N LEU F 267 -10.11 -15.80 -16.03
CA LEU F 267 -9.77 -15.08 -17.26
C LEU F 267 -10.30 -15.73 -18.55
N MET F 268 -10.41 -14.92 -19.59
CA MET F 268 -10.81 -15.38 -20.92
C MET F 268 -9.75 -14.88 -21.89
N ILE F 269 -9.42 -15.71 -22.86
CA ILE F 269 -8.43 -15.34 -23.85
C ILE F 269 -8.96 -15.59 -25.26
N LYS F 270 -8.30 -14.95 -26.23
CA LYS F 270 -8.60 -15.14 -27.66
C LYS F 270 -7.24 -14.99 -28.30
N THR F 271 -6.88 -15.91 -29.18
CA THR F 271 -5.58 -15.84 -29.83
C THR F 271 -5.38 -14.48 -30.51
N GLN F 272 -6.44 -13.97 -31.14
CA GLN F 272 -6.35 -12.68 -31.82
C GLN F 272 -6.19 -11.51 -30.86
N LYS F 273 -6.74 -11.63 -29.65
CA LYS F 273 -6.62 -10.58 -28.64
C LYS F 273 -5.18 -10.59 -28.12
N ALA F 274 -4.68 -11.77 -27.82
CA ALA F 274 -3.33 -11.94 -27.29
C ALA F 274 -2.29 -11.46 -28.30
N GLY F 275 -2.59 -11.63 -29.58
CA GLY F 275 -1.67 -11.19 -30.63
C GLY F 275 -0.96 -12.32 -31.36
N GLY F 276 -1.40 -13.56 -31.18
CA GLY F 276 -0.78 -14.68 -31.85
C GLY F 276 -0.52 -15.85 -30.91
N LEU F 277 -0.04 -16.96 -31.46
CA LEU F 277 0.24 -18.15 -30.65
C LEU F 277 1.40 -17.93 -29.67
N LEU F 278 2.49 -17.34 -30.14
CA LEU F 278 3.63 -17.10 -29.25
C LEU F 278 3.24 -16.16 -28.11
N LYS F 279 2.57 -15.05 -28.42
CA LYS F 279 2.15 -14.13 -27.37
C LYS F 279 1.10 -14.77 -26.47
N ALA F 280 0.34 -15.72 -27.01
CA ALA F 280 -0.68 -16.41 -26.22
C ALA F 280 0.01 -17.28 -25.16
N GLN F 281 1.14 -17.90 -25.53
CA GLN F 281 1.89 -18.72 -24.58
C GLN F 281 2.42 -17.84 -23.44
N ARG F 282 2.88 -16.64 -23.79
CA ARG F 282 3.38 -15.72 -22.77
C ARG F 282 2.21 -15.33 -21.85
N TRP F 283 1.08 -15.00 -22.46
CA TRP F 283 -0.14 -14.62 -21.75
C TRP F 283 -0.49 -15.72 -20.72
N LEU F 284 -0.46 -16.97 -21.18
CA LEU F 284 -0.77 -18.14 -20.35
C LEU F 284 0.25 -18.41 -19.24
N THR F 285 1.46 -17.88 -19.42
CA THR F 285 2.50 -18.04 -18.41
C THR F 285 2.06 -17.17 -17.22
N LEU F 286 1.47 -16.02 -17.51
CA LEU F 286 0.97 -15.13 -16.46
C LEU F 286 -0.28 -15.71 -15.81
N ALA F 287 -1.14 -16.33 -16.62
CA ALA F 287 -2.35 -16.94 -16.09
C ALA F 287 -1.95 -18.02 -15.10
N ARG F 288 -0.92 -18.77 -15.45
CA ARG F 288 -0.41 -19.84 -14.59
C ARG F 288 0.08 -19.25 -13.26
N LEU F 289 0.91 -18.22 -13.35
CA LEU F 289 1.43 -17.55 -12.16
C LEU F 289 0.30 -17.06 -11.26
N ALA F 290 -0.78 -16.60 -11.87
CA ALA F 290 -1.94 -16.11 -11.13
C ALA F 290 -2.79 -17.27 -10.60
N ASN F 291 -2.53 -18.48 -11.09
CA ASN F 291 -3.28 -19.68 -10.70
C ASN F 291 -4.78 -19.46 -10.95
N LEU F 292 -5.09 -18.85 -12.10
CA LEU F 292 -6.47 -18.59 -12.49
C LEU F 292 -6.89 -19.40 -13.69
N PRO F 293 -8.17 -19.78 -13.76
CA PRO F 293 -8.67 -20.55 -14.90
C PRO F 293 -8.70 -19.67 -16.15
N VAL F 294 -8.63 -20.28 -17.32
CA VAL F 294 -8.65 -19.55 -18.58
C VAL F 294 -9.56 -20.25 -19.58
N ILE F 295 -10.47 -19.49 -20.15
CA ILE F 295 -11.39 -20.01 -21.16
C ILE F 295 -11.11 -19.26 -22.45
N CYS F 296 -10.71 -19.99 -23.49
CA CYS F 296 -10.40 -19.38 -24.77
C CYS F 296 -11.63 -19.29 -25.67
N GLY F 297 -11.89 -18.08 -26.18
CA GLY F 297 -13.01 -17.89 -27.08
C GLY F 297 -12.51 -17.90 -28.51
N CYS F 298 -13.13 -17.11 -29.37
CA CYS F 298 -12.71 -17.04 -30.77
C CYS F 298 -13.30 -15.82 -31.45
N MET F 299 -12.71 -15.43 -32.57
CA MET F 299 -13.23 -14.33 -33.36
C MET F 299 -13.94 -15.15 -34.43
N VAL F 300 -15.21 -15.45 -34.19
CA VAL F 300 -16.03 -16.27 -35.07
C VAL F 300 -15.54 -16.43 -36.51
N GLY F 301 -15.14 -17.65 -36.85
CA GLY F 301 -14.64 -17.92 -38.19
C GLY F 301 -14.67 -19.38 -38.61
N SER F 302 -14.04 -19.64 -39.75
CA SER F 302 -13.97 -20.96 -40.36
C SER F 302 -13.14 -21.97 -39.58
N GLY F 303 -13.00 -23.17 -40.14
CA GLY F 303 -12.20 -24.20 -39.52
C GLY F 303 -10.77 -23.73 -39.45
N LEU F 304 -10.37 -22.85 -40.37
CA LEU F 304 -9.01 -22.33 -40.36
C LEU F 304 -8.84 -21.39 -39.17
N GLU F 305 -9.85 -20.58 -38.90
CA GLU F 305 -9.79 -19.64 -37.78
C GLU F 305 -9.72 -20.38 -36.45
N ALA F 306 -10.41 -21.51 -36.35
CA ALA F 306 -10.42 -22.28 -35.12
C ALA F 306 -9.15 -23.11 -34.86
N SER F 307 -8.43 -23.42 -35.94
CA SER F 307 -7.23 -24.25 -35.84
C SER F 307 -6.06 -23.80 -34.95
N PRO F 308 -5.64 -22.53 -35.07
CA PRO F 308 -4.52 -22.13 -34.22
C PRO F 308 -4.87 -22.36 -32.75
N ALA F 309 -6.07 -21.92 -32.35
CA ALA F 309 -6.53 -22.10 -30.98
C ALA F 309 -6.67 -23.58 -30.61
N ALA F 310 -7.11 -24.39 -31.57
CA ALA F 310 -7.27 -25.83 -31.32
C ALA F 310 -5.91 -26.43 -30.96
N HIS F 311 -4.88 -26.04 -31.70
CA HIS F 311 -3.53 -26.54 -31.44
C HIS F 311 -3.01 -26.06 -30.09
N LEU F 312 -3.29 -24.80 -29.75
CA LEU F 312 -2.85 -24.23 -28.48
C LEU F 312 -3.57 -24.86 -27.28
N LEU F 313 -4.88 -25.02 -27.39
CA LEU F 313 -5.68 -25.58 -26.30
C LEU F 313 -5.33 -27.04 -26.01
N ALA F 314 -4.82 -27.75 -27.01
CA ALA F 314 -4.44 -29.15 -26.82
C ALA F 314 -3.00 -29.27 -26.30
N ALA F 315 -2.17 -28.28 -26.58
CA ALA F 315 -0.77 -28.31 -26.18
C ALA F 315 -0.41 -27.63 -24.85
N ASN F 316 -0.87 -26.40 -24.65
CA ASN F 316 -0.55 -25.66 -23.44
C ASN F 316 -1.04 -26.35 -22.16
N ASP F 317 -0.09 -26.74 -21.31
CA ASP F 317 -0.39 -27.44 -20.08
C ASP F 317 -1.33 -26.69 -19.16
N TRP F 318 -1.20 -25.38 -19.10
CA TRP F 318 -2.08 -24.61 -18.24
C TRP F 318 -3.53 -24.57 -18.72
N ILE F 319 -3.73 -24.16 -19.97
CA ILE F 319 -5.09 -24.05 -20.49
C ILE F 319 -5.78 -25.40 -20.72
N ALA F 320 -5.00 -26.48 -20.79
CA ALA F 320 -5.55 -27.81 -20.99
C ALA F 320 -6.33 -28.30 -19.77
N GLN F 321 -6.37 -27.49 -18.71
CA GLN F 321 -7.07 -27.84 -17.48
C GLN F 321 -8.54 -27.41 -17.46
N PHE F 322 -8.92 -26.51 -18.37
CA PHE F 322 -10.28 -25.98 -18.35
C PHE F 322 -11.10 -26.11 -19.64
N PRO F 323 -12.44 -26.14 -19.52
CA PRO F 323 -13.30 -26.26 -20.70
C PRO F 323 -13.08 -24.98 -21.53
N GLN F 324 -13.30 -25.09 -22.83
CA GLN F 324 -13.05 -23.96 -23.73
C GLN F 324 -14.26 -23.50 -24.53
N GLU F 325 -14.08 -22.43 -25.30
CA GLU F 325 -15.15 -21.87 -26.10
C GLU F 325 -14.74 -21.51 -27.55
N ASN F 326 -13.81 -22.28 -28.11
CA ASN F 326 -13.32 -22.03 -29.47
C ASN F 326 -14.17 -22.83 -30.47
N ALA F 327 -15.32 -22.28 -30.86
CA ALA F 327 -16.23 -22.97 -31.77
C ALA F 327 -16.80 -22.12 -32.91
N GLY F 328 -15.96 -21.29 -33.52
CA GLY F 328 -16.42 -20.45 -34.61
C GLY F 328 -17.19 -21.16 -35.72
N PRO F 329 -16.70 -22.30 -36.22
CA PRO F 329 -17.39 -23.03 -37.30
C PRO F 329 -18.81 -23.46 -36.97
N LEU F 330 -19.07 -23.73 -35.69
CA LEU F 330 -20.41 -24.15 -35.28
C LEU F 330 -21.39 -22.97 -35.35
N HIS F 331 -20.88 -21.76 -35.13
CA HIS F 331 -21.72 -20.56 -35.19
C HIS F 331 -22.00 -20.20 -36.64
N ILE F 332 -20.96 -20.20 -37.47
CA ILE F 332 -21.14 -19.86 -38.89
C ILE F 332 -22.13 -20.79 -39.59
N HIS F 333 -21.97 -22.08 -39.37
CA HIS F 333 -22.82 -23.09 -40.02
C HIS F 333 -24.07 -23.48 -39.23
N ASP F 334 -24.30 -22.80 -38.11
CA ASP F 334 -25.47 -23.04 -37.26
C ASP F 334 -25.74 -24.53 -36.97
N CYS F 335 -24.78 -25.18 -36.31
CA CYS F 335 -24.94 -26.59 -35.96
C CYS F 335 -24.14 -26.87 -34.69
N LEU F 336 -24.31 -28.06 -34.12
CA LEU F 336 -23.63 -28.40 -32.87
C LEU F 336 -22.47 -29.39 -33.02
N ASN F 337 -22.27 -29.91 -34.22
CA ASN F 337 -21.16 -30.81 -34.51
C ASN F 337 -20.73 -30.62 -35.94
N SER F 338 -19.44 -30.84 -36.20
CA SER F 338 -18.87 -30.64 -37.52
C SER F 338 -19.27 -31.63 -38.61
N ARG F 339 -19.82 -32.78 -38.24
CA ARG F 339 -20.22 -33.73 -39.28
C ARG F 339 -21.31 -33.05 -40.14
N ASP F 340 -21.93 -32.02 -39.59
CA ASP F 340 -22.98 -31.30 -40.30
C ASP F 340 -22.48 -30.08 -41.11
N ILE F 341 -21.18 -30.03 -41.39
CA ILE F 341 -20.59 -28.92 -42.16
C ILE F 341 -19.94 -29.48 -43.42
N ASP F 342 -20.21 -28.86 -44.57
CA ASP F 342 -19.60 -29.34 -45.81
C ASP F 342 -19.30 -28.21 -46.80
N ASN F 343 -19.53 -26.98 -46.36
CA ASN F 343 -19.30 -25.81 -47.19
C ASN F 343 -18.47 -24.73 -46.46
N ASP F 344 -17.37 -25.16 -45.84
CA ASP F 344 -16.48 -24.25 -45.11
C ASP F 344 -15.22 -24.04 -45.97
N ILE F 345 -14.53 -22.91 -45.79
CA ILE F 345 -13.31 -22.70 -46.58
C ILE F 345 -12.28 -23.77 -46.24
N ALA F 346 -12.46 -24.43 -45.11
CA ALA F 346 -11.57 -25.51 -44.73
C ALA F 346 -12.22 -26.80 -45.24
N LEU F 347 -11.53 -27.52 -46.13
CA LEU F 347 -12.07 -28.77 -46.66
C LEU F 347 -12.22 -29.77 -45.52
N ASN F 348 -11.27 -29.73 -44.60
CA ASN F 348 -11.25 -30.63 -43.46
C ASN F 348 -11.36 -29.84 -42.15
N VAL F 349 -12.58 -29.42 -41.83
CA VAL F 349 -12.84 -28.68 -40.61
C VAL F 349 -12.47 -29.54 -39.40
N PRO F 350 -11.82 -28.96 -38.39
CA PRO F 350 -11.45 -29.76 -37.22
C PRO F 350 -12.70 -30.40 -36.62
N ARG F 351 -12.51 -31.59 -36.06
CA ARG F 351 -13.61 -32.35 -35.49
C ARG F 351 -14.25 -31.77 -34.23
N PHE F 352 -15.53 -31.45 -34.34
CA PHE F 352 -16.33 -30.93 -33.23
C PHE F 352 -17.39 -32.02 -33.06
N GLU F 353 -17.27 -32.81 -31.99
CA GLU F 353 -18.20 -33.91 -31.76
C GLU F 353 -18.41 -34.16 -30.27
N GLY F 354 -19.65 -34.42 -29.88
CA GLY F 354 -19.97 -34.69 -28.49
C GLY F 354 -19.53 -33.62 -27.50
N GLY F 355 -19.47 -32.38 -27.95
CA GLY F 355 -19.07 -31.30 -27.05
C GLY F 355 -17.56 -31.19 -26.89
N TYR F 356 -16.81 -31.86 -27.76
CA TYR F 356 -15.36 -31.81 -27.71
C TYR F 356 -14.77 -31.35 -29.05
N LEU F 357 -13.63 -30.69 -28.99
CA LEU F 357 -12.92 -30.23 -30.17
C LEU F 357 -11.65 -31.06 -30.29
N TYR F 358 -11.39 -31.59 -31.49
CA TYR F 358 -10.21 -32.39 -31.75
C TYR F 358 -9.28 -31.66 -32.71
N PRO F 359 -8.03 -31.40 -32.31
CA PRO F 359 -7.17 -30.71 -33.26
C PRO F 359 -6.81 -31.65 -34.42
N ASN F 360 -6.65 -31.10 -35.61
CA ASN F 360 -6.27 -31.92 -36.74
C ASN F 360 -4.85 -32.42 -36.52
N ASP F 361 -4.48 -33.51 -37.17
CA ASP F 361 -3.14 -34.07 -36.99
C ASP F 361 -2.19 -33.91 -38.18
N GLY F 362 -2.59 -33.14 -39.19
CA GLY F 362 -1.74 -32.93 -40.35
C GLY F 362 -0.66 -31.88 -40.12
N PRO F 363 0.29 -31.71 -41.07
CA PRO F 363 1.37 -30.72 -40.92
C PRO F 363 0.84 -29.29 -40.79
N GLY F 364 1.56 -28.46 -40.02
CA GLY F 364 1.12 -27.10 -39.82
C GLY F 364 -0.20 -27.05 -39.08
N LEU F 365 -1.08 -26.11 -39.45
CA LEU F 365 -2.39 -26.01 -38.82
C LEU F 365 -3.28 -27.19 -39.23
N GLY F 366 -2.81 -27.97 -40.21
CA GLY F 366 -3.56 -29.13 -40.67
C GLY F 366 -4.82 -28.84 -41.46
N ILE F 367 -4.84 -27.69 -42.13
CA ILE F 367 -5.99 -27.28 -42.91
C ILE F 367 -5.69 -27.17 -44.40
N GLU F 368 -6.61 -27.70 -45.21
CA GLU F 368 -6.50 -27.62 -46.66
C GLU F 368 -7.67 -26.77 -47.11
N LEU F 369 -7.36 -25.63 -47.72
CA LEU F 369 -8.39 -24.70 -48.18
C LEU F 369 -9.14 -25.09 -49.43
N ASN F 370 -10.40 -24.66 -49.48
CA ASN F 370 -11.23 -24.89 -50.65
C ASN F 370 -10.99 -23.58 -51.42
N GLU F 371 -9.99 -23.60 -52.30
CA GLU F 371 -9.61 -22.42 -53.08
C GLU F 371 -10.77 -21.83 -53.88
N ASP F 372 -11.64 -22.71 -54.39
CA ASP F 372 -12.79 -22.28 -55.16
C ASP F 372 -13.75 -21.45 -54.32
N LEU F 373 -14.05 -21.93 -53.12
CA LEU F 373 -14.96 -21.22 -52.22
C LEU F 373 -14.33 -19.91 -51.75
N VAL F 374 -13.03 -19.95 -51.49
CA VAL F 374 -12.31 -18.75 -51.05
C VAL F 374 -12.52 -17.62 -52.07
N ARG F 375 -12.34 -17.94 -53.34
CA ARG F 375 -12.54 -16.95 -54.40
C ARG F 375 -13.99 -16.49 -54.43
N ARG F 376 -14.91 -17.41 -54.14
CA ARG F 376 -16.33 -17.09 -54.13
C ARG F 376 -16.72 -16.17 -52.97
N LEU F 377 -15.96 -16.21 -51.89
CA LEU F 377 -16.29 -15.38 -50.73
C LEU F 377 -15.59 -14.04 -50.64
N VAL F 378 -14.72 -13.72 -51.60
CA VAL F 378 -14.04 -12.43 -51.58
C VAL F 378 -15.06 -11.31 -51.45
N THR F 379 -14.85 -10.45 -50.45
CA THR F 379 -15.75 -9.34 -50.19
C THR F 379 -16.09 -8.50 -51.43
N PRO F 380 -17.39 -8.40 -51.77
CA PRO F 380 -17.79 -7.62 -52.95
C PRO F 380 -17.21 -6.21 -52.92
N GLY F 381 -16.67 -5.76 -54.05
CA GLY F 381 -16.09 -4.44 -54.11
C GLY F 381 -14.65 -4.41 -53.64
N LYS F 382 -14.15 -5.54 -53.15
CA LYS F 382 -12.78 -5.63 -52.67
C LYS F 382 -12.00 -6.65 -53.47
N ALA F 383 -10.68 -6.69 -53.25
CA ALA F 383 -9.82 -7.61 -53.95
C ALA F 383 -8.60 -7.98 -53.12
N ALA F 384 -8.10 -9.18 -53.35
CA ALA F 384 -6.93 -9.69 -52.65
C ALA F 384 -5.74 -8.80 -52.98
N ARG F 385 -4.82 -8.68 -52.03
CA ARG F 385 -3.63 -7.89 -52.26
C ARG F 385 -2.40 -8.77 -52.15
N VAL F 386 -1.40 -8.48 -52.98
CA VAL F 386 -0.18 -9.26 -52.99
C VAL F 386 1.04 -8.35 -52.96
N VAL F 387 2.03 -8.72 -52.14
CA VAL F 387 3.25 -7.93 -52.04
C VAL F 387 4.45 -8.85 -52.20
N THR F 388 5.36 -8.48 -53.09
CA THR F 388 6.56 -9.25 -53.36
C THR F 388 7.74 -8.31 -53.21
N LEU G 3 -19.24 41.96 -25.64
CA LEU G 3 -17.78 41.89 -25.96
C LEU G 3 -16.91 42.34 -24.79
N LYS G 4 -17.46 43.22 -23.94
CA LYS G 4 -16.73 43.72 -22.77
C LYS G 4 -17.69 43.87 -21.59
N ILE G 5 -17.34 43.30 -20.43
CA ILE G 5 -18.18 43.42 -19.25
C ILE G 5 -17.89 44.80 -18.67
N THR G 6 -18.93 45.60 -18.46
CA THR G 6 -18.75 46.96 -17.96
C THR G 6 -19.46 47.28 -16.65
N LYS G 7 -20.26 46.34 -16.16
CA LYS G 7 -21.02 46.58 -14.94
C LYS G 7 -21.38 45.25 -14.28
N VAL G 8 -21.08 45.14 -12.99
CA VAL G 8 -21.41 43.92 -12.25
C VAL G 8 -22.43 44.30 -11.20
N GLU G 9 -23.61 43.66 -11.28
CA GLU G 9 -24.70 43.95 -10.35
C GLU G 9 -25.15 42.70 -9.59
N VAL G 10 -25.13 42.79 -8.26
CA VAL G 10 -25.55 41.68 -7.42
C VAL G 10 -26.78 42.11 -6.63
N ILE G 11 -27.85 41.34 -6.76
CA ILE G 11 -29.11 41.63 -6.08
C ILE G 11 -29.47 40.58 -5.03
N PRO G 12 -29.55 40.99 -3.76
CA PRO G 12 -29.92 40.05 -2.70
C PRO G 12 -31.44 39.85 -2.66
N ILE G 13 -31.89 38.62 -2.89
CA ILE G 13 -33.32 38.33 -2.88
C ILE G 13 -33.71 37.29 -1.83
N SER G 14 -34.97 37.35 -1.40
CA SER G 14 -35.52 36.42 -0.42
C SER G 14 -36.87 35.93 -0.94
N THR G 15 -37.01 34.61 -1.07
CA THR G 15 -38.23 34.02 -1.59
C THR G 15 -39.00 33.17 -0.57
N PRO G 16 -40.33 33.36 -0.47
CA PRO G 16 -41.11 32.57 0.49
C PRO G 16 -41.50 31.26 -0.20
N MET G 17 -41.54 30.15 0.52
CA MET G 17 -41.92 28.92 -0.15
C MET G 17 -43.02 28.06 0.46
N LYS G 18 -44.14 28.02 -0.26
CA LYS G 18 -45.32 27.24 0.11
C LYS G 18 -46.41 27.55 -0.90
N ARG G 30 -38.03 31.13 4.45
CA ARG G 30 -37.76 31.77 3.17
C ARG G 30 -36.36 31.40 2.67
N ILE G 31 -36.18 31.50 1.35
CA ILE G 31 -34.91 31.19 0.71
C ILE G 31 -34.11 32.48 0.49
N ASP G 32 -32.93 32.57 1.08
CA ASP G 32 -32.09 33.76 0.91
C ASP G 32 -31.01 33.51 -0.14
N GLY G 33 -31.18 34.11 -1.32
CA GLY G 33 -30.21 33.93 -2.37
C GLY G 33 -29.70 35.22 -2.97
N VAL G 34 -29.09 35.10 -4.14
CA VAL G 34 -28.53 36.24 -4.82
C VAL G 34 -28.62 36.08 -6.35
N LEU G 35 -28.88 37.20 -7.03
CA LEU G 35 -28.95 37.22 -8.49
C LEU G 35 -27.79 38.06 -8.99
N LEU G 36 -27.19 37.66 -10.10
CA LEU G 36 -26.07 38.41 -10.67
C LEU G 36 -26.39 38.88 -12.08
N LYS G 37 -25.93 40.08 -12.40
CA LYS G 37 -26.12 40.62 -13.73
C LYS G 37 -24.79 41.15 -14.22
N LEU G 38 -24.35 40.63 -15.35
CA LEU G 38 -23.10 41.06 -15.94
C LEU G 38 -23.46 41.85 -17.20
N HIS G 39 -23.46 43.17 -17.10
CA HIS G 39 -23.80 44.03 -18.24
C HIS G 39 -22.61 44.19 -19.18
N SER G 40 -22.86 44.06 -20.48
CA SER G 40 -21.83 44.22 -21.50
C SER G 40 -21.99 45.58 -22.16
N ASP G 41 -20.96 46.02 -22.89
CA ASP G 41 -21.02 47.31 -23.57
C ASP G 41 -21.86 47.27 -24.83
N GLU G 42 -22.55 46.16 -25.06
CA GLU G 42 -23.37 46.06 -26.25
C GLU G 42 -24.82 45.67 -25.97
N GLY G 43 -25.34 46.13 -24.83
CA GLY G 43 -26.72 45.85 -24.48
C GLY G 43 -27.01 44.52 -23.81
N LEU G 44 -26.35 43.45 -24.25
CA LEU G 44 -26.57 42.13 -23.64
C LEU G 44 -26.19 42.09 -22.17
N VAL G 45 -26.96 41.33 -21.40
CA VAL G 45 -26.72 41.18 -19.98
C VAL G 45 -26.78 39.70 -19.59
N GLY G 46 -25.72 39.20 -18.98
CA GLY G 46 -25.71 37.81 -18.55
C GLY G 46 -26.32 37.76 -17.16
N ILE G 47 -27.24 36.83 -16.93
CA ILE G 47 -27.87 36.73 -15.62
C ILE G 47 -27.69 35.35 -14.98
N ALA G 48 -27.88 35.29 -13.67
CA ALA G 48 -27.72 34.03 -12.95
C ALA G 48 -28.33 34.14 -11.56
N ASP G 49 -28.71 32.99 -11.01
CA ASP G 49 -29.30 32.91 -9.67
C ASP G 49 -28.44 31.92 -8.89
N ALA G 50 -27.84 32.37 -7.79
CA ALA G 50 -26.99 31.52 -6.99
C ALA G 50 -27.77 30.37 -6.35
N GLY G 51 -29.05 30.60 -6.09
CA GLY G 51 -29.87 29.58 -5.46
C GLY G 51 -29.83 29.86 -3.96
N ASP G 52 -30.42 28.98 -3.17
CA ASP G 52 -30.44 29.13 -1.73
C ASP G 52 -29.03 29.10 -1.13
N THR G 53 -28.86 29.65 0.06
CA THR G 53 -27.56 29.63 0.73
C THR G 53 -27.69 28.69 1.93
N SER G 54 -26.66 27.88 2.14
CA SER G 54 -26.67 26.92 3.24
C SER G 54 -25.37 27.01 4.01
N SER G 55 -25.46 27.39 5.29
CA SER G 55 -24.26 27.52 6.09
C SER G 55 -23.52 26.19 6.24
N TRP G 56 -24.26 25.11 6.44
CA TRP G 56 -23.64 23.80 6.62
C TRP G 56 -23.24 23.07 5.35
N TYR G 57 -24.03 23.18 4.30
CA TYR G 57 -23.69 22.49 3.06
C TYR G 57 -22.60 23.18 2.23
N ARG G 58 -22.66 24.51 2.14
CA ARG G 58 -21.70 25.26 1.34
C ARG G 58 -20.87 26.26 2.16
N GLY G 59 -21.51 26.89 3.15
CA GLY G 59 -20.80 27.84 3.99
C GLY G 59 -20.77 29.27 3.45
N GLU G 60 -21.58 29.53 2.43
CA GLU G 60 -21.64 30.86 1.83
C GLU G 60 -22.97 31.53 2.11
N THR G 61 -22.96 32.85 2.21
CA THR G 61 -24.17 33.62 2.49
C THR G 61 -24.35 34.73 1.45
N GLN G 62 -25.51 35.38 1.49
CA GLN G 62 -25.78 36.48 0.57
C GLN G 62 -24.64 37.46 0.60
N ASP G 63 -24.21 37.85 1.80
CA ASP G 63 -23.13 38.82 1.94
C ASP G 63 -21.75 38.33 1.51
N SER G 64 -21.43 37.06 1.76
CA SER G 64 -20.12 36.55 1.36
C SER G 64 -20.06 36.53 -0.17
N ILE G 65 -21.15 36.08 -0.79
CA ILE G 65 -21.19 36.01 -2.24
C ILE G 65 -21.11 37.40 -2.86
N THR G 66 -21.87 38.34 -2.30
CA THR G 66 -21.90 39.72 -2.80
C THR G 66 -20.54 40.40 -2.65
N SER G 67 -19.90 40.24 -1.50
CA SER G 67 -18.60 40.87 -1.30
C SER G 67 -17.52 40.27 -2.21
N MET G 68 -17.46 38.94 -2.29
CA MET G 68 -16.43 38.32 -3.13
C MET G 68 -16.58 38.70 -4.59
N ILE G 69 -17.81 38.80 -5.08
CA ILE G 69 -18.01 39.16 -6.47
C ILE G 69 -17.76 40.66 -6.70
N CYS G 70 -18.36 41.51 -5.85
CA CYS G 70 -18.22 42.95 -6.00
C CYS G 70 -16.88 43.57 -5.60
N ASP G 71 -16.30 43.09 -4.50
CA ASP G 71 -15.03 43.64 -4.04
C ASP G 71 -13.81 43.00 -4.66
N PHE G 72 -13.95 41.77 -5.15
CA PHE G 72 -12.81 41.08 -5.72
C PHE G 72 -12.93 40.69 -7.18
N PHE G 73 -13.84 39.79 -7.50
CA PHE G 73 -13.97 39.36 -8.88
C PHE G 73 -14.21 40.51 -9.87
N ALA G 74 -15.16 41.37 -9.55
CA ALA G 74 -15.50 42.48 -10.43
C ALA G 74 -14.32 43.38 -10.82
N PRO G 75 -13.64 43.98 -9.83
CA PRO G 75 -12.51 44.83 -10.19
C PRO G 75 -11.26 44.11 -10.68
N LYS G 76 -10.98 42.93 -10.15
CA LYS G 76 -9.78 42.19 -10.53
C LYS G 76 -9.87 41.26 -11.73
N VAL G 77 -11.07 40.75 -12.03
CA VAL G 77 -11.19 39.80 -13.13
C VAL G 77 -12.25 40.06 -14.21
N LEU G 78 -13.41 40.55 -13.79
CA LEU G 78 -14.51 40.75 -14.73
C LEU G 78 -14.58 42.08 -15.51
N LEU G 79 -14.53 43.20 -14.80
CA LEU G 79 -14.63 44.51 -15.48
C LEU G 79 -13.57 44.72 -16.57
N GLY G 80 -14.04 44.99 -17.78
CA GLY G 80 -13.15 45.22 -18.90
C GLY G 80 -12.74 43.94 -19.61
N GLU G 81 -13.19 42.80 -19.10
CA GLU G 81 -12.83 41.52 -19.69
C GLU G 81 -13.84 41.03 -20.74
N ASP G 82 -13.36 40.21 -21.67
CA ASP G 82 -14.18 39.61 -22.72
C ASP G 82 -14.86 38.39 -22.07
N PRO G 83 -16.20 38.40 -21.95
CA PRO G 83 -16.94 37.31 -21.34
C PRO G 83 -16.81 35.94 -22.01
N THR G 84 -16.32 35.92 -23.25
CA THR G 84 -16.14 34.66 -23.95
C THR G 84 -14.93 33.89 -23.43
N LYS G 85 -14.05 34.57 -22.69
CA LYS G 85 -12.87 33.93 -22.13
C LYS G 85 -13.19 33.27 -20.80
N ILE G 86 -14.03 32.24 -20.87
CA ILE G 86 -14.46 31.53 -19.67
C ILE G 86 -13.35 30.75 -18.98
N GLU G 87 -12.56 29.99 -19.74
CA GLU G 87 -11.46 29.24 -19.13
C GLU G 87 -10.56 30.22 -18.36
N LYS G 88 -10.23 31.34 -18.99
CA LYS G 88 -9.36 32.34 -18.39
C LYS G 88 -9.91 32.90 -17.07
N ILE G 89 -11.15 33.38 -17.11
CA ILE G 89 -11.79 33.95 -15.92
C ILE G 89 -11.93 32.92 -14.80
N VAL G 90 -12.39 31.72 -15.14
CA VAL G 90 -12.55 30.67 -14.14
C VAL G 90 -11.20 30.42 -13.46
N GLY G 91 -10.13 30.41 -14.25
CA GLY G 91 -8.81 30.18 -13.70
C GLY G 91 -8.38 31.31 -12.78
N ARG G 92 -8.57 32.54 -13.23
CA ARG G 92 -8.18 33.68 -12.42
C ARG G 92 -8.97 33.74 -11.10
N MET G 93 -10.24 33.37 -11.14
CA MET G 93 -11.04 33.38 -9.92
C MET G 93 -10.49 32.35 -8.92
N ASP G 94 -10.10 31.17 -9.41
CA ASP G 94 -9.57 30.13 -8.53
C ASP G 94 -8.22 30.50 -7.92
N ILE G 95 -7.41 31.23 -8.68
CA ILE G 95 -6.11 31.66 -8.20
C ILE G 95 -6.29 32.77 -7.17
N LEU G 96 -7.23 33.67 -7.42
CA LEU G 96 -7.48 34.80 -6.54
C LEU G 96 -8.18 34.45 -5.23
N THR G 97 -9.10 33.49 -5.29
CA THR G 97 -9.88 33.14 -4.12
C THR G 97 -9.95 31.65 -3.76
N ARG G 98 -9.84 31.36 -2.47
CA ARG G 98 -9.95 29.98 -1.97
C ARG G 98 -11.42 29.74 -1.69
N ASP G 99 -11.91 28.54 -1.95
CA ASP G 99 -13.31 28.19 -1.70
C ASP G 99 -14.26 29.17 -2.42
N ASN G 100 -15.36 29.57 -1.77
CA ASN G 100 -16.32 30.48 -2.40
C ASN G 100 -16.87 29.88 -3.69
N ASN G 101 -17.06 28.57 -3.68
CA ASN G 101 -17.55 27.83 -4.85
C ASN G 101 -18.86 28.35 -5.41
N GLN G 102 -19.80 28.71 -4.55
CA GLN G 102 -21.10 29.19 -5.01
C GLN G 102 -20.97 30.57 -5.66
N ALA G 103 -20.14 31.44 -5.10
CA ALA G 103 -19.93 32.77 -5.67
C ALA G 103 -19.32 32.63 -7.06
N LYS G 104 -18.33 31.76 -7.17
CA LYS G 104 -17.66 31.50 -8.44
C LYS G 104 -18.64 30.91 -9.45
N ALA G 105 -19.47 29.98 -8.98
CA ALA G 105 -20.44 29.33 -9.85
C ALA G 105 -21.42 30.34 -10.44
N THR G 106 -21.88 31.26 -9.59
CA THR G 106 -22.82 32.29 -9.99
C THR G 106 -22.27 33.11 -11.16
N VAL G 107 -20.99 33.48 -11.07
CA VAL G 107 -20.34 34.24 -12.13
C VAL G 107 -20.26 33.38 -13.39
N ASP G 108 -19.85 32.13 -13.22
CA ASP G 108 -19.73 31.19 -14.34
C ASP G 108 -21.06 31.06 -15.08
N PHE G 109 -22.16 30.94 -14.33
CA PHE G 109 -23.48 30.82 -14.95
C PHE G 109 -23.78 32.05 -15.81
N ALA G 110 -23.52 33.24 -15.26
CA ALA G 110 -23.79 34.48 -15.98
C ALA G 110 -22.94 34.63 -17.25
N LEU G 111 -21.69 34.18 -17.18
CA LEU G 111 -20.81 34.24 -18.33
C LEU G 111 -21.38 33.38 -19.46
N HIS G 112 -21.76 32.15 -19.14
CA HIS G 112 -22.32 31.25 -20.16
C HIS G 112 -23.59 31.84 -20.75
N ASP G 113 -24.40 32.47 -19.90
CA ASP G 113 -25.62 33.08 -20.40
C ASP G 113 -25.29 34.20 -21.37
N LEU G 114 -24.33 35.03 -21.00
CA LEU G 114 -23.91 36.16 -21.84
C LEU G 114 -23.31 35.67 -23.15
N VAL G 115 -22.46 34.65 -23.08
CA VAL G 115 -21.82 34.11 -24.27
C VAL G 115 -22.87 33.51 -25.21
N GLY G 116 -23.79 32.74 -24.64
CA GLY G 116 -24.85 32.13 -25.43
C GLY G 116 -25.69 33.19 -26.13
N LYS G 117 -26.02 34.25 -25.41
CA LYS G 117 -26.79 35.35 -25.96
C LYS G 117 -26.02 36.03 -27.08
N ARG G 118 -24.71 36.17 -26.88
CA ARG G 118 -23.84 36.79 -27.87
C ARG G 118 -23.77 35.96 -29.15
N PHE G 119 -23.63 34.64 -29.00
CA PHE G 119 -23.55 33.76 -30.16
C PHE G 119 -24.92 33.30 -30.65
N GLY G 120 -25.98 33.71 -29.95
CA GLY G 120 -27.32 33.33 -30.33
C GLY G 120 -27.64 31.85 -30.19
N VAL G 121 -27.10 31.23 -29.16
CA VAL G 121 -27.33 29.80 -28.95
C VAL G 121 -27.59 29.47 -27.48
N PRO G 122 -28.33 28.38 -27.23
CA PRO G 122 -28.64 27.94 -25.86
C PRO G 122 -27.33 27.46 -25.25
N VAL G 123 -27.21 27.55 -23.93
CA VAL G 123 -25.98 27.14 -23.26
C VAL G 123 -25.57 25.69 -23.52
N TYR G 124 -26.53 24.80 -23.68
CA TYR G 124 -26.16 23.40 -23.93
C TYR G 124 -25.30 23.25 -25.20
N GLN G 125 -25.41 24.20 -26.12
CA GLN G 125 -24.61 24.16 -27.34
C GLN G 125 -23.15 24.48 -26.99
N LEU G 126 -22.94 25.22 -25.91
CA LEU G 126 -21.59 25.58 -25.47
C LEU G 126 -21.00 24.46 -24.60
N LEU G 127 -21.87 23.57 -24.13
CA LEU G 127 -21.44 22.47 -23.28
C LEU G 127 -21.35 21.11 -23.99
N GLY G 128 -21.33 21.12 -25.32
CA GLY G 128 -21.21 19.87 -26.05
C GLY G 128 -22.39 19.43 -26.88
N GLY G 129 -23.47 20.22 -26.89
CA GLY G 129 -24.63 19.87 -27.66
C GLY G 129 -25.69 19.15 -26.85
N LYS G 130 -26.92 19.11 -27.37
CA LYS G 130 -28.01 18.46 -26.66
C LYS G 130 -27.95 16.94 -26.86
N THR G 131 -27.31 16.27 -25.91
CA THR G 131 -27.16 14.82 -25.96
C THR G 131 -28.50 14.11 -25.72
N ILE G 132 -29.32 14.63 -24.83
CA ILE G 132 -30.63 14.03 -24.59
C ILE G 132 -31.68 15.16 -24.66
N GLU G 133 -32.87 14.82 -25.14
CA GLU G 133 -33.97 15.78 -25.29
C GLU G 133 -34.63 16.19 -23.98
N ARG G 134 -34.64 15.27 -23.02
CA ARG G 134 -35.24 15.55 -21.74
C ARG G 134 -34.51 14.75 -20.66
N ILE G 135 -34.59 15.25 -19.43
CA ILE G 135 -33.91 14.65 -18.29
C ILE G 135 -34.84 13.97 -17.31
N PRO G 136 -34.73 12.64 -17.17
CA PRO G 136 -35.60 11.96 -16.21
C PRO G 136 -35.25 12.41 -14.79
N LEU G 137 -36.27 12.73 -14.00
CA LEU G 137 -36.06 13.20 -12.63
C LEU G 137 -36.58 12.32 -11.51
N GLY G 138 -35.94 12.48 -10.36
CA GLY G 138 -36.31 11.78 -9.14
C GLY G 138 -36.55 12.94 -8.18
N LEU G 139 -37.15 12.71 -7.01
CA LEU G 139 -37.43 13.83 -6.12
C LEU G 139 -37.23 13.50 -4.64
N VAL G 140 -36.82 14.50 -3.86
CA VAL G 140 -36.62 14.35 -2.42
C VAL G 140 -37.94 14.77 -1.77
N LEU G 141 -38.34 14.11 -0.69
CA LEU G 141 -39.59 14.45 -0.02
C LEU G 141 -39.37 15.33 1.21
N GLY G 142 -40.41 16.07 1.61
CA GLY G 142 -40.30 16.94 2.75
C GLY G 142 -40.47 16.17 4.05
N ALA G 143 -40.05 16.77 5.15
CA ALA G 143 -40.17 16.14 6.46
C ALA G 143 -41.65 16.06 6.80
N GLY G 144 -41.99 15.11 7.68
CA GLY G 144 -43.37 14.93 8.08
C GLY G 144 -43.55 13.58 8.76
N GLU G 145 -44.80 13.26 9.09
CA GLU G 145 -45.09 11.98 9.73
C GLU G 145 -44.93 10.88 8.69
N PRO G 146 -44.45 9.70 9.12
CA PRO G 146 -44.29 8.61 8.16
C PRO G 146 -45.47 8.40 7.21
N GLU G 147 -46.69 8.39 7.75
CA GLU G 147 -47.85 8.19 6.88
C GLU G 147 -47.95 9.31 5.85
N ALA G 148 -47.63 10.53 6.26
CA ALA G 148 -47.68 11.68 5.37
C ALA G 148 -46.59 11.59 4.28
N VAL G 149 -45.39 11.19 4.67
CA VAL G 149 -44.30 11.07 3.71
C VAL G 149 -44.61 9.99 2.69
N ALA G 150 -45.31 8.96 3.14
CA ALA G 150 -45.69 7.85 2.27
C ALA G 150 -46.68 8.33 1.22
N GLU G 151 -47.60 9.19 1.63
CA GLU G 151 -48.60 9.74 0.72
C GLU G 151 -47.94 10.63 -0.32
N GLU G 152 -47.01 11.47 0.12
CA GLU G 152 -46.31 12.34 -0.80
C GLU G 152 -45.50 11.49 -1.80
N ALA G 153 -44.96 10.37 -1.33
CA ALA G 153 -44.19 9.49 -2.20
C ALA G 153 -45.05 8.96 -3.34
N LEU G 154 -46.24 8.49 -3.01
CA LEU G 154 -47.16 7.96 -4.01
C LEU G 154 -47.52 9.02 -5.05
N ALA G 155 -47.68 10.25 -4.60
CA ALA G 155 -48.02 11.36 -5.50
C ALA G 155 -46.89 11.64 -6.46
N VAL G 156 -45.65 11.59 -5.96
CA VAL G 156 -44.48 11.83 -6.79
C VAL G 156 -44.38 10.74 -7.86
N LEU G 157 -44.56 9.49 -7.45
CA LEU G 157 -44.48 8.38 -8.40
C LEU G 157 -45.60 8.46 -9.43
N ARG G 158 -46.81 8.79 -9.01
CA ARG G 158 -47.92 8.87 -9.94
C ARG G 158 -47.70 9.96 -10.98
N GLU G 159 -46.94 10.98 -10.61
CA GLU G 159 -46.63 12.08 -11.51
C GLU G 159 -45.62 11.68 -12.60
N GLY G 160 -44.87 10.62 -12.35
CA GLY G 160 -43.90 10.15 -13.34
C GLY G 160 -42.44 10.15 -12.88
N PHE G 161 -42.18 10.63 -11.67
CA PHE G 161 -40.80 10.66 -11.18
C PHE G 161 -40.15 9.28 -11.04
N HIS G 162 -38.86 9.24 -11.32
CA HIS G 162 -38.10 7.99 -11.36
C HIS G 162 -37.51 7.41 -10.07
N PHE G 163 -37.51 8.20 -9.01
CA PHE G 163 -37.02 7.70 -7.73
C PHE G 163 -37.47 8.62 -6.61
N VAL G 164 -37.52 8.06 -5.41
CA VAL G 164 -37.93 8.82 -4.24
C VAL G 164 -36.76 8.88 -3.27
N LYS G 165 -36.45 10.07 -2.79
CA LYS G 165 -35.34 10.25 -1.88
C LYS G 165 -35.87 10.85 -0.57
N LEU G 166 -35.45 10.27 0.54
CA LEU G 166 -35.86 10.73 1.86
C LEU G 166 -34.70 11.32 2.64
N LYS G 167 -35.02 12.29 3.50
CA LYS G 167 -34.02 12.92 4.35
C LYS G 167 -34.09 12.22 5.71
N ALA G 168 -32.95 11.91 6.32
CA ALA G 168 -32.94 11.16 7.57
C ALA G 168 -32.50 11.92 8.82
N GLY G 169 -33.40 12.73 9.37
CA GLY G 169 -33.10 13.49 10.58
C GLY G 169 -32.91 12.68 11.87
N GLY G 170 -33.60 11.56 12.00
CA GLY G 170 -33.43 10.75 13.21
C GLY G 170 -34.36 11.21 14.32
N PRO G 171 -34.34 10.55 15.48
CA PRO G 171 -33.53 9.40 15.91
C PRO G 171 -33.74 8.13 15.11
N LEU G 172 -33.01 7.07 15.48
CA LEU G 172 -33.09 5.78 14.80
C LEU G 172 -34.52 5.29 14.64
N LYS G 173 -35.29 5.32 15.72
CA LYS G 173 -36.67 4.88 15.68
C LYS G 173 -37.44 5.63 14.61
N ALA G 174 -37.20 6.92 14.52
CA ALA G 174 -37.87 7.79 13.55
C ALA G 174 -37.46 7.46 12.10
N ASP G 175 -36.17 7.23 11.87
CA ASP G 175 -35.70 6.90 10.53
C ASP G 175 -36.27 5.56 10.08
N ILE G 176 -36.25 4.57 10.96
CA ILE G 176 -36.78 3.26 10.64
C ILE G 176 -38.27 3.33 10.32
N ALA G 177 -39.00 4.08 11.15
CA ALA G 177 -40.43 4.22 10.95
C ALA G 177 -40.74 4.89 9.61
N MET G 178 -39.98 5.93 9.29
CA MET G 178 -40.17 6.65 8.03
C MET G 178 -39.96 5.73 6.84
N VAL G 179 -38.79 5.08 6.80
CA VAL G 179 -38.46 4.19 5.71
C VAL G 179 -39.45 3.04 5.55
N ALA G 180 -39.76 2.37 6.67
CA ALA G 180 -40.69 1.25 6.64
C ALA G 180 -42.05 1.64 6.05
N GLU G 181 -42.58 2.78 6.49
CA GLU G 181 -43.88 3.21 5.99
C GLU G 181 -43.85 3.51 4.49
N VAL G 182 -42.82 4.22 4.05
CA VAL G 182 -42.70 4.58 2.64
C VAL G 182 -42.50 3.35 1.77
N ARG G 183 -41.62 2.43 2.17
CA ARG G 183 -41.39 1.22 1.39
C ARG G 183 -42.68 0.41 1.27
N ARG G 184 -43.42 0.36 2.36
CA ARG G 184 -44.69 -0.36 2.41
C ARG G 184 -45.64 0.20 1.34
N ALA G 185 -45.76 1.51 1.29
CA ALA G 185 -46.66 2.17 0.34
C ALA G 185 -46.22 2.12 -1.12
N VAL G 186 -44.96 2.41 -1.39
CA VAL G 186 -44.48 2.44 -2.77
C VAL G 186 -44.25 1.10 -3.43
N GLY G 187 -43.96 0.06 -2.65
CA GLY G 187 -43.73 -1.24 -3.23
C GLY G 187 -42.25 -1.56 -3.34
N ASP G 188 -41.91 -2.80 -3.64
CA ASP G 188 -40.50 -3.18 -3.75
C ASP G 188 -39.78 -2.81 -5.04
N ASP G 189 -40.51 -2.41 -6.08
CA ASP G 189 -39.85 -2.06 -7.34
C ASP G 189 -39.39 -0.62 -7.48
N VAL G 190 -39.75 0.23 -6.53
CA VAL G 190 -39.41 1.64 -6.56
C VAL G 190 -38.01 1.95 -6.04
N ASP G 191 -37.28 2.78 -6.78
CA ASP G 191 -35.94 3.19 -6.38
C ASP G 191 -36.13 4.14 -5.20
N LEU G 192 -35.79 3.66 -4.01
CA LEU G 192 -35.95 4.45 -2.79
C LEU G 192 -34.65 4.51 -2.01
N PHE G 193 -34.20 5.72 -1.68
CA PHE G 193 -32.98 5.86 -0.89
C PHE G 193 -33.06 7.02 0.08
N ILE G 194 -32.09 7.10 0.99
CA ILE G 194 -32.08 8.16 2.00
C ILE G 194 -30.81 9.00 1.95
N ASP G 195 -30.92 10.23 2.43
CA ASP G 195 -29.81 11.17 2.47
C ASP G 195 -29.59 11.57 3.93
N ILE G 196 -28.35 11.39 4.41
CA ILE G 196 -27.99 11.71 5.78
C ILE G 196 -27.27 13.04 5.95
N ASN G 197 -26.75 13.58 4.86
CA ASN G 197 -26.02 14.85 4.92
C ASN G 197 -24.84 14.78 5.89
N GLY G 198 -24.15 13.64 5.90
CA GLY G 198 -22.99 13.43 6.74
C GLY G 198 -23.12 13.65 8.24
N ALA G 199 -24.32 13.47 8.77
CA ALA G 199 -24.57 13.68 10.20
C ALA G 199 -24.18 12.58 11.17
N TRP G 200 -23.84 11.39 10.66
CA TRP G 200 -23.53 10.27 11.56
C TRP G 200 -22.08 10.01 11.93
N THR G 201 -21.89 9.46 13.12
CA THR G 201 -20.57 9.05 13.58
C THR G 201 -20.49 7.65 12.95
N TYR G 202 -19.30 7.07 12.88
CA TYR G 202 -19.18 5.77 12.25
C TYR G 202 -20.12 4.69 12.80
N ASP G 203 -20.21 4.60 14.12
CA ASP G 203 -21.06 3.60 14.76
C ASP G 203 -22.54 3.81 14.46
N GLN G 204 -23.00 5.07 14.45
CA GLN G 204 -24.40 5.35 14.13
C GLN G 204 -24.73 4.80 12.75
N ALA G 205 -23.83 5.08 11.80
CA ALA G 205 -24.00 4.64 10.42
C ALA G 205 -24.12 3.13 10.30
N LEU G 206 -23.18 2.41 10.89
CA LEU G 206 -23.19 0.96 10.83
C LEU G 206 -24.49 0.40 11.40
N THR G 207 -24.87 0.87 12.58
CA THR G 207 -26.09 0.42 13.23
C THR G 207 -27.35 0.72 12.43
N THR G 208 -27.50 1.97 12.02
CA THR G 208 -28.68 2.37 11.27
C THR G 208 -28.77 1.75 9.90
N ILE G 209 -27.67 1.73 9.15
CA ILE G 209 -27.73 1.15 7.83
C ILE G 209 -28.10 -0.33 7.90
N ARG G 210 -27.61 -1.02 8.91
CA ARG G 210 -27.93 -2.44 9.07
C ARG G 210 -29.39 -2.64 9.47
N ALA G 211 -29.90 -1.76 10.31
CA ALA G 211 -31.30 -1.84 10.76
C ALA G 211 -32.25 -1.60 9.59
N LEU G 212 -31.77 -0.92 8.56
CA LEU G 212 -32.58 -0.61 7.40
C LEU G 212 -32.45 -1.58 6.23
N GLU G 213 -31.51 -2.52 6.33
CA GLU G 213 -31.28 -3.46 5.23
C GLU G 213 -32.51 -4.22 4.73
N LYS G 214 -33.45 -4.52 5.62
CA LYS G 214 -34.66 -5.24 5.22
C LYS G 214 -35.56 -4.43 4.28
N TYR G 215 -35.33 -3.13 4.22
CA TYR G 215 -36.15 -2.27 3.36
C TYR G 215 -35.54 -2.06 1.97
N ASN G 216 -34.39 -2.68 1.74
CA ASN G 216 -33.71 -2.64 0.46
C ASN G 216 -33.52 -1.27 -0.23
N LEU G 217 -33.00 -0.29 0.49
CA LEU G 217 -32.76 1.03 -0.08
C LEU G 217 -31.71 0.90 -1.19
N SER G 218 -31.88 1.61 -2.29
CA SER G 218 -30.93 1.53 -3.40
C SER G 218 -29.55 2.07 -3.00
N LYS G 219 -29.51 2.93 -1.98
CA LYS G 219 -28.26 3.50 -1.53
C LYS G 219 -28.43 4.36 -0.29
N ILE G 220 -27.32 4.75 0.31
CA ILE G 220 -27.32 5.63 1.47
C ILE G 220 -26.45 6.80 1.04
N GLU G 221 -27.02 7.99 1.00
CA GLU G 221 -26.27 9.17 0.58
C GLU G 221 -25.51 9.85 1.73
N GLN G 222 -24.21 10.01 1.53
CA GLN G 222 -23.33 10.65 2.50
C GLN G 222 -23.71 10.42 3.96
N PRO G 223 -23.49 9.19 4.46
CA PRO G 223 -23.84 8.89 5.86
C PRO G 223 -22.85 9.51 6.85
N LEU G 224 -21.59 9.66 6.44
CA LEU G 224 -20.55 10.21 7.31
C LEU G 224 -20.11 11.61 6.86
N PRO G 225 -19.34 12.32 7.71
CA PRO G 225 -18.86 13.67 7.38
C PRO G 225 -18.10 13.70 6.06
N ALA G 226 -18.12 14.87 5.41
CA ALA G 226 -17.47 15.06 4.12
C ALA G 226 -16.00 14.64 4.11
N TRP G 227 -15.28 14.96 5.19
CA TRP G 227 -13.87 14.64 5.30
C TRP G 227 -13.52 13.21 5.72
N ASP G 228 -14.51 12.47 6.22
CA ASP G 228 -14.25 11.10 6.70
C ASP G 228 -14.21 10.05 5.59
N LEU G 229 -13.30 10.20 4.64
CA LEU G 229 -13.18 9.26 3.55
C LEU G 229 -12.77 7.85 4.00
N ASP G 230 -11.93 7.77 5.02
CA ASP G 230 -11.52 6.45 5.50
C ASP G 230 -12.76 5.78 6.11
N GLY G 231 -13.58 6.58 6.79
CA GLY G 231 -14.80 6.08 7.40
C GLY G 231 -15.75 5.54 6.34
N MET G 232 -15.94 6.30 5.27
CA MET G 232 -16.83 5.88 4.18
C MET G 232 -16.31 4.56 3.59
N ALA G 233 -15.00 4.45 3.45
CA ALA G 233 -14.42 3.24 2.90
C ALA G 233 -14.59 2.09 3.89
N ARG G 234 -14.45 2.38 5.18
CA ARG G 234 -14.60 1.36 6.22
C ARG G 234 -16.05 0.88 6.28
N LEU G 235 -16.98 1.82 6.14
CA LEU G 235 -18.39 1.51 6.19
C LEU G 235 -18.76 0.57 5.05
N ARG G 236 -18.31 0.88 3.84
CA ARG G 236 -18.59 0.04 2.69
C ARG G 236 -18.13 -1.40 2.87
N GLY G 237 -17.19 -1.62 3.79
CA GLY G 237 -16.71 -2.97 4.03
C GLY G 237 -17.45 -3.65 5.17
N LYS G 238 -18.46 -2.98 5.70
CA LYS G 238 -19.25 -3.53 6.80
C LYS G 238 -20.75 -3.53 6.50
N VAL G 239 -21.16 -2.98 5.36
CA VAL G 239 -22.57 -2.96 4.99
C VAL G 239 -22.79 -3.30 3.53
N ALA G 240 -23.97 -3.83 3.22
CA ALA G 240 -24.31 -4.23 1.86
C ALA G 240 -24.79 -3.09 0.97
N THR G 241 -25.52 -2.15 1.58
CA THR G 241 -26.09 -1.02 0.85
C THR G 241 -25.06 -0.10 0.21
N PRO G 242 -25.25 0.25 -1.06
CA PRO G 242 -24.29 1.15 -1.73
C PRO G 242 -24.22 2.46 -0.96
N ILE G 243 -23.03 3.05 -0.92
CA ILE G 243 -22.80 4.31 -0.22
C ILE G 243 -22.38 5.36 -1.25
N TYR G 244 -23.18 6.41 -1.39
CA TYR G 244 -22.87 7.48 -2.34
C TYR G 244 -22.28 8.69 -1.62
N ALA G 245 -21.44 9.44 -2.33
CA ALA G 245 -20.80 10.62 -1.77
C ALA G 245 -21.35 11.91 -2.36
N ASP G 246 -21.72 12.84 -1.49
CA ASP G 246 -22.19 14.14 -1.97
C ASP G 246 -21.22 15.18 -1.47
N GLU G 247 -21.38 15.59 -0.21
CA GLU G 247 -20.51 16.58 0.40
C GLU G 247 -19.03 16.22 0.29
N SER G 248 -18.72 14.93 0.33
CA SER G 248 -17.33 14.47 0.22
C SER G 248 -16.75 14.72 -1.16
N ALA G 249 -17.62 14.73 -2.17
CA ALA G 249 -17.20 14.93 -3.56
C ALA G 249 -17.40 16.37 -4.01
N GLN G 250 -16.48 17.25 -3.61
CA GLN G 250 -16.58 18.65 -3.98
C GLN G 250 -15.54 19.05 -5.02
N GLU G 251 -14.26 18.86 -4.71
CA GLU G 251 -13.17 19.23 -5.60
C GLU G 251 -12.59 18.05 -6.40
N LEU G 252 -11.82 18.37 -7.44
CA LEU G 252 -11.21 17.35 -8.27
C LEU G 252 -10.37 16.40 -7.42
N HIS G 253 -9.56 16.96 -6.51
CA HIS G 253 -8.74 16.12 -5.66
C HIS G 253 -9.56 15.25 -4.70
N ASP G 254 -10.76 15.70 -4.34
CA ASP G 254 -11.63 14.90 -3.47
C ASP G 254 -12.02 13.66 -4.27
N LEU G 255 -12.43 13.87 -5.51
CA LEU G 255 -12.82 12.77 -6.38
C LEU G 255 -11.67 11.77 -6.50
N LEU G 256 -10.46 12.29 -6.61
CA LEU G 256 -9.29 11.40 -6.72
C LEU G 256 -9.14 10.57 -5.45
N ALA G 257 -9.32 11.23 -4.31
CA ALA G 257 -9.20 10.55 -3.03
C ALA G 257 -10.29 9.49 -2.91
N ILE G 258 -11.50 9.84 -3.35
CA ILE G 258 -12.61 8.89 -3.30
C ILE G 258 -12.34 7.64 -4.14
N ILE G 259 -11.81 7.81 -5.35
CA ILE G 259 -11.57 6.61 -6.13
C ILE G 259 -10.40 5.82 -5.54
N ASN G 260 -9.37 6.51 -5.06
CA ASN G 260 -8.21 5.84 -4.50
C ASN G 260 -8.48 5.09 -3.20
N LYS G 261 -9.37 5.63 -2.37
CA LYS G 261 -9.69 4.99 -1.11
C LYS G 261 -10.90 4.06 -1.21
N GLY G 262 -11.58 4.08 -2.36
CA GLY G 262 -12.75 3.25 -2.55
C GLY G 262 -13.81 3.66 -1.52
N ALA G 263 -14.07 4.96 -1.45
CA ALA G 263 -15.03 5.51 -0.51
C ALA G 263 -16.46 5.69 -1.02
N ALA G 264 -16.76 5.26 -2.24
CA ALA G 264 -18.12 5.43 -2.75
C ALA G 264 -18.52 4.52 -3.90
N ASP G 265 -19.82 4.25 -3.98
CA ASP G 265 -20.41 3.41 -5.03
C ASP G 265 -21.11 4.32 -6.05
N GLY G 266 -21.17 5.61 -5.74
CA GLY G 266 -21.83 6.57 -6.62
C GLY G 266 -21.61 7.99 -6.13
N LEU G 267 -21.98 8.97 -6.95
CA LEU G 267 -21.75 10.37 -6.60
C LEU G 267 -22.93 11.32 -6.86
N MET G 268 -22.97 12.41 -6.10
CA MET G 268 -23.98 13.45 -6.29
C MET G 268 -23.20 14.72 -6.59
N ILE G 269 -23.76 15.58 -7.42
CA ILE G 269 -23.09 16.82 -7.75
C ILE G 269 -24.11 17.96 -7.65
N LYS G 270 -23.59 19.17 -7.60
CA LYS G 270 -24.39 20.39 -7.58
C LYS G 270 -23.51 21.39 -8.30
N THR G 271 -24.08 22.13 -9.24
CA THR G 271 -23.29 23.10 -9.98
C THR G 271 -22.62 24.11 -9.05
N GLN G 272 -23.32 24.52 -8.00
CA GLN G 272 -22.76 25.48 -7.05
C GLN G 272 -21.65 24.86 -6.20
N LYS G 273 -21.76 23.56 -5.93
CA LYS G 273 -20.73 22.87 -5.15
C LYS G 273 -19.47 22.75 -6.01
N ALA G 274 -19.65 22.35 -7.27
CA ALA G 274 -18.54 22.19 -8.20
C ALA G 274 -17.81 23.49 -8.46
N GLY G 275 -18.56 24.59 -8.46
CA GLY G 275 -17.95 25.90 -8.68
C GLY G 275 -18.30 26.53 -10.02
N GLY G 276 -19.26 25.95 -10.74
CA GLY G 276 -19.67 26.48 -12.02
C GLY G 276 -19.85 25.39 -13.07
N LEU G 277 -20.31 25.75 -14.26
CA LEU G 277 -20.52 24.77 -15.34
C LEU G 277 -19.20 24.20 -15.85
N LEU G 278 -18.20 25.07 -16.05
CA LEU G 278 -16.90 24.60 -16.51
C LEU G 278 -16.31 23.64 -15.46
N LYS G 279 -16.27 24.07 -14.21
CA LYS G 279 -15.74 23.22 -13.14
C LYS G 279 -16.56 21.94 -13.05
N ALA G 280 -17.85 22.02 -13.34
CA ALA G 280 -18.71 20.84 -13.29
C ALA G 280 -18.31 19.86 -14.40
N GLN G 281 -17.94 20.39 -15.56
CA GLN G 281 -17.52 19.53 -16.66
C GLN G 281 -16.24 18.80 -16.26
N ARG G 282 -15.33 19.50 -15.60
CA ARG G 282 -14.09 18.88 -15.16
C ARG G 282 -14.41 17.82 -14.11
N TRP G 283 -15.32 18.16 -13.21
CA TRP G 283 -15.78 17.29 -12.13
C TRP G 283 -16.31 15.99 -12.76
N LEU G 284 -17.11 16.14 -13.81
CA LEU G 284 -17.70 14.99 -14.49
C LEU G 284 -16.67 14.15 -15.27
N THR G 285 -15.51 14.74 -15.57
CA THR G 285 -14.47 14.00 -16.26
C THR G 285 -13.95 12.94 -15.28
N LEU G 286 -13.78 13.34 -14.03
CA LEU G 286 -13.31 12.40 -13.02
C LEU G 286 -14.37 11.35 -12.70
N ALA G 287 -15.65 11.76 -12.69
CA ALA G 287 -16.72 10.81 -12.41
C ALA G 287 -16.71 9.72 -13.50
N ARG G 288 -16.44 10.16 -14.73
CA ARG G 288 -16.37 9.25 -15.89
C ARG G 288 -15.21 8.27 -15.72
N LEU G 289 -14.07 8.81 -15.32
CA LEU G 289 -12.87 8.00 -15.11
C LEU G 289 -13.17 6.97 -14.02
N ALA G 290 -13.99 7.37 -13.06
CA ALA G 290 -14.35 6.49 -11.94
C ALA G 290 -15.42 5.48 -12.34
N ASN G 291 -16.07 5.73 -13.47
CA ASN G 291 -17.13 4.87 -13.97
C ASN G 291 -18.27 4.78 -12.93
N LEU G 292 -18.55 5.90 -12.27
CA LEU G 292 -19.60 5.97 -11.25
C LEU G 292 -20.80 6.81 -11.68
N PRO G 293 -21.99 6.45 -11.19
CA PRO G 293 -23.19 7.20 -11.54
C PRO G 293 -23.13 8.56 -10.86
N VAL G 294 -23.77 9.57 -11.47
CA VAL G 294 -23.79 10.91 -10.90
C VAL G 294 -25.21 11.45 -10.91
N ILE G 295 -25.66 11.93 -9.76
CA ILE G 295 -26.99 12.52 -9.65
C ILE G 295 -26.81 13.98 -9.25
N CYS G 296 -27.31 14.88 -10.07
CA CYS G 296 -27.20 16.31 -9.80
C CYS G 296 -28.41 16.82 -9.04
N GLY G 297 -28.14 17.56 -7.98
CA GLY G 297 -29.22 18.13 -7.19
C GLY G 297 -29.32 19.60 -7.50
N CYS G 298 -29.69 20.39 -6.51
CA CYS G 298 -29.81 21.83 -6.70
C CYS G 298 -29.71 22.55 -5.37
N MET G 299 -29.56 23.87 -5.46
CA MET G 299 -29.53 24.71 -4.28
C MET G 299 -30.86 25.42 -4.46
N VAL G 300 -31.92 24.82 -3.93
CA VAL G 300 -33.27 25.34 -4.05
C VAL G 300 -33.37 26.79 -4.48
N GLY G 301 -33.92 26.99 -5.68
CA GLY G 301 -34.06 28.33 -6.23
C GLY G 301 -35.03 28.39 -7.40
N SER G 302 -35.06 29.55 -8.05
CA SER G 302 -35.94 29.82 -9.17
C SER G 302 -35.65 29.03 -10.45
N GLY G 303 -36.37 29.40 -11.52
CA GLY G 303 -36.19 28.76 -12.81
C GLY G 303 -34.82 29.12 -13.37
N LEU G 304 -34.28 30.25 -12.94
CA LEU G 304 -32.96 30.67 -13.39
C LEU G 304 -31.89 29.86 -12.66
N GLU G 305 -32.15 29.49 -11.41
CA GLU G 305 -31.20 28.68 -10.64
C GLU G 305 -31.09 27.30 -11.29
N ALA G 306 -32.23 26.78 -11.73
CA ALA G 306 -32.27 25.45 -12.33
C ALA G 306 -31.76 25.38 -13.76
N SER G 307 -31.62 26.52 -14.42
CA SER G 307 -31.19 26.54 -15.81
C SER G 307 -29.80 26.04 -16.15
N PRO G 308 -28.77 26.53 -15.45
CA PRO G 308 -27.41 26.05 -15.75
C PRO G 308 -27.35 24.53 -15.73
N ALA G 309 -27.90 23.93 -14.67
CA ALA G 309 -27.90 22.48 -14.52
C ALA G 309 -28.71 21.82 -15.62
N ALA G 310 -29.87 22.41 -15.95
CA ALA G 310 -30.71 21.84 -17.01
C ALA G 310 -29.90 21.72 -18.29
N HIS G 311 -29.14 22.75 -18.62
CA HIS G 311 -28.31 22.76 -19.82
C HIS G 311 -27.19 21.72 -19.73
N LEU G 312 -26.57 21.63 -18.56
CA LEU G 312 -25.48 20.68 -18.35
C LEU G 312 -25.99 19.23 -18.38
N LEU G 313 -27.09 18.97 -17.70
CA LEU G 313 -27.63 17.59 -17.66
C LEU G 313 -28.10 17.11 -19.02
N ALA G 314 -28.44 18.04 -19.91
CA ALA G 314 -28.89 17.68 -21.25
C ALA G 314 -27.71 17.48 -22.21
N ALA G 315 -26.61 18.19 -21.94
CA ALA G 315 -25.42 18.13 -22.79
C ALA G 315 -24.33 17.13 -22.42
N ASN G 316 -23.94 17.11 -21.14
CA ASN G 316 -22.86 16.21 -20.71
C ASN G 316 -23.16 14.74 -20.93
N ASP G 317 -22.37 14.10 -21.81
CA ASP G 317 -22.56 12.70 -22.16
C ASP G 317 -22.52 11.75 -20.96
N TRP G 318 -21.63 12.00 -20.01
CA TRP G 318 -21.56 11.11 -18.86
C TRP G 318 -22.80 11.22 -17.98
N ILE G 319 -23.14 12.43 -17.59
CA ILE G 319 -24.29 12.62 -16.70
C ILE G 319 -25.63 12.35 -17.37
N ALA G 320 -25.65 12.40 -18.69
CA ALA G 320 -26.86 12.15 -19.45
C ALA G 320 -27.32 10.70 -19.32
N GLN G 321 -26.53 9.89 -18.62
CA GLN G 321 -26.83 8.46 -18.43
C GLN G 321 -27.74 8.15 -17.24
N PHE G 322 -27.80 9.06 -16.28
CA PHE G 322 -28.53 8.82 -15.05
C PHE G 322 -29.69 9.76 -14.72
N PRO G 323 -30.66 9.27 -13.93
CA PRO G 323 -31.83 10.08 -13.54
C PRO G 323 -31.27 11.20 -12.66
N GLN G 324 -31.92 12.36 -12.67
CA GLN G 324 -31.44 13.51 -11.93
C GLN G 324 -32.35 14.06 -10.84
N GLU G 325 -31.88 15.09 -10.16
CA GLU G 325 -32.63 15.68 -9.06
C GLU G 325 -32.58 17.23 -9.06
N ASN G 326 -32.48 17.81 -10.24
CA ASN G 326 -32.42 19.27 -10.40
C ASN G 326 -33.86 19.80 -10.46
N ALA G 327 -34.49 20.00 -9.31
CA ALA G 327 -35.88 20.46 -9.29
C ALA G 327 -36.20 21.61 -8.33
N GLY G 328 -35.28 22.56 -8.21
CA GLY G 328 -35.48 23.69 -7.33
C GLY G 328 -36.86 24.32 -7.40
N PRO G 329 -37.32 24.70 -8.60
CA PRO G 329 -38.64 25.32 -8.75
C PRO G 329 -39.79 24.52 -8.14
N LEU G 330 -39.76 23.19 -8.30
CA LEU G 330 -40.81 22.36 -7.75
C LEU G 330 -40.81 22.44 -6.22
N HIS G 331 -39.63 22.66 -5.64
CA HIS G 331 -39.50 22.75 -4.20
C HIS G 331 -39.98 24.10 -3.67
N ILE G 332 -39.63 25.17 -4.37
CA ILE G 332 -40.04 26.51 -3.96
C ILE G 332 -41.55 26.70 -4.10
N HIS G 333 -42.10 26.23 -5.22
CA HIS G 333 -43.53 26.38 -5.49
C HIS G 333 -44.32 25.19 -4.96
N ASP G 334 -43.62 24.29 -4.27
CA ASP G 334 -44.21 23.09 -3.69
C ASP G 334 -45.27 22.45 -4.58
N CYS G 335 -44.84 21.94 -5.73
CA CYS G 335 -45.71 21.28 -6.68
C CYS G 335 -44.93 20.19 -7.43
N LEU G 336 -45.59 19.46 -8.32
CA LEU G 336 -44.91 18.37 -9.02
C LEU G 336 -44.62 18.60 -10.50
N ASN G 337 -45.07 19.73 -11.04
CA ASN G 337 -44.82 20.06 -12.43
C ASN G 337 -44.81 21.58 -12.57
N SER G 338 -44.32 22.08 -13.71
CA SER G 338 -44.19 23.52 -13.90
C SER G 338 -45.41 24.29 -14.45
N ARG G 339 -46.40 23.60 -14.99
CA ARG G 339 -47.56 24.32 -15.50
C ARG G 339 -48.24 24.97 -14.28
N ASP G 340 -48.06 24.36 -13.12
CA ASP G 340 -48.63 24.89 -11.89
C ASP G 340 -47.71 25.93 -11.22
N ILE G 341 -47.06 26.76 -12.04
CA ILE G 341 -46.14 27.80 -11.55
C ILE G 341 -46.20 29.08 -12.38
N ASP G 342 -46.72 30.17 -11.82
CA ASP G 342 -46.78 31.40 -12.60
C ASP G 342 -46.21 32.65 -11.92
N ASN G 343 -45.63 32.49 -10.74
CA ASN G 343 -45.06 33.63 -10.04
C ASN G 343 -43.61 33.42 -9.62
N ASP G 344 -42.78 32.95 -10.55
CA ASP G 344 -41.37 32.71 -10.28
C ASP G 344 -40.59 33.90 -10.81
N ILE G 345 -39.37 34.13 -10.34
CA ILE G 345 -38.63 35.29 -10.86
C ILE G 345 -38.30 35.08 -12.34
N ALA G 346 -38.51 33.87 -12.82
CA ALA G 346 -38.30 33.54 -14.22
C ALA G 346 -39.68 33.45 -14.83
N LEU G 347 -39.96 34.28 -15.83
CA LEU G 347 -41.26 34.29 -16.50
C LEU G 347 -41.49 32.95 -17.19
N ASN G 348 -40.42 32.36 -17.71
CA ASN G 348 -40.49 31.09 -18.40
C ASN G 348 -39.65 30.00 -17.72
N VAL G 349 -40.16 29.50 -16.61
CA VAL G 349 -39.49 28.45 -15.86
C VAL G 349 -39.32 27.25 -16.78
N PRO G 350 -38.14 26.58 -16.73
CA PRO G 350 -37.95 25.42 -17.60
C PRO G 350 -39.09 24.43 -17.36
N ARG G 351 -39.45 23.69 -18.39
CA ARG G 351 -40.54 22.74 -18.31
C ARG G 351 -40.28 21.47 -17.50
N PHE G 352 -41.09 21.27 -16.47
CA PHE G 352 -41.02 20.09 -15.62
C PHE G 352 -42.36 19.40 -15.91
N GLU G 353 -42.31 18.24 -16.58
CA GLU G 353 -43.53 17.53 -16.93
C GLU G 353 -43.41 16.00 -16.93
N GLY G 354 -44.36 15.34 -16.29
CA GLY G 354 -44.37 13.88 -16.24
C GLY G 354 -43.09 13.26 -15.69
N GLY G 355 -42.44 13.96 -14.77
CA GLY G 355 -41.21 13.43 -14.18
C GLY G 355 -39.97 13.70 -15.01
N TYR G 356 -40.06 14.62 -15.96
CA TYR G 356 -38.96 14.98 -16.83
C TYR G 356 -38.70 16.48 -16.86
N LEU G 357 -37.44 16.84 -17.03
CA LEU G 357 -37.04 18.25 -17.14
C LEU G 357 -36.59 18.49 -18.56
N TYR G 358 -37.13 19.53 -19.18
CA TYR G 358 -36.77 19.89 -20.54
C TYR G 358 -36.02 21.21 -20.44
N PRO G 359 -34.81 21.28 -20.99
CA PRO G 359 -34.07 22.56 -20.91
C PRO G 359 -34.68 23.57 -21.89
N ASN G 360 -34.65 24.84 -21.55
CA ASN G 360 -35.18 25.87 -22.45
C ASN G 360 -34.29 25.93 -23.69
N ASP G 361 -34.86 26.32 -24.82
CA ASP G 361 -34.13 26.38 -26.08
C ASP G 361 -33.71 27.75 -26.56
N GLY G 362 -34.00 28.78 -25.77
CA GLY G 362 -33.64 30.14 -26.17
C GLY G 362 -32.16 30.43 -25.98
N PRO G 363 -31.65 31.57 -26.47
CA PRO G 363 -30.23 31.91 -26.32
C PRO G 363 -29.79 31.95 -24.86
N GLY G 364 -28.51 31.65 -24.63
CA GLY G 364 -27.97 31.67 -23.28
C GLY G 364 -28.70 30.67 -22.40
N LEU G 365 -28.96 31.04 -21.16
CA LEU G 365 -29.67 30.15 -20.24
C LEU G 365 -31.14 30.02 -20.62
N GLY G 366 -31.60 30.92 -21.49
CA GLY G 366 -32.98 30.88 -21.95
C GLY G 366 -34.03 31.34 -20.95
N ILE G 367 -33.66 32.26 -20.07
CA ILE G 367 -34.58 32.76 -19.06
C ILE G 367 -34.84 34.26 -19.18
N GLU G 368 -36.11 34.64 -19.00
CA GLU G 368 -36.52 36.04 -19.04
C GLU G 368 -36.96 36.33 -17.60
N LEU G 369 -36.33 37.34 -16.99
CA LEU G 369 -36.65 37.71 -15.61
C LEU G 369 -37.92 38.53 -15.45
N ASN G 370 -38.65 38.27 -14.38
CA ASN G 370 -39.85 39.04 -14.07
C ASN G 370 -39.25 40.16 -13.23
N GLU G 371 -38.94 41.28 -13.86
CA GLU G 371 -38.29 42.40 -13.18
C GLU G 371 -39.04 43.00 -11.99
N ASP G 372 -40.36 43.10 -12.09
CA ASP G 372 -41.12 43.67 -10.99
C ASP G 372 -41.09 42.73 -9.77
N LEU G 373 -41.17 41.42 -10.00
CA LEU G 373 -41.13 40.47 -8.88
C LEU G 373 -39.75 40.51 -8.24
N VAL G 374 -38.70 40.59 -9.04
CA VAL G 374 -37.35 40.68 -8.51
C VAL G 374 -37.27 41.90 -7.59
N ARG G 375 -37.82 43.03 -8.05
CA ARG G 375 -37.81 44.23 -7.23
C ARG G 375 -38.56 43.98 -5.92
N ARG G 376 -39.73 43.36 -6.01
CA ARG G 376 -40.52 43.07 -4.81
C ARG G 376 -39.84 42.10 -3.84
N LEU G 377 -39.04 41.17 -4.36
CA LEU G 377 -38.37 40.19 -3.50
C LEU G 377 -36.97 40.55 -2.98
N VAL G 378 -36.53 41.78 -3.22
CA VAL G 378 -35.22 42.18 -2.70
C VAL G 378 -35.28 42.06 -1.18
N THR G 379 -34.25 41.43 -0.60
CA THR G 379 -34.19 41.21 0.83
C THR G 379 -34.38 42.46 1.68
N PRO G 380 -35.39 42.47 2.57
CA PRO G 380 -35.65 43.62 3.45
C PRO G 380 -34.39 44.07 4.16
N GLY G 381 -34.15 45.37 4.15
CA GLY G 381 -32.98 45.91 4.80
C GLY G 381 -31.74 45.89 3.91
N LYS G 382 -31.86 45.33 2.72
CA LYS G 382 -30.71 45.27 1.82
C LYS G 382 -31.04 45.88 0.47
N ALA G 383 -30.01 46.05 -0.35
CA ALA G 383 -30.20 46.62 -1.67
C ALA G 383 -29.20 46.05 -2.64
N ALA G 384 -29.49 46.20 -3.92
CA ALA G 384 -28.60 45.72 -4.97
C ALA G 384 -27.30 46.51 -4.88
N ARG G 385 -26.22 45.91 -5.38
CA ARG G 385 -24.95 46.60 -5.37
C ARG G 385 -24.42 46.60 -6.78
N VAL G 386 -23.91 47.74 -7.24
CA VAL G 386 -23.39 47.85 -8.60
C VAL G 386 -21.94 48.25 -8.59
N VAL G 387 -21.16 47.67 -9.50
CA VAL G 387 -19.74 47.97 -9.59
C VAL G 387 -19.36 48.25 -11.04
N THR G 388 -18.66 49.35 -11.25
CA THR G 388 -18.21 49.72 -12.59
C THR G 388 -16.73 50.13 -12.52
N LEU H 3 -22.11 35.69 32.57
CA LEU H 3 -22.67 34.31 32.75
C LEU H 3 -23.46 33.93 31.50
N LYS H 4 -23.99 34.94 30.81
CA LYS H 4 -24.74 34.71 29.57
C LYS H 4 -24.44 35.80 28.56
N ILE H 5 -24.30 35.42 27.29
CA ILE H 5 -24.02 36.36 26.22
C ILE H 5 -25.33 36.98 25.81
N THR H 6 -25.44 38.30 25.94
CA THR H 6 -26.66 39.00 25.61
C THR H 6 -26.56 39.90 24.37
N LYS H 7 -25.35 40.14 23.90
CA LYS H 7 -25.16 40.99 22.74
C LYS H 7 -23.90 40.69 21.92
N VAL H 8 -24.07 40.57 20.61
CA VAL H 8 -22.95 40.29 19.71
C VAL H 8 -22.74 41.50 18.83
N GLU H 9 -21.52 42.04 18.85
CA GLU H 9 -21.20 43.22 18.07
C GLU H 9 -19.98 42.98 17.20
N VAL H 10 -20.08 43.31 15.91
CA VAL H 10 -18.97 43.16 14.99
C VAL H 10 -18.70 44.49 14.34
N ILE H 11 -17.45 44.95 14.44
CA ILE H 11 -17.04 46.24 13.90
C ILE H 11 -16.06 46.12 12.75
N PRO H 12 -16.44 46.59 11.54
CA PRO H 12 -15.50 46.49 10.43
C PRO H 12 -14.48 47.62 10.52
N ILE H 13 -13.19 47.30 10.50
CA ILE H 13 -12.16 48.31 10.57
C ILE H 13 -11.09 48.15 9.50
N SER H 14 -10.53 49.28 9.07
CA SER H 14 -9.48 49.30 8.07
C SER H 14 -8.30 50.01 8.75
N THR H 15 -7.16 49.33 8.81
CA THR H 15 -5.98 49.87 9.47
C THR H 15 -4.87 50.19 8.47
N PRO H 16 -4.43 51.46 8.42
CA PRO H 16 -3.37 51.87 7.50
C PRO H 16 -2.00 51.26 7.83
N MET H 17 -1.27 50.92 6.78
CA MET H 17 0.04 50.32 6.95
C MET H 17 1.09 51.39 7.34
N LYS H 18 2.19 50.92 7.92
CA LYS H 18 3.29 51.78 8.36
C LYS H 18 2.89 52.75 9.47
N ARG H 30 -3.75 49.00 3.21
CA ARG H 30 -4.46 49.00 4.48
C ARG H 30 -5.04 47.63 4.79
N ILE H 31 -5.15 47.33 6.09
CA ILE H 31 -5.67 46.05 6.53
C ILE H 31 -7.17 46.14 6.78
N ASP H 32 -7.94 45.34 6.03
CA ASP H 32 -9.38 45.31 6.22
C ASP H 32 -9.70 44.12 7.10
N GLY H 33 -10.08 44.40 8.34
CA GLY H 33 -10.39 43.33 9.27
C GLY H 33 -11.69 43.56 10.02
N VAL H 34 -11.90 42.80 11.08
CA VAL H 34 -13.11 42.92 11.85
C VAL H 34 -12.85 42.69 13.34
N LEU H 35 -13.55 43.44 14.19
CA LEU H 35 -13.42 43.31 15.64
C LEU H 35 -14.74 42.73 16.14
N LEU H 36 -14.66 41.86 17.15
CA LEU H 36 -15.87 41.24 17.71
C LEU H 36 -16.01 41.54 19.19
N LYS H 37 -17.23 41.81 19.62
CA LYS H 37 -17.48 42.06 21.03
C LYS H 37 -18.63 41.19 21.51
N LEU H 38 -18.34 40.31 22.46
CA LEU H 38 -19.35 39.44 23.03
C LEU H 38 -19.72 40.01 24.40
N HIS H 39 -20.89 40.64 24.48
CA HIS H 39 -21.34 41.25 25.74
C HIS H 39 -22.07 40.26 26.65
N SER H 40 -21.68 40.24 27.92
CA SER H 40 -22.31 39.36 28.88
C SER H 40 -23.37 40.15 29.64
N ASP H 41 -24.22 39.48 30.40
CA ASP H 41 -25.26 40.16 31.15
C ASP H 41 -24.75 40.66 32.50
N GLU H 42 -23.44 40.53 32.71
CA GLU H 42 -22.83 40.99 33.95
C GLU H 42 -21.70 41.99 33.74
N GLY H 43 -21.79 42.78 32.67
CA GLY H 43 -20.77 43.78 32.41
C GLY H 43 -19.55 43.41 31.60
N LEU H 44 -18.98 42.23 31.86
CA LEU H 44 -17.80 41.80 31.14
C LEU H 44 -18.04 41.70 29.64
N VAL H 45 -17.01 42.05 28.86
CA VAL H 45 -17.11 42.00 27.41
C VAL H 45 -15.93 41.24 26.84
N GLY H 46 -16.21 40.21 26.05
CA GLY H 46 -15.15 39.45 25.43
C GLY H 46 -14.81 40.13 24.11
N ILE H 47 -13.52 40.35 23.85
CA ILE H 47 -13.14 41.02 22.61
C ILE H 47 -12.13 40.24 21.79
N ALA H 48 -12.10 40.52 20.48
CA ALA H 48 -11.18 39.85 19.58
C ALA H 48 -11.00 40.63 18.30
N ASP H 49 -9.87 40.40 17.63
CA ASP H 49 -9.53 41.03 16.37
C ASP H 49 -9.23 39.87 15.40
N ALA H 50 -10.03 39.75 14.35
CA ALA H 50 -9.85 38.68 13.37
C ALA H 50 -8.55 38.83 12.58
N GLY H 51 -8.07 40.07 12.48
CA GLY H 51 -6.85 40.31 11.73
C GLY H 51 -7.17 40.64 10.28
N ASP H 52 -6.17 40.55 9.42
CA ASP H 52 -6.35 40.84 8.00
C ASP H 52 -7.19 39.77 7.31
N THR H 53 -7.79 40.13 6.18
CA THR H 53 -8.60 39.22 5.40
C THR H 53 -7.88 39.00 4.07
N SER H 54 -7.76 37.73 3.67
CA SER H 54 -7.08 37.39 2.42
C SER H 54 -7.96 36.45 1.59
N SER H 55 -8.29 36.88 0.38
CA SER H 55 -9.14 36.09 -0.50
C SER H 55 -8.51 34.77 -0.92
N TRP H 56 -7.20 34.76 -1.13
CA TRP H 56 -6.53 33.54 -1.56
C TRP H 56 -6.05 32.63 -0.43
N TYR H 57 -5.57 33.21 0.67
CA TYR H 57 -5.10 32.40 1.79
C TYR H 57 -6.21 31.80 2.65
N ARG H 58 -7.25 32.58 2.93
CA ARG H 58 -8.36 32.10 3.77
C ARG H 58 -9.70 32.11 3.04
N GLY H 59 -9.93 33.11 2.22
CA GLY H 59 -11.17 33.19 1.47
C GLY H 59 -12.32 33.91 2.17
N GLU H 60 -12.03 34.51 3.33
CA GLU H 60 -13.08 35.22 4.06
C GLU H 60 -12.86 36.72 3.97
N THR H 61 -13.97 37.46 4.01
CA THR H 61 -13.93 38.92 3.92
C THR H 61 -14.60 39.50 5.15
N GLN H 62 -14.57 40.83 5.24
CA GLN H 62 -15.21 41.50 6.37
C GLN H 62 -16.69 41.15 6.37
N ASP H 63 -17.31 41.17 5.20
CA ASP H 63 -18.72 40.86 5.09
C ASP H 63 -19.06 39.39 5.34
N SER H 64 -18.21 38.47 4.91
CA SER H 64 -18.50 37.06 5.14
C SER H 64 -18.43 36.77 6.63
N ILE H 65 -17.40 37.30 7.29
CA ILE H 65 -17.23 37.10 8.72
C ILE H 65 -18.36 37.76 9.51
N THR H 66 -18.67 39.01 9.16
CA THR H 66 -19.73 39.75 9.82
C THR H 66 -21.07 39.03 9.77
N SER H 67 -21.43 38.57 8.58
CA SER H 67 -22.70 37.87 8.40
C SER H 67 -22.76 36.50 9.07
N MET H 68 -21.69 35.72 8.98
CA MET H 68 -21.74 34.40 9.59
C MET H 68 -21.91 34.53 11.10
N ILE H 69 -21.22 35.51 11.70
CA ILE H 69 -21.30 35.72 13.14
C ILE H 69 -22.66 36.30 13.54
N CYS H 70 -23.08 37.37 12.84
CA CYS H 70 -24.35 38.03 13.16
C CYS H 70 -25.64 37.34 12.72
N ASP H 71 -25.65 36.75 11.52
CA ASP H 71 -26.86 36.09 11.03
C ASP H 71 -26.96 34.62 11.39
N PHE H 72 -25.87 34.02 11.84
CA PHE H 72 -25.90 32.60 12.16
C PHE H 72 -25.43 32.23 13.56
N PHE H 73 -24.15 32.43 13.84
CA PHE H 73 -23.63 32.07 15.15
C PHE H 73 -24.32 32.79 16.32
N ALA H 74 -24.61 34.07 16.18
CA ALA H 74 -25.26 34.81 17.27
C ALA H 74 -26.61 34.26 17.67
N PRO H 75 -27.60 34.29 16.76
CA PRO H 75 -28.92 33.77 17.13
C PRO H 75 -28.99 32.28 17.40
N LYS H 76 -28.17 31.49 16.73
CA LYS H 76 -28.22 30.04 16.89
C LYS H 76 -27.31 29.42 17.93
N VAL H 77 -26.21 30.07 18.26
CA VAL H 77 -25.27 29.48 19.20
C VAL H 77 -24.79 30.34 20.36
N LEU H 78 -24.57 31.62 20.12
CA LEU H 78 -24.05 32.52 21.15
C LEU H 78 -25.05 33.20 22.08
N LEU H 79 -26.05 33.87 21.52
CA LEU H 79 -27.03 34.57 22.34
C LEU H 79 -27.73 33.69 23.38
N GLY H 80 -27.62 34.09 24.64
CA GLY H 80 -28.26 33.35 25.71
C GLY H 80 -27.47 32.16 26.20
N GLU H 81 -26.26 31.98 25.67
CA GLU H 81 -25.42 30.86 26.07
C GLU H 81 -24.35 31.27 27.08
N ASP H 82 -23.92 30.31 27.90
CA ASP H 82 -22.88 30.50 28.92
C ASP H 82 -21.54 30.48 28.14
N PRO H 83 -20.80 31.59 28.14
CA PRO H 83 -19.52 31.67 27.43
C PRO H 83 -18.42 30.72 27.87
N THR H 84 -18.57 30.11 29.04
CA THR H 84 -17.57 29.16 29.52
C THR H 84 -17.70 27.82 28.79
N LYS H 85 -18.80 27.64 28.08
CA LYS H 85 -19.02 26.39 27.35
C LYS H 85 -18.35 26.43 25.98
N ILE H 86 -17.03 26.56 26.02
CA ILE H 86 -16.22 26.65 24.80
C ILE H 86 -16.24 25.39 23.94
N GLU H 87 -16.06 24.21 24.52
CA GLU H 87 -16.11 22.98 23.74
C GLU H 87 -17.48 22.89 23.05
N LYS H 88 -18.52 23.19 23.80
CA LYS H 88 -19.87 23.12 23.25
C LYS H 88 -20.10 24.11 22.11
N ILE H 89 -19.72 25.37 22.32
CA ILE H 89 -19.91 26.38 21.29
C ILE H 89 -19.09 26.10 20.03
N VAL H 90 -17.81 25.77 20.18
CA VAL H 90 -16.97 25.47 19.04
C VAL H 90 -17.58 24.30 18.27
N GLY H 91 -18.06 23.31 19.02
CA GLY H 91 -18.69 22.15 18.40
C GLY H 91 -19.92 22.55 17.59
N ARG H 92 -20.81 23.33 18.19
CA ARG H 92 -22.01 23.75 17.49
C ARG H 92 -21.69 24.61 16.25
N MET H 93 -20.67 25.46 16.34
CA MET H 93 -20.31 26.27 15.19
C MET H 93 -19.85 25.38 14.03
N ASP H 94 -19.12 24.32 14.34
CA ASP H 94 -18.64 23.42 13.29
C ASP H 94 -19.76 22.60 12.63
N ILE H 95 -20.81 22.28 13.38
CA ILE H 95 -21.91 21.51 12.82
C ILE H 95 -22.80 22.42 11.98
N LEU H 96 -22.95 23.66 12.42
CA LEU H 96 -23.80 24.62 11.71
C LEU H 96 -23.15 25.20 10.46
N THR H 97 -21.83 25.30 10.46
CA THR H 97 -21.15 25.92 9.34
C THR H 97 -19.89 25.23 8.80
N ARG H 98 -19.84 25.12 7.48
CA ARG H 98 -18.67 24.55 6.82
C ARG H 98 -17.67 25.69 6.62
N ASP H 99 -16.38 25.40 6.74
CA ASP H 99 -15.34 26.41 6.55
C ASP H 99 -15.56 27.63 7.48
N ASN H 100 -15.25 28.83 6.99
CA ASN H 100 -15.40 30.06 7.78
C ASN H 100 -14.51 29.99 9.02
N ASN H 101 -13.36 29.34 8.87
CA ASN H 101 -12.41 29.16 9.96
C ASN H 101 -12.05 30.47 10.65
N GLN H 102 -11.87 31.54 9.88
CA GLN H 102 -11.51 32.82 10.49
C GLN H 102 -12.64 33.39 11.33
N ALA H 103 -13.88 33.28 10.86
CA ALA H 103 -15.03 33.78 11.61
C ALA H 103 -15.13 33.01 12.92
N LYS H 104 -14.98 31.69 12.83
CA LYS H 104 -15.04 30.82 14.00
C LYS H 104 -13.94 31.17 15.01
N ALA H 105 -12.73 31.38 14.52
CA ALA H 105 -11.60 31.71 15.38
C ALA H 105 -11.87 33.01 16.14
N THR H 106 -12.44 33.98 15.45
CA THR H 106 -12.73 35.26 16.06
C THR H 106 -13.62 35.07 17.29
N VAL H 107 -14.67 34.27 17.14
CA VAL H 107 -15.59 34.00 18.24
C VAL H 107 -14.87 33.26 19.37
N ASP H 108 -14.04 32.29 19.00
CA ASP H 108 -13.28 31.51 19.96
C ASP H 108 -12.37 32.43 20.80
N PHE H 109 -11.69 33.37 20.12
CA PHE H 109 -10.82 34.31 20.81
C PHE H 109 -11.58 35.14 21.83
N ALA H 110 -12.75 35.61 21.43
CA ALA H 110 -13.58 36.44 22.30
C ALA H 110 -14.10 35.65 23.48
N LEU H 111 -14.44 34.39 23.25
CA LEU H 111 -14.95 33.55 24.34
C LEU H 111 -13.84 33.35 25.37
N HIS H 112 -12.63 33.06 24.92
CA HIS H 112 -11.50 32.86 25.82
C HIS H 112 -11.23 34.13 26.61
N ASP H 113 -11.27 35.28 25.93
CA ASP H 113 -11.03 36.55 26.60
C ASP H 113 -12.09 36.80 27.68
N LEU H 114 -13.34 36.53 27.35
CA LEU H 114 -14.45 36.71 28.28
C LEU H 114 -14.36 35.74 29.45
N VAL H 115 -14.06 34.47 29.16
CA VAL H 115 -13.94 33.47 30.23
C VAL H 115 -12.77 33.83 31.16
N GLY H 116 -11.64 34.22 30.57
CA GLY H 116 -10.49 34.60 31.36
C GLY H 116 -10.81 35.79 32.26
N LYS H 117 -11.59 36.72 31.75
CA LYS H 117 -11.98 37.89 32.52
C LYS H 117 -12.91 37.49 33.66
N ARG H 118 -13.80 36.55 33.39
CA ARG H 118 -14.74 36.09 34.41
C ARG H 118 -14.04 35.36 35.55
N PHE H 119 -13.01 34.58 35.22
CA PHE H 119 -12.27 33.84 36.24
C PHE H 119 -11.11 34.68 36.77
N GLY H 120 -10.83 35.78 36.10
CA GLY H 120 -9.75 36.66 36.50
C GLY H 120 -8.37 36.09 36.26
N VAL H 121 -8.18 35.41 35.13
CA VAL H 121 -6.89 34.81 34.77
C VAL H 121 -6.56 35.06 33.30
N PRO H 122 -5.26 35.08 32.97
CA PRO H 122 -4.87 35.31 31.57
C PRO H 122 -5.27 34.07 30.76
N VAL H 123 -5.40 34.23 29.44
CA VAL H 123 -5.80 33.11 28.61
C VAL H 123 -4.83 31.93 28.67
N TYR H 124 -3.54 32.18 28.83
CA TYR H 124 -2.60 31.06 28.87
C TYR H 124 -2.90 30.08 30.02
N GLN H 125 -3.57 30.56 31.07
CA GLN H 125 -3.90 29.70 32.20
C GLN H 125 -5.00 28.72 31.75
N LEU H 126 -5.85 29.15 30.83
CA LEU H 126 -6.92 28.32 30.30
C LEU H 126 -6.36 27.36 29.27
N LEU H 127 -5.17 27.68 28.75
CA LEU H 127 -4.54 26.85 27.73
C LEU H 127 -3.44 25.91 28.23
N GLY H 128 -3.44 25.61 29.53
CA GLY H 128 -2.43 24.72 30.08
C GLY H 128 -1.35 25.36 30.93
N GLY H 129 -1.41 26.68 31.11
CA GLY H 129 -0.42 27.35 31.93
C GLY H 129 0.74 27.92 31.12
N LYS H 130 1.50 28.82 31.74
CA LYS H 130 2.63 29.45 31.06
C LYS H 130 3.83 28.50 31.04
N THR H 131 3.96 27.77 29.94
CA THR H 131 5.05 26.82 29.78
C THR H 131 6.39 27.51 29.57
N ILE H 132 6.38 28.63 28.86
CA ILE H 132 7.60 29.41 28.65
C ILE H 132 7.25 30.87 28.90
N GLU H 133 8.18 31.63 29.46
CA GLU H 133 7.92 33.03 29.78
C GLU H 133 8.01 34.01 28.61
N ARG H 134 8.80 33.66 27.60
CA ARG H 134 8.94 34.51 26.42
C ARG H 134 9.08 33.64 25.17
N ILE H 135 8.61 34.17 24.04
CA ILE H 135 8.61 33.44 22.78
C ILE H 135 9.63 33.97 21.76
N PRO H 136 10.58 33.13 21.34
CA PRO H 136 11.57 33.58 20.36
C PRO H 136 10.90 33.79 19.00
N LEU H 137 11.20 34.91 18.35
CA LEU H 137 10.59 35.23 17.06
C LEU H 137 11.52 35.31 15.87
N GLY H 138 10.94 35.07 14.71
CA GLY H 138 11.63 35.16 13.43
C GLY H 138 10.78 36.19 12.71
N LEU H 139 11.17 36.64 11.53
CA LEU H 139 10.38 37.66 10.84
C LEU H 139 10.41 37.55 9.30
N VAL H 140 9.27 37.84 8.67
CA VAL H 140 9.17 37.82 7.21
C VAL H 140 9.58 39.22 6.74
N LEU H 141 10.41 39.30 5.71
CA LEU H 141 10.85 40.60 5.21
C LEU H 141 9.91 41.13 4.14
N GLY H 142 9.84 42.46 4.03
CA GLY H 142 8.98 43.08 3.04
C GLY H 142 9.62 42.99 1.66
N ALA H 143 8.79 43.11 0.62
CA ALA H 143 9.27 43.05 -0.76
C ALA H 143 10.08 44.28 -1.12
N GLY H 144 10.89 44.16 -2.16
CA GLY H 144 11.72 45.27 -2.61
C GLY H 144 12.89 44.74 -3.40
N GLU H 145 13.83 45.62 -3.74
CA GLU H 145 15.00 45.20 -4.50
C GLU H 145 15.90 44.38 -3.59
N PRO H 146 16.56 43.35 -4.14
CA PRO H 146 17.44 42.49 -3.37
C PRO H 146 18.33 43.20 -2.35
N GLU H 147 18.87 44.36 -2.71
CA GLU H 147 19.76 45.10 -1.81
C GLU H 147 19.04 45.63 -0.59
N ALA H 148 17.85 46.19 -0.79
CA ALA H 148 17.06 46.73 0.31
C ALA H 148 16.62 45.58 1.21
N VAL H 149 16.08 44.52 0.61
CA VAL H 149 15.62 43.37 1.37
C VAL H 149 16.75 42.80 2.23
N ALA H 150 17.96 42.77 1.69
CA ALA H 150 19.12 42.24 2.42
C ALA H 150 19.53 43.11 3.62
N GLU H 151 19.37 44.43 3.48
CA GLU H 151 19.70 45.36 4.55
C GLU H 151 18.70 45.25 5.67
N GLU H 152 17.44 45.00 5.32
CA GLU H 152 16.38 44.84 6.31
C GLU H 152 16.68 43.58 7.11
N ALA H 153 17.14 42.55 6.41
CA ALA H 153 17.48 41.28 7.03
C ALA H 153 18.55 41.48 8.10
N LEU H 154 19.53 42.32 7.80
CA LEU H 154 20.60 42.61 8.74
C LEU H 154 20.05 43.34 9.96
N ALA H 155 19.13 44.27 9.72
CA ALA H 155 18.53 45.06 10.81
C ALA H 155 17.68 44.17 11.72
N VAL H 156 16.98 43.22 11.12
CA VAL H 156 16.15 42.31 11.88
C VAL H 156 17.02 41.43 12.78
N LEU H 157 18.12 40.92 12.22
CA LEU H 157 19.03 40.08 12.99
C LEU H 157 19.73 40.86 14.10
N ARG H 158 20.00 42.14 13.86
CA ARG H 158 20.67 42.98 14.88
C ARG H 158 19.76 43.16 16.08
N GLU H 159 18.45 43.16 15.84
CA GLU H 159 17.45 43.33 16.88
C GLU H 159 17.37 42.09 17.76
N GLY H 160 17.76 40.94 17.21
CA GLY H 160 17.72 39.72 17.99
C GLY H 160 16.79 38.65 17.47
N PHE H 161 16.16 38.88 16.31
CA PHE H 161 15.26 37.88 15.76
C PHE H 161 16.03 36.61 15.36
N HIS H 162 15.34 35.47 15.45
CA HIS H 162 15.98 34.18 15.22
C HIS H 162 15.99 33.57 13.82
N PHE H 163 15.23 34.16 12.89
CA PHE H 163 15.26 33.67 11.52
C PHE H 163 14.70 34.71 10.60
N VAL H 164 15.03 34.58 9.32
CA VAL H 164 14.55 35.51 8.31
C VAL H 164 13.82 34.73 7.24
N LYS H 165 12.60 35.17 6.94
CA LYS H 165 11.78 34.51 5.93
C LYS H 165 11.55 35.46 4.76
N LEU H 166 11.57 34.93 3.54
CA LEU H 166 11.34 35.71 2.34
C LEU H 166 10.11 35.21 1.59
N LYS H 167 9.39 36.13 0.96
CA LYS H 167 8.22 35.76 0.17
C LYS H 167 8.70 35.67 -1.28
N ALA H 168 8.40 34.59 -1.97
CA ALA H 168 8.89 34.42 -3.34
C ALA H 168 7.85 34.71 -4.40
N GLY H 169 7.79 35.96 -4.84
CA GLY H 169 6.83 36.34 -5.87
C GLY H 169 7.20 35.87 -7.27
N GLY H 170 8.51 35.78 -7.56
CA GLY H 170 8.94 35.35 -8.89
C GLY H 170 9.15 36.57 -9.77
N PRO H 171 9.57 36.41 -11.03
CA PRO H 171 9.86 35.16 -11.73
C PRO H 171 11.08 34.43 -11.18
N LEU H 172 11.49 33.34 -11.85
CA LEU H 172 12.65 32.55 -11.41
C LEU H 172 13.90 33.39 -11.15
N LYS H 173 14.26 34.25 -12.10
CA LYS H 173 15.45 35.10 -11.95
C LYS H 173 15.35 35.99 -10.73
N ALA H 174 14.15 36.54 -10.52
CA ALA H 174 13.90 37.42 -9.39
C ALA H 174 14.04 36.71 -8.05
N ASP H 175 13.52 35.48 -7.95
CA ASP H 175 13.61 34.71 -6.72
C ASP H 175 15.07 34.40 -6.40
N ILE H 176 15.82 33.97 -7.41
CA ILE H 176 17.22 33.63 -7.22
C ILE H 176 18.01 34.84 -6.72
N ALA H 177 17.88 35.96 -7.42
CA ALA H 177 18.58 37.19 -7.08
C ALA H 177 18.27 37.63 -5.67
N MET H 178 17.00 37.61 -5.30
CA MET H 178 16.60 38.02 -3.96
C MET H 178 17.31 37.13 -2.93
N VAL H 179 17.06 35.83 -3.03
CA VAL H 179 17.67 34.88 -2.12
C VAL H 179 19.19 35.01 -2.13
N ALA H 180 19.77 35.17 -3.31
CA ALA H 180 21.22 35.29 -3.42
C ALA H 180 21.78 36.48 -2.64
N GLU H 181 21.23 37.67 -2.88
CA GLU H 181 21.71 38.87 -2.19
C GLU H 181 21.55 38.75 -0.68
N VAL H 182 20.40 38.25 -0.23
CA VAL H 182 20.14 38.09 1.19
C VAL H 182 21.12 37.11 1.83
N ARG H 183 21.35 35.97 1.19
CA ARG H 183 22.26 34.97 1.72
C ARG H 183 23.68 35.53 1.82
N ARG H 184 24.06 36.34 0.83
CA ARG H 184 25.39 36.93 0.84
C ARG H 184 25.53 37.79 2.09
N ALA H 185 24.58 38.69 2.26
CA ALA H 185 24.56 39.64 3.38
C ALA H 185 24.48 39.06 4.80
N VAL H 186 23.75 37.96 4.99
CA VAL H 186 23.60 37.37 6.32
C VAL H 186 24.61 36.29 6.67
N GLY H 187 25.23 35.66 5.68
CA GLY H 187 26.19 34.61 6.00
C GLY H 187 25.52 33.25 6.09
N ASP H 188 26.32 32.19 6.02
CA ASP H 188 25.77 30.84 6.03
C ASP H 188 25.29 30.31 7.37
N ASP H 189 25.28 31.13 8.41
CA ASP H 189 24.84 30.63 9.70
C ASP H 189 23.46 31.07 10.16
N VAL H 190 22.82 31.93 9.38
CA VAL H 190 21.49 32.44 9.66
C VAL H 190 20.42 31.51 9.11
N ASP H 191 19.34 31.31 9.87
CA ASP H 191 18.24 30.46 9.42
C ASP H 191 17.50 31.31 8.41
N LEU H 192 17.61 30.96 7.13
CA LEU H 192 16.97 31.72 6.08
C LEU H 192 16.09 30.80 5.23
N PHE H 193 14.86 31.22 4.94
CA PHE H 193 14.02 30.39 4.11
C PHE H 193 12.98 31.20 3.33
N ILE H 194 12.30 30.54 2.40
CA ILE H 194 11.31 31.23 1.58
C ILE H 194 9.94 30.57 1.63
N ASP H 195 8.92 31.40 1.40
CA ASP H 195 7.54 30.97 1.40
C ASP H 195 6.98 31.25 0.01
N ILE H 196 6.44 30.21 -0.64
CA ILE H 196 5.91 30.32 -1.99
C ILE H 196 4.40 30.51 -2.03
N ASN H 197 3.74 30.27 -0.90
CA ASN H 197 2.28 30.39 -0.85
C ASN H 197 1.60 29.50 -1.89
N GLY H 198 2.22 28.35 -2.16
CA GLY H 198 1.68 27.38 -3.10
C GLY H 198 1.45 27.86 -4.52
N ALA H 199 2.35 28.70 -5.01
CA ALA H 199 2.23 29.27 -6.34
C ALA H 199 2.83 28.48 -7.50
N TRP H 200 3.47 27.35 -7.22
CA TRP H 200 4.11 26.60 -8.30
C TRP H 200 3.45 25.31 -8.80
N THR H 201 3.66 25.01 -10.08
CA THR H 201 3.19 23.74 -10.66
C THR H 201 4.38 22.83 -10.28
N TYR H 202 4.21 21.52 -10.38
CA TYR H 202 5.29 20.61 -10.00
C TYR H 202 6.67 20.88 -10.62
N ASP H 203 6.71 21.07 -11.94
CA ASP H 203 7.97 21.32 -12.64
C ASP H 203 8.69 22.60 -12.18
N GLN H 204 7.93 23.68 -11.96
CA GLN H 204 8.53 24.93 -11.50
C GLN H 204 9.23 24.71 -10.16
N ALA H 205 8.55 23.99 -9.27
CA ALA H 205 9.10 23.70 -7.95
C ALA H 205 10.42 22.98 -8.03
N LEU H 206 10.44 21.86 -8.75
CA LEU H 206 11.66 21.07 -8.89
C LEU H 206 12.80 21.91 -9.46
N THR H 207 12.51 22.69 -10.50
CA THR H 207 13.52 23.53 -11.15
C THR H 207 14.05 24.65 -10.25
N THR H 208 13.16 25.41 -9.63
CA THR H 208 13.57 26.52 -8.79
C THR H 208 14.27 26.04 -7.52
N ILE H 209 13.73 25.01 -6.88
CA ILE H 209 14.34 24.53 -5.65
C ILE H 209 15.75 24.02 -5.91
N ARG H 210 15.95 23.34 -7.02
CA ARG H 210 17.29 22.85 -7.33
C ARG H 210 18.22 24.01 -7.62
N ALA H 211 17.68 25.09 -8.19
CA ALA H 211 18.50 26.25 -8.51
C ALA H 211 18.87 27.04 -7.25
N LEU H 212 18.11 26.85 -6.18
CA LEU H 212 18.35 27.55 -4.92
C LEU H 212 19.16 26.74 -3.92
N GLU H 213 19.40 25.46 -4.23
CA GLU H 213 20.14 24.60 -3.32
C GLU H 213 21.48 25.15 -2.86
N LYS H 214 22.19 25.83 -3.76
CA LYS H 214 23.49 26.37 -3.41
C LYS H 214 23.41 27.41 -2.29
N TYR H 215 22.23 28.00 -2.10
CA TYR H 215 22.08 29.00 -1.05
C TYR H 215 21.66 28.42 0.30
N ASN H 216 21.65 27.08 0.36
CA ASN H 216 21.30 26.31 1.55
C ASN H 216 20.18 26.84 2.45
N LEU H 217 19.01 27.08 1.86
CA LEU H 217 17.85 27.55 2.60
C LEU H 217 17.46 26.45 3.59
N SER H 218 16.92 26.83 4.74
CA SER H 218 16.53 25.86 5.76
C SER H 218 15.29 25.06 5.36
N LYS H 219 14.48 25.63 4.46
CA LYS H 219 13.26 24.97 4.03
C LYS H 219 12.53 25.76 2.97
N ILE H 220 11.61 25.09 2.29
CA ILE H 220 10.78 25.73 1.28
C ILE H 220 9.36 25.63 1.82
N GLU H 221 8.75 26.77 2.12
CA GLU H 221 7.40 26.76 2.63
C GLU H 221 6.35 26.68 1.53
N GLN H 222 5.54 25.63 1.57
CA GLN H 222 4.45 25.42 0.63
C GLN H 222 4.71 25.80 -0.83
N PRO H 223 5.60 25.07 -1.51
CA PRO H 223 5.87 25.42 -2.91
C PRO H 223 4.70 25.10 -3.87
N LEU H 224 3.97 24.04 -3.55
CA LEU H 224 2.84 23.61 -4.38
C LEU H 224 1.49 23.94 -3.75
N PRO H 225 0.40 23.83 -4.52
CA PRO H 225 -0.96 24.11 -4.02
C PRO H 225 -1.34 23.31 -2.77
N ALA H 226 -2.20 23.90 -1.95
CA ALA H 226 -2.64 23.28 -0.71
C ALA H 226 -3.13 21.84 -0.88
N TRP H 227 -3.86 21.58 -1.98
CA TRP H 227 -4.41 20.26 -2.24
C TRP H 227 -3.46 19.23 -2.88
N ASP H 228 -2.34 19.70 -3.43
CA ASP H 228 -1.40 18.79 -4.09
C ASP H 228 -0.46 18.01 -3.15
N LEU H 229 -1.03 17.21 -2.26
CA LEU H 229 -0.23 16.43 -1.32
C LEU H 229 0.67 15.40 -2.00
N ASP H 230 0.19 14.77 -3.07
CA ASP H 230 1.01 13.79 -3.79
C ASP H 230 2.21 14.55 -4.35
N GLY H 231 1.95 15.71 -4.93
CA GLY H 231 3.03 16.53 -5.49
C GLY H 231 4.06 16.87 -4.43
N MET H 232 3.59 17.31 -3.26
CA MET H 232 4.48 17.68 -2.17
C MET H 232 5.34 16.47 -1.79
N ALA H 233 4.72 15.29 -1.75
CA ALA H 233 5.43 14.07 -1.41
C ALA H 233 6.42 13.71 -2.52
N ARG H 234 6.01 13.88 -3.78
CA ARG H 234 6.87 13.57 -4.92
C ARG H 234 8.05 14.53 -4.98
N LEU H 235 7.80 15.79 -4.61
CA LEU H 235 8.83 16.81 -4.60
C LEU H 235 9.92 16.45 -3.59
N ARG H 236 9.52 16.07 -2.38
CA ARG H 236 10.47 15.70 -1.34
C ARG H 236 11.35 14.53 -1.80
N GLY H 237 10.86 13.75 -2.75
CA GLY H 237 11.65 12.64 -3.23
C GLY H 237 12.58 13.05 -4.36
N LYS H 238 12.57 14.35 -4.67
CA LYS H 238 13.42 14.86 -5.73
C LYS H 238 14.40 15.92 -5.26
N VAL H 239 14.12 16.57 -4.12
CA VAL H 239 15.03 17.61 -3.62
C VAL H 239 15.43 17.35 -2.18
N ALA H 240 16.59 17.89 -1.82
CA ALA H 240 17.13 17.73 -0.47
C ALA H 240 16.53 18.71 0.52
N THR H 241 16.28 19.94 0.06
CA THR H 241 15.73 21.00 0.92
C THR H 241 14.43 20.57 1.59
N PRO H 242 14.32 20.76 2.91
CA PRO H 242 13.10 20.40 3.64
C PRO H 242 11.91 21.16 3.10
N ILE H 243 10.77 20.48 3.03
CA ILE H 243 9.55 21.09 2.53
C ILE H 243 8.52 21.20 3.66
N TYR H 244 8.12 22.43 3.99
CA TYR H 244 7.15 22.65 5.05
C TYR H 244 5.78 22.94 4.46
N ALA H 245 4.73 22.62 5.22
CA ALA H 245 3.36 22.84 4.75
C ALA H 245 2.63 23.92 5.56
N ASP H 246 1.89 24.77 4.87
CA ASP H 246 1.11 25.83 5.50
C ASP H 246 -0.33 25.68 5.03
N GLU H 247 -0.59 26.18 3.82
CA GLU H 247 -1.91 26.12 3.22
C GLU H 247 -2.45 24.69 3.20
N SER H 248 -1.57 23.72 3.00
CA SER H 248 -1.98 22.32 2.97
C SER H 248 -2.42 21.83 4.35
N ALA H 249 -1.83 22.39 5.40
CA ALA H 249 -2.13 21.97 6.76
C ALA H 249 -3.17 22.84 7.45
N GLN H 250 -4.43 22.62 7.11
CA GLN H 250 -5.52 23.40 7.68
C GLN H 250 -6.37 22.63 8.70
N GLU H 251 -7.00 21.55 8.24
CA GLU H 251 -7.87 20.74 9.10
C GLU H 251 -7.18 19.52 9.69
N LEU H 252 -7.77 18.94 10.73
CA LEU H 252 -7.17 17.76 11.34
C LEU H 252 -6.94 16.67 10.30
N HIS H 253 -7.93 16.46 9.41
CA HIS H 253 -7.77 15.43 8.40
C HIS H 253 -6.69 15.77 7.39
N ASP H 254 -6.41 17.06 7.19
CA ASP H 254 -5.35 17.45 6.26
C ASP H 254 -4.04 16.97 6.89
N LEU H 255 -3.88 17.22 8.19
CA LEU H 255 -2.65 16.82 8.87
C LEU H 255 -2.48 15.30 8.83
N LEU H 256 -3.59 14.57 8.94
CA LEU H 256 -3.52 13.11 8.89
C LEU H 256 -3.04 12.71 7.50
N ALA H 257 -3.61 13.34 6.48
CA ALA H 257 -3.24 13.06 5.10
C ALA H 257 -1.77 13.39 4.87
N ILE H 258 -1.31 14.49 5.45
CA ILE H 258 0.09 14.88 5.31
C ILE H 258 1.05 13.87 5.92
N ILE H 259 0.81 13.43 7.16
CA ILE H 259 1.75 12.47 7.73
C ILE H 259 1.66 11.13 7.01
N ASN H 260 0.46 10.70 6.61
CA ASN H 260 0.30 9.43 5.91
C ASN H 260 1.05 9.39 4.58
N LYS H 261 1.03 10.51 3.84
CA LYS H 261 1.70 10.57 2.55
C LYS H 261 3.14 11.07 2.62
N GLY H 262 3.60 11.42 3.81
CA GLY H 262 4.96 11.94 3.95
C GLY H 262 5.09 13.16 3.05
N ALA H 263 4.17 14.11 3.22
CA ALA H 263 4.18 15.31 2.40
C ALA H 263 4.83 16.53 3.04
N ALA H 264 5.42 16.37 4.22
CA ALA H 264 6.02 17.53 4.88
C ALA H 264 7.13 17.23 5.87
N ASP H 265 8.08 18.15 5.95
CA ASP H 265 9.21 18.04 6.87
C ASP H 265 8.96 18.96 8.06
N GLY H 266 7.92 19.79 7.96
CA GLY H 266 7.58 20.73 9.02
C GLY H 266 6.23 21.36 8.73
N LEU H 267 5.68 22.06 9.72
CA LEU H 267 4.36 22.67 9.56
C LEU H 267 4.25 24.12 10.02
N MET H 268 3.34 24.87 9.40
CA MET H 268 3.11 26.25 9.82
C MET H 268 1.65 26.31 10.20
N ILE H 269 1.32 27.12 11.20
CA ILE H 269 -0.06 27.25 11.63
C ILE H 269 -0.39 28.73 11.79
N LYS H 270 -1.68 29.02 11.92
CA LYS H 270 -2.20 30.37 12.15
C LYS H 270 -3.50 30.08 12.90
N THR H 271 -3.72 30.77 14.02
CA THR H 271 -4.94 30.53 14.78
C THR H 271 -6.19 30.70 13.92
N GLN H 272 -6.17 31.66 13.02
CA GLN H 272 -7.32 31.91 12.16
C GLN H 272 -7.53 30.76 11.16
N LYS H 273 -6.44 30.13 10.75
CA LYS H 273 -6.52 29.00 9.81
C LYS H 273 -7.06 27.77 10.53
N ALA H 274 -6.53 27.51 11.73
CA ALA H 274 -6.94 26.36 12.52
C ALA H 274 -8.43 26.44 12.89
N GLY H 275 -8.90 27.66 13.19
CA GLY H 275 -10.29 27.84 13.54
C GLY H 275 -10.53 28.36 14.94
N GLY H 276 -9.46 28.67 15.67
CA GLY H 276 -9.58 29.16 17.03
C GLY H 276 -8.52 28.56 17.93
N LEU H 277 -8.55 28.93 19.21
CA LEU H 277 -7.57 28.41 20.16
C LEU H 277 -7.81 26.95 20.47
N LEU H 278 -9.08 26.58 20.68
CA LEU H 278 -9.43 25.19 20.98
C LEU H 278 -9.05 24.31 19.78
N LYS H 279 -9.48 24.71 18.58
CA LYS H 279 -9.16 23.97 17.37
C LYS H 279 -7.64 23.91 17.16
N ALA H 280 -6.95 25.01 17.48
CA ALA H 280 -5.50 25.06 17.34
C ALA H 280 -4.84 24.04 18.29
N GLN H 281 -5.42 23.87 19.48
CA GLN H 281 -4.88 22.90 20.44
C GLN H 281 -5.02 21.49 19.87
N ARG H 282 -6.14 21.24 19.19
CA ARG H 282 -6.38 19.94 18.58
C ARG H 282 -5.40 19.77 17.43
N TRP H 283 -5.22 20.84 16.65
CA TRP H 283 -4.30 20.87 15.50
C TRP H 283 -2.91 20.49 15.99
N LEU H 284 -2.47 21.13 17.07
CA LEU H 284 -1.15 20.88 17.64
C LEU H 284 -1.01 19.47 18.23
N THR H 285 -2.12 18.81 18.52
CA THR H 285 -2.05 17.45 19.03
C THR H 285 -1.57 16.56 17.88
N LEU H 286 -2.08 16.83 16.67
CA LEU H 286 -1.67 16.06 15.51
C LEU H 286 -0.21 16.36 15.16
N ALA H 287 0.20 17.61 15.31
CA ALA H 287 1.58 18.00 15.03
C ALA H 287 2.49 17.21 15.95
N ARG H 288 2.08 17.11 17.22
CA ARG H 288 2.83 16.37 18.24
C ARG H 288 3.00 14.91 17.81
N LEU H 289 1.89 14.29 17.40
CA LEU H 289 1.90 12.90 16.97
C LEU H 289 2.82 12.73 15.75
N ALA H 290 2.92 13.78 14.92
CA ALA H 290 3.77 13.73 13.73
C ALA H 290 5.24 14.03 14.07
N ASN H 291 5.48 14.50 15.29
CA ASN H 291 6.82 14.84 15.75
C ASN H 291 7.46 15.83 14.77
N LEU H 292 6.66 16.81 14.35
CA LEU H 292 7.11 17.84 13.42
C LEU H 292 7.08 19.23 14.03
N PRO H 293 8.05 20.08 13.66
CA PRO H 293 8.10 21.45 14.20
C PRO H 293 6.93 22.26 13.67
N VAL H 294 6.52 23.25 14.43
CA VAL H 294 5.41 24.11 14.04
C VAL H 294 5.78 25.57 14.26
N ILE H 295 5.55 26.38 13.24
CA ILE H 295 5.83 27.80 13.30
C ILE H 295 4.51 28.52 13.09
N CYS H 296 4.10 29.31 14.08
CA CYS H 296 2.84 30.03 13.99
C CYS H 296 3.01 31.41 13.37
N GLY H 297 2.18 31.71 12.39
CA GLY H 297 2.22 32.99 11.74
C GLY H 297 1.07 33.83 12.27
N CYS H 298 0.60 34.77 11.48
CA CYS H 298 -0.50 35.64 11.90
C CYS H 298 -1.21 36.20 10.68
N MET H 299 -2.41 36.73 10.92
CA MET H 299 -3.17 37.38 9.87
C MET H 299 -2.96 38.86 10.15
N VAL H 300 -1.74 39.33 9.85
CA VAL H 300 -1.32 40.72 10.07
C VAL H 300 -2.39 41.60 10.71
N GLY H 301 -2.21 41.89 12.00
CA GLY H 301 -3.17 42.71 12.72
C GLY H 301 -2.62 43.40 13.96
N SER H 302 -3.52 44.07 14.68
CA SER H 302 -3.18 44.83 15.89
C SER H 302 -2.63 43.99 17.03
N GLY H 303 -2.44 44.63 18.17
CA GLY H 303 -1.95 43.94 19.34
C GLY H 303 -2.99 42.93 19.80
N LEU H 304 -4.26 43.24 19.53
CA LEU H 304 -5.33 42.32 19.91
C LEU H 304 -5.28 41.06 19.05
N GLU H 305 -4.96 41.24 17.76
CA GLU H 305 -4.87 40.12 16.84
C GLU H 305 -3.74 39.19 17.28
N ALA H 306 -2.67 39.75 17.79
CA ALA H 306 -1.52 38.95 18.21
C ALA H 306 -1.67 38.27 19.56
N SER H 307 -2.63 38.71 20.36
CA SER H 307 -2.82 38.14 21.70
C SER H 307 -3.18 36.68 21.81
N PRO H 308 -4.21 36.22 21.09
CA PRO H 308 -4.56 34.80 21.21
C PRO H 308 -3.34 33.92 20.94
N ALA H 309 -2.64 34.20 19.86
CA ALA H 309 -1.46 33.44 19.50
C ALA H 309 -0.36 33.58 20.56
N ALA H 310 -0.20 34.78 21.11
CA ALA H 310 0.81 35.00 22.14
C ALA H 310 0.56 34.04 23.30
N HIS H 311 -0.69 33.95 23.72
CA HIS H 311 -1.09 33.08 24.81
C HIS H 311 -0.89 31.59 24.48
N LEU H 312 -1.27 31.21 23.28
CA LEU H 312 -1.14 29.83 22.81
C LEU H 312 0.33 29.39 22.74
N LEU H 313 1.15 30.23 22.10
CA LEU H 313 2.57 29.93 21.93
C LEU H 313 3.34 29.84 23.24
N ALA H 314 2.85 30.50 24.28
CA ALA H 314 3.54 30.45 25.56
C ALA H 314 3.05 29.28 26.41
N ALA H 315 1.84 28.82 26.14
CA ALA H 315 1.24 27.72 26.91
C ALA H 315 1.36 26.32 26.31
N ASN H 316 1.05 26.17 25.03
CA ASN H 316 1.11 24.86 24.40
C ASN H 316 2.52 24.27 24.44
N ASP H 317 2.66 23.14 25.14
CA ASP H 317 3.94 22.48 25.31
C ASP H 317 4.65 22.13 23.99
N TRP H 318 3.90 21.65 23.00
CA TRP H 318 4.51 21.28 21.74
C TRP H 318 5.10 22.45 20.94
N ILE H 319 4.30 23.48 20.73
CA ILE H 319 4.74 24.64 19.97
C ILE H 319 5.77 25.48 20.73
N ALA H 320 5.79 25.35 22.05
CA ALA H 320 6.74 26.09 22.88
C ALA H 320 8.18 25.64 22.63
N GLN H 321 8.35 24.68 21.72
CA GLN H 321 9.67 24.15 21.38
C GLN H 321 10.33 24.85 20.20
N PHE H 322 9.57 25.64 19.47
CA PHE H 322 10.09 26.27 18.25
C PHE H 322 9.93 27.79 18.14
N PRO H 323 10.82 28.43 17.37
CA PRO H 323 10.75 29.89 17.19
C PRO H 323 9.46 30.18 16.41
N GLN H 324 8.83 31.31 16.69
CA GLN H 324 7.57 31.67 16.05
C GLN H 324 7.61 32.89 15.14
N GLU H 325 6.48 33.18 14.50
CA GLU H 325 6.38 34.31 13.57
C GLU H 325 5.08 35.09 13.75
N ASN H 326 4.68 35.29 14.99
CA ASN H 326 3.45 36.02 15.29
C ASN H 326 3.84 37.45 15.66
N ALA H 327 3.93 38.33 14.65
CA ALA H 327 4.34 39.71 14.88
C ALA H 327 3.57 40.76 14.06
N GLY H 328 2.27 40.57 13.90
CA GLY H 328 1.46 41.51 13.15
C GLY H 328 1.68 42.97 13.51
N PRO H 329 1.66 43.32 14.81
CA PRO H 329 1.86 44.73 15.21
C PRO H 329 3.16 45.34 14.67
N LEU H 330 4.21 44.53 14.57
CA LEU H 330 5.49 45.01 14.07
C LEU H 330 5.44 45.31 12.58
N HIS H 331 4.53 44.64 11.87
CA HIS H 331 4.37 44.85 10.43
C HIS H 331 3.51 46.09 10.19
N ILE H 332 2.41 46.20 10.91
CA ILE H 332 1.51 47.34 10.75
C ILE H 332 2.17 48.67 11.11
N HIS H 333 2.98 48.66 12.17
CA HIS H 333 3.63 49.89 12.61
C HIS H 333 5.05 50.07 12.07
N ASP H 334 5.45 49.18 11.18
CA ASP H 334 6.78 49.24 10.55
C ASP H 334 7.94 49.43 11.52
N CYS H 335 8.01 48.57 12.54
CA CYS H 335 9.09 48.65 13.54
C CYS H 335 9.55 47.26 13.98
N LEU H 336 10.62 47.18 14.76
CA LEU H 336 11.14 45.89 15.21
C LEU H 336 10.90 45.58 16.69
N ASN H 337 10.15 46.44 17.36
CA ASN H 337 9.84 46.21 18.77
C ASN H 337 8.63 47.08 19.13
N SER H 338 7.97 46.73 20.23
CA SER H 338 6.78 47.46 20.63
C SER H 338 6.95 48.79 21.35
N ARG H 339 8.18 49.16 21.70
CA ARG H 339 8.37 50.43 22.36
C ARG H 339 8.16 51.53 21.32
N ASP H 340 8.24 51.15 20.05
CA ASP H 340 8.05 52.08 18.93
C ASP H 340 6.59 52.17 18.44
N ILE H 341 5.65 51.70 19.24
CA ILE H 341 4.23 51.74 18.86
C ILE H 341 3.41 52.55 19.87
N ASP H 342 2.77 53.61 19.41
CA ASP H 342 1.96 54.42 20.31
C ASP H 342 0.50 54.57 19.89
N ASN H 343 0.19 54.18 18.66
CA ASN H 343 -1.17 54.34 18.14
C ASN H 343 -1.84 53.08 17.55
N ASP H 344 -1.93 52.03 18.36
CA ASP H 344 -2.57 50.77 17.95
C ASP H 344 -3.95 50.76 18.60
N ILE H 345 -4.87 49.91 18.14
CA ILE H 345 -6.18 49.88 18.78
C ILE H 345 -6.02 49.29 20.18
N ALA H 346 -4.90 48.62 20.42
CA ALA H 346 -4.61 48.05 21.72
C ALA H 346 -3.73 49.08 22.42
N LEU H 347 -4.22 49.61 23.54
CA LEU H 347 -3.48 50.59 24.31
C LEU H 347 -2.21 49.96 24.87
N ASN H 348 -2.27 48.66 25.15
CA ASN H 348 -1.13 47.94 25.69
C ASN H 348 -0.73 46.77 24.79
N VAL H 349 -0.07 47.09 23.69
CA VAL H 349 0.39 46.07 22.76
C VAL H 349 1.33 45.12 23.50
N PRO H 350 1.20 43.81 23.27
CA PRO H 350 2.08 42.86 23.96
C PRO H 350 3.54 43.25 23.70
N ARG H 351 4.42 42.95 24.65
CA ARG H 351 5.82 43.31 24.48
C ARG H 351 6.59 42.51 23.42
N PHE H 352 7.12 43.23 22.44
CA PHE H 352 7.96 42.66 21.39
C PHE H 352 9.28 43.35 21.72
N GLU H 353 10.29 42.59 22.10
CA GLU H 353 11.56 43.21 22.48
C GLU H 353 12.71 42.23 22.32
N GLY H 354 13.79 42.69 21.70
CA GLY H 354 14.96 41.84 21.52
C GLY H 354 14.73 40.59 20.70
N GLY H 355 13.68 40.59 19.89
CA GLY H 355 13.38 39.43 19.07
C GLY H 355 12.54 38.40 19.78
N TYR H 356 11.97 38.80 20.92
CA TYR H 356 11.13 37.93 21.73
C TYR H 356 9.74 38.52 21.92
N LEU H 357 8.76 37.65 22.13
CA LEU H 357 7.39 38.08 22.37
C LEU H 357 7.03 37.63 23.78
N TYR H 358 6.39 38.50 24.53
CA TYR H 358 5.97 38.20 25.89
C TYR H 358 4.46 38.35 25.95
N PRO H 359 3.75 37.33 26.46
CA PRO H 359 2.29 37.50 26.51
C PRO H 359 1.93 38.41 27.67
N ASN H 360 0.86 39.18 27.53
CA ASN H 360 0.43 40.06 28.62
C ASN H 360 -0.06 39.18 29.76
N ASP H 361 -0.20 39.75 30.95
CA ASP H 361 -0.65 38.97 32.11
C ASP H 361 -1.98 39.41 32.69
N GLY H 362 -2.64 40.35 32.04
CA GLY H 362 -3.94 40.79 32.55
C GLY H 362 -4.97 39.71 32.30
N PRO H 363 -6.18 39.84 32.86
CA PRO H 363 -7.24 38.83 32.67
C PRO H 363 -7.63 38.67 31.20
N GLY H 364 -8.06 37.47 30.82
CA GLY H 364 -8.44 37.22 29.44
C GLY H 364 -7.26 37.44 28.51
N LEU H 365 -7.52 38.00 27.32
CA LEU H 365 -6.46 38.25 26.35
C LEU H 365 -5.48 39.32 26.83
N GLY H 366 -5.84 39.99 27.92
CA GLY H 366 -4.99 41.02 28.49
C GLY H 366 -4.84 42.27 27.64
N ILE H 367 -5.90 42.63 26.92
CA ILE H 367 -5.85 43.80 26.07
C ILE H 367 -6.95 44.82 26.38
N GLU H 368 -6.57 46.10 26.43
CA GLU H 368 -7.51 47.20 26.67
C GLU H 368 -7.60 47.97 25.35
N LEU H 369 -8.81 48.13 24.83
CA LEU H 369 -8.99 48.83 23.57
C LEU H 369 -9.08 50.35 23.65
N ASN H 370 -8.51 51.00 22.64
CA ASN H 370 -8.57 52.47 22.54
C ASN H 370 -9.87 52.66 21.76
N GLU H 371 -10.98 52.84 22.47
CA GLU H 371 -12.29 53.00 21.84
C GLU H 371 -12.41 54.12 20.82
N ASP H 372 -11.70 55.23 21.03
CA ASP H 372 -11.80 56.34 20.09
C ASP H 372 -11.10 56.04 18.76
N LEU H 373 -9.94 55.42 18.82
CA LEU H 373 -9.21 55.08 17.59
C LEU H 373 -10.01 54.03 16.81
N VAL H 374 -10.59 53.05 17.51
CA VAL H 374 -11.40 52.03 16.83
C VAL H 374 -12.55 52.71 16.08
N ARG H 375 -13.15 53.72 16.70
CA ARG H 375 -14.24 54.44 16.06
C ARG H 375 -13.72 55.22 14.84
N ARG H 376 -12.48 55.67 14.91
CA ARG H 376 -11.88 56.42 13.82
C ARG H 376 -11.44 55.50 12.67
N LEU H 377 -11.27 54.21 12.97
CA LEU H 377 -10.84 53.25 11.95
C LEU H 377 -11.99 52.50 11.27
N VAL H 378 -13.22 52.70 11.73
CA VAL H 378 -14.34 52.00 11.10
C VAL H 378 -14.26 52.19 9.59
N THR H 379 -14.30 51.07 8.88
CA THR H 379 -14.22 51.06 7.42
C THR H 379 -15.16 52.05 6.74
N PRO H 380 -14.60 52.97 5.94
CA PRO H 380 -15.44 53.96 5.24
C PRO H 380 -16.59 53.31 4.49
N GLY H 381 -17.80 53.84 4.67
CA GLY H 381 -18.96 53.29 4.00
C GLY H 381 -19.56 52.12 4.74
N LYS H 382 -19.00 51.79 5.89
CA LYS H 382 -19.53 50.67 6.67
C LYS H 382 -19.83 51.11 8.09
N ALA H 383 -20.41 50.21 8.86
CA ALA H 383 -20.76 50.49 10.25
C ALA H 383 -20.78 49.21 11.04
N ALA H 384 -20.59 49.32 12.35
CA ALA H 384 -20.61 48.15 13.22
C ALA H 384 -22.02 47.58 13.16
N ARG H 385 -22.16 46.32 13.54
CA ARG H 385 -23.47 45.71 13.53
C ARG H 385 -23.67 45.05 14.89
N VAL H 386 -24.85 45.23 15.47
CA VAL H 386 -25.16 44.67 16.77
C VAL H 386 -26.35 43.76 16.69
N VAL H 387 -26.22 42.59 17.33
CA VAL H 387 -27.31 41.63 17.34
C VAL H 387 -27.68 41.31 18.78
N THR H 388 -28.97 41.22 19.04
CA THR H 388 -29.52 40.96 20.36
C THR H 388 -30.63 39.95 20.25
BA BA I . -11.35 -4.11 28.59
BA BA J . 20.13 4.11 23.39
BA BA K . 25.58 -15.62 -8.33
BA BA L . -0.87 -30.77 4.09
BA BA M . 7.64 10.93 -28.11
BA BA N . -16.52 -10.89 -23.84
BA BA O . -26.78 15.68 0.57
BA BA P . 2.36 30.74 3.53
#